data_8Y4A
#
_entry.id   8Y4A
#
_cell.length_a   1.00
_cell.length_b   1.00
_cell.length_c   1.00
_cell.angle_alpha   90.00
_cell.angle_beta   90.00
_cell.angle_gamma   90.00
#
_symmetry.space_group_name_H-M   'P 1'
#
loop_
_entity.id
_entity.type
_entity.pdbx_description
1 polymer 'Spike glycoprotein'
2 polymer 'XG2v046 Heavy chain'
3 polymer 'XG2v046 Light chain'
4 branched beta-D-mannopyranose-(1-4)-2-acetamido-2-deoxy-beta-D-glucopyranose
5 branched 2-acetamido-2-deoxy-beta-D-glucopyranose-(1-4)-2-acetamido-2-deoxy-beta-D-glucopyranose
6 branched beta-D-mannopyranose-(1-4)-2-acetamido-2-deoxy-beta-D-glucopyranose-(8-4)-2-acetamido-2-deoxy-beta-D-glucopyranose
7 non-polymer 2-acetamido-2-deoxy-beta-D-glucopyranose
#
loop_
_entity_poly.entity_id
_entity_poly.type
_entity_poly.pdbx_seq_one_letter_code
_entity_poly.pdbx_strand_id
1 'polypeptide(L)'
;MFVFLVLLPLVSSQCVMPLFNLITTTQSYTNSFTRGVYYPDKVFRSSVLHLTQDLFLPFFSNVTWFHAISGTNGTKRFDN
PVLPFNDGVYFASTEKSNIIRGWIFGTTLDSKTQSLLIVNNATNVFIKVCEFQFCNDPFLDVYHKNNKSWMESESGVYSS
ANNCTFEYVSQPFLMDLEGKQGNFKNLREFVFKNIDGYFKIYSKHTPIIGRDFPQGFSALEPLVDLPIGINITRFQTLLA
LNRSYLTPGDSSSGWTAGAADYYVGYLQPRTFLLKYNENGTITDAVDCALDPLSETKCTLKSFTVEKGIYQTSNFRVQPT
ESIVRFPNVTNLCPFHEVFNATRFASVYAWNRTRISNCVADYSVLYNFAPFFAFKCYGVSPTKLNDLCFTNVYADSFVIK
GNEVSQIAPGQTGNIADYNYKLPDDFTGCVIAWNSNKLDSKHSGNYDYWYRLFRKSKLKPFERDISTEIYQAGNKPCKGK
GPNCYFPLQSYGFRPTYGVGHQPYRVVVLSFELLHAPATVCGPKKSTNLVKNKCVNFNFNGLTGTGVLTKSNKKFLPFQQ
FGRDIVDTTDAVRDPQTLEILDITPCSFGGVSVITPGTNTSNQVAVLYQGVNCTEVSVAIHADQLTPTWRVYSTGSNVFQ
TRAGCLIGAEYVNNSYECDIPIGAGICASYQTQTKSRRAAASVASQSIIAYTMSLGAENSVAYSNNSIAIPTNFTISVTT
EILPVSMTKTSVDCTMYICGDSTECSNLLLQYGSFCTQLKRALTGIAVEQDKNTQEVFAQVKQIYKTPPIKYFGGFNFSQ
ILPDPSKPSKRSPIEDLLFNKVTLADAGFIKQYGDCLGDIAARDLICAQKFNGLTVLPPLLTDEMIAQYTSALLAGTITS
GWTFGAGPALQIPFPMQMAYRFNGIGVTQNVLYENQKLIANQFNSAIGKIQDSLFSTPSALGKLQDVVNHNAQALNTLVK
QLSSKFGAISSVLNDILSRLDPPEAEVQIDRLITGRLQSLQTYVTQQLIRAAEIRASANLAATKMSECVLGQSKRVDFCG
KGYHLMSFPQSAPHGVVFLHVTYVPAQEKNFTTAPAICHDGKAHFPREGVFVSNGTHWFVTQRNFYEPQIITTDNTFVSG
NCDVVIGIVNNTVYDPLQLELDSFKEELDKYFKNHTSPDVDLGDISGINASVVNIQKEIDRLNEVAKNLNESLIDLQELG
KYEQ
;
B,C,A
2 'polypeptide(L)'
;QVQLVESGGGVVQPGRSLRLSCAASGFPFIIYGMHWVRQAPGKGLEWVAVISFDGRNTYYADSVKGRFTISRDNSKNTLY
LQMNSLRAEDTAVYYCAKAEPYISSFDLFDYWGQGTLVTVSS
;
H,D
3 'polypeptide(L)'
;EIVMTQSPATLSVSPGERATLSCRASQSISSNLAWYHQKPGQAPRLLIYGASTRATGIPARFSGSGSGTEFTLTISSLQS
EDFAVYYCQQYNNWPPLTFGGGTKVEIK
;
L,E
#
# COMPACT_ATOMS: atom_id res chain seq x y z
N THR A 24 -5.16 66.40 -26.44
CA THR A 24 -5.09 65.27 -27.35
C THR A 24 -3.91 64.35 -27.03
N THR A 25 -3.94 63.14 -27.56
CA THR A 25 -2.91 62.14 -27.29
C THR A 25 -2.77 61.23 -28.50
N THR A 26 -1.61 60.59 -28.59
CA THR A 26 -1.31 59.64 -29.66
C THR A 26 -1.42 58.21 -29.14
N GLN A 27 -1.29 57.26 -30.07
CA GLN A 27 -1.43 55.84 -29.75
C GLN A 27 -0.35 55.02 -30.46
N SER A 28 0.90 55.46 -30.37
CA SER A 28 2.00 54.69 -30.93
C SER A 28 2.24 53.42 -30.12
N TYR A 29 2.83 52.43 -30.77
CA TYR A 29 3.08 51.13 -30.16
C TYR A 29 4.58 50.86 -30.06
N THR A 30 5.00 50.31 -28.92
CA THR A 30 6.40 50.00 -28.66
C THR A 30 6.51 48.69 -27.89
N ASN A 31 7.72 48.14 -27.82
CA ASN A 31 7.99 46.87 -27.19
C ASN A 31 8.28 47.05 -25.70
N SER A 32 7.67 46.21 -24.87
CA SER A 32 7.82 46.35 -23.43
C SER A 32 9.16 45.84 -22.92
N PHE A 33 9.83 44.97 -23.69
CA PHE A 33 11.09 44.37 -23.29
C PHE A 33 10.95 43.62 -21.98
N THR A 34 12.05 43.45 -21.23
CA THR A 34 12.01 42.79 -19.94
C THR A 34 11.84 43.83 -18.84
N ARG A 35 10.67 43.85 -18.21
CA ARG A 35 10.31 44.86 -17.24
C ARG A 35 8.99 44.47 -16.59
N GLY A 36 8.77 44.94 -15.37
CA GLY A 36 7.51 44.73 -14.69
C GLY A 36 7.51 43.54 -13.76
N VAL A 37 8.63 43.35 -13.06
CA VAL A 37 8.77 42.26 -12.10
C VAL A 37 8.85 42.86 -10.70
N TYR A 38 7.98 42.37 -9.83
CA TYR A 38 7.93 42.91 -8.45
C TYR A 38 8.18 41.76 -7.47
N TYR A 39 7.99 42.03 -6.18
CA TYR A 39 8.15 41.03 -5.15
C TYR A 39 6.79 40.41 -4.85
N PRO A 40 6.49 39.15 -5.26
CA PRO A 40 5.15 38.59 -5.06
C PRO A 40 4.79 38.43 -3.57
N ASP A 41 5.77 38.16 -2.71
CA ASP A 41 5.50 37.91 -1.30
C ASP A 41 6.39 38.80 -0.43
N LYS A 42 6.37 38.52 0.88
CA LYS A 42 7.17 39.27 1.84
C LYS A 42 8.15 38.34 2.54
N VAL A 43 8.83 37.50 1.77
CA VAL A 43 9.68 36.44 2.30
C VAL A 43 11.11 36.68 1.85
N PHE A 44 12.05 36.57 2.79
CA PHE A 44 13.46 36.80 2.50
C PHE A 44 14.10 35.53 1.94
N ARG A 45 14.88 35.69 0.87
CA ARG A 45 15.56 34.57 0.22
C ARG A 45 16.97 34.99 -0.10
N SER A 46 17.86 34.00 -0.25
CA SER A 46 19.25 34.28 -0.56
C SER A 46 19.82 33.15 -1.41
N SER A 47 20.46 33.50 -2.52
CA SER A 47 21.06 32.52 -3.44
C SER A 47 20.07 31.42 -3.80
N VAL A 48 18.86 31.82 -4.20
CA VAL A 48 17.76 30.89 -4.43
C VAL A 48 17.14 31.23 -5.78
N LEU A 49 16.66 30.20 -6.47
CA LEU A 49 16.07 30.31 -7.81
C LEU A 49 14.61 29.92 -7.76
N HIS A 50 13.90 30.54 -6.82
CA HIS A 50 12.50 30.22 -6.59
C HIS A 50 11.65 30.54 -7.81
N LEU A 51 10.63 29.72 -8.04
CA LEU A 51 9.71 29.85 -9.16
C LEU A 51 8.31 30.15 -8.64
N THR A 52 7.66 31.13 -9.26
CA THR A 52 6.33 31.58 -8.79
C THR A 52 5.34 31.75 -9.95
N GLN A 53 4.07 31.43 -9.71
CA GLN A 53 2.99 31.60 -10.67
C GLN A 53 2.11 32.73 -10.16
N ASP A 54 2.08 33.84 -10.90
CA ASP A 54 1.26 35.02 -10.51
C ASP A 54 1.05 35.91 -11.74
N LEU A 55 0.16 36.91 -11.65
CA LEU A 55 -0.02 37.86 -12.78
C LEU A 55 1.28 38.66 -12.96
N PHE A 56 1.97 38.46 -14.08
CA PHE A 56 3.24 39.18 -14.34
C PHE A 56 3.17 39.84 -15.73
N LEU A 57 3.83 40.98 -15.89
CA LEU A 57 3.88 41.63 -17.23
C LEU A 57 4.72 40.73 -18.16
N PRO A 58 4.15 40.17 -19.23
CA PRO A 58 4.88 39.23 -20.09
C PRO A 58 6.18 39.83 -20.64
N PHE A 59 7.16 38.98 -20.99
CA PHE A 59 8.37 39.47 -21.60
C PHE A 59 8.06 39.94 -23.01
N PHE A 60 9.08 40.12 -23.85
CA PHE A 60 9.01 41.00 -25.01
C PHE A 60 7.66 40.99 -25.69
N SER A 61 7.00 42.15 -25.71
CA SER A 61 5.62 42.26 -26.17
C SER A 61 5.28 43.74 -26.30
N ASN A 62 4.20 44.01 -27.04
CA ASN A 62 3.87 45.37 -27.42
C ASN A 62 3.10 46.09 -26.31
N VAL A 63 3.51 47.32 -26.04
CA VAL A 63 2.80 48.20 -25.11
C VAL A 63 2.46 49.49 -25.86
N THR A 64 1.28 50.01 -25.56
CA THR A 64 0.75 51.19 -26.25
C THR A 64 1.39 52.42 -25.63
N TRP A 65 1.97 53.28 -26.46
CA TRP A 65 2.63 54.49 -25.98
C TRP A 65 1.79 55.70 -26.37
N PHE A 66 1.42 56.51 -25.39
CA PHE A 66 0.55 57.66 -25.60
C PHE A 66 1.34 58.95 -25.44
N HIS A 67 0.66 60.07 -25.70
CA HIS A 67 1.25 61.39 -25.52
C HIS A 67 0.33 62.27 -24.68
N ALA A 68 0.65 63.56 -24.59
CA ALA A 68 -0.17 64.50 -23.83
C ALA A 68 0.07 65.91 -24.35
N ILE A 69 -1.00 66.70 -24.40
CA ILE A 69 -0.93 68.08 -24.86
C ILE A 69 -2.16 68.86 -24.41
N ASP A 79 -9.04 63.28 -25.75
CA ASP A 79 -8.50 63.83 -24.51
C ASP A 79 -8.66 62.85 -23.36
N ASN A 80 -7.52 62.27 -22.93
CA ASN A 80 -7.47 61.36 -21.79
C ASN A 80 -8.46 60.21 -21.93
N PRO A 81 -8.23 59.26 -22.83
CA PRO A 81 -9.17 58.14 -22.99
C PRO A 81 -9.16 57.23 -21.76
N VAL A 82 -10.27 56.53 -21.58
CA VAL A 82 -10.42 55.60 -20.45
C VAL A 82 -9.97 54.23 -20.94
N LEU A 83 -8.75 53.84 -20.58
CA LEU A 83 -8.23 52.54 -20.96
C LEU A 83 -8.83 51.45 -20.06
N PRO A 84 -9.02 50.25 -20.61
CA PRO A 84 -9.61 49.17 -19.80
C PRO A 84 -8.66 48.69 -18.72
N PHE A 85 -9.24 48.15 -17.66
CA PHE A 85 -8.49 47.56 -16.55
C PHE A 85 -8.94 46.11 -16.41
N ASN A 86 -8.07 45.19 -16.82
CA ASN A 86 -8.37 43.77 -16.73
C ASN A 86 -7.11 43.02 -16.31
N ASP A 87 -7.21 42.25 -15.23
CA ASP A 87 -6.09 41.50 -14.69
C ASP A 87 -4.87 42.40 -14.45
N GLY A 88 -5.11 43.60 -13.96
CA GLY A 88 -4.05 44.54 -13.65
C GLY A 88 -3.59 45.30 -14.89
N VAL A 89 -2.83 46.36 -14.62
CA VAL A 89 -2.31 47.25 -15.66
C VAL A 89 -0.93 47.73 -15.24
N TYR A 90 0.00 47.72 -16.19
CA TYR A 90 1.34 48.26 -15.96
C TYR A 90 1.38 49.70 -16.44
N PHE A 91 1.99 50.58 -15.66
CA PHE A 91 2.07 52.00 -15.98
C PHE A 91 3.49 52.50 -15.78
N ALA A 92 3.97 53.29 -16.73
CA ALA A 92 5.29 53.91 -16.65
C ALA A 92 5.22 55.26 -17.32
N SER A 93 6.17 56.13 -16.97
CA SER A 93 6.19 57.49 -17.51
C SER A 93 7.50 58.16 -17.15
N THR A 94 7.97 59.03 -18.03
CA THR A 94 9.09 59.92 -17.74
C THR A 94 8.60 61.36 -17.74
N GLU A 95 9.21 62.19 -16.91
CA GLU A 95 8.78 63.57 -16.73
C GLU A 95 9.95 64.37 -16.19
N LYS A 96 9.88 65.69 -16.35
CA LYS A 96 10.94 66.56 -15.86
C LYS A 96 10.80 66.77 -14.36
N SER A 97 9.72 67.43 -13.94
CA SER A 97 9.41 67.57 -12.52
C SER A 97 8.09 66.90 -12.15
N ASN A 98 6.98 67.30 -12.77
CA ASN A 98 5.67 66.72 -12.48
C ASN A 98 4.64 67.20 -13.50
N ILE A 99 3.89 66.28 -14.09
CA ILE A 99 2.81 66.63 -14.99
C ILE A 99 1.55 65.83 -14.74
N ILE A 100 1.66 64.78 -13.92
CA ILE A 100 0.57 63.86 -13.64
C ILE A 100 0.37 63.78 -12.14
N ARG A 101 -0.88 63.88 -11.70
CA ARG A 101 -1.20 63.90 -10.27
C ARG A 101 -1.71 62.55 -9.78
N GLY A 102 -2.74 61.99 -10.41
CA GLY A 102 -3.32 60.76 -9.92
C GLY A 102 -4.10 59.95 -10.91
N TRP A 103 -4.98 59.08 -10.41
CA TRP A 103 -5.75 58.16 -11.22
C TRP A 103 -7.14 58.01 -10.63
N ILE A 104 -8.07 57.53 -11.45
CA ILE A 104 -9.42 57.19 -10.99
C ILE A 104 -9.82 55.86 -11.61
N PHE A 105 -10.44 55.01 -10.81
CA PHE A 105 -10.88 53.69 -11.26
C PHE A 105 -12.37 53.55 -10.92
N GLY A 106 -12.90 52.36 -11.08
CA GLY A 106 -14.30 52.12 -10.77
C GLY A 106 -15.15 51.97 -12.01
N THR A 107 -16.36 51.44 -11.81
CA THR A 107 -17.26 51.18 -12.92
C THR A 107 -18.25 52.34 -13.08
N THR A 108 -18.44 52.75 -14.34
CA THR A 108 -19.39 53.77 -14.76
C THR A 108 -19.00 55.17 -14.29
N LEU A 109 -17.89 55.27 -13.54
CA LEU A 109 -17.29 56.53 -13.10
C LEU A 109 -18.30 57.59 -12.68
N ASP A 110 -19.37 57.17 -11.99
CA ASP A 110 -20.40 58.11 -11.55
C ASP A 110 -20.82 57.80 -10.11
N SER A 111 -21.84 58.49 -9.63
CA SER A 111 -22.37 58.25 -8.29
C SER A 111 -23.41 57.15 -8.26
N LYS A 112 -23.05 55.98 -8.78
CA LYS A 112 -23.87 54.78 -8.65
C LYS A 112 -23.08 53.57 -8.17
N THR A 113 -21.78 53.51 -8.46
CA THR A 113 -20.88 52.49 -7.93
C THR A 113 -19.71 53.18 -7.24
N GLN A 114 -19.15 52.49 -6.26
CA GLN A 114 -18.02 53.05 -5.53
C GLN A 114 -16.81 53.21 -6.46
N SER A 115 -16.01 54.24 -6.20
CA SER A 115 -14.88 54.58 -7.06
C SER A 115 -13.66 54.85 -6.19
N LEU A 116 -12.54 55.13 -6.87
CA LEU A 116 -11.25 55.32 -6.21
C LEU A 116 -10.55 56.53 -6.82
N LEU A 117 -9.77 57.23 -5.99
CA LEU A 117 -9.04 58.40 -6.44
C LEU A 117 -7.68 58.42 -5.76
N ILE A 118 -6.61 58.57 -6.55
CA ILE A 118 -5.24 58.42 -6.07
C ILE A 118 -4.45 59.70 -6.30
N VAL A 119 -5.12 60.85 -6.27
CA VAL A 119 -4.44 62.12 -6.49
C VAL A 119 -3.33 62.31 -5.46
N ASN A 120 -2.18 62.80 -5.92
CA ASN A 120 -1.03 63.09 -5.08
C ASN A 120 -0.62 64.54 -5.29
N ASN A 121 -0.65 65.34 -4.23
CA ASN A 121 -0.18 66.72 -4.34
C ASN A 121 1.30 66.80 -4.01
N ALA A 122 1.82 68.01 -3.83
CA ALA A 122 3.25 68.22 -3.62
C ALA A 122 3.77 67.62 -2.31
N THR A 123 2.88 67.31 -1.36
CA THR A 123 3.35 66.83 -0.06
C THR A 123 2.75 65.47 0.33
N ASN A 124 1.51 65.21 -0.06
CA ASN A 124 0.84 63.99 0.40
C ASN A 124 0.03 63.38 -0.73
N VAL A 125 -0.63 62.26 -0.42
CA VAL A 125 -1.45 61.53 -1.37
C VAL A 125 -2.90 61.54 -0.90
N PHE A 126 -3.85 61.46 -1.85
CA PHE A 126 -5.26 61.62 -1.54
C PHE A 126 -6.05 60.34 -1.80
N ILE A 127 -5.51 59.19 -1.42
CA ILE A 127 -6.20 57.92 -1.66
C ILE A 127 -7.49 57.87 -0.84
N LYS A 128 -8.61 57.58 -1.51
CA LYS A 128 -9.90 57.47 -0.85
C LYS A 128 -10.81 56.56 -1.66
N VAL A 129 -11.82 56.02 -0.99
CA VAL A 129 -12.76 55.07 -1.59
C VAL A 129 -14.15 55.66 -1.42
N CYS A 130 -14.65 56.32 -2.45
CA CYS A 130 -15.90 57.06 -2.35
C CYS A 130 -16.70 56.87 -3.63
N GLU A 131 -17.82 57.58 -3.72
CA GLU A 131 -18.77 57.40 -4.82
C GLU A 131 -18.84 58.69 -5.63
N PHE A 132 -17.67 59.19 -6.02
CA PHE A 132 -17.54 60.46 -6.74
C PHE A 132 -18.56 60.56 -7.86
N GLN A 133 -19.17 61.74 -7.99
CA GLN A 133 -20.16 61.97 -9.04
C GLN A 133 -19.51 62.21 -10.40
N PHE A 134 -18.72 63.28 -10.52
CA PHE A 134 -18.05 63.67 -11.76
C PHE A 134 -17.23 64.94 -11.55
N CYS A 135 -16.26 65.17 -12.42
CA CYS A 135 -15.58 66.46 -12.46
C CYS A 135 -15.56 67.06 -13.85
N ASN A 136 -15.39 66.24 -14.89
CA ASN A 136 -15.32 66.69 -16.28
C ASN A 136 -14.24 67.73 -16.49
N ASP A 137 -13.15 67.62 -15.73
CA ASP A 137 -12.04 68.55 -15.82
C ASP A 137 -10.72 67.87 -15.42
N GLY A 156 -10.33 70.88 -6.73
CA GLY A 156 -11.58 70.80 -7.47
C GLY A 156 -11.60 69.65 -8.46
N VAL A 157 -11.75 68.43 -7.93
CA VAL A 157 -11.72 67.20 -8.73
C VAL A 157 -12.99 66.39 -8.53
N TYR A 158 -13.91 66.83 -7.69
CA TYR A 158 -15.10 66.06 -7.36
C TYR A 158 -16.22 66.98 -6.91
N SER A 159 -17.41 66.39 -6.77
CA SER A 159 -18.60 67.16 -6.42
C SER A 159 -19.48 66.49 -5.38
N SER A 160 -19.03 65.39 -4.76
CA SER A 160 -19.86 64.69 -3.79
C SER A 160 -19.02 63.68 -3.02
N ALA A 161 -19.31 63.54 -1.72
CA ALA A 161 -18.70 62.52 -0.87
C ALA A 161 -19.69 61.97 0.15
N ASN A 162 -20.94 61.74 -0.28
CA ASN A 162 -22.06 61.40 0.58
C ASN A 162 -21.91 60.09 1.33
N ASN A 163 -21.76 58.98 0.60
CA ASN A 163 -21.65 57.65 1.21
C ASN A 163 -20.25 57.09 0.96
N CYS A 164 -19.27 57.69 1.64
CA CYS A 164 -17.87 57.49 1.32
C CYS A 164 -17.07 57.32 2.60
N THR A 165 -16.19 56.32 2.62
CA THR A 165 -15.34 56.05 3.77
C THR A 165 -13.94 55.73 3.25
N PHE A 166 -13.10 55.16 4.13
CA PHE A 166 -11.78 54.68 3.76
C PHE A 166 -10.93 55.79 3.16
N GLU A 167 -10.66 56.80 3.98
CA GLU A 167 -9.77 57.90 3.61
C GLU A 167 -8.34 57.53 3.97
N TYR A 168 -7.42 57.71 3.04
CA TYR A 168 -6.04 57.30 3.25
C TYR A 168 -5.11 58.45 2.86
N VAL A 169 -4.13 58.72 3.72
CA VAL A 169 -3.13 59.75 3.49
C VAL A 169 -1.80 59.23 4.04
N SER A 170 -0.75 59.35 3.23
CA SER A 170 0.58 58.87 3.64
C SER A 170 1.63 59.66 2.87
N GLN A 171 2.86 59.16 2.91
CA GLN A 171 3.97 59.83 2.26
C GLN A 171 3.76 59.87 0.74
N PRO A 172 4.23 60.93 0.07
CA PRO A 172 4.01 61.04 -1.37
C PRO A 172 4.70 59.92 -2.14
N PHE A 173 4.02 59.46 -3.19
CA PHE A 173 4.60 58.45 -4.06
C PHE A 173 5.77 58.99 -4.87
N LEU A 174 5.60 60.14 -5.52
CA LEU A 174 6.56 60.64 -6.50
C LEU A 174 7.74 61.27 -5.77
N MET A 175 8.90 60.61 -5.86
CA MET A 175 10.14 61.16 -5.33
C MET A 175 10.96 61.71 -6.49
N ASP A 176 11.34 62.98 -6.38
CA ASP A 176 12.08 63.67 -7.44
C ASP A 176 13.42 64.12 -6.92
N LEU A 177 14.49 63.75 -7.63
CA LEU A 177 15.85 64.16 -7.29
C LEU A 177 16.58 64.54 -8.57
N GLU A 178 17.41 65.58 -8.48
CA GLU A 178 18.16 66.06 -9.64
C GLU A 178 19.57 66.45 -9.20
N GLY A 179 20.55 66.11 -10.01
CA GLY A 179 21.93 66.48 -9.75
C GLY A 179 22.26 67.86 -10.28
N LYS A 180 21.54 68.86 -9.79
CA LYS A 180 21.68 70.25 -10.23
C LYS A 180 21.36 70.45 -11.71
N GLN A 181 20.64 69.51 -12.31
CA GLN A 181 20.28 69.61 -13.72
C GLN A 181 19.04 68.79 -13.99
N GLY A 182 18.30 69.17 -15.03
CA GLY A 182 17.09 68.50 -15.43
C GLY A 182 17.25 67.30 -16.32
N ASN A 183 18.48 66.93 -16.68
CA ASN A 183 18.69 65.77 -17.53
C ASN A 183 18.31 64.47 -16.85
N PHE A 184 18.34 64.42 -15.52
CA PHE A 184 18.00 63.21 -14.77
C PHE A 184 16.47 63.01 -14.80
N LYS A 185 15.99 62.59 -15.96
CA LYS A 185 14.57 62.34 -16.16
C LYS A 185 14.11 61.19 -15.27
N ASN A 186 13.31 61.49 -14.25
CA ASN A 186 12.85 60.48 -13.31
C ASN A 186 11.93 59.48 -13.99
N LEU A 187 12.40 58.25 -14.13
CA LEU A 187 11.59 57.16 -14.65
C LEU A 187 10.89 56.42 -13.52
N ARG A 188 9.57 56.33 -13.64
CA ARG A 188 8.75 55.75 -12.59
C ARG A 188 7.88 54.66 -13.20
N GLU A 189 7.81 53.52 -12.54
CA GLU A 189 7.02 52.38 -13.01
C GLU A 189 6.05 51.98 -11.91
N PHE A 190 4.78 51.81 -12.28
CA PHE A 190 3.74 51.40 -11.34
C PHE A 190 2.98 50.20 -11.89
N VAL A 191 2.57 49.30 -11.00
CA VAL A 191 1.78 48.13 -11.35
C VAL A 191 0.63 48.02 -10.36
N PHE A 192 -0.59 47.89 -10.88
CA PHE A 192 -1.77 47.73 -10.05
C PHE A 192 -2.45 46.41 -10.35
N LYS A 193 -3.13 45.86 -9.35
CA LYS A 193 -3.98 44.69 -9.54
C LYS A 193 -4.99 44.64 -8.41
N ASN A 194 -6.03 43.82 -8.60
CA ASN A 194 -7.15 43.75 -7.68
C ASN A 194 -7.52 42.29 -7.38
N ILE A 195 -6.53 41.50 -6.99
CA ILE A 195 -6.79 40.09 -6.67
C ILE A 195 -7.40 39.99 -5.28
N ASP A 196 -8.56 39.32 -5.20
CA ASP A 196 -9.39 39.20 -4.00
C ASP A 196 -9.40 40.48 -3.18
N GLY A 197 -9.63 41.61 -3.83
CA GLY A 197 -9.55 42.88 -3.12
C GLY A 197 -8.11 43.28 -2.90
N TYR A 198 -7.84 43.88 -1.74
CA TYR A 198 -6.49 44.21 -1.30
C TYR A 198 -5.72 44.95 -2.39
N PHE A 199 -6.19 46.16 -2.70
CA PHE A 199 -5.60 46.97 -3.76
C PHE A 199 -4.09 47.09 -3.57
N LYS A 200 -3.34 46.58 -4.54
CA LYS A 200 -1.89 46.50 -4.48
C LYS A 200 -1.27 47.48 -5.46
N ILE A 201 -0.28 48.24 -4.99
CA ILE A 201 0.46 49.19 -5.82
C ILE A 201 1.94 48.96 -5.60
N TYR A 202 2.69 48.82 -6.70
CA TYR A 202 4.12 48.62 -6.66
C TYR A 202 4.81 49.76 -7.41
N SER A 203 6.03 50.09 -7.01
CA SER A 203 6.74 51.18 -7.65
C SER A 203 8.24 51.05 -7.40
N LYS A 204 9.00 51.77 -8.23
CA LYS A 204 10.45 51.89 -8.08
C LYS A 204 10.93 53.11 -8.85
N HIS A 205 11.47 54.09 -8.15
CA HIS A 205 11.87 55.36 -8.76
C HIS A 205 13.37 55.44 -8.93
N THR A 206 13.80 55.81 -10.14
CA THR A 206 15.21 55.93 -10.46
C THR A 206 15.40 56.77 -11.71
N PRO A 207 16.31 57.75 -11.70
CA PRO A 207 16.63 58.48 -12.94
C PRO A 207 17.36 57.59 -13.92
N ILE A 208 16.63 56.70 -14.58
CA ILE A 208 17.17 55.78 -15.58
C ILE A 208 17.55 56.60 -16.82
N ILE A 209 18.26 55.97 -17.76
CA ILE A 209 18.98 56.61 -18.86
C ILE A 209 18.19 57.78 -19.46
N GLY A 210 16.86 57.69 -19.45
CA GLY A 210 16.02 58.83 -19.75
C GLY A 210 15.43 58.85 -21.14
N ARG A 211 15.84 57.94 -22.02
CA ARG A 211 15.26 57.92 -23.36
C ARG A 211 13.77 57.59 -23.29
N ASP A 212 13.46 56.37 -22.86
CA ASP A 212 12.10 55.82 -22.90
C ASP A 212 12.08 54.55 -22.07
N PHE A 213 11.01 53.75 -22.24
CA PHE A 213 10.92 52.40 -21.70
C PHE A 213 12.26 51.69 -21.89
N PRO A 214 13.00 51.41 -20.81
CA PRO A 214 14.38 50.92 -20.96
C PRO A 214 14.48 49.41 -21.08
N GLN A 215 15.71 48.90 -21.10
CA GLN A 215 16.00 47.49 -21.24
C GLN A 215 16.56 46.85 -19.97
N GLY A 216 17.32 47.59 -19.17
CA GLY A 216 17.92 47.06 -17.96
C GLY A 216 16.91 46.58 -16.94
N PHE A 217 17.23 45.49 -16.25
CA PHE A 217 16.32 44.92 -15.27
C PHE A 217 16.13 45.85 -14.07
N SER A 218 14.92 45.86 -13.53
CA SER A 218 14.59 46.68 -12.37
C SER A 218 13.41 46.05 -11.65
N ALA A 219 13.57 45.80 -10.35
CA ALA A 219 12.51 45.20 -9.56
C ALA A 219 11.55 46.29 -9.08
N LEU A 220 10.46 45.87 -8.44
CA LEU A 220 9.45 46.79 -7.94
C LEU A 220 9.20 46.52 -6.46
N GLU A 221 9.49 47.51 -5.62
CA GLU A 221 9.24 47.40 -4.19
C GLU A 221 7.84 47.88 -3.88
N PRO A 222 6.99 47.07 -3.24
CA PRO A 222 5.63 47.51 -2.92
C PRO A 222 5.65 48.72 -1.99
N LEU A 223 4.69 49.61 -2.18
CA LEU A 223 4.50 50.77 -1.30
C LEU A 223 3.30 50.62 -0.39
N VAL A 224 2.11 50.38 -0.95
CA VAL A 224 0.89 50.29 -0.16
C VAL A 224 0.18 49.00 -0.50
N ASP A 225 -0.62 48.52 0.45
CA ASP A 225 -1.46 47.34 0.25
C ASP A 225 -2.71 47.55 1.09
N LEU A 226 -3.76 48.10 0.48
CA LEU A 226 -4.93 48.52 1.21
C LEU A 226 -6.15 47.72 0.72
N PRO A 227 -6.94 47.15 1.62
CA PRO A 227 -8.07 46.31 1.20
C PRO A 227 -9.28 47.09 0.75
N ILE A 228 -9.29 47.52 -0.52
CA ILE A 228 -10.45 48.23 -1.05
C ILE A 228 -11.51 47.23 -1.49
N GLY A 229 -11.19 46.44 -2.51
CA GLY A 229 -11.97 45.25 -2.84
C GLY A 229 -13.44 45.46 -3.08
N ILE A 230 -13.78 46.24 -4.10
CA ILE A 230 -15.20 46.47 -4.49
C ILE A 230 -15.44 45.80 -5.84
N ASN A 231 -15.33 46.56 -6.94
CA ASN A 231 -15.48 46.00 -8.31
C ASN A 231 -14.81 46.97 -9.29
N ILE A 232 -13.76 46.54 -10.00
CA ILE A 232 -13.03 47.48 -10.84
C ILE A 232 -13.02 46.99 -12.28
N THR A 233 -13.29 47.90 -13.21
CA THR A 233 -13.31 47.54 -14.62
C THR A 233 -12.68 48.61 -15.52
N ARG A 234 -12.51 49.83 -15.00
CA ARG A 234 -12.04 50.94 -15.84
C ARG A 234 -10.94 51.70 -15.13
N PHE A 235 -10.17 52.45 -15.92
CA PHE A 235 -8.97 53.13 -15.46
C PHE A 235 -8.81 54.46 -16.21
N GLN A 236 -8.33 55.47 -15.50
CA GLN A 236 -8.10 56.79 -16.10
C GLN A 236 -7.04 57.52 -15.29
N THR A 237 -6.33 58.44 -15.95
CA THR A 237 -5.22 59.18 -15.36
C THR A 237 -5.47 60.68 -15.43
N LEU A 238 -5.11 61.38 -14.35
CA LEU A 238 -5.25 62.83 -14.26
C LEU A 238 -3.99 63.51 -14.74
N LEU A 239 -4.09 64.82 -15.01
CA LEU A 239 -3.01 65.62 -15.56
C LEU A 239 -2.74 66.83 -14.66
N ALA A 240 -1.90 67.75 -15.13
CA ALA A 240 -1.55 68.96 -14.38
C ALA A 240 -2.69 69.99 -14.47
N LEU A 241 -2.53 71.11 -13.77
CA LEU A 241 -3.59 72.13 -13.77
C LEU A 241 -3.13 73.40 -14.49
N ASN A 242 -2.14 74.09 -13.95
CA ASN A 242 -1.68 75.34 -14.53
C ASN A 242 -0.34 75.73 -13.92
N ARG A 243 0.57 76.16 -14.79
CA ARG A 243 1.86 76.69 -14.37
C ARG A 243 2.45 77.53 -15.51
N ALA A 260 5.65 60.80 -24.57
CA ALA A 260 6.64 61.18 -23.56
C ALA A 260 6.29 60.59 -22.21
N ASP A 261 5.17 59.87 -22.16
CA ASP A 261 4.66 59.30 -20.92
C ASP A 261 3.58 58.29 -21.30
N TYR A 262 2.86 57.80 -20.29
CA TYR A 262 1.65 57.00 -20.46
C TYR A 262 1.94 55.61 -21.02
N TYR A 263 3.14 55.07 -20.78
CA TYR A 263 3.43 53.70 -21.20
C TYR A 263 2.53 52.73 -20.45
N VAL A 264 1.64 52.06 -21.18
CA VAL A 264 0.60 51.22 -20.59
C VAL A 264 0.83 49.78 -21.00
N GLY A 265 0.86 48.88 -20.00
CA GLY A 265 0.99 47.46 -20.25
C GLY A 265 -0.05 46.70 -19.45
N TYR A 266 -0.34 45.49 -19.92
CA TYR A 266 -1.36 44.64 -19.34
C TYR A 266 -0.74 43.36 -18.80
N LEU A 267 -1.06 43.00 -17.55
CA LEU A 267 -0.44 41.79 -16.93
C LEU A 267 -1.24 40.54 -17.30
N GLN A 268 -0.56 39.41 -17.51
CA GLN A 268 -1.23 38.14 -17.87
C GLN A 268 -0.79 37.04 -16.88
N PRO A 269 -1.59 35.97 -16.65
CA PRO A 269 -1.17 34.88 -15.76
C PRO A 269 -0.11 34.00 -16.37
N ARG A 270 1.12 34.15 -15.84
CA ARG A 270 2.26 33.38 -16.39
C ARG A 270 3.13 32.86 -15.24
N THR A 271 4.01 31.91 -15.54
CA THR A 271 4.93 31.33 -14.57
C THR A 271 6.32 31.91 -14.80
N PHE A 272 6.91 32.41 -13.71
CA PHE A 272 8.23 33.08 -13.83
C PHE A 272 9.24 32.55 -12.81
N LEU A 273 10.50 32.41 -13.23
CA LEU A 273 11.60 31.97 -12.39
C LEU A 273 12.44 33.18 -12.04
N LEU A 274 12.62 33.45 -10.75
CA LEU A 274 13.31 34.63 -10.28
C LEU A 274 14.59 34.25 -9.59
N LYS A 275 15.68 34.92 -9.94
CA LYS A 275 16.98 34.69 -9.33
C LYS A 275 17.18 35.67 -8.19
N TYR A 276 17.46 35.14 -7.01
CA TYR A 276 17.62 35.95 -5.82
C TYR A 276 19.10 36.17 -5.53
N ASN A 277 19.43 37.38 -5.10
CA ASN A 277 20.80 37.66 -4.71
C ASN A 277 21.08 37.09 -3.32
N GLU A 278 22.33 37.17 -2.89
CA GLU A 278 22.64 36.89 -1.50
C GLU A 278 21.94 37.83 -0.53
N ASN A 279 21.54 39.03 -0.97
CA ASN A 279 21.13 40.05 -0.01
C ASN A 279 19.62 40.13 0.19
N GLY A 280 18.80 39.57 -0.69
CA GLY A 280 17.35 39.70 -0.54
C GLY A 280 16.72 40.36 -1.75
N THR A 281 17.52 40.51 -2.79
CA THR A 281 17.17 41.25 -4.00
C THR A 281 17.09 40.32 -5.22
N ILE A 282 16.36 40.79 -6.23
CA ILE A 282 16.11 40.07 -7.48
C ILE A 282 17.00 40.64 -8.57
N THR A 283 17.95 39.85 -9.05
CA THR A 283 18.89 40.36 -10.05
C THR A 283 18.49 39.98 -11.46
N ASP A 284 17.75 38.89 -11.64
CA ASP A 284 17.38 38.43 -12.98
C ASP A 284 16.15 37.54 -12.88
N ALA A 285 15.50 37.33 -14.02
CA ALA A 285 14.35 36.44 -14.12
C ALA A 285 14.22 35.99 -15.57
N VAL A 286 13.59 34.82 -15.75
CA VAL A 286 13.43 34.23 -17.08
C VAL A 286 11.97 33.85 -17.25
N ASP A 287 11.42 34.12 -18.44
CA ASP A 287 10.07 33.70 -18.76
C ASP A 287 10.06 32.26 -19.24
N CYS A 288 9.02 31.51 -18.88
CA CYS A 288 8.95 30.08 -19.16
C CYS A 288 8.10 29.76 -20.38
N ALA A 289 7.65 30.78 -21.12
CA ALA A 289 6.88 30.49 -22.32
C ALA A 289 7.24 31.39 -23.50
N LEU A 290 8.44 31.96 -23.54
CA LEU A 290 8.77 32.93 -24.58
C LEU A 290 9.33 32.28 -25.84
N ASP A 291 10.21 31.30 -25.65
CA ASP A 291 10.86 30.62 -26.81
C ASP A 291 11.09 29.15 -26.45
N PRO A 292 11.53 28.27 -27.37
CA PRO A 292 11.82 26.87 -27.05
C PRO A 292 12.83 26.74 -25.90
N LEU A 293 13.67 27.76 -25.68
CA LEU A 293 14.65 27.72 -24.57
C LEU A 293 13.98 28.24 -23.28
N SER A 294 14.75 28.37 -22.18
CA SER A 294 14.24 28.79 -20.89
C SER A 294 13.29 27.73 -20.33
N GLU A 295 12.81 26.84 -21.19
CA GLU A 295 12.01 25.68 -20.70
C GLU A 295 13.01 24.71 -20.05
N THR A 296 14.09 24.36 -20.76
CA THR A 296 15.12 23.50 -20.18
C THR A 296 15.74 24.36 -19.08
N LYS A 297 15.49 25.68 -19.13
CA LYS A 297 16.16 26.52 -18.11
C LYS A 297 15.22 26.65 -16.94
N CYS A 298 13.98 26.22 -17.10
CA CYS A 298 13.04 26.25 -15.95
C CYS A 298 12.61 24.84 -15.55
N THR A 299 13.03 23.79 -16.26
CA THR A 299 12.76 22.40 -15.79
C THR A 299 14.03 21.96 -15.08
N LEU A 300 15.17 22.42 -15.55
CA LEU A 300 16.45 22.12 -14.88
C LEU A 300 16.62 23.14 -13.76
N LYS A 301 15.61 23.96 -13.48
CA LYS A 301 15.68 25.01 -12.42
C LYS A 301 17.09 25.57 -12.30
N SER A 302 17.61 26.23 -13.34
CA SER A 302 19.00 26.72 -13.29
C SER A 302 19.25 27.83 -14.29
N PHE A 303 20.42 28.46 -14.23
CA PHE A 303 20.68 29.44 -15.27
C PHE A 303 21.78 29.02 -16.23
N THR A 304 22.49 27.94 -15.94
CA THR A 304 23.51 27.40 -16.81
C THR A 304 23.16 25.96 -17.15
N VAL A 305 23.01 25.70 -18.46
CA VAL A 305 22.60 24.36 -18.98
C VAL A 305 23.73 23.72 -19.82
N GLU A 306 24.32 22.59 -19.39
CA GLU A 306 25.47 22.01 -20.08
C GLU A 306 25.08 21.58 -21.49
N LYS A 307 26.03 21.00 -22.21
CA LYS A 307 25.74 20.45 -23.52
C LYS A 307 24.97 19.14 -23.38
N GLY A 308 23.92 19.00 -24.17
CA GLY A 308 23.18 17.74 -24.18
C GLY A 308 21.75 17.95 -24.65
N ILE A 309 20.96 16.90 -24.43
CA ILE A 309 19.55 16.87 -24.82
C ILE A 309 18.71 16.57 -23.58
N TYR A 310 17.61 17.34 -23.50
CA TYR A 310 16.76 17.31 -22.29
C TYR A 310 15.28 17.18 -22.62
N GLN A 311 14.64 16.11 -22.15
CA GLN A 311 13.20 15.97 -22.35
C GLN A 311 12.51 16.93 -21.39
N THR A 312 11.83 17.94 -21.93
CA THR A 312 11.26 19.00 -21.09
C THR A 312 9.78 18.77 -20.80
N SER A 313 8.95 18.69 -21.83
CA SER A 313 7.51 18.57 -21.64
C SER A 313 6.94 17.76 -22.81
N ASN A 314 5.62 17.72 -22.91
CA ASN A 314 4.93 16.99 -23.95
C ASN A 314 3.98 17.91 -24.70
N PHE A 315 3.72 17.58 -25.95
CA PHE A 315 2.91 18.38 -26.84
C PHE A 315 1.64 17.62 -27.20
N ARG A 316 0.59 18.34 -27.54
CA ARG A 316 -0.70 17.74 -27.86
C ARG A 316 -1.49 18.71 -28.74
N VAL A 317 -2.07 18.18 -29.83
CA VAL A 317 -2.87 19.00 -30.71
C VAL A 317 -4.24 19.21 -30.10
N GLN A 318 -4.68 20.47 -30.03
CA GLN A 318 -5.95 20.80 -29.42
C GLN A 318 -7.09 20.44 -30.36
N PRO A 319 -8.27 20.07 -29.84
CA PRO A 319 -9.37 19.68 -30.71
C PRO A 319 -10.05 20.84 -31.41
N THR A 320 -11.16 20.56 -32.07
CA THR A 320 -11.86 21.53 -32.90
C THR A 320 -13.35 21.30 -32.62
N GLU A 321 -14.27 21.79 -33.44
CA GLU A 321 -15.69 21.87 -33.12
C GLU A 321 -16.27 20.49 -32.81
N SER A 322 -17.51 20.46 -32.33
CA SER A 322 -18.12 19.23 -31.82
C SER A 322 -19.30 18.82 -32.69
N ILE A 323 -19.62 17.52 -32.66
CA ILE A 323 -20.75 16.95 -33.36
C ILE A 323 -21.59 16.16 -32.38
N VAL A 324 -22.92 16.24 -32.52
CA VAL A 324 -23.84 15.75 -31.51
C VAL A 324 -24.84 14.81 -32.20
N ARG A 325 -24.39 14.13 -33.25
CA ARG A 325 -25.24 13.18 -33.97
C ARG A 325 -25.89 12.19 -33.01
N PHE A 326 -27.24 12.16 -33.02
CA PHE A 326 -28.06 11.20 -32.30
C PHE A 326 -28.96 10.43 -33.27
N PRO A 327 -29.60 9.32 -32.84
CA PRO A 327 -30.22 8.38 -33.80
C PRO A 327 -31.24 9.00 -34.75
N ASN A 328 -32.30 9.62 -34.24
CA ASN A 328 -33.38 9.99 -35.14
C ASN A 328 -34.24 11.13 -34.60
N VAL A 329 -35.41 11.32 -35.22
CA VAL A 329 -36.38 12.34 -34.84
C VAL A 329 -36.74 12.17 -33.37
N THR A 330 -36.99 13.29 -32.70
CA THR A 330 -37.41 13.28 -31.31
C THR A 330 -38.64 12.40 -31.13
N ASN A 331 -38.59 11.52 -30.13
CA ASN A 331 -39.70 10.61 -29.87
C ASN A 331 -40.96 11.40 -29.57
N LEU A 332 -42.06 11.01 -30.22
CA LEU A 332 -43.29 11.78 -30.12
C LEU A 332 -43.87 11.69 -28.72
N CYS A 333 -43.91 12.82 -28.03
CA CYS A 333 -44.55 12.87 -26.73
C CYS A 333 -46.01 13.27 -26.90
N PRO A 334 -46.89 12.91 -25.96
CA PRO A 334 -48.29 13.37 -26.05
C PRO A 334 -48.43 14.83 -25.62
N PHE A 335 -47.31 15.54 -25.54
CA PHE A 335 -47.28 16.96 -25.18
C PHE A 335 -48.26 17.75 -26.04
N HIS A 336 -48.31 17.45 -27.34
CA HIS A 336 -49.28 18.09 -28.21
C HIS A 336 -50.70 17.82 -27.74
N GLU A 337 -51.01 16.55 -27.47
CA GLU A 337 -52.38 16.18 -27.10
C GLU A 337 -52.80 16.85 -25.79
N VAL A 338 -51.90 16.92 -24.83
CA VAL A 338 -52.22 17.57 -23.56
C VAL A 338 -52.37 19.07 -23.76
N PHE A 339 -51.43 19.69 -24.47
CA PHE A 339 -51.49 21.13 -24.67
C PHE A 339 -52.58 21.51 -25.67
N ASN A 340 -52.65 20.80 -26.79
CA ASN A 340 -53.63 21.09 -27.84
C ASN A 340 -54.91 20.28 -27.67
N ALA A 341 -55.51 20.37 -26.48
CA ALA A 341 -56.82 19.80 -26.26
C ALA A 341 -57.88 20.88 -26.48
N THR A 342 -59.14 20.45 -26.56
CA THR A 342 -60.23 21.39 -26.83
C THR A 342 -61.26 21.35 -25.71
N ARG A 343 -61.21 20.31 -24.89
CA ARG A 343 -62.19 20.14 -23.81
C ARG A 343 -61.50 19.86 -22.49
N PHE A 344 -60.51 20.68 -22.14
CA PHE A 344 -59.83 20.56 -20.85
C PHE A 344 -60.83 20.40 -19.72
N ALA A 345 -60.70 19.31 -18.97
CA ALA A 345 -61.62 19.03 -17.88
C ALA A 345 -61.49 20.10 -16.79
N SER A 346 -62.59 20.32 -16.08
CA SER A 346 -62.63 21.35 -15.06
C SER A 346 -61.73 20.97 -13.89
N VAL A 347 -61.52 21.94 -12.98
CA VAL A 347 -60.61 21.74 -11.87
C VAL A 347 -61.11 20.66 -10.92
N TYR A 348 -62.43 20.46 -10.83
CA TYR A 348 -62.96 19.43 -9.95
C TYR A 348 -62.61 18.03 -10.42
N ALA A 349 -62.13 17.88 -11.66
CA ALA A 349 -61.64 16.60 -12.17
C ALA A 349 -60.13 16.58 -12.37
N TRP A 350 -59.51 17.73 -12.65
CA TRP A 350 -58.07 17.89 -12.86
C TRP A 350 -57.50 16.77 -13.72
N ASN A 351 -57.94 16.70 -14.98
CA ASN A 351 -57.60 15.60 -15.89
C ASN A 351 -56.08 15.51 -15.98
N ARG A 352 -55.53 14.41 -15.47
CA ARG A 352 -54.09 14.16 -15.49
C ARG A 352 -53.77 13.05 -16.47
N THR A 353 -52.70 13.24 -17.23
CA THR A 353 -52.27 12.27 -18.23
C THR A 353 -50.89 11.73 -17.89
N ARG A 354 -50.68 10.46 -18.22
CA ARG A 354 -49.40 9.78 -18.00
C ARG A 354 -48.59 9.86 -19.28
N ILE A 355 -47.39 10.41 -19.19
CA ILE A 355 -46.50 10.59 -20.33
C ILE A 355 -45.29 9.70 -20.12
N SER A 356 -45.10 8.74 -21.03
CA SER A 356 -43.99 7.80 -20.93
C SER A 356 -43.59 7.35 -22.32
N ASN A 357 -42.37 6.82 -22.41
CA ASN A 357 -41.81 6.25 -23.65
C ASN A 357 -41.77 7.29 -24.77
N CYS A 358 -41.21 8.45 -24.43
CA CYS A 358 -40.99 9.50 -25.42
C CYS A 358 -39.90 10.43 -24.91
N VAL A 359 -39.36 11.22 -25.83
CA VAL A 359 -38.32 12.19 -25.53
C VAL A 359 -38.96 13.55 -25.36
N ALA A 360 -38.85 14.11 -24.16
CA ALA A 360 -39.59 15.32 -23.78
C ALA A 360 -38.86 16.54 -24.33
N ASP A 361 -39.30 17.01 -25.49
CA ASP A 361 -38.82 18.27 -26.05
C ASP A 361 -39.78 19.37 -25.62
N TYR A 362 -39.25 20.42 -25.01
CA TYR A 362 -40.06 21.48 -24.45
C TYR A 362 -40.31 22.63 -25.42
N SER A 363 -39.69 22.60 -26.60
CA SER A 363 -39.99 23.61 -27.61
C SER A 363 -41.37 23.41 -28.21
N VAL A 364 -41.82 22.15 -28.34
CA VAL A 364 -43.18 21.90 -28.78
C VAL A 364 -44.18 22.37 -27.72
N LEU A 365 -43.82 22.27 -26.44
CA LEU A 365 -44.64 22.86 -25.40
C LEU A 365 -44.65 24.39 -25.47
N TYR A 366 -43.50 25.00 -25.79
CA TYR A 366 -43.43 26.45 -25.84
C TYR A 366 -44.24 27.02 -27.00
N ASN A 367 -44.07 26.45 -28.20
CA ASN A 367 -44.62 27.09 -29.40
C ASN A 367 -46.14 27.09 -29.43
N PHE A 368 -46.79 26.29 -28.59
CA PHE A 368 -48.25 26.20 -28.61
C PHE A 368 -48.92 27.22 -27.70
N ALA A 369 -48.30 27.60 -26.58
CA ALA A 369 -48.98 28.44 -25.61
C ALA A 369 -48.19 29.70 -25.28
N PRO A 370 -48.75 30.88 -25.56
CA PRO A 370 -48.14 32.12 -25.06
C PRO A 370 -48.36 32.26 -23.56
N PHE A 371 -47.44 31.70 -22.78
CA PHE A 371 -47.62 31.52 -21.33
C PHE A 371 -48.03 32.78 -20.59
N PHE A 372 -48.74 32.59 -19.49
CA PHE A 372 -48.98 33.65 -18.51
C PHE A 372 -48.40 33.33 -17.14
N ALA A 373 -48.05 32.07 -16.87
CA ALA A 373 -47.43 31.69 -15.60
C ALA A 373 -46.65 30.40 -15.85
N PHE A 374 -45.33 30.51 -15.98
CA PHE A 374 -44.46 29.37 -16.21
C PHE A 374 -43.48 29.22 -15.04
N LYS A 375 -43.99 29.35 -13.82
CA LYS A 375 -43.15 29.18 -12.64
C LYS A 375 -42.81 27.72 -12.43
N CYS A 376 -41.63 27.47 -11.87
CA CYS A 376 -41.15 26.12 -11.61
C CYS A 376 -40.61 26.05 -10.18
N TYR A 377 -40.70 24.86 -9.59
CA TYR A 377 -40.30 24.65 -8.20
C TYR A 377 -39.14 23.67 -8.06
N GLY A 378 -39.26 22.47 -8.63
CA GLY A 378 -38.25 21.45 -8.45
C GLY A 378 -37.14 21.47 -9.48
N VAL A 379 -37.44 22.01 -10.66
CA VAL A 379 -36.48 22.06 -11.77
C VAL A 379 -36.44 23.47 -12.32
N SER A 380 -35.35 23.78 -13.03
CA SER A 380 -35.18 25.10 -13.62
C SER A 380 -35.90 25.15 -14.97
N PRO A 381 -36.61 26.24 -15.27
CA PRO A 381 -37.25 26.35 -16.59
C PRO A 381 -36.25 26.32 -17.74
N THR A 382 -35.05 26.86 -17.54
CA THR A 382 -34.03 26.78 -18.58
C THR A 382 -33.50 25.37 -18.73
N LYS A 383 -33.38 24.64 -17.63
CA LYS A 383 -32.83 23.29 -17.64
C LYS A 383 -33.96 22.26 -17.58
N LEU A 384 -34.47 21.90 -18.75
CA LEU A 384 -35.44 20.83 -18.91
C LEU A 384 -35.08 19.83 -20.00
N ASN A 385 -34.25 20.22 -20.96
CA ASN A 385 -33.87 19.34 -22.06
C ASN A 385 -32.65 18.49 -21.73
N ASP A 386 -32.04 18.66 -20.56
CA ASP A 386 -30.85 17.93 -20.16
C ASP A 386 -31.10 17.00 -18.97
N LEU A 387 -32.35 16.62 -18.73
CA LEU A 387 -32.70 15.74 -17.64
C LEU A 387 -33.61 14.62 -18.13
N CYS A 388 -33.45 13.45 -17.52
CA CYS A 388 -34.25 12.27 -17.86
C CYS A 388 -35.18 11.97 -16.69
N PHE A 389 -36.48 11.84 -16.99
CA PHE A 389 -37.50 11.63 -15.97
C PHE A 389 -38.12 10.25 -16.14
N THR A 390 -38.31 9.56 -15.01
CA THR A 390 -38.90 8.23 -15.05
C THR A 390 -40.34 8.28 -15.54
N ASN A 391 -41.10 9.27 -15.09
CA ASN A 391 -42.48 9.43 -15.52
C ASN A 391 -42.88 10.89 -15.42
N VAL A 392 -43.75 11.33 -16.32
CA VAL A 392 -44.21 12.70 -16.39
C VAL A 392 -45.73 12.71 -16.34
N TYR A 393 -46.29 13.47 -15.41
CA TYR A 393 -47.73 13.61 -15.27
C TYR A 393 -48.14 15.05 -15.59
N ALA A 394 -49.22 15.18 -16.36
CA ALA A 394 -49.69 16.48 -16.83
C ALA A 394 -51.14 16.67 -16.41
N ASP A 395 -51.33 17.35 -15.27
CA ASP A 395 -52.68 17.68 -14.80
C ASP A 395 -53.20 18.87 -15.59
N SER A 396 -54.23 18.66 -16.39
CA SER A 396 -54.77 19.69 -17.26
C SER A 396 -56.17 20.11 -16.80
N PHE A 397 -56.33 21.42 -16.55
CA PHE A 397 -57.62 21.96 -16.16
C PHE A 397 -57.69 23.45 -16.39
N VAL A 398 -58.82 23.93 -16.93
CA VAL A 398 -59.04 25.35 -17.12
C VAL A 398 -59.57 25.94 -15.81
N ILE A 399 -59.04 27.11 -15.43
CA ILE A 399 -59.35 27.73 -14.15
C ILE A 399 -59.33 29.25 -14.33
N LYS A 400 -59.78 29.96 -13.29
CA LYS A 400 -59.90 31.41 -13.35
C LYS A 400 -58.53 32.07 -13.22
N GLY A 401 -58.54 33.40 -13.10
CA GLY A 401 -57.33 34.18 -13.06
C GLY A 401 -56.54 34.09 -11.77
N ASN A 402 -57.14 34.53 -10.66
CA ASN A 402 -56.44 34.46 -9.37
C ASN A 402 -56.14 33.02 -8.97
N GLU A 403 -56.97 32.08 -9.42
CA GLU A 403 -56.72 30.68 -9.13
C GLU A 403 -55.42 30.19 -9.76
N VAL A 404 -54.93 30.86 -10.81
CA VAL A 404 -53.62 30.51 -11.37
C VAL A 404 -52.53 30.75 -10.34
N SER A 405 -52.59 31.90 -9.66
CA SER A 405 -51.67 32.15 -8.56
C SER A 405 -51.97 31.25 -7.36
N GLN A 406 -53.24 30.84 -7.22
CA GLN A 406 -53.59 29.92 -6.14
C GLN A 406 -52.91 28.56 -6.32
N ILE A 407 -52.80 28.08 -7.55
CA ILE A 407 -52.24 26.76 -7.81
C ILE A 407 -50.72 26.82 -7.56
N ALA A 408 -50.28 26.29 -6.43
CA ALA A 408 -48.88 26.23 -6.03
C ALA A 408 -48.75 25.36 -4.78
N PRO A 409 -47.59 24.74 -4.56
CA PRO A 409 -47.40 23.97 -3.32
C PRO A 409 -47.52 24.86 -2.10
N GLY A 410 -48.13 24.31 -1.04
CA GLY A 410 -48.29 25.03 0.20
C GLY A 410 -49.17 26.27 0.11
N GLN A 411 -50.30 26.15 -0.60
CA GLN A 411 -51.24 27.24 -0.75
C GLN A 411 -52.57 26.86 -0.11
N THR A 412 -53.52 27.80 -0.17
CA THR A 412 -54.83 27.60 0.44
C THR A 412 -55.88 28.27 -0.43
N GLY A 413 -57.15 27.94 -0.15
CA GLY A 413 -58.25 28.53 -0.89
C GLY A 413 -59.35 27.52 -1.20
N ASN A 414 -60.40 27.98 -1.87
CA ASN A 414 -61.50 27.09 -2.23
C ASN A 414 -61.09 26.06 -3.26
N ILE A 415 -60.02 26.31 -4.01
CA ILE A 415 -59.53 25.37 -5.02
C ILE A 415 -58.40 24.51 -4.48
N ALA A 416 -57.44 25.12 -3.77
CA ALA A 416 -56.29 24.38 -3.25
C ALA A 416 -56.67 23.42 -2.14
N ASP A 417 -57.89 23.49 -1.60
CA ASP A 417 -58.34 22.62 -0.53
C ASP A 417 -59.42 21.64 -0.96
N TYR A 418 -60.29 22.02 -1.89
CA TYR A 418 -61.43 21.19 -2.28
C TYR A 418 -61.39 20.70 -3.71
N ASN A 419 -60.54 21.27 -4.57
CA ASN A 419 -60.50 20.91 -5.98
C ASN A 419 -59.18 20.29 -6.39
N TYR A 420 -58.05 20.94 -6.10
CA TYR A 420 -56.74 20.40 -6.47
C TYR A 420 -55.71 20.95 -5.49
N LYS A 421 -55.05 20.06 -4.77
CA LYS A 421 -54.04 20.44 -3.79
C LYS A 421 -52.68 19.99 -4.30
N LEU A 422 -51.77 20.95 -4.46
CA LEU A 422 -50.40 20.63 -4.87
C LEU A 422 -49.56 20.30 -3.65
N PRO A 423 -48.92 19.13 -3.61
CA PRO A 423 -48.12 18.77 -2.45
C PRO A 423 -46.94 19.72 -2.26
N ASP A 424 -46.54 19.90 -1.00
CA ASP A 424 -45.44 20.80 -0.69
C ASP A 424 -44.15 20.35 -1.35
N ASP A 425 -43.92 19.05 -1.42
CA ASP A 425 -42.75 18.50 -2.12
C ASP A 425 -43.14 18.15 -3.55
N PHE A 426 -43.23 19.20 -4.37
CA PHE A 426 -43.62 19.07 -5.76
C PHE A 426 -42.40 19.26 -6.66
N THR A 427 -42.20 18.31 -7.57
CA THR A 427 -41.09 18.35 -8.52
C THR A 427 -41.69 18.48 -9.92
N GLY A 428 -41.92 19.72 -10.33
CA GLY A 428 -42.51 19.95 -11.63
C GLY A 428 -42.76 21.43 -11.87
N CYS A 429 -43.41 21.72 -12.99
CA CYS A 429 -43.68 23.09 -13.42
C CYS A 429 -45.16 23.23 -13.75
N VAL A 430 -45.64 24.48 -13.65
CA VAL A 430 -47.00 24.81 -14.04
C VAL A 430 -46.93 25.66 -15.30
N ILE A 431 -47.95 25.51 -16.15
CA ILE A 431 -48.08 26.30 -17.37
C ILE A 431 -49.50 26.83 -17.45
N ALA A 432 -49.63 28.16 -17.53
CA ALA A 432 -50.92 28.81 -17.63
C ALA A 432 -50.92 29.77 -18.81
N TRP A 433 -51.94 29.68 -19.65
CA TRP A 433 -52.09 30.59 -20.79
C TRP A 433 -53.56 30.89 -20.98
N ASN A 434 -53.85 32.15 -21.33
CA ASN A 434 -55.23 32.63 -21.38
C ASN A 434 -55.94 32.11 -22.62
N SER A 435 -57.14 31.57 -22.42
CA SER A 435 -57.95 30.99 -23.50
C SER A 435 -59.34 31.61 -23.44
N ASN A 436 -59.51 32.74 -24.11
CA ASN A 436 -60.80 33.41 -24.20
C ASN A 436 -61.53 33.13 -25.51
N LYS A 437 -60.97 32.29 -26.38
CA LYS A 437 -61.57 32.01 -27.68
C LYS A 437 -62.26 30.66 -27.75
N LEU A 438 -61.73 29.64 -27.06
CA LEU A 438 -62.32 28.31 -27.09
C LEU A 438 -63.29 28.06 -25.95
N ASP A 439 -63.20 28.83 -24.87
CA ASP A 439 -64.07 28.66 -23.71
C ASP A 439 -65.09 29.80 -23.58
N SER A 440 -65.35 30.50 -24.67
CA SER A 440 -66.28 31.62 -24.63
C SER A 440 -67.02 31.72 -25.96
N LYS A 441 -68.20 32.32 -25.91
CA LYS A 441 -69.05 32.52 -27.08
C LYS A 441 -70.16 33.49 -26.70
N HIS A 442 -70.87 33.98 -27.71
CA HIS A 442 -72.02 34.83 -27.47
C HIS A 442 -73.13 34.03 -26.80
N SER A 443 -73.97 34.72 -26.05
CA SER A 443 -75.04 34.19 -25.20
C SER A 443 -74.52 33.44 -23.98
N GLY A 444 -73.20 33.38 -23.80
CA GLY A 444 -72.63 32.79 -22.60
C GLY A 444 -72.44 31.28 -22.68
N ASN A 445 -71.78 30.75 -21.66
CA ASN A 445 -71.54 29.32 -21.54
C ASN A 445 -71.28 29.00 -20.08
N TYR A 446 -71.92 27.93 -19.59
CA TYR A 446 -71.79 27.48 -18.21
C TYR A 446 -71.32 26.03 -18.16
N ASP A 447 -70.36 25.69 -19.03
CA ASP A 447 -69.96 24.29 -19.19
C ASP A 447 -69.15 23.79 -18.00
N TYR A 448 -68.19 24.58 -17.53
CA TYR A 448 -67.24 24.09 -16.54
C TYR A 448 -67.84 24.12 -15.14
N TRP A 449 -67.23 23.34 -14.24
CA TRP A 449 -67.72 23.14 -12.88
C TRP A 449 -66.56 23.25 -11.91
N TYR A 450 -66.90 23.53 -10.65
CA TYR A 450 -65.92 23.50 -9.57
C TYR A 450 -66.64 23.38 -8.25
N ARG A 451 -65.94 22.82 -7.25
CA ARG A 451 -66.52 22.51 -5.96
C ARG A 451 -65.95 23.45 -4.90
N LEU A 452 -66.85 24.06 -4.13
CA LEU A 452 -66.45 24.92 -3.01
C LEU A 452 -66.80 24.35 -1.65
N PHE A 453 -67.66 23.33 -1.59
CA PHE A 453 -68.11 22.76 -0.32
C PHE A 453 -67.74 21.29 -0.28
N ARG A 454 -66.77 20.95 0.56
CA ARG A 454 -66.34 19.57 0.76
C ARG A 454 -66.23 19.30 2.26
N LYS A 455 -66.43 18.03 2.63
CA LYS A 455 -66.39 17.64 4.03
C LYS A 455 -65.04 17.92 4.68
N SER A 456 -63.96 17.93 3.91
CA SER A 456 -62.62 18.16 4.42
C SER A 456 -61.75 18.68 3.27
N LYS A 457 -60.45 18.76 3.52
CA LYS A 457 -59.51 19.18 2.48
C LYS A 457 -59.22 18.00 1.56
N LEU A 458 -58.55 18.30 0.45
CA LEU A 458 -58.20 17.30 -0.55
C LEU A 458 -56.73 16.91 -0.40
N LYS A 459 -56.48 15.61 -0.27
CA LYS A 459 -55.12 15.12 -0.26
C LYS A 459 -54.47 15.36 -1.62
N PRO A 460 -53.17 15.65 -1.63
CA PRO A 460 -52.49 15.93 -2.92
C PRO A 460 -52.69 14.79 -3.91
N PHE A 461 -53.05 15.16 -5.14
CA PHE A 461 -53.35 14.21 -6.22
C PHE A 461 -54.46 13.24 -5.81
N GLU A 462 -55.64 13.81 -5.52
CA GLU A 462 -56.83 13.05 -5.21
C GLU A 462 -58.00 13.61 -5.99
N ARG A 463 -58.79 12.73 -6.60
CA ARG A 463 -59.97 13.13 -7.36
C ARG A 463 -61.23 12.83 -6.56
N ASP A 464 -62.13 13.81 -6.51
CA ASP A 464 -63.33 13.74 -5.69
C ASP A 464 -64.57 14.06 -6.51
N ILE A 465 -64.68 13.43 -7.68
CA ILE A 465 -65.84 13.64 -8.54
C ILE A 465 -67.03 12.96 -7.87
N SER A 466 -67.91 13.74 -7.26
CA SER A 466 -69.09 13.24 -6.60
C SER A 466 -70.08 14.38 -6.44
N THR A 467 -71.37 14.04 -6.43
CA THR A 467 -72.46 15.00 -6.26
C THR A 467 -73.15 14.70 -4.94
N GLU A 468 -72.63 15.28 -3.86
CA GLU A 468 -73.17 15.10 -2.52
C GLU A 468 -73.48 16.46 -1.92
N ILE A 469 -74.73 16.69 -1.54
CA ILE A 469 -75.14 17.98 -0.99
C ILE A 469 -74.49 18.18 0.38
N TYR A 470 -73.85 19.33 0.56
CA TYR A 470 -73.15 19.60 1.81
C TYR A 470 -74.14 19.78 2.96
N GLN A 471 -73.79 19.23 4.11
CA GLN A 471 -74.66 19.28 5.28
C GLN A 471 -74.50 20.61 6.01
N ALA A 472 -75.63 21.19 6.41
CA ALA A 472 -75.65 22.40 7.22
C ALA A 472 -76.43 22.14 8.49
N GLY A 473 -75.85 22.49 9.63
CA GLY A 473 -76.47 22.22 10.91
C GLY A 473 -76.43 20.74 11.26
N ASN A 474 -77.61 20.12 11.38
CA ASN A 474 -77.69 18.70 11.69
C ASN A 474 -78.75 18.00 10.83
N LYS A 475 -79.13 18.58 9.70
CA LYS A 475 -80.17 18.02 8.86
C LYS A 475 -79.57 17.12 7.80
N PRO A 476 -80.07 15.88 7.65
CA PRO A 476 -79.56 14.99 6.60
C PRO A 476 -80.13 15.33 5.24
N CYS A 477 -80.75 16.52 5.13
CA CYS A 477 -81.41 16.99 3.92
C CYS A 477 -80.60 16.67 2.66
N LYS A 478 -81.31 16.29 1.60
CA LYS A 478 -80.73 15.96 0.31
C LYS A 478 -81.49 16.76 -0.75
N GLY A 479 -81.04 17.98 -1.01
CA GLY A 479 -81.72 18.82 -1.97
C GLY A 479 -80.99 20.16 -2.12
N LYS A 480 -81.64 21.06 -2.84
CA LYS A 480 -81.10 22.39 -3.10
C LYS A 480 -81.99 23.44 -2.46
N GLY A 481 -81.36 24.54 -2.02
CA GLY A 481 -82.06 25.61 -1.36
C GLY A 481 -81.32 26.10 -0.13
N PRO A 482 -82.06 26.67 0.82
CA PRO A 482 -81.42 27.13 2.06
C PRO A 482 -80.97 25.96 2.92
N ASN A 483 -79.77 26.08 3.47
CA ASN A 483 -79.10 25.07 4.30
C ASN A 483 -78.90 23.75 3.58
N CYS A 484 -79.18 23.69 2.27
CA CYS A 484 -78.98 22.48 1.47
C CYS A 484 -78.35 22.94 0.16
N TYR A 485 -77.03 22.86 0.07
CA TYR A 485 -76.27 23.44 -1.04
C TYR A 485 -75.72 22.34 -1.94
N PHE A 486 -75.80 22.55 -3.25
CA PHE A 486 -75.18 21.64 -4.19
C PHE A 486 -73.66 21.71 -4.06
N PRO A 487 -72.98 20.56 -4.10
CA PRO A 487 -71.52 20.56 -3.84
C PRO A 487 -70.71 21.41 -4.82
N LEU A 488 -71.12 21.48 -6.09
CA LEU A 488 -70.33 22.10 -7.13
C LEU A 488 -71.09 23.23 -7.79
N GLN A 489 -70.39 24.33 -8.06
CA GLN A 489 -70.92 25.49 -8.77
C GLN A 489 -70.22 25.60 -10.13
N SER A 490 -70.62 26.59 -10.91
CA SER A 490 -70.22 26.69 -12.31
C SER A 490 -69.04 27.65 -12.50
N TYR A 491 -68.42 27.55 -13.67
CA TYR A 491 -67.36 28.45 -14.11
C TYR A 491 -67.81 29.26 -15.32
N GLY A 492 -69.02 29.80 -15.27
CA GLY A 492 -69.61 30.52 -16.39
C GLY A 492 -68.66 31.48 -17.07
N PHE A 493 -68.32 31.19 -18.32
CA PHE A 493 -67.29 31.91 -19.05
C PHE A 493 -67.90 32.61 -20.25
N ARG A 494 -67.54 33.88 -20.42
CA ARG A 494 -68.05 34.73 -21.49
C ARG A 494 -66.88 35.51 -22.07
N PRO A 495 -66.99 35.97 -23.31
CA PRO A 495 -65.87 36.69 -23.93
C PRO A 495 -65.59 38.06 -23.35
N THR A 496 -66.38 38.53 -22.38
CA THR A 496 -66.23 39.88 -21.83
C THR A 496 -66.18 39.83 -20.31
N TYR A 497 -64.98 39.62 -19.75
CA TYR A 497 -64.76 39.77 -18.31
C TYR A 497 -63.53 40.62 -18.04
N GLY A 498 -63.14 40.72 -16.76
CA GLY A 498 -61.86 41.27 -16.39
C GLY A 498 -60.76 40.24 -16.49
N VAL A 499 -59.53 40.71 -16.23
CA VAL A 499 -58.36 39.84 -16.38
C VAL A 499 -58.45 38.65 -15.43
N GLY A 500 -58.85 38.90 -14.18
CA GLY A 500 -58.93 37.83 -13.19
C GLY A 500 -60.04 36.84 -13.42
N HIS A 501 -60.97 37.12 -14.34
CA HIS A 501 -62.10 36.24 -14.62
C HIS A 501 -62.01 35.55 -15.97
N GLN A 502 -60.91 35.74 -16.70
CA GLN A 502 -60.78 35.10 -18.01
C GLN A 502 -60.54 33.61 -17.85
N PRO A 503 -61.00 32.80 -18.82
CA PRO A 503 -60.80 31.33 -18.76
C PRO A 503 -59.36 30.91 -19.02
N TYR A 504 -58.55 31.01 -17.97
CA TYR A 504 -57.14 30.62 -18.07
C TYR A 504 -57.02 29.11 -18.26
N ARG A 505 -56.13 28.70 -19.16
CA ARG A 505 -55.86 27.31 -19.44
C ARG A 505 -54.60 26.91 -18.69
N VAL A 506 -54.75 26.03 -17.69
CA VAL A 506 -53.66 25.66 -16.79
C VAL A 506 -53.33 24.19 -17.01
N VAL A 507 -52.05 23.93 -17.32
CA VAL A 507 -51.52 22.57 -17.39
C VAL A 507 -50.26 22.53 -16.54
N VAL A 508 -50.21 21.61 -15.58
CA VAL A 508 -49.08 21.47 -14.67
C VAL A 508 -48.44 20.11 -14.90
N LEU A 509 -47.12 20.12 -15.07
CA LEU A 509 -46.35 18.90 -15.32
C LEU A 509 -45.76 18.43 -14.00
N SER A 510 -45.90 17.14 -13.72
CA SER A 510 -45.34 16.51 -12.54
C SER A 510 -44.30 15.48 -12.97
N PHE A 511 -43.11 15.55 -12.39
CA PHE A 511 -42.01 14.65 -12.72
C PHE A 511 -41.64 13.80 -11.52
N GLU A 512 -40.96 12.70 -11.80
CA GLU A 512 -40.40 11.81 -10.77
C GLU A 512 -38.89 11.73 -11.01
N LEU A 513 -38.14 12.59 -10.32
CA LEU A 513 -36.68 12.57 -10.40
C LEU A 513 -36.11 11.78 -9.23
N LEU A 514 -36.30 10.47 -9.32
CA LEU A 514 -35.82 9.53 -8.31
C LEU A 514 -34.98 8.44 -8.99
N HIS A 515 -34.35 7.61 -8.16
CA HIS A 515 -33.49 6.53 -8.64
C HIS A 515 -34.38 5.45 -9.24
N ALA A 516 -34.58 5.51 -10.55
CA ALA A 516 -35.43 4.57 -11.27
C ALA A 516 -35.00 4.57 -12.73
N PRO A 517 -35.28 3.48 -13.47
CA PRO A 517 -34.87 3.44 -14.89
C PRO A 517 -35.49 4.58 -15.68
N ALA A 518 -34.65 5.34 -16.36
CA ALA A 518 -35.13 6.51 -17.11
C ALA A 518 -36.02 6.07 -18.27
N THR A 519 -37.12 6.77 -18.45
CA THR A 519 -38.08 6.49 -19.51
C THR A 519 -38.34 7.69 -20.41
N VAL A 520 -38.42 8.89 -19.84
CA VAL A 520 -38.63 10.13 -20.59
C VAL A 520 -37.38 10.98 -20.47
N CYS A 521 -36.87 11.45 -21.61
CA CYS A 521 -35.63 12.22 -21.62
C CYS A 521 -35.77 13.48 -22.48
N GLY A 522 -34.66 14.18 -22.70
CA GLY A 522 -34.67 15.44 -23.40
C GLY A 522 -34.10 15.38 -24.80
N PRO A 523 -34.45 16.36 -25.63
CA PRO A 523 -34.00 16.37 -27.02
C PRO A 523 -32.55 16.81 -27.12
N LYS A 524 -31.99 16.58 -28.31
CA LYS A 524 -30.61 16.95 -28.61
C LYS A 524 -30.58 17.46 -30.04
N LYS A 525 -30.14 18.70 -30.21
CA LYS A 525 -30.04 19.33 -31.53
C LYS A 525 -28.94 18.69 -32.36
N SER A 526 -29.32 18.00 -33.43
CA SER A 526 -28.38 17.25 -34.23
C SER A 526 -27.48 18.19 -35.04
N THR A 527 -26.32 17.67 -35.44
CA THR A 527 -25.37 18.41 -36.24
C THR A 527 -24.99 17.59 -37.47
N ASN A 528 -23.99 18.06 -38.22
CA ASN A 528 -23.53 17.35 -39.40
C ASN A 528 -22.42 16.37 -39.01
N LEU A 529 -21.78 15.75 -40.00
CA LEU A 529 -20.82 14.69 -39.73
C LEU A 529 -19.45 15.24 -39.32
N VAL A 530 -18.79 15.95 -40.23
CA VAL A 530 -17.42 16.46 -40.03
C VAL A 530 -16.48 15.28 -39.87
N LYS A 531 -15.69 15.00 -40.91
CA LYS A 531 -14.79 13.85 -40.92
C LYS A 531 -13.39 14.30 -41.28
N ASN A 532 -12.41 13.49 -40.85
CA ASN A 532 -10.98 13.63 -41.10
C ASN A 532 -10.37 14.84 -40.38
N LYS A 533 -11.16 15.63 -39.67
CA LYS A 533 -10.66 16.73 -38.86
C LYS A 533 -10.84 16.32 -37.40
N CYS A 534 -9.80 16.56 -36.58
CA CYS A 534 -9.87 16.20 -35.17
C CYS A 534 -11.08 16.85 -34.52
N VAL A 535 -12.04 16.03 -34.11
CA VAL A 535 -13.38 16.51 -33.80
C VAL A 535 -13.82 15.90 -32.46
N ASN A 536 -14.77 16.58 -31.81
CA ASN A 536 -15.44 16.09 -30.63
C ASN A 536 -16.79 15.48 -31.02
N PHE A 537 -17.07 14.30 -30.45
CA PHE A 537 -18.31 13.61 -30.80
C PHE A 537 -19.02 13.17 -29.54
N ASN A 538 -20.34 12.98 -29.66
CA ASN A 538 -21.16 12.57 -28.53
C ASN A 538 -22.11 11.45 -28.95
N PHE A 539 -21.59 10.46 -29.69
CA PHE A 539 -22.41 9.42 -30.29
C PHE A 539 -23.09 8.56 -29.22
N ASN A 540 -24.37 8.85 -28.98
CA ASN A 540 -25.23 8.12 -28.03
C ASN A 540 -24.53 7.76 -26.74
N GLY A 541 -23.88 8.73 -26.09
CA GLY A 541 -23.23 8.47 -24.83
C GLY A 541 -21.73 8.38 -24.93
N LEU A 542 -21.22 8.05 -26.12
CA LEU A 542 -19.78 8.00 -26.33
C LEU A 542 -19.22 9.40 -26.52
N THR A 543 -18.43 9.85 -25.54
CA THR A 543 -17.83 11.17 -25.58
C THR A 543 -16.32 10.98 -25.71
N GLY A 544 -15.73 11.57 -26.74
CA GLY A 544 -14.30 11.47 -26.96
C GLY A 544 -13.85 12.15 -28.23
N THR A 545 -12.55 12.35 -28.37
CA THR A 545 -11.99 12.97 -29.56
C THR A 545 -11.37 11.92 -30.48
N GLY A 546 -11.27 12.26 -31.76
CA GLY A 546 -10.63 11.35 -32.69
C GLY A 546 -10.84 11.78 -34.12
N VAL A 547 -10.41 10.91 -35.04
CA VAL A 547 -10.52 11.12 -36.48
C VAL A 547 -11.27 9.93 -37.06
N LEU A 548 -12.26 10.21 -37.91
CA LEU A 548 -13.16 9.18 -38.42
C LEU A 548 -13.00 9.03 -39.93
N THR A 549 -12.82 7.78 -40.38
CA THR A 549 -12.64 7.49 -41.79
C THR A 549 -13.50 6.29 -42.17
N LYS A 550 -13.45 5.94 -43.46
CA LYS A 550 -14.11 4.75 -43.96
C LYS A 550 -13.34 3.50 -43.55
N SER A 551 -14.06 2.38 -43.45
CA SER A 551 -13.46 1.12 -43.04
C SER A 551 -14.00 -0.01 -43.91
N ASN A 552 -13.23 -1.10 -43.95
CA ASN A 552 -13.61 -2.32 -44.66
C ASN A 552 -13.98 -3.42 -43.68
N LYS A 553 -14.68 -3.06 -42.61
CA LYS A 553 -15.10 -4.02 -41.62
C LYS A 553 -16.14 -4.98 -42.20
N LYS A 554 -16.39 -6.07 -41.46
CA LYS A 554 -17.39 -7.05 -41.86
C LYS A 554 -18.47 -7.14 -40.79
N PHE A 555 -18.97 -5.98 -40.36
CA PHE A 555 -19.95 -5.91 -39.30
C PHE A 555 -21.16 -6.80 -39.59
N LEU A 556 -21.57 -7.58 -38.60
CA LEU A 556 -22.83 -8.28 -38.68
C LEU A 556 -23.97 -7.29 -38.58
N PRO A 557 -25.13 -7.59 -39.19
CA PRO A 557 -26.25 -6.63 -39.14
C PRO A 557 -26.69 -6.30 -37.73
N PHE A 558 -26.52 -7.22 -36.79
CA PHE A 558 -26.91 -6.98 -35.41
C PHE A 558 -25.90 -6.11 -34.67
N GLN A 559 -24.62 -6.20 -35.00
CA GLN A 559 -23.59 -5.49 -34.24
C GLN A 559 -23.76 -3.98 -34.37
N GLN A 560 -23.35 -3.26 -33.33
CA GLN A 560 -23.51 -1.82 -33.26
C GLN A 560 -22.23 -1.08 -32.91
N PHE A 561 -21.34 -1.67 -32.13
CA PHE A 561 -20.19 -0.99 -31.56
C PHE A 561 -18.91 -1.62 -32.05
N GLY A 562 -17.78 -1.16 -31.48
CA GLY A 562 -16.49 -1.75 -31.77
C GLY A 562 -15.58 -1.72 -30.57
N ARG A 563 -14.68 -2.69 -30.46
CA ARG A 563 -13.76 -2.79 -29.33
C ARG A 563 -12.53 -3.57 -29.77
N ASP A 564 -11.57 -3.69 -28.86
CA ASP A 564 -10.30 -4.36 -29.13
C ASP A 564 -9.91 -5.17 -27.91
N ILE A 565 -8.65 -5.60 -27.88
CA ILE A 565 -8.18 -6.51 -26.85
C ILE A 565 -8.27 -5.89 -25.47
N VAL A 566 -7.88 -4.63 -25.32
CA VAL A 566 -7.80 -3.99 -24.01
C VAL A 566 -9.02 -3.12 -23.72
N ASP A 567 -10.16 -3.39 -24.36
CA ASP A 567 -11.43 -2.74 -24.06
C ASP A 567 -11.24 -1.24 -24.30
N THR A 568 -11.00 -0.87 -25.55
CA THR A 568 -11.06 0.52 -25.99
C THR A 568 -11.83 0.57 -27.30
N THR A 569 -12.75 1.53 -27.40
CA THR A 569 -13.55 1.66 -28.61
C THR A 569 -12.66 2.04 -29.79
N ASP A 570 -12.87 1.37 -30.92
CA ASP A 570 -12.05 1.60 -32.10
C ASP A 570 -12.86 1.70 -33.38
N ALA A 571 -14.17 1.49 -33.32
CA ALA A 571 -15.01 1.56 -34.50
C ALA A 571 -16.45 1.77 -34.06
N VAL A 572 -17.16 2.61 -34.83
CA VAL A 572 -18.57 2.89 -34.57
C VAL A 572 -19.32 2.80 -35.88
N ARG A 573 -20.46 2.12 -35.87
CA ARG A 573 -21.35 2.06 -37.02
C ARG A 573 -22.13 3.36 -37.09
N ASP A 574 -22.06 4.02 -38.24
CA ASP A 574 -22.81 5.25 -38.44
C ASP A 574 -24.31 4.96 -38.36
N PRO A 575 -25.05 5.68 -37.50
CA PRO A 575 -26.50 5.43 -37.40
C PRO A 575 -27.24 5.52 -38.72
N GLN A 576 -26.79 6.42 -39.60
CA GLN A 576 -27.30 6.52 -40.96
C GLN A 576 -26.28 5.93 -41.93
N THR A 577 -26.80 5.45 -43.07
CA THR A 577 -26.00 4.94 -44.19
C THR A 577 -25.30 3.62 -43.82
N LEU A 578 -25.43 3.21 -42.56
CA LEU A 578 -24.93 1.92 -42.07
C LEU A 578 -23.48 1.65 -42.48
N GLU A 579 -22.58 2.55 -42.13
CA GLU A 579 -21.16 2.37 -42.44
C GLU A 579 -20.34 2.39 -41.14
N ILE A 580 -19.21 1.70 -41.18
CA ILE A 580 -18.35 1.53 -40.01
C ILE A 580 -17.24 2.57 -40.11
N LEU A 581 -17.15 3.41 -39.08
CA LEU A 581 -16.14 4.47 -39.02
C LEU A 581 -15.16 4.16 -37.89
N ASP A 582 -13.88 4.08 -38.23
CA ASP A 582 -12.86 3.84 -37.21
C ASP A 582 -12.58 5.13 -36.44
N ILE A 583 -11.97 4.98 -35.26
CA ILE A 583 -11.65 6.12 -34.42
C ILE A 583 -10.17 6.11 -34.05
N THR A 584 -9.39 6.96 -34.70
CA THR A 584 -8.00 7.12 -34.34
C THR A 584 -7.87 8.08 -33.16
N PRO A 585 -6.92 7.86 -32.25
CA PRO A 585 -6.68 8.85 -31.19
C PRO A 585 -6.16 10.16 -31.75
N CYS A 586 -6.00 11.17 -30.89
CA CYS A 586 -5.44 12.44 -31.32
C CYS A 586 -3.94 12.31 -31.52
N SER A 587 -3.27 13.41 -31.82
CA SER A 587 -1.83 13.41 -31.97
C SER A 587 -1.19 13.92 -30.69
N PHE A 588 -0.22 13.18 -30.17
CA PHE A 588 0.49 13.61 -28.97
C PHE A 588 1.88 13.00 -29.00
N GLY A 589 2.76 13.58 -28.19
CA GLY A 589 4.11 13.10 -28.11
C GLY A 589 4.91 13.91 -27.13
N GLY A 590 6.23 13.76 -27.20
CA GLY A 590 7.14 14.51 -26.35
C GLY A 590 8.01 15.42 -27.19
N VAL A 591 8.37 16.56 -26.62
CA VAL A 591 9.27 17.52 -27.25
C VAL A 591 10.59 17.50 -26.49
N SER A 592 11.69 17.53 -27.24
CA SER A 592 13.02 17.53 -26.67
C SER A 592 13.88 18.55 -27.42
N VAL A 593 14.34 19.55 -26.67
CA VAL A 593 15.21 20.61 -27.26
C VAL A 593 16.67 20.15 -27.17
N ILE A 594 17.36 20.11 -28.32
CA ILE A 594 18.75 19.67 -28.38
C ILE A 594 19.60 20.93 -28.47
N THR A 595 20.06 21.40 -27.33
CA THR A 595 20.84 22.63 -27.36
C THR A 595 22.31 22.35 -27.09
N PRO A 596 23.21 23.15 -27.68
CA PRO A 596 24.63 23.05 -27.31
C PRO A 596 24.90 23.73 -25.98
N GLY A 597 26.17 23.83 -25.59
CA GLY A 597 26.51 24.51 -24.36
C GLY A 597 25.98 25.92 -24.32
N THR A 598 25.40 26.30 -23.18
CA THR A 598 24.66 27.55 -23.07
C THR A 598 25.56 28.77 -23.11
N ASN A 599 26.83 28.67 -22.75
CA ASN A 599 27.69 29.85 -22.83
C ASN A 599 28.13 30.10 -24.26
N THR A 600 28.16 29.02 -25.06
CA THR A 600 28.69 29.08 -26.42
C THR A 600 27.70 29.61 -27.44
N SER A 601 26.40 29.43 -27.24
CA SER A 601 25.41 29.90 -28.21
C SER A 601 24.06 29.98 -27.52
N ASN A 602 23.07 30.45 -28.27
CA ASN A 602 21.70 30.48 -27.80
C ASN A 602 20.74 29.81 -28.78
N GLN A 603 21.26 29.22 -29.86
CA GLN A 603 20.44 28.54 -30.84
C GLN A 603 20.06 27.15 -30.34
N VAL A 604 18.80 26.79 -30.59
CA VAL A 604 18.29 25.45 -30.14
C VAL A 604 17.48 24.83 -31.27
N ALA A 605 17.20 23.54 -31.17
CA ALA A 605 16.40 22.80 -32.15
C ALA A 605 15.43 21.92 -31.40
N VAL A 606 14.21 21.86 -31.92
CA VAL A 606 13.12 21.09 -31.23
C VAL A 606 12.85 19.79 -31.99
N LEU A 607 12.60 18.71 -31.25
CA LEU A 607 12.31 17.40 -31.81
C LEU A 607 10.94 16.94 -31.32
N TYR A 608 9.97 16.90 -32.22
CA TYR A 608 8.65 16.37 -31.91
C TYR A 608 8.68 14.86 -32.10
N GLN A 609 8.58 14.12 -31.01
CA GLN A 609 8.77 12.67 -31.04
C GLN A 609 7.52 11.96 -31.53
N GLY A 610 7.69 10.99 -32.41
CA GLY A 610 6.62 10.09 -32.78
C GLY A 610 5.55 10.66 -33.69
N VAL A 611 5.81 11.79 -34.34
CA VAL A 611 4.81 12.45 -35.18
C VAL A 611 5.41 12.72 -36.55
N ASN A 612 4.69 12.34 -37.60
CA ASN A 612 5.08 12.67 -38.97
C ASN A 612 5.18 14.19 -39.10
N CYS A 613 6.28 14.65 -39.70
CA CYS A 613 6.64 16.06 -39.64
C CYS A 613 5.84 16.92 -40.60
N THR A 614 4.96 16.33 -41.41
CA THR A 614 3.95 17.09 -42.13
C THR A 614 2.74 17.37 -41.26
N GLU A 615 2.33 16.41 -40.43
CA GLU A 615 1.27 16.62 -39.44
C GLU A 615 1.60 17.71 -38.44
N VAL A 616 2.85 17.73 -37.94
CA VAL A 616 3.24 18.80 -37.03
C VAL A 616 3.40 20.11 -37.79
N SER A 617 3.82 20.05 -39.05
CA SER A 617 4.06 21.28 -39.81
C SER A 617 2.77 22.05 -40.04
N VAL A 618 1.70 21.36 -40.41
CA VAL A 618 0.41 22.02 -40.55
C VAL A 618 -0.13 22.43 -39.19
N ALA A 619 0.22 21.70 -38.13
CA ALA A 619 -0.20 22.10 -36.79
C ALA A 619 0.45 23.41 -36.37
N ILE A 620 1.75 23.56 -36.64
CA ILE A 620 2.41 24.85 -36.43
C ILE A 620 1.73 25.91 -37.29
N HIS A 621 1.43 25.57 -38.54
CA HIS A 621 0.78 26.53 -39.44
C HIS A 621 -0.60 26.89 -38.95
N ALA A 622 -1.36 25.93 -38.42
CA ALA A 622 -2.70 26.18 -37.93
C ALA A 622 -2.73 26.67 -36.48
N ASP A 623 -1.60 26.62 -35.78
CA ASP A 623 -1.48 27.13 -34.40
C ASP A 623 -2.49 26.45 -33.48
N GLN A 624 -2.46 25.13 -33.42
CA GLN A 624 -3.36 24.37 -32.56
C GLN A 624 -2.61 23.43 -31.62
N LEU A 625 -1.33 23.70 -31.37
CA LEU A 625 -0.52 22.84 -30.50
C LEU A 625 -0.42 23.42 -29.10
N THR A 626 -0.29 22.53 -28.12
CA THR A 626 -0.08 22.97 -26.74
C THR A 626 1.17 23.82 -26.57
N PRO A 627 2.33 23.50 -27.16
CA PRO A 627 3.50 24.38 -26.99
C PRO A 627 3.27 25.75 -27.58
N THR A 628 3.37 26.77 -26.73
CA THR A 628 3.33 28.16 -27.18
C THR A 628 4.68 28.66 -27.65
N TRP A 629 5.74 27.91 -27.33
CA TRP A 629 7.10 28.27 -27.82
C TRP A 629 7.25 27.75 -29.25
N ARG A 630 7.55 28.64 -30.20
CA ARG A 630 7.63 28.21 -31.63
C ARG A 630 9.06 28.40 -32.14
N VAL A 631 9.70 27.31 -32.60
CA VAL A 631 11.08 27.40 -33.16
C VAL A 631 10.97 27.75 -34.65
N TYR A 632 11.91 28.55 -35.17
CA TYR A 632 11.83 28.94 -36.57
C TYR A 632 11.95 27.73 -37.49
N SER A 633 11.22 27.78 -38.60
CA SER A 633 11.22 26.74 -39.62
C SER A 633 11.58 27.41 -40.94
N THR A 634 12.88 27.41 -41.26
CA THR A 634 13.40 28.08 -42.44
C THR A 634 13.44 27.20 -43.67
N GLY A 635 12.91 25.98 -43.60
CA GLY A 635 12.97 25.03 -44.68
C GLY A 635 14.25 24.23 -44.73
N SER A 636 15.40 24.88 -44.55
CA SER A 636 16.66 24.18 -44.42
C SER A 636 16.79 23.44 -43.11
N ASN A 637 15.93 23.72 -42.13
CA ASN A 637 15.93 23.02 -40.86
C ASN A 637 14.65 22.17 -40.79
N VAL A 638 14.70 21.01 -41.46
CA VAL A 638 13.68 19.97 -41.34
C VAL A 638 14.42 18.64 -41.48
N PHE A 639 14.00 17.65 -40.71
CA PHE A 639 14.62 16.32 -40.78
C PHE A 639 13.60 15.33 -40.22
N GLN A 640 13.09 14.46 -41.07
CA GLN A 640 12.22 13.37 -40.63
C GLN A 640 13.09 12.19 -40.23
N THR A 641 13.39 12.09 -38.93
CA THR A 641 14.17 10.99 -38.40
C THR A 641 13.27 9.81 -38.08
N ARG A 642 13.86 8.71 -37.63
CA ARG A 642 13.08 7.54 -37.31
C ARG A 642 12.52 7.59 -35.89
N ALA A 643 13.01 8.50 -35.06
CA ALA A 643 12.54 8.68 -33.69
C ALA A 643 11.69 9.91 -33.51
N GLY A 644 11.18 10.48 -34.59
CA GLY A 644 10.48 11.74 -34.59
C GLY A 644 11.04 12.63 -35.69
N CYS A 645 10.73 13.92 -35.62
CA CYS A 645 11.27 14.87 -36.57
C CYS A 645 11.85 16.06 -35.82
N LEU A 646 13.01 16.54 -36.26
CA LEU A 646 13.71 17.63 -35.59
C LEU A 646 13.64 18.88 -36.46
N ILE A 647 13.36 20.01 -35.83
CA ILE A 647 13.25 21.29 -36.51
C ILE A 647 14.21 22.28 -35.85
N GLY A 648 15.01 22.94 -36.66
CA GLY A 648 15.99 23.87 -36.16
C GLY A 648 17.43 23.57 -36.53
N ALA A 649 17.69 22.37 -37.06
CA ALA A 649 19.03 21.99 -37.48
C ALA A 649 18.97 21.47 -38.90
N GLU A 650 20.04 21.71 -39.66
CA GLU A 650 20.10 21.35 -41.06
C GLU A 650 20.82 20.02 -41.24
N TYR A 651 20.74 19.49 -42.45
CA TYR A 651 21.24 18.15 -42.76
C TYR A 651 22.52 18.24 -43.59
N VAL A 652 23.40 17.26 -43.40
CA VAL A 652 24.61 17.11 -44.21
C VAL A 652 24.70 15.66 -44.65
N ASN A 653 25.76 15.32 -45.38
CA ASN A 653 25.99 13.94 -45.77
C ASN A 653 27.42 13.53 -45.45
N ASN A 654 27.90 13.93 -44.28
CA ASN A 654 29.25 13.60 -43.81
C ASN A 654 29.11 12.75 -42.55
N SER A 655 30.19 12.42 -41.86
CA SER A 655 30.06 11.59 -40.66
C SER A 655 31.13 11.96 -39.64
N TYR A 656 30.73 12.08 -38.38
CA TYR A 656 31.63 12.50 -37.31
C TYR A 656 31.37 11.65 -36.08
N GLU A 657 32.27 11.75 -35.11
CA GLU A 657 32.05 11.13 -33.82
C GLU A 657 30.83 11.74 -33.15
N CYS A 658 29.98 10.88 -32.58
CA CYS A 658 28.76 11.36 -31.95
C CYS A 658 29.07 12.27 -30.78
N ASP A 659 28.33 13.38 -30.68
CA ASP A 659 28.48 14.33 -29.58
C ASP A 659 27.32 14.27 -28.61
N ILE A 660 26.10 14.45 -29.09
CA ILE A 660 24.91 14.26 -28.28
C ILE A 660 24.01 13.25 -28.98
N PRO A 661 23.49 12.25 -28.28
CA PRO A 661 22.68 11.20 -28.93
C PRO A 661 21.26 11.67 -29.18
N ILE A 662 20.83 11.59 -30.44
CA ILE A 662 19.47 11.96 -30.81
C ILE A 662 18.56 10.73 -30.90
N GLY A 663 19.00 9.70 -31.61
CA GLY A 663 18.22 8.49 -31.75
C GLY A 663 18.13 7.97 -33.16
N ALA A 664 18.11 6.65 -33.31
CA ALA A 664 18.00 5.97 -34.61
C ALA A 664 19.14 6.35 -35.54
N GLY A 665 20.37 6.25 -35.03
CA GLY A 665 21.53 6.49 -35.86
C GLY A 665 21.78 7.92 -36.23
N ILE A 666 21.31 8.87 -35.43
CA ILE A 666 21.49 10.30 -35.69
C ILE A 666 22.11 10.95 -34.46
N CYS A 667 23.09 11.82 -34.70
CA CYS A 667 23.70 12.62 -33.65
C CYS A 667 23.85 14.06 -34.13
N ALA A 668 23.84 14.98 -33.18
CA ALA A 668 23.97 16.40 -33.46
C ALA A 668 25.19 16.97 -32.75
N SER A 669 25.70 18.08 -33.27
CA SER A 669 26.86 18.73 -32.66
C SER A 669 26.88 20.19 -33.09
N TYR A 670 27.61 20.99 -32.31
CA TYR A 670 27.85 22.39 -32.61
C TYR A 670 29.17 22.49 -33.36
N GLN A 671 29.12 22.92 -34.61
CA GLN A 671 30.29 22.95 -35.47
C GLN A 671 30.38 24.29 -36.17
N THR A 672 31.62 24.71 -36.44
CA THR A 672 31.88 25.93 -37.19
C THR A 672 31.48 25.73 -38.65
N GLN A 673 30.94 26.79 -39.25
CA GLN A 673 30.48 26.73 -40.63
C GLN A 673 31.68 26.62 -41.57
N SER A 685 28.45 31.83 -38.83
CA SER A 685 29.62 30.96 -38.93
C SER A 685 29.52 29.81 -37.95
N GLN A 686 28.45 29.80 -37.16
CA GLN A 686 28.21 28.78 -36.16
C GLN A 686 26.75 28.33 -36.22
N SER A 687 26.53 27.02 -36.11
CA SER A 687 25.19 26.47 -36.12
C SER A 687 25.22 25.06 -35.56
N ILE A 688 24.04 24.49 -35.36
CA ILE A 688 23.88 23.11 -34.91
C ILE A 688 23.54 22.25 -36.12
N ILE A 689 24.08 21.04 -36.14
CA ILE A 689 24.09 20.21 -37.34
C ILE A 689 23.53 18.83 -37.01
N ALA A 690 23.07 18.13 -38.03
CA ALA A 690 22.54 16.77 -37.90
C ALA A 690 23.23 15.85 -38.90
N TYR A 691 23.75 14.73 -38.42
CA TYR A 691 24.49 13.81 -39.27
C TYR A 691 24.26 12.39 -38.79
N THR A 692 24.54 11.43 -39.67
CA THR A 692 24.54 10.02 -39.28
C THR A 692 25.89 9.65 -38.67
N MET A 693 25.86 8.74 -37.70
CA MET A 693 27.07 8.39 -36.97
C MET A 693 28.07 7.69 -37.87
N SER A 694 29.36 7.91 -37.58
CA SER A 694 30.43 7.16 -38.22
C SER A 694 30.91 6.07 -37.25
N LEU A 695 30.84 4.81 -37.68
CA LEU A 695 31.20 3.72 -36.80
C LEU A 695 32.70 3.62 -36.59
N GLY A 696 33.50 4.26 -37.44
CA GLY A 696 34.94 4.25 -37.29
C GLY A 696 35.61 4.48 -38.63
N ALA A 697 36.93 4.62 -38.57
CA ALA A 697 37.72 4.81 -39.78
C ALA A 697 37.70 3.55 -40.63
N GLU A 698 37.53 3.72 -41.94
CA GLU A 698 37.48 2.60 -42.86
C GLU A 698 38.88 2.02 -43.01
N ASN A 699 39.06 0.77 -42.64
CA ASN A 699 40.35 0.10 -42.71
C ASN A 699 40.19 -1.26 -43.36
N SER A 700 41.22 -1.67 -44.09
CA SER A 700 41.25 -2.95 -44.77
C SER A 700 42.55 -3.67 -44.45
N VAL A 701 42.51 -5.00 -44.50
CA VAL A 701 43.67 -5.82 -44.17
C VAL A 701 44.16 -6.52 -45.42
N ALA A 702 45.32 -7.18 -45.34
CA ALA A 702 46.04 -7.66 -46.53
C ALA A 702 46.37 -9.15 -46.39
N TYR A 703 45.37 -9.94 -46.00
CA TYR A 703 45.57 -11.38 -45.83
C TYR A 703 46.10 -12.02 -47.10
N SER A 704 47.03 -12.97 -46.92
CA SER A 704 47.61 -13.72 -48.02
C SER A 704 48.14 -15.03 -47.48
N ASN A 705 48.40 -15.98 -48.38
CA ASN A 705 48.83 -17.30 -47.94
C ASN A 705 50.16 -17.28 -47.20
N ASN A 706 51.08 -16.39 -47.54
CA ASN A 706 52.37 -16.33 -46.85
C ASN A 706 52.72 -14.87 -46.64
N SER A 707 52.37 -14.34 -45.47
CA SER A 707 52.71 -12.96 -45.12
C SER A 707 52.52 -12.74 -43.62
N ILE A 708 53.60 -12.46 -42.90
CA ILE A 708 53.54 -12.21 -41.48
C ILE A 708 53.95 -10.77 -41.21
N ALA A 709 53.52 -10.24 -40.07
CA ALA A 709 53.84 -8.88 -39.66
C ALA A 709 54.23 -8.90 -38.19
N ILE A 710 55.51 -8.67 -37.91
CA ILE A 710 56.05 -8.71 -36.55
C ILE A 710 56.45 -7.30 -36.15
N PRO A 711 55.95 -6.77 -35.03
CA PRO A 711 56.39 -5.45 -34.57
C PRO A 711 57.87 -5.46 -34.23
N THR A 712 58.52 -4.31 -34.41
CA THR A 712 59.93 -4.15 -34.08
C THR A 712 60.16 -3.05 -33.06
N ASN A 713 59.10 -2.62 -32.38
CA ASN A 713 59.18 -1.59 -31.36
C ASN A 713 57.87 -1.65 -30.57
N PHE A 714 57.87 -1.01 -29.40
CA PHE A 714 56.73 -1.09 -28.50
C PHE A 714 56.49 0.30 -27.90
N THR A 715 55.54 0.36 -26.96
CA THR A 715 55.26 1.57 -26.23
C THR A 715 54.59 1.19 -24.91
N ILE A 716 54.65 2.10 -23.95
CA ILE A 716 54.07 1.89 -22.63
C ILE A 716 52.97 2.94 -22.44
N SER A 717 51.76 2.46 -22.15
CA SER A 717 50.61 3.33 -21.97
C SER A 717 50.02 3.09 -20.59
N VAL A 718 49.68 4.17 -19.89
CA VAL A 718 49.09 4.09 -18.55
C VAL A 718 47.70 4.70 -18.64
N THR A 719 46.67 3.85 -18.59
CA THR A 719 45.29 4.32 -18.60
C THR A 719 44.79 4.45 -17.16
N THR A 720 43.48 4.70 -17.03
CA THR A 720 42.86 4.89 -15.72
C THR A 720 41.47 4.28 -15.72
N GLU A 721 41.02 3.86 -14.53
CA GLU A 721 39.71 3.26 -14.36
C GLU A 721 39.14 3.65 -13.02
N ILE A 722 37.88 4.10 -12.99
CA ILE A 722 37.24 4.62 -11.79
C ILE A 722 36.01 3.78 -11.49
N LEU A 723 35.89 3.31 -10.25
CA LEU A 723 34.79 2.46 -9.83
C LEU A 723 34.24 2.92 -8.49
N PRO A 724 32.92 3.12 -8.38
CA PRO A 724 32.34 3.41 -7.06
C PRO A 724 32.44 2.20 -6.14
N VAL A 725 32.59 2.47 -4.85
CA VAL A 725 32.76 1.39 -3.88
C VAL A 725 31.66 1.45 -2.82
N SER A 726 31.19 2.65 -2.51
CA SER A 726 30.18 2.81 -1.47
C SER A 726 29.53 4.17 -1.61
N MET A 727 28.41 4.34 -0.90
CA MET A 727 27.65 5.58 -0.90
C MET A 727 27.39 6.04 0.53
N THR A 728 26.81 7.23 0.64
CA THR A 728 26.56 7.81 1.96
C THR A 728 25.56 6.97 2.74
N LYS A 729 25.82 6.83 4.04
CA LYS A 729 24.96 6.05 4.93
C LYS A 729 23.92 6.96 5.56
N THR A 730 22.66 6.77 5.21
CA THR A 730 21.56 7.56 5.72
C THR A 730 20.70 6.72 6.64
N SER A 731 20.36 7.29 7.80
CA SER A 731 19.52 6.61 8.79
C SER A 731 18.31 7.51 9.09
N VAL A 732 17.25 7.34 8.32
CA VAL A 732 16.02 8.11 8.50
C VAL A 732 15.34 7.64 9.79
N ASP A 733 14.47 8.47 10.34
CA ASP A 733 13.76 8.13 11.56
C ASP A 733 12.27 8.30 11.32
N CYS A 734 11.49 7.33 11.78
CA CYS A 734 10.04 7.39 11.69
C CYS A 734 9.52 8.27 12.82
N THR A 735 8.20 8.23 13.06
CA THR A 735 7.58 9.02 14.12
C THR A 735 7.84 10.51 13.94
N MET A 736 9.09 10.95 14.13
CA MET A 736 9.40 12.37 13.98
C MET A 736 9.16 12.85 12.56
N TYR A 737 9.33 11.98 11.56
CA TYR A 737 9.12 12.39 10.18
C TYR A 737 7.65 12.63 9.89
N ILE A 738 6.77 11.72 10.34
CA ILE A 738 5.37 11.79 9.99
C ILE A 738 4.55 12.68 10.93
N CYS A 739 4.79 12.59 12.24
CA CYS A 739 4.02 13.32 13.24
C CYS A 739 5.01 14.07 14.12
N GLY A 740 5.23 15.34 13.81
CA GLY A 740 6.13 16.15 14.61
C GLY A 740 5.59 16.38 16.01
N ASP A 741 6.22 15.73 17.00
CA ASP A 741 5.93 15.85 18.43
C ASP A 741 4.45 16.07 18.74
N SER A 742 3.58 15.26 18.14
CA SER A 742 2.14 15.36 18.37
C SER A 742 1.67 14.04 18.97
N THR A 743 1.13 14.10 20.19
CA THR A 743 0.68 12.88 20.86
C THR A 743 -0.49 12.24 20.13
N GLU A 744 -1.45 13.04 19.67
CA GLU A 744 -2.58 12.50 18.92
C GLU A 744 -2.13 11.82 17.63
N CYS A 745 -1.21 12.45 16.90
CA CYS A 745 -0.74 11.85 15.66
C CYS A 745 0.08 10.59 15.93
N SER A 746 0.84 10.57 17.03
CA SER A 746 1.55 9.35 17.40
C SER A 746 0.59 8.22 17.72
N ASN A 747 -0.48 8.52 18.46
CA ASN A 747 -1.49 7.52 18.76
C ASN A 747 -2.16 7.01 17.48
N LEU A 748 -2.45 7.91 16.55
CA LEU A 748 -3.05 7.51 15.28
C LEU A 748 -2.11 6.61 14.49
N LEU A 749 -0.82 6.96 14.45
CA LEU A 749 0.16 6.15 13.74
C LEU A 749 0.32 4.78 14.37
N LEU A 750 0.20 4.70 15.70
CA LEU A 750 0.32 3.41 16.38
C LEU A 750 -0.72 2.41 15.90
N GLN A 751 -1.83 2.89 15.32
CA GLN A 751 -2.88 2.02 14.81
C GLN A 751 -2.49 1.28 13.55
N TYR A 752 -1.50 1.78 12.79
CA TYR A 752 -1.17 1.22 11.49
C TYR A 752 -0.30 -0.02 11.57
N GLY A 753 0.08 -0.46 12.77
CA GLY A 753 0.87 -1.66 12.90
C GLY A 753 2.36 -1.39 12.85
N SER A 754 3.11 -2.44 12.49
CA SER A 754 4.57 -2.39 12.47
C SER A 754 5.02 -1.92 11.09
N PHE A 755 4.75 -0.64 10.80
CA PHE A 755 5.23 0.00 9.58
C PHE A 755 6.40 0.93 9.87
N CYS A 756 6.90 0.95 11.10
CA CYS A 756 8.03 1.80 11.46
C CYS A 756 9.22 0.99 11.97
N THR A 757 9.06 -0.33 12.10
CA THR A 757 10.17 -1.19 12.49
C THR A 757 10.79 -1.92 11.31
N GLN A 758 10.04 -2.18 10.24
CA GLN A 758 10.61 -2.73 9.02
C GLN A 758 11.33 -1.68 8.20
N LEU A 759 11.08 -0.40 8.45
CA LEU A 759 11.78 0.70 7.77
C LEU A 759 13.01 1.15 8.53
N LYS A 760 13.27 0.54 9.69
CA LYS A 760 14.42 0.86 10.53
C LYS A 760 15.41 -0.29 10.51
N ARG A 761 15.20 -1.23 9.59
CA ARG A 761 16.12 -2.35 9.42
C ARG A 761 16.79 -2.29 8.06
N ALA A 762 16.05 -1.84 7.05
CA ALA A 762 16.61 -1.73 5.71
C ALA A 762 17.76 -0.75 5.69
N LEU A 763 17.60 0.40 6.33
CA LEU A 763 18.67 1.41 6.33
C LEU A 763 19.90 0.90 7.08
N THR A 764 19.68 0.19 8.19
CA THR A 764 20.79 -0.37 8.94
C THR A 764 21.54 -1.40 8.11
N GLY A 765 20.81 -2.27 7.42
CA GLY A 765 21.45 -3.23 6.54
C GLY A 765 22.23 -2.55 5.43
N ILE A 766 21.69 -1.46 4.89
CA ILE A 766 22.40 -0.71 3.86
C ILE A 766 23.71 -0.16 4.39
N ALA A 767 23.68 0.42 5.60
CA ALA A 767 24.90 0.99 6.18
C ALA A 767 25.95 -0.09 6.43
N VAL A 768 25.54 -1.21 7.01
CA VAL A 768 26.50 -2.29 7.28
C VAL A 768 27.07 -2.83 5.97
N GLU A 769 26.22 -2.93 4.94
CA GLU A 769 26.68 -3.39 3.64
C GLU A 769 27.72 -2.42 3.05
N GLN A 770 27.50 -1.12 3.21
CA GLN A 770 28.48 -0.14 2.73
C GLN A 770 29.82 -0.31 3.43
N ASP A 771 29.78 -0.49 4.75
CA ASP A 771 31.03 -0.67 5.50
C ASP A 771 31.75 -1.93 5.06
N LYS A 772 31.01 -3.02 4.85
CA LYS A 772 31.63 -4.26 4.39
C LYS A 772 32.20 -4.10 2.98
N ASN A 773 31.54 -3.32 2.13
CA ASN A 773 32.07 -3.07 0.80
C ASN A 773 33.43 -2.38 0.87
N THR A 774 33.51 -1.33 1.68
CA THR A 774 34.79 -0.63 1.82
C THR A 774 35.88 -1.56 2.36
N GLN A 775 35.53 -2.36 3.38
CA GLN A 775 36.50 -3.31 3.93
C GLN A 775 36.99 -4.28 2.87
N GLU A 776 36.06 -4.85 2.09
CA GLU A 776 36.43 -5.82 1.07
C GLU A 776 37.36 -5.21 0.03
N VAL A 777 37.03 -4.00 -0.46
CA VAL A 777 37.83 -3.43 -1.53
C VAL A 777 39.22 -3.06 -1.04
N PHE A 778 39.32 -2.44 0.15
CA PHE A 778 40.62 -1.87 0.53
C PHE A 778 41.43 -2.77 1.45
N ALA A 779 40.84 -3.30 2.52
CA ALA A 779 41.62 -4.06 3.48
C ALA A 779 41.95 -5.46 2.96
N GLN A 780 42.76 -5.53 1.90
CA GLN A 780 43.08 -6.79 1.25
C GLN A 780 44.35 -7.43 1.79
N VAL A 781 45.23 -6.66 2.43
CA VAL A 781 46.48 -7.18 2.99
C VAL A 781 46.42 -7.04 4.50
N LYS A 782 47.03 -7.98 5.21
CA LYS A 782 46.94 -7.98 6.67
C LYS A 782 48.04 -7.16 7.31
N GLN A 783 49.25 -7.21 6.76
CA GLN A 783 50.38 -6.45 7.28
C GLN A 783 50.58 -5.20 6.45
N ILE A 784 50.75 -4.07 7.12
CA ILE A 784 51.04 -2.81 6.41
C ILE A 784 52.55 -2.72 6.21
N TYR A 785 52.96 -2.40 4.98
CA TYR A 785 54.36 -2.25 4.66
C TYR A 785 54.71 -0.78 4.50
N LYS A 786 56.00 -0.48 4.51
CA LYS A 786 56.48 0.88 4.35
C LYS A 786 57.58 0.91 3.30
N THR A 787 57.51 1.91 2.43
CA THR A 787 58.49 2.03 1.36
C THR A 787 59.87 2.34 1.93
N PRO A 788 60.93 1.87 1.28
CA PRO A 788 62.27 2.12 1.79
C PRO A 788 62.55 3.61 1.82
N PRO A 789 63.42 4.06 2.74
CA PRO A 789 63.69 5.51 2.85
C PRO A 789 64.21 6.12 1.57
N ILE A 790 65.04 5.40 0.82
CA ILE A 790 65.52 5.87 -0.48
C ILE A 790 64.52 5.45 -1.54
N LYS A 791 64.50 6.18 -2.65
CA LYS A 791 63.62 5.88 -3.78
C LYS A 791 64.43 5.90 -5.07
N TYR A 792 65.11 4.79 -5.35
CA TYR A 792 65.80 4.57 -6.64
C TYR A 792 65.42 3.17 -7.08
N PHE A 793 64.34 3.07 -7.84
CA PHE A 793 63.87 1.77 -8.35
C PHE A 793 64.30 1.59 -9.81
N GLY A 794 65.61 1.64 -10.02
CA GLY A 794 66.18 1.43 -11.34
C GLY A 794 65.76 2.43 -12.39
N GLY A 795 65.57 3.69 -12.01
CA GLY A 795 65.19 4.74 -12.94
C GLY A 795 63.70 5.02 -12.97
N PHE A 796 62.88 4.15 -12.41
CA PHE A 796 61.44 4.37 -12.38
C PHE A 796 61.11 5.38 -11.28
N ASN A 797 60.35 6.40 -11.65
CA ASN A 797 59.98 7.47 -10.72
C ASN A 797 58.56 7.22 -10.21
N PHE A 798 58.43 7.07 -8.89
CA PHE A 798 57.15 6.78 -8.26
C PHE A 798 56.69 7.88 -7.32
N SER A 799 57.27 9.09 -7.39
CA SER A 799 56.91 10.15 -6.47
C SER A 799 55.47 10.59 -6.67
N GLN A 800 54.94 10.44 -7.88
CA GLN A 800 53.57 10.94 -8.18
C GLN A 800 52.53 10.08 -7.43
N ILE A 801 52.79 8.78 -7.28
CA ILE A 801 51.84 7.89 -6.63
C ILE A 801 52.19 7.62 -5.16
N LEU A 802 53.44 7.81 -4.76
CA LEU A 802 53.86 7.56 -3.39
C LEU A 802 53.37 8.68 -2.47
N PRO A 803 53.24 8.41 -1.17
CA PRO A 803 52.76 9.44 -0.25
C PRO A 803 53.72 10.62 -0.16
N ASP A 804 53.16 11.80 0.10
CA ASP A 804 53.93 13.01 0.27
C ASP A 804 54.04 13.35 1.75
N PRO A 805 55.21 13.23 2.36
CA PRO A 805 55.33 13.56 3.79
C PRO A 805 55.02 15.02 4.11
N SER A 806 55.29 15.94 3.19
CA SER A 806 55.06 17.36 3.48
C SER A 806 53.59 17.64 3.71
N LYS A 807 52.71 17.06 2.91
CA LYS A 807 51.29 17.22 3.12
C LYS A 807 50.89 16.56 4.44
N PRO A 808 50.06 17.19 5.26
CA PRO A 808 49.68 16.60 6.54
C PRO A 808 48.67 15.48 6.46
N SER A 809 48.06 15.25 5.29
CA SER A 809 47.13 14.15 5.10
C SER A 809 47.82 12.88 4.61
N LYS A 810 49.11 12.95 4.29
CA LYS A 810 49.88 11.80 3.79
C LYS A 810 49.22 11.18 2.57
N ARG A 811 49.04 12.00 1.54
CA ARG A 811 48.39 11.59 0.31
C ARG A 811 49.24 12.00 -0.88
N SER A 812 49.19 11.18 -1.93
CA SER A 812 49.90 11.44 -3.16
C SER A 812 49.26 12.60 -3.92
N PRO A 813 50.01 13.33 -4.79
CA PRO A 813 49.42 14.40 -5.60
C PRO A 813 48.21 13.86 -6.37
N ILE A 814 48.37 12.70 -7.02
CA ILE A 814 47.24 12.07 -7.75
C ILE A 814 46.01 12.06 -6.83
N GLU A 815 46.17 11.55 -5.61
CA GLU A 815 45.04 11.48 -4.68
C GLU A 815 44.52 12.87 -4.35
N ASP A 816 45.40 13.86 -4.25
CA ASP A 816 44.96 15.21 -3.93
C ASP A 816 44.11 15.80 -5.04
N LEU A 817 44.50 15.52 -6.30
CA LEU A 817 43.67 15.99 -7.43
C LEU A 817 42.28 15.37 -7.30
N LEU A 818 42.21 14.06 -7.08
CA LEU A 818 40.92 13.38 -6.99
C LEU A 818 40.09 13.96 -5.86
N PHE A 819 40.71 14.24 -4.73
CA PHE A 819 40.00 14.84 -3.61
C PHE A 819 39.47 16.23 -3.96
N ASN A 820 40.29 17.06 -4.62
CA ASN A 820 39.89 18.43 -4.92
C ASN A 820 38.88 18.51 -6.05
N LYS A 821 38.83 17.52 -6.94
CA LYS A 821 37.90 17.57 -8.06
C LYS A 821 36.54 16.99 -7.73
N VAL A 822 36.33 16.53 -6.50
CA VAL A 822 35.05 15.97 -6.07
C VAL A 822 34.54 16.79 -4.90
N THR A 823 33.31 17.29 -5.01
CA THR A 823 32.69 18.10 -3.97
C THR A 823 31.55 17.32 -3.34
N LEU A 824 31.58 17.21 -2.01
CA LEU A 824 30.57 16.48 -1.26
C LEU A 824 29.56 17.46 -0.69
N ALA A 825 28.28 17.25 -1.02
CA ALA A 825 27.23 18.10 -0.48
C ALA A 825 27.13 17.96 1.03
N ASP A 826 27.18 16.73 1.53
CA ASP A 826 27.12 16.44 2.96
C ASP A 826 28.31 15.56 3.34
N ALA A 827 29.28 16.13 4.04
CA ALA A 827 30.41 15.35 4.52
C ALA A 827 29.96 14.31 5.54
N GLY A 828 29.00 14.65 6.38
CA GLY A 828 28.53 13.76 7.43
C GLY A 828 29.36 13.78 8.69
N PHE A 829 30.68 13.77 8.54
CA PHE A 829 31.60 13.85 9.67
C PHE A 829 31.94 15.29 10.02
N ILE A 830 30.90 16.12 10.18
CA ILE A 830 31.09 17.53 10.47
C ILE A 830 30.55 17.94 11.83
N LYS A 831 29.51 17.26 12.34
CA LYS A 831 28.80 17.68 13.54
C LYS A 831 28.38 19.15 13.41
N GLN A 832 27.60 19.43 12.36
CA GLN A 832 27.32 20.81 11.96
C GLN A 832 26.34 21.49 12.92
N TYR A 833 25.80 20.75 13.88
CA TYR A 833 24.91 21.35 14.85
C TYR A 833 25.65 22.40 15.67
N GLY A 834 24.98 23.53 15.91
CA GLY A 834 25.56 24.66 16.60
C GLY A 834 25.83 25.86 15.71
N ASP A 835 25.99 25.65 14.40
CA ASP A 835 26.19 26.74 13.46
C ASP A 835 25.00 26.98 12.55
N CYS A 836 23.92 26.19 12.66
CA CYS A 836 22.70 26.52 11.94
C CYS A 836 22.14 27.85 12.41
N LEU A 837 22.36 28.18 13.69
CA LEU A 837 22.04 29.52 14.19
C LEU A 837 23.06 30.54 13.72
N GLY A 838 24.30 30.12 13.50
CA GLY A 838 25.35 30.96 12.97
C GLY A 838 25.41 31.04 11.46
N ASP A 839 24.41 30.46 10.78
CA ASP A 839 24.38 30.49 9.33
C ASP A 839 24.23 31.91 8.77
N ILE A 840 23.69 32.83 9.57
CA ILE A 840 23.50 34.23 9.19
C ILE A 840 22.54 34.34 8.01
N ALA A 841 22.89 33.74 6.88
CA ALA A 841 22.02 33.72 5.71
C ALA A 841 21.02 32.58 5.86
N ALA A 842 20.28 32.29 4.78
CA ALA A 842 19.36 31.16 4.80
C ALA A 842 20.12 29.86 4.98
N ARG A 843 19.57 28.97 5.79
CA ARG A 843 20.24 27.72 6.11
C ARG A 843 20.39 26.85 4.86
N ASP A 844 21.45 26.05 4.85
CA ASP A 844 21.79 25.24 3.69
C ASP A 844 21.00 23.93 3.70
N LEU A 845 21.32 23.06 2.74
CA LEU A 845 20.63 21.79 2.61
C LEU A 845 20.84 20.92 3.84
N ILE A 846 22.03 20.96 4.43
CA ILE A 846 22.34 20.09 5.56
C ILE A 846 21.52 20.51 6.78
N CYS A 847 21.51 21.81 7.09
CA CYS A 847 20.70 22.29 8.21
C CYS A 847 19.22 22.05 7.95
N ALA A 848 18.78 22.23 6.70
CA ALA A 848 17.38 21.97 6.37
C ALA A 848 17.00 20.51 6.58
N GLN A 849 17.87 19.59 6.17
CA GLN A 849 17.60 18.17 6.39
C GLN A 849 17.61 17.84 7.88
N LYS A 850 18.53 18.43 8.64
CA LYS A 850 18.52 18.24 10.09
C LYS A 850 17.23 18.74 10.71
N PHE A 851 16.64 19.80 10.15
CA PHE A 851 15.37 20.31 10.66
C PHE A 851 14.26 19.29 10.55
N ASN A 852 14.39 18.27 9.71
CA ASN A 852 13.30 17.36 9.41
C ASN A 852 13.59 15.92 9.83
N GLY A 853 14.69 15.69 10.54
CA GLY A 853 14.98 14.35 11.04
C GLY A 853 15.67 13.42 10.08
N LEU A 854 16.35 13.95 9.07
CA LEU A 854 17.06 13.14 8.09
C LEU A 854 18.56 13.33 8.32
N THR A 855 19.22 12.30 8.84
CA THR A 855 20.63 12.37 9.21
C THR A 855 21.46 11.44 8.35
N VAL A 856 22.77 11.67 8.37
CA VAL A 856 23.75 10.84 7.67
C VAL A 856 24.83 10.45 8.68
N LEU A 857 25.23 9.19 8.65
CA LEU A 857 26.23 8.68 9.58
C LEU A 857 27.61 8.69 8.94
N PRO A 858 28.67 8.76 9.75
CA PRO A 858 30.03 8.82 9.18
C PRO A 858 30.55 7.41 8.90
N PRO A 859 31.36 7.25 7.86
CA PRO A 859 31.95 5.95 7.59
C PRO A 859 32.92 5.54 8.69
N LEU A 860 33.01 4.23 8.91
CA LEU A 860 33.90 3.72 9.95
C LEU A 860 35.36 3.96 9.59
N LEU A 861 35.74 3.67 8.35
CA LEU A 861 37.11 3.89 7.90
C LEU A 861 37.26 5.31 7.38
N THR A 862 38.01 6.13 8.09
CA THR A 862 38.22 7.51 7.68
C THR A 862 39.02 7.56 6.39
N ASP A 863 38.85 8.66 5.66
CA ASP A 863 39.56 8.86 4.39
C ASP A 863 41.06 8.95 4.61
N GLU A 864 41.50 9.27 5.83
CA GLU A 864 42.93 9.39 6.11
C GLU A 864 43.61 8.03 6.17
N MET A 865 42.97 7.03 6.77
CA MET A 865 43.58 5.72 6.91
C MET A 865 43.32 4.81 5.72
N ILE A 866 42.29 5.08 4.92
CA ILE A 866 42.15 4.40 3.64
C ILE A 866 43.35 4.73 2.75
N ALA A 867 43.83 5.97 2.81
CA ALA A 867 45.05 6.33 2.11
C ALA A 867 46.24 5.51 2.60
N GLN A 868 46.29 5.25 3.91
CA GLN A 868 47.35 4.41 4.45
C GLN A 868 47.24 2.97 3.94
N TYR A 869 46.02 2.45 3.85
CA TYR A 869 45.82 1.12 3.28
C TYR A 869 46.34 1.05 1.85
N THR A 870 45.95 2.03 1.02
CA THR A 870 46.42 2.03 -0.36
C THR A 870 47.92 2.21 -0.44
N SER A 871 48.50 3.01 0.46
CA SER A 871 49.94 3.20 0.47
C SER A 871 50.68 1.91 0.78
N ALA A 872 50.19 1.16 1.78
CA ALA A 872 50.81 -0.14 2.08
C ALA A 872 50.65 -1.10 0.93
N LEU A 873 49.46 -1.15 0.32
CA LEU A 873 49.22 -2.05 -0.80
C LEU A 873 50.14 -1.70 -1.97
N LEU A 874 50.39 -0.42 -2.20
CA LEU A 874 51.24 -0.01 -3.30
C LEU A 874 52.70 -0.28 -2.99
N ALA A 875 53.13 -0.04 -1.75
CA ALA A 875 54.52 -0.30 -1.38
C ALA A 875 54.81 -1.80 -1.31
N GLY A 876 53.78 -2.63 -1.24
CA GLY A 876 54.02 -4.07 -1.31
C GLY A 876 54.32 -4.56 -2.71
N THR A 877 53.71 -3.95 -3.72
CA THR A 877 53.78 -4.44 -5.09
C THR A 877 54.91 -3.82 -5.91
N ILE A 878 55.69 -2.91 -5.34
CA ILE A 878 56.83 -2.34 -6.04
C ILE A 878 58.16 -2.70 -5.39
N THR A 879 58.15 -3.41 -4.27
CA THR A 879 59.37 -3.83 -3.61
C THR A 879 59.46 -5.33 -3.36
N SER A 880 58.37 -6.07 -3.57
CA SER A 880 58.39 -7.52 -3.33
C SER A 880 57.67 -8.30 -4.42
N GLY A 881 57.25 -7.67 -5.51
CA GLY A 881 56.58 -8.39 -6.56
C GLY A 881 55.16 -8.75 -6.16
N TRP A 882 54.70 -9.89 -6.68
CA TRP A 882 53.36 -10.38 -6.40
C TRP A 882 53.33 -11.41 -5.27
N THR A 883 54.45 -11.65 -4.61
CA THR A 883 54.51 -12.71 -3.60
C THR A 883 53.76 -12.33 -2.34
N PHE A 884 53.74 -11.03 -2.00
CA PHE A 884 53.08 -10.61 -0.77
C PHE A 884 51.58 -10.86 -0.81
N GLY A 885 50.98 -10.96 -2.00
CA GLY A 885 49.57 -11.26 -2.09
C GLY A 885 49.24 -12.73 -1.91
N ALA A 886 50.24 -13.60 -2.04
CA ALA A 886 50.04 -15.04 -1.91
C ALA A 886 50.53 -15.59 -0.59
N GLY A 887 51.77 -15.29 -0.21
CA GLY A 887 52.31 -15.72 1.06
C GLY A 887 53.14 -14.63 1.72
N PRO A 888 54.26 -15.03 2.32
CA PRO A 888 55.18 -14.03 2.90
C PRO A 888 55.77 -13.15 1.80
N ALA A 889 56.10 -11.92 2.18
CA ALA A 889 56.65 -10.95 1.22
C ALA A 889 58.14 -11.20 1.05
N LEU A 890 58.55 -11.51 -0.18
CA LEU A 890 59.96 -11.70 -0.51
C LEU A 890 60.40 -10.59 -1.45
N GLN A 891 61.46 -9.87 -1.09
CA GLN A 891 61.85 -8.69 -1.84
C GLN A 891 62.53 -9.07 -3.15
N ILE A 892 62.37 -8.21 -4.16
CA ILE A 892 62.86 -8.40 -5.51
C ILE A 892 63.25 -7.04 -6.08
N PRO A 893 64.42 -6.89 -6.70
CA PRO A 893 64.72 -5.63 -7.38
C PRO A 893 63.69 -5.32 -8.46
N PHE A 894 63.32 -4.04 -8.56
CA PHE A 894 62.30 -3.66 -9.53
C PHE A 894 62.66 -3.99 -10.97
N PRO A 895 63.91 -3.84 -11.44
CA PRO A 895 64.21 -4.34 -12.80
C PRO A 895 63.93 -5.82 -12.98
N MET A 896 64.21 -6.65 -11.95
CA MET A 896 63.91 -8.07 -12.08
C MET A 896 62.41 -8.33 -12.08
N GLN A 897 61.66 -7.61 -11.26
CA GLN A 897 60.20 -7.75 -11.31
C GLN A 897 59.68 -7.34 -12.69
N MET A 898 60.25 -6.28 -13.26
CA MET A 898 59.89 -5.87 -14.60
C MET A 898 60.20 -6.94 -15.63
N ALA A 899 61.36 -7.59 -15.49
CA ALA A 899 61.71 -8.68 -16.40
C ALA A 899 60.72 -9.82 -16.29
N TYR A 900 60.29 -10.16 -15.08
CA TYR A 900 59.29 -11.21 -14.91
C TYR A 900 57.98 -10.84 -15.57
N ARG A 901 57.52 -9.61 -15.35
CA ARG A 901 56.25 -9.19 -15.95
C ARG A 901 56.35 -9.15 -17.48
N PHE A 902 57.54 -8.82 -18.00
CA PHE A 902 57.76 -8.90 -19.44
C PHE A 902 57.70 -10.33 -19.92
N ASN A 903 58.32 -11.25 -19.19
CA ASN A 903 58.30 -12.66 -19.54
C ASN A 903 56.89 -13.24 -19.50
N GLY A 904 56.01 -12.67 -18.69
CA GLY A 904 54.67 -13.21 -18.57
C GLY A 904 53.75 -12.93 -19.74
N ILE A 905 54.15 -12.07 -20.68
CA ILE A 905 53.31 -11.72 -21.82
C ILE A 905 53.91 -12.19 -23.14
N GLY A 906 54.90 -13.06 -23.10
CA GLY A 906 55.49 -13.63 -24.30
C GLY A 906 56.68 -12.92 -24.86
N VAL A 907 57.29 -12.00 -24.12
CA VAL A 907 58.49 -11.29 -24.54
C VAL A 907 59.61 -11.62 -23.55
N THR A 908 60.77 -11.99 -24.08
CA THR A 908 61.87 -12.42 -23.22
C THR A 908 62.44 -11.23 -22.44
N GLN A 909 63.13 -11.56 -21.34
CA GLN A 909 63.66 -10.53 -20.46
C GLN A 909 64.80 -9.74 -21.10
N ASN A 910 65.40 -10.29 -22.15
CA ASN A 910 66.47 -9.58 -22.85
C ASN A 910 66.01 -8.23 -23.35
N VAL A 911 64.76 -8.12 -23.77
CA VAL A 911 64.24 -6.85 -24.29
C VAL A 911 64.30 -5.77 -23.20
N LEU A 912 63.87 -6.12 -21.99
CA LEU A 912 63.92 -5.15 -20.90
C LEU A 912 65.37 -4.84 -20.50
N TYR A 913 66.20 -5.88 -20.34
CA TYR A 913 67.57 -5.61 -19.94
C TYR A 913 68.35 -4.85 -21.00
N GLU A 914 67.84 -4.75 -22.21
CA GLU A 914 68.46 -3.91 -23.24
C GLU A 914 67.84 -2.51 -23.34
N ASN A 915 66.53 -2.36 -23.14
CA ASN A 915 65.86 -1.07 -23.30
C ASN A 915 65.30 -0.57 -21.97
N GLN A 916 66.02 -0.83 -20.88
CA GLN A 916 65.63 -0.33 -19.57
C GLN A 916 65.47 1.18 -19.55
N LYS A 917 66.42 1.92 -20.13
CA LYS A 917 66.32 3.37 -20.09
C LYS A 917 65.10 3.87 -20.88
N LEU A 918 64.87 3.29 -22.05
CA LEU A 918 63.72 3.71 -22.86
C LEU A 918 62.41 3.43 -22.14
N ILE A 919 62.28 2.23 -21.54
CA ILE A 919 61.02 1.91 -20.88
C ILE A 919 60.84 2.78 -19.64
N ALA A 920 61.93 3.08 -18.92
CA ALA A 920 61.81 3.98 -17.77
C ALA A 920 61.36 5.36 -18.18
N ASN A 921 61.93 5.89 -19.26
CA ASN A 921 61.52 7.21 -19.74
C ASN A 921 60.06 7.21 -20.18
N GLN A 922 59.62 6.15 -20.86
CA GLN A 922 58.22 6.10 -21.29
C GLN A 922 57.28 6.02 -20.09
N PHE A 923 57.65 5.23 -19.08
CA PHE A 923 56.84 5.16 -17.86
C PHE A 923 56.74 6.52 -17.19
N ASN A 924 57.87 7.22 -17.08
CA ASN A 924 57.86 8.53 -16.44
C ASN A 924 57.00 9.52 -17.23
N SER A 925 57.10 9.49 -18.56
CA SER A 925 56.30 10.40 -19.38
C SER A 925 54.81 10.14 -19.23
N ALA A 926 54.41 8.85 -19.26
CA ALA A 926 53.00 8.53 -19.11
C ALA A 926 52.48 8.94 -17.74
N ILE A 927 53.25 8.62 -16.70
CA ILE A 927 52.81 8.95 -15.30
C ILE A 927 52.63 10.47 -15.20
N GLY A 928 53.50 11.24 -15.87
CA GLY A 928 53.40 12.71 -15.82
C GLY A 928 52.17 13.23 -16.56
N LYS A 929 51.88 12.68 -17.74
CA LYS A 929 50.75 13.20 -18.56
C LYS A 929 49.40 12.79 -17.95
N ILE A 930 49.33 11.63 -17.29
CA ILE A 930 48.01 11.15 -16.78
C ILE A 930 47.47 12.19 -15.79
N GLN A 931 48.34 12.77 -14.95
CA GLN A 931 47.89 13.80 -13.97
C GLN A 931 47.29 14.98 -14.74
N ASP A 932 47.99 15.47 -15.77
CA ASP A 932 47.50 16.63 -16.55
C ASP A 932 46.19 16.27 -17.25
N SER A 933 46.10 15.05 -17.78
CA SER A 933 44.88 14.61 -18.51
C SER A 933 43.69 14.59 -17.54
N LEU A 934 43.90 14.08 -16.33
CA LEU A 934 42.81 14.01 -15.32
C LEU A 934 42.52 15.42 -14.79
N PHE A 935 43.42 16.37 -15.05
CA PHE A 935 43.25 17.76 -14.56
C PHE A 935 42.49 18.59 -15.60
N SER A 936 43.15 18.91 -16.73
CA SER A 936 42.51 19.75 -17.74
C SER A 936 41.12 19.29 -18.12
N THR A 937 40.81 18.00 -17.96
CA THR A 937 39.50 17.50 -18.37
C THR A 937 38.40 18.10 -17.48
N PRO A 938 37.22 18.36 -18.07
CA PRO A 938 36.12 18.92 -17.27
C PRO A 938 35.73 18.05 -16.08
N SER A 939 35.43 16.78 -16.34
CA SER A 939 35.01 15.87 -15.27
C SER A 939 35.19 14.44 -15.77
N ALA A 940 36.30 13.82 -15.40
CA ALA A 940 36.53 12.41 -15.69
C ALA A 940 36.04 11.49 -14.58
N LEU A 941 35.59 12.04 -13.47
CA LEU A 941 35.12 11.29 -12.30
C LEU A 941 33.61 11.31 -12.18
N GLY A 942 32.90 11.24 -13.32
CA GLY A 942 31.46 11.47 -13.30
C GLY A 942 30.69 10.45 -12.48
N LYS A 943 31.28 9.27 -12.27
CA LYS A 943 30.56 8.21 -11.54
C LYS A 943 30.36 8.57 -10.08
N LEU A 944 31.43 8.99 -9.40
CA LEU A 944 31.33 9.33 -7.99
C LEU A 944 30.43 10.54 -7.78
N GLN A 945 30.59 11.57 -8.61
CA GLN A 945 29.72 12.73 -8.52
C GLN A 945 28.27 12.35 -8.81
N ASP A 946 28.07 11.41 -9.71
CA ASP A 946 26.72 10.94 -10.02
C ASP A 946 26.09 10.28 -8.79
N VAL A 947 26.86 9.46 -8.08
CA VAL A 947 26.37 8.81 -6.88
C VAL A 947 25.98 9.84 -5.84
N VAL A 948 26.88 10.82 -5.62
CA VAL A 948 26.62 11.86 -4.62
C VAL A 948 25.38 12.65 -4.99
N ASN A 949 25.25 13.02 -6.27
CA ASN A 949 24.12 13.81 -6.71
C ASN A 949 22.81 13.05 -6.56
N HIS A 950 22.82 11.75 -6.88
CA HIS A 950 21.60 10.96 -6.74
C HIS A 950 21.17 10.88 -5.28
N ASN A 951 22.12 10.64 -4.36
CA ASN A 951 21.76 10.57 -2.95
C ASN A 951 21.21 11.91 -2.46
N ALA A 952 21.88 13.00 -2.81
CA ALA A 952 21.44 14.32 -2.37
C ALA A 952 20.06 14.65 -2.92
N GLN A 953 19.81 14.32 -4.19
CA GLN A 953 18.53 14.63 -4.81
C GLN A 953 17.41 13.81 -4.18
N ALA A 954 17.66 12.53 -3.90
CA ALA A 954 16.65 11.72 -3.23
C ALA A 954 16.31 12.28 -1.86
N LEU A 955 17.33 12.67 -1.08
CA LEU A 955 17.05 13.27 0.22
C LEU A 955 16.28 14.57 0.08
N ASN A 956 16.64 15.40 -0.91
CA ASN A 956 15.97 16.68 -1.09
C ASN A 956 14.50 16.48 -1.43
N THR A 957 14.19 15.53 -2.31
CA THR A 957 12.79 15.26 -2.63
C THR A 957 12.04 14.70 -1.43
N LEU A 958 12.66 13.81 -0.64
CA LEU A 958 11.99 13.30 0.54
C LEU A 958 11.66 14.43 1.51
N VAL A 959 12.58 15.38 1.68
CA VAL A 959 12.29 16.54 2.53
C VAL A 959 11.17 17.38 1.94
N LYS A 960 11.22 17.63 0.62
CA LYS A 960 10.24 18.50 0.00
C LYS A 960 8.84 17.90 0.02
N GLN A 961 8.73 16.58 0.14
CA GLN A 961 7.41 15.96 0.20
C GLN A 961 6.66 16.29 1.48
N LEU A 962 7.33 16.88 2.46
CA LEU A 962 6.69 17.23 3.74
C LEU A 962 5.76 18.43 3.64
N SER A 963 5.76 19.15 2.53
CA SER A 963 4.97 20.36 2.42
C SER A 963 3.88 20.22 1.37
N SER A 964 3.22 19.07 1.32
CA SER A 964 2.12 18.84 0.40
C SER A 964 0.91 18.39 1.20
N LYS A 965 -0.26 18.90 0.83
CA LYS A 965 -1.48 18.68 1.60
C LYS A 965 -2.06 17.28 1.46
N PHE A 966 -1.81 16.60 0.35
CA PHE A 966 -2.33 15.26 0.06
C PHE A 966 -3.84 15.21 0.08
N GLY A 967 -4.52 16.33 -0.04
CA GLY A 967 -5.96 16.39 -0.03
C GLY A 967 -6.61 16.81 1.28
N ALA A 968 -5.84 17.25 2.26
CA ALA A 968 -6.37 17.72 3.53
C ALA A 968 -6.62 19.22 3.46
N ILE A 969 -7.15 19.78 4.55
CA ILE A 969 -7.44 21.21 4.58
C ILE A 969 -6.17 22.03 4.62
N SER A 970 -5.11 21.49 5.26
CA SER A 970 -3.85 22.21 5.37
C SER A 970 -2.75 21.20 5.63
N SER A 971 -1.50 21.63 5.40
CA SER A 971 -0.34 20.77 5.50
C SER A 971 0.39 20.91 6.83
N VAL A 972 -0.13 21.71 7.76
CA VAL A 972 0.50 21.95 9.05
C VAL A 972 -0.37 21.31 10.13
N LEU A 973 0.18 20.31 10.83
CA LEU A 973 -0.58 19.59 11.83
C LEU A 973 -1.05 20.53 12.95
N ASN A 974 -0.17 21.42 13.40
CA ASN A 974 -0.56 22.37 14.45
C ASN A 974 -1.68 23.29 13.98
N ASP A 975 -1.75 23.56 12.68
CA ASP A 975 -2.82 24.38 12.15
C ASP A 975 -4.12 23.61 12.07
N ILE A 976 -4.06 22.32 11.69
CA ILE A 976 -5.29 21.56 11.48
C ILE A 976 -5.80 20.95 12.78
N LEU A 977 -5.02 21.03 13.85
CA LEU A 977 -5.51 20.57 15.14
C LEU A 977 -6.26 21.63 15.93
N SER A 978 -6.05 22.91 15.63
CA SER A 978 -6.73 24.01 16.32
C SER A 978 -7.77 24.67 15.42
N ARG A 979 -8.16 24.01 14.34
CA ARG A 979 -9.13 24.57 13.40
C ARG A 979 -10.21 23.55 13.05
N LEU A 980 -10.35 22.52 13.88
CA LEU A 980 -11.35 21.48 13.62
C LEU A 980 -11.68 20.78 14.92
N ASP A 981 -12.88 20.23 14.98
CA ASP A 981 -13.32 19.45 16.14
C ASP A 981 -12.59 18.12 16.16
N PRO A 982 -12.24 17.60 17.33
CA PRO A 982 -11.45 16.35 17.41
C PRO A 982 -12.09 15.18 16.67
N PRO A 983 -13.44 14.99 16.73
CA PRO A 983 -14.02 13.86 15.99
C PRO A 983 -13.83 13.93 14.49
N GLU A 984 -13.64 15.14 13.95
CA GLU A 984 -13.50 15.33 12.51
C GLU A 984 -12.04 15.54 12.09
N ALA A 985 -11.19 15.92 13.04
CA ALA A 985 -9.79 16.20 12.75
C ALA A 985 -9.05 14.95 12.29
N GLU A 986 -9.49 13.78 12.77
CA GLU A 986 -8.84 12.53 12.43
C GLU A 986 -8.93 12.24 10.93
N VAL A 987 -10.03 12.65 10.31
CA VAL A 987 -10.20 12.42 8.88
C VAL A 987 -9.12 13.15 8.08
N GLN A 988 -8.86 14.42 8.44
CA GLN A 988 -7.83 15.17 7.73
C GLN A 988 -6.44 14.75 8.15
N ILE A 989 -6.29 14.27 9.39
CA ILE A 989 -4.98 13.78 9.84
C ILE A 989 -4.59 12.51 9.11
N ASP A 990 -5.55 11.62 8.88
CA ASP A 990 -5.27 10.36 8.23
C ASP A 990 -5.28 10.55 6.71
N ARG A 991 -4.48 11.50 6.25
CA ARG A 991 -4.07 11.62 4.85
C ARG A 991 -2.60 11.98 4.80
N LEU A 992 -2.18 12.86 5.71
CA LEU A 992 -0.77 13.20 5.82
C LEU A 992 0.04 11.97 6.18
N ILE A 993 -0.47 11.14 7.09
CA ILE A 993 0.23 9.92 7.48
C ILE A 993 0.49 9.04 6.26
N THR A 994 -0.55 8.80 5.46
CA THR A 994 -0.38 7.92 4.31
C THR A 994 0.52 8.53 3.24
N GLY A 995 0.41 9.84 2.98
CA GLY A 995 1.28 10.44 1.99
C GLY A 995 2.74 10.36 2.40
N ARG A 996 3.00 10.69 3.67
CA ARG A 996 4.37 10.63 4.18
C ARG A 996 4.91 9.21 4.14
N LEU A 997 4.08 8.21 4.46
CA LEU A 997 4.61 6.85 4.48
C LEU A 997 4.83 6.31 3.08
N GLN A 998 3.99 6.67 2.10
CA GLN A 998 4.29 6.27 0.73
C GLN A 998 5.57 6.93 0.23
N SER A 999 5.78 8.21 0.57
CA SER A 999 7.03 8.85 0.20
C SER A 999 8.22 8.12 0.80
N LEU A 1000 8.11 7.75 2.08
CA LEU A 1000 9.19 7.05 2.75
C LEU A 1000 9.46 5.68 2.13
N GLN A 1001 8.39 4.96 1.77
CA GLN A 1001 8.55 3.65 1.15
C GLN A 1001 9.22 3.77 -0.22
N THR A 1002 8.83 4.77 -1.01
CA THR A 1002 9.48 4.99 -2.29
C THR A 1002 10.97 5.26 -2.08
N TYR A 1003 11.30 6.10 -1.10
CA TYR A 1003 12.70 6.41 -0.83
C TYR A 1003 13.49 5.16 -0.48
N VAL A 1004 12.93 4.32 0.41
CA VAL A 1004 13.68 3.15 0.86
C VAL A 1004 13.84 2.15 -0.29
N THR A 1005 12.86 2.04 -1.18
CA THR A 1005 12.98 1.11 -2.30
C THR A 1005 14.06 1.56 -3.28
N GLN A 1006 14.05 2.84 -3.68
CA GLN A 1006 15.14 3.31 -4.53
C GLN A 1006 16.50 3.17 -3.85
N GLN A 1007 16.55 3.37 -2.53
CA GLN A 1007 17.82 3.20 -1.82
C GLN A 1007 18.31 1.76 -1.88
N LEU A 1008 17.39 0.80 -1.75
CA LEU A 1008 17.79 -0.61 -1.87
C LEU A 1008 18.32 -0.93 -3.26
N ILE A 1009 17.66 -0.40 -4.30
CA ILE A 1009 18.13 -0.65 -5.67
C ILE A 1009 19.53 -0.07 -5.87
N ARG A 1010 19.72 1.18 -5.41
CA ARG A 1010 21.02 1.82 -5.53
C ARG A 1010 22.09 1.03 -4.77
N ALA A 1011 21.73 0.52 -3.59
CA ALA A 1011 22.68 -0.27 -2.82
C ALA A 1011 23.07 -1.55 -3.54
N ALA A 1012 22.10 -2.19 -4.21
CA ALA A 1012 22.43 -3.38 -4.99
C ALA A 1012 23.41 -3.07 -6.11
N GLU A 1013 23.17 -1.98 -6.85
CA GLU A 1013 24.09 -1.65 -7.95
C GLU A 1013 25.47 -1.28 -7.42
N ILE A 1014 25.53 -0.55 -6.29
CA ILE A 1014 26.81 -0.18 -5.71
C ILE A 1014 27.55 -1.42 -5.21
N ARG A 1015 26.82 -2.40 -4.67
CA ARG A 1015 27.46 -3.63 -4.21
C ARG A 1015 28.05 -4.40 -5.39
N ALA A 1016 27.33 -4.44 -6.52
CA ALA A 1016 27.90 -5.10 -7.70
C ALA A 1016 29.18 -4.40 -8.15
N SER A 1017 29.17 -3.06 -8.17
CA SER A 1017 30.38 -2.33 -8.54
C SER A 1017 31.51 -2.58 -7.57
N ALA A 1018 31.21 -2.65 -6.27
CA ALA A 1018 32.25 -2.88 -5.27
C ALA A 1018 32.85 -4.27 -5.40
N ASN A 1019 32.02 -5.28 -5.69
CA ASN A 1019 32.56 -6.61 -5.91
C ASN A 1019 33.46 -6.64 -7.13
N LEU A 1020 33.05 -5.97 -8.21
CA LEU A 1020 33.92 -5.89 -9.39
C LEU A 1020 35.24 -5.21 -9.06
N ALA A 1021 35.19 -4.13 -8.27
CA ALA A 1021 36.40 -3.43 -7.89
C ALA A 1021 37.33 -4.30 -7.06
N ALA A 1022 36.77 -5.05 -6.10
CA ALA A 1022 37.59 -5.92 -5.28
C ALA A 1022 38.24 -7.02 -6.12
N THR A 1023 37.49 -7.61 -7.05
CA THR A 1023 38.06 -8.62 -7.93
C THR A 1023 39.18 -8.03 -8.79
N LYS A 1024 38.93 -6.85 -9.35
CA LYS A 1024 39.95 -6.21 -10.19
C LYS A 1024 41.21 -5.92 -9.40
N MET A 1025 41.06 -5.44 -8.17
CA MET A 1025 42.23 -5.15 -7.34
C MET A 1025 43.01 -6.43 -7.05
N SER A 1026 42.30 -7.47 -6.60
CA SER A 1026 42.97 -8.72 -6.26
C SER A 1026 43.65 -9.37 -7.45
N GLU A 1027 43.13 -9.17 -8.66
CA GLU A 1027 43.72 -9.79 -9.85
C GLU A 1027 44.87 -8.96 -10.41
N CYS A 1028 44.61 -7.70 -10.76
CA CYS A 1028 45.62 -6.90 -11.44
C CYS A 1028 46.70 -6.41 -10.48
N VAL A 1029 46.37 -6.14 -9.22
CA VAL A 1029 47.35 -5.54 -8.32
C VAL A 1029 48.27 -6.61 -7.73
N LEU A 1030 47.69 -7.66 -7.17
CA LEU A 1030 48.48 -8.73 -6.54
C LEU A 1030 48.81 -9.83 -7.53
N GLY A 1031 49.37 -9.47 -8.67
CA GLY A 1031 49.71 -10.42 -9.70
C GLY A 1031 49.53 -9.80 -11.07
N GLN A 1032 49.58 -10.66 -12.09
CA GLN A 1032 49.39 -10.23 -13.47
C GLN A 1032 48.31 -11.08 -14.12
N SER A 1033 47.36 -10.43 -14.78
CA SER A 1033 46.17 -11.10 -15.28
C SER A 1033 46.30 -11.38 -16.77
N LYS A 1034 45.91 -12.58 -17.18
CA LYS A 1034 45.92 -12.96 -18.59
C LYS A 1034 44.63 -12.61 -19.32
N ARG A 1035 43.60 -12.16 -18.61
CA ARG A 1035 42.33 -11.87 -19.26
C ARG A 1035 42.46 -10.62 -20.13
N VAL A 1036 41.84 -10.66 -21.30
CA VAL A 1036 41.98 -9.59 -22.29
C VAL A 1036 41.03 -8.46 -21.95
N ASP A 1037 41.53 -7.23 -22.06
CA ASP A 1037 40.76 -6.00 -21.82
C ASP A 1037 40.15 -5.97 -20.42
N PHE A 1038 40.74 -6.67 -19.46
CA PHE A 1038 40.30 -6.62 -18.08
C PHE A 1038 41.07 -5.58 -17.27
N CYS A 1039 42.40 -5.71 -17.21
CA CYS A 1039 43.25 -4.72 -16.56
C CYS A 1039 43.83 -3.78 -17.61
N GLY A 1040 42.93 -3.04 -18.25
CA GLY A 1040 43.31 -2.03 -19.22
C GLY A 1040 43.51 -2.59 -20.61
N LYS A 1041 43.47 -1.69 -21.59
CA LYS A 1041 43.65 -2.06 -22.99
C LYS A 1041 45.09 -2.42 -23.27
N GLY A 1042 45.29 -3.57 -23.92
CA GLY A 1042 46.62 -4.07 -24.23
C GLY A 1042 47.06 -5.17 -23.29
N TYR A 1043 48.30 -5.61 -23.48
CA TYR A 1043 48.89 -6.62 -22.61
C TYR A 1043 49.18 -6.00 -21.25
N HIS A 1044 48.74 -6.66 -20.18
CA HIS A 1044 48.78 -6.05 -18.86
C HIS A 1044 50.13 -6.25 -18.20
N LEU A 1045 50.58 -5.22 -17.46
CA LEU A 1045 51.84 -5.30 -16.72
C LEU A 1045 51.65 -5.11 -15.22
N MET A 1046 51.07 -4.00 -14.76
CA MET A 1046 50.82 -3.79 -13.34
C MET A 1046 49.52 -3.01 -13.18
N SER A 1047 49.27 -2.59 -11.93
CA SER A 1047 48.20 -1.65 -11.61
C SER A 1047 48.47 -1.03 -10.24
N PHE A 1048 48.25 0.27 -10.10
CA PHE A 1048 48.46 0.96 -8.84
C PHE A 1048 47.16 1.55 -8.34
N PRO A 1049 46.76 1.28 -7.10
CA PRO A 1049 45.50 1.82 -6.59
C PRO A 1049 45.65 3.21 -5.98
N GLN A 1050 44.59 3.99 -6.12
CA GLN A 1050 44.50 5.32 -5.52
C GLN A 1050 43.13 5.51 -4.90
N SER A 1051 43.10 6.13 -3.72
CA SER A 1051 41.85 6.33 -3.01
C SER A 1051 41.12 7.56 -3.55
N ALA A 1052 39.81 7.47 -3.60
CA ALA A 1052 38.95 8.56 -4.04
C ALA A 1052 37.75 8.64 -3.10
N PRO A 1053 37.11 9.80 -3.01
CA PRO A 1053 35.90 9.90 -2.17
C PRO A 1053 34.81 8.97 -2.67
N HIS A 1054 34.46 7.99 -1.84
CA HIS A 1054 33.43 6.99 -2.16
C HIS A 1054 33.77 6.19 -3.41
N GLY A 1055 35.03 5.77 -3.52
CA GLY A 1055 35.42 4.97 -4.67
C GLY A 1055 36.91 4.72 -4.69
N VAL A 1056 37.35 4.05 -5.76
CA VAL A 1056 38.74 3.71 -5.96
C VAL A 1056 39.11 4.02 -7.41
N VAL A 1057 40.40 4.22 -7.66
CA VAL A 1057 40.92 4.54 -8.98
C VAL A 1057 42.14 3.68 -9.25
N PHE A 1058 42.17 3.04 -10.41
CA PHE A 1058 43.28 2.18 -10.80
C PHE A 1058 44.13 2.85 -11.88
N LEU A 1059 45.40 2.50 -11.91
CA LEU A 1059 46.35 3.01 -12.89
C LEU A 1059 46.98 1.81 -13.60
N HIS A 1060 46.32 1.35 -14.66
CA HIS A 1060 46.77 0.15 -15.36
C HIS A 1060 47.95 0.50 -16.26
N VAL A 1061 49.06 -0.23 -16.08
CA VAL A 1061 50.23 -0.09 -16.94
C VAL A 1061 50.23 -1.24 -17.93
N THR A 1062 50.22 -0.92 -19.23
CA THR A 1062 50.05 -1.91 -20.27
C THR A 1062 51.16 -1.81 -21.29
N TYR A 1063 51.28 -2.86 -22.10
CA TYR A 1063 52.31 -2.96 -23.14
C TYR A 1063 51.65 -3.05 -24.50
N VAL A 1064 52.07 -2.17 -25.42
CA VAL A 1064 51.42 -2.08 -26.73
C VAL A 1064 52.46 -2.14 -27.84
N PRO A 1065 52.34 -3.05 -28.80
CA PRO A 1065 53.30 -3.11 -29.90
C PRO A 1065 53.10 -1.97 -30.87
N ALA A 1066 54.10 -1.78 -31.74
CA ALA A 1066 54.05 -0.73 -32.75
C ALA A 1066 55.06 -1.03 -33.84
N GLN A 1067 54.97 -0.26 -34.93
CA GLN A 1067 55.94 -0.30 -36.03
C GLN A 1067 56.03 -1.68 -36.68
N GLU A 1068 54.97 -2.10 -37.36
CA GLU A 1068 54.90 -3.39 -38.02
C GLU A 1068 55.77 -3.43 -39.28
N LYS A 1069 56.09 -4.65 -39.71
CA LYS A 1069 56.87 -4.86 -40.93
C LYS A 1069 56.38 -6.13 -41.61
N ASN A 1070 56.15 -6.07 -42.92
CA ASN A 1070 55.72 -7.23 -43.69
C ASN A 1070 56.88 -8.21 -43.87
N PHE A 1071 56.57 -9.51 -43.93
CA PHE A 1071 57.57 -10.54 -44.12
C PHE A 1071 56.97 -11.69 -44.92
N THR A 1072 57.76 -12.74 -45.12
CA THR A 1072 57.35 -13.95 -45.83
C THR A 1072 57.60 -15.15 -44.93
N THR A 1073 56.70 -16.12 -44.95
CA THR A 1073 56.69 -17.18 -43.96
C THR A 1073 56.47 -18.54 -44.60
N ALA A 1074 56.97 -19.58 -43.93
CA ALA A 1074 56.71 -20.97 -44.30
C ALA A 1074 56.40 -21.77 -43.05
N PRO A 1075 55.46 -22.71 -43.11
CA PRO A 1075 55.12 -23.50 -41.91
C PRO A 1075 56.26 -24.34 -41.36
N ALA A 1076 57.14 -24.85 -42.22
CA ALA A 1076 58.20 -25.75 -41.77
C ALA A 1076 59.43 -25.55 -42.66
N ILE A 1077 60.54 -26.17 -42.28
CA ILE A 1077 61.80 -26.08 -43.03
C ILE A 1077 62.33 -27.49 -43.26
N CYS A 1078 62.28 -27.97 -44.50
CA CYS A 1078 62.58 -29.36 -44.79
C CYS A 1078 64.07 -29.53 -45.07
N HIS A 1079 64.77 -30.21 -44.18
CA HIS A 1079 66.10 -30.73 -44.44
C HIS A 1079 65.98 -32.14 -44.99
N ASP A 1080 67.08 -32.89 -45.02
CA ASP A 1080 67.09 -34.22 -45.60
C ASP A 1080 66.01 -35.10 -44.98
N GLY A 1081 64.96 -35.37 -45.76
CA GLY A 1081 63.89 -36.26 -45.38
C GLY A 1081 63.27 -36.05 -44.01
N LYS A 1082 63.13 -34.80 -43.57
CA LYS A 1082 62.53 -34.51 -42.26
C LYS A 1082 61.70 -33.23 -42.39
N ALA A 1083 61.14 -32.78 -41.27
CA ALA A 1083 60.21 -31.67 -41.28
C ALA A 1083 60.72 -30.43 -40.55
N HIS A 1084 61.22 -30.58 -39.33
CA HIS A 1084 61.87 -29.50 -38.58
C HIS A 1084 60.92 -28.30 -38.37
N PHE A 1085 59.89 -28.56 -37.57
CA PHE A 1085 59.03 -27.50 -37.08
C PHE A 1085 59.76 -26.64 -36.06
N PRO A 1086 59.39 -25.36 -35.94
CA PRO A 1086 60.05 -24.50 -34.94
C PRO A 1086 59.59 -24.81 -33.53
N ARG A 1087 60.35 -24.39 -32.53
CA ARG A 1087 60.01 -24.66 -31.14
C ARG A 1087 59.18 -23.53 -30.53
N GLU A 1088 59.72 -22.30 -30.50
CA GLU A 1088 58.98 -21.13 -30.02
C GLU A 1088 59.34 -19.97 -30.95
N GLY A 1089 58.51 -19.76 -31.95
CA GLY A 1089 58.72 -18.65 -32.86
C GLY A 1089 58.32 -18.99 -34.29
N VAL A 1090 58.30 -17.96 -35.12
CA VAL A 1090 57.90 -18.06 -36.52
C VAL A 1090 59.13 -18.43 -37.33
N PHE A 1091 58.94 -18.95 -38.54
CA PHE A 1091 60.01 -19.17 -39.51
C PHE A 1091 59.91 -18.06 -40.56
N VAL A 1092 60.48 -16.90 -40.24
CA VAL A 1092 60.33 -15.69 -41.09
C VAL A 1092 61.44 -15.69 -42.13
N SER A 1093 61.44 -14.77 -43.09
CA SER A 1093 62.58 -14.73 -44.03
C SER A 1093 62.77 -13.35 -44.61
N ASN A 1094 64.01 -12.87 -44.65
CA ASN A 1094 64.29 -11.50 -45.16
C ASN A 1094 63.86 -11.43 -46.61
N GLY A 1095 64.69 -11.96 -47.49
CA GLY A 1095 64.33 -12.04 -48.92
C GLY A 1095 65.09 -13.20 -49.51
N THR A 1096 66.16 -13.63 -48.83
CA THR A 1096 67.01 -14.74 -49.33
C THR A 1096 67.34 -15.74 -48.22
N HIS A 1097 67.46 -15.30 -46.98
CA HIS A 1097 67.83 -16.21 -45.88
C HIS A 1097 66.65 -16.43 -44.94
N TRP A 1098 66.46 -17.62 -44.40
CA TRP A 1098 65.43 -17.88 -43.43
C TRP A 1098 65.95 -17.66 -42.01
N PHE A 1099 65.02 -17.35 -41.11
CA PHE A 1099 65.34 -17.02 -39.73
C PHE A 1099 64.17 -17.47 -38.86
N VAL A 1100 64.44 -17.60 -37.57
CA VAL A 1100 63.44 -17.91 -36.56
C VAL A 1100 63.47 -16.80 -35.52
N THR A 1101 62.30 -16.30 -35.13
CA THR A 1101 62.19 -15.18 -34.21
C THR A 1101 60.92 -15.28 -33.39
N GLN A 1102 60.90 -14.59 -32.25
CA GLN A 1102 59.75 -14.58 -31.36
C GLN A 1102 58.57 -13.89 -32.04
N ARG A 1103 57.38 -14.00 -31.45
CA ARG A 1103 56.18 -13.46 -32.07
C ARG A 1103 55.84 -12.02 -31.69
N ASN A 1104 56.48 -11.43 -30.68
CA ASN A 1104 56.11 -10.08 -30.29
C ASN A 1104 57.25 -9.08 -30.46
N PHE A 1105 58.40 -9.52 -30.94
CA PHE A 1105 59.55 -8.67 -31.20
C PHE A 1105 60.32 -9.26 -32.37
N TYR A 1106 61.19 -8.46 -32.98
CA TYR A 1106 61.97 -8.91 -34.13
C TYR A 1106 63.41 -9.15 -33.69
N GLU A 1107 63.74 -10.41 -33.41
CA GLU A 1107 65.10 -10.82 -33.06
C GLU A 1107 65.47 -12.04 -33.90
N PRO A 1108 65.92 -11.84 -35.14
CA PRO A 1108 66.23 -12.97 -36.00
C PRO A 1108 67.41 -13.77 -35.46
N GLN A 1109 67.34 -15.09 -35.66
CA GLN A 1109 68.38 -16.02 -35.23
C GLN A 1109 68.55 -17.08 -36.30
N ILE A 1110 69.73 -17.69 -36.32
CA ILE A 1110 70.07 -18.74 -37.27
C ILE A 1110 69.40 -20.04 -36.85
N ILE A 1111 68.90 -20.79 -37.83
CA ILE A 1111 68.15 -22.01 -37.54
C ILE A 1111 69.11 -23.15 -37.24
N THR A 1112 69.40 -23.36 -35.96
CA THR A 1112 70.23 -24.48 -35.54
C THR A 1112 69.32 -25.66 -35.20
N THR A 1113 69.89 -26.72 -34.64
CA THR A 1113 69.13 -27.89 -34.22
C THR A 1113 68.59 -27.76 -32.80
N ASP A 1114 68.86 -26.64 -32.13
CA ASP A 1114 68.39 -26.42 -30.77
C ASP A 1114 67.04 -25.73 -30.72
N ASN A 1115 66.85 -24.68 -31.51
CA ASN A 1115 65.58 -23.96 -31.56
C ASN A 1115 64.55 -24.65 -32.45
N THR A 1116 64.84 -25.85 -32.94
CA THR A 1116 63.98 -26.55 -33.86
C THR A 1116 63.89 -28.02 -33.48
N PHE A 1117 62.67 -28.55 -33.42
CA PHE A 1117 62.44 -29.96 -33.16
C PHE A 1117 61.90 -30.62 -34.43
N VAL A 1118 62.32 -31.85 -34.68
CA VAL A 1118 62.09 -32.54 -35.95
C VAL A 1118 61.10 -33.67 -35.74
N SER A 1119 60.03 -33.67 -36.52
CA SER A 1119 59.07 -34.78 -36.52
C SER A 1119 58.27 -34.70 -37.82
N GLY A 1120 58.47 -35.66 -38.71
CA GLY A 1120 57.76 -35.67 -39.97
C GLY A 1120 58.52 -36.43 -41.03
N ASN A 1121 58.05 -36.30 -42.27
CA ASN A 1121 58.64 -36.99 -43.41
C ASN A 1121 58.73 -36.12 -44.66
N CYS A 1122 58.45 -34.82 -44.56
CA CYS A 1122 58.57 -33.88 -45.67
C CYS A 1122 57.69 -34.26 -46.86
N ASP A 1123 56.54 -34.87 -46.60
CA ASP A 1123 55.59 -35.15 -47.67
C ASP A 1123 54.14 -34.88 -47.28
N VAL A 1124 53.88 -34.45 -46.04
CA VAL A 1124 52.53 -34.23 -45.57
C VAL A 1124 52.23 -32.76 -45.26
N VAL A 1125 53.24 -31.99 -44.86
CA VAL A 1125 53.03 -30.58 -44.54
C VAL A 1125 52.80 -29.82 -45.83
N ILE A 1126 51.71 -29.03 -45.87
CA ILE A 1126 51.38 -28.25 -47.04
C ILE A 1126 52.01 -26.87 -46.93
N GLY A 1127 52.74 -26.47 -47.97
CA GLY A 1127 53.44 -25.20 -47.95
C GLY A 1127 54.85 -25.24 -47.40
N ILE A 1128 55.44 -26.42 -47.28
CA ILE A 1128 56.79 -26.53 -46.75
C ILE A 1128 57.78 -25.86 -47.70
N VAL A 1129 58.92 -25.43 -47.15
CA VAL A 1129 59.92 -24.69 -47.91
C VAL A 1129 61.29 -25.28 -47.65
N ASN A 1130 62.07 -25.41 -48.72
CA ASN A 1130 63.36 -26.07 -48.71
C ASN A 1130 64.41 -25.11 -48.15
N ASN A 1131 65.15 -25.56 -47.14
CA ASN A 1131 66.27 -24.80 -46.59
C ASN A 1131 67.13 -25.76 -45.77
N THR A 1132 68.28 -25.27 -45.34
CA THR A 1132 69.21 -26.06 -44.55
C THR A 1132 69.19 -25.59 -43.10
N VAL A 1133 69.28 -26.53 -42.17
CA VAL A 1133 69.42 -26.23 -40.75
C VAL A 1133 70.83 -26.60 -40.34
N TYR A 1134 71.26 -26.05 -39.20
CA TYR A 1134 72.61 -26.26 -38.70
C TYR A 1134 72.57 -27.04 -37.39
N ASP A 1135 73.72 -27.58 -37.00
CA ASP A 1135 73.86 -28.24 -35.72
C ASP A 1135 75.25 -27.97 -35.15
N PRO A 1136 75.37 -27.86 -33.83
CA PRO A 1136 76.69 -27.62 -33.22
C PRO A 1136 77.51 -28.88 -32.99
N LEU A 1137 76.98 -30.06 -33.30
CA LEU A 1137 77.67 -31.30 -32.99
C LEU A 1137 78.56 -31.80 -34.13
N GLN A 1138 78.17 -31.57 -35.38
CA GLN A 1138 78.99 -32.04 -36.50
C GLN A 1138 80.28 -31.25 -36.61
N LEU A 1139 80.25 -29.97 -36.25
CA LEU A 1139 81.46 -29.16 -36.27
C LEU A 1139 82.47 -29.65 -35.24
N GLU A 1140 82.00 -30.06 -34.06
CA GLU A 1140 82.87 -30.57 -33.01
C GLU A 1140 82.61 -32.06 -32.78
N THR B 24 -0.24 2.36 67.86
CA THR B 24 0.41 3.39 67.06
C THR B 24 1.10 2.76 65.84
N THR B 25 1.69 3.61 65.00
CA THR B 25 2.27 3.14 63.76
C THR B 25 3.56 3.90 63.47
N THR B 26 4.44 3.26 62.70
CA THR B 26 5.67 3.85 62.21
C THR B 26 5.65 3.85 60.69
N GLN B 27 6.31 4.84 60.08
CA GLN B 27 6.30 5.01 58.63
C GLN B 27 7.70 4.93 58.04
N SER B 28 8.45 3.88 58.37
CA SER B 28 9.78 3.70 57.81
C SER B 28 9.69 3.37 56.31
N TYR B 29 10.86 3.20 55.70
CA TYR B 29 10.98 2.99 54.26
C TYR B 29 11.88 1.81 53.98
N THR B 30 11.46 0.93 53.07
CA THR B 30 12.26 -0.20 52.60
C THR B 30 12.20 -0.27 51.08
N ASN B 31 12.97 -1.19 50.51
CA ASN B 31 13.09 -1.35 49.07
C ASN B 31 12.34 -2.59 48.62
N SER B 32 11.75 -2.51 47.41
CA SER B 32 10.81 -3.51 46.94
C SER B 32 11.44 -4.64 46.13
N PHE B 33 12.55 -4.37 45.42
CA PHE B 33 13.21 -5.37 44.60
C PHE B 33 12.28 -5.89 43.51
N THR B 34 12.53 -7.11 43.05
CA THR B 34 11.71 -7.73 42.00
C THR B 34 10.51 -8.40 42.65
N ARG B 35 9.38 -7.70 42.69
CA ARG B 35 8.23 -8.21 43.42
C ARG B 35 6.97 -7.51 42.90
N GLY B 36 5.87 -8.25 42.85
CA GLY B 36 4.58 -7.68 42.50
C GLY B 36 4.21 -7.83 41.04
N VAL B 37 4.36 -9.03 40.49
CA VAL B 37 4.03 -9.31 39.10
C VAL B 37 2.92 -10.35 39.09
N TYR B 38 1.84 -10.05 38.37
CA TYR B 38 0.67 -10.91 38.31
C TYR B 38 0.39 -11.30 36.86
N TYR B 39 -0.44 -12.31 36.69
CA TYR B 39 -0.86 -12.71 35.35
C TYR B 39 -1.80 -11.66 34.78
N PRO B 40 -1.45 -10.99 33.68
CA PRO B 40 -2.34 -9.94 33.14
C PRO B 40 -3.68 -10.46 32.68
N ASP B 41 -3.77 -11.70 32.19
CA ASP B 41 -5.01 -12.26 31.71
C ASP B 41 -4.98 -13.77 31.95
N LYS B 42 -5.89 -14.48 31.29
CA LYS B 42 -6.05 -15.93 31.47
C LYS B 42 -5.86 -16.68 30.17
N VAL B 43 -4.80 -16.35 29.43
CA VAL B 43 -4.48 -16.97 28.16
C VAL B 43 -3.23 -17.83 28.34
N PHE B 44 -3.33 -19.10 27.97
CA PHE B 44 -2.20 -20.01 28.12
C PHE B 44 -1.12 -19.69 27.08
N ARG B 45 0.12 -19.63 27.54
CA ARG B 45 1.26 -19.37 26.65
C ARG B 45 2.43 -20.22 27.12
N SER B 46 3.18 -20.77 26.17
CA SER B 46 4.28 -21.66 26.49
C SER B 46 5.51 -21.26 25.71
N SER B 47 6.63 -21.12 26.42
CA SER B 47 7.94 -20.84 25.83
C SER B 47 7.88 -19.61 24.92
N VAL B 48 7.25 -18.55 25.41
CA VAL B 48 7.07 -17.31 24.65
C VAL B 48 7.56 -16.15 25.50
N LEU B 49 7.80 -15.01 24.86
CA LEU B 49 8.32 -13.82 25.52
C LEU B 49 7.33 -12.67 25.37
N HIS B 50 6.08 -12.90 25.74
CA HIS B 50 5.03 -11.92 25.52
C HIS B 50 5.32 -10.60 26.23
N LEU B 51 4.93 -9.51 25.61
CA LEU B 51 5.12 -8.16 26.14
C LEU B 51 3.76 -7.53 26.42
N THR B 52 3.62 -6.95 27.61
CA THR B 52 2.34 -6.44 28.07
C THR B 52 2.51 -5.04 28.65
N GLN B 53 1.39 -4.33 28.75
CA GLN B 53 1.37 -2.97 29.27
C GLN B 53 0.13 -2.87 30.16
N ASP B 54 0.33 -3.04 31.45
CA ASP B 54 -0.71 -2.89 32.46
C ASP B 54 -0.13 -2.06 33.60
N LEU B 55 -0.93 -1.92 34.65
CA LEU B 55 -0.48 -1.25 35.86
C LEU B 55 0.37 -2.24 36.65
N PHE B 56 1.69 -2.05 36.63
CA PHE B 56 2.62 -2.89 37.36
C PHE B 56 3.34 -2.08 38.42
N LEU B 57 3.83 -2.78 39.44
CA LEU B 57 4.64 -2.15 40.46
C LEU B 57 6.06 -1.97 39.94
N PRO B 58 6.59 -0.75 39.86
CA PRO B 58 7.92 -0.55 39.29
C PRO B 58 8.99 -1.27 40.09
N PHE B 59 9.98 -1.79 39.39
CA PHE B 59 11.09 -2.49 40.04
C PHE B 59 11.94 -1.51 40.83
N PHE B 60 12.39 -1.96 42.00
CA PHE B 60 13.26 -1.17 42.88
C PHE B 60 12.60 0.17 43.25
N SER B 61 11.35 0.06 43.65
CA SER B 61 10.55 1.20 44.11
C SER B 61 10.74 1.33 45.61
N ASN B 62 10.00 2.19 46.31
CA ASN B 62 10.10 2.28 47.76
C ASN B 62 8.72 2.13 48.35
N VAL B 63 8.59 1.18 49.29
CA VAL B 63 7.31 0.82 49.88
C VAL B 63 7.25 1.37 51.30
N THR B 64 6.07 1.88 51.67
CA THR B 64 5.86 2.52 52.97
C THR B 64 5.63 1.43 54.03
N TRP B 65 6.70 1.12 54.75
CA TRP B 65 6.61 0.14 55.83
C TRP B 65 5.81 0.72 57.00
N PHE B 66 5.04 -0.14 57.65
CA PHE B 66 4.23 0.27 58.80
C PHE B 66 4.49 -0.69 59.94
N HIS B 67 4.01 -0.33 61.13
CA HIS B 67 4.10 -1.16 62.31
C HIS B 67 2.73 -1.22 62.97
N ALA B 68 2.64 -1.92 64.10
CA ALA B 68 1.37 -2.06 64.79
C ALA B 68 1.62 -2.37 66.26
N ILE B 69 0.84 -1.74 67.12
CA ILE B 69 0.93 -1.98 68.56
C ILE B 69 -0.35 -1.54 69.25
N ASP B 79 -3.15 5.72 64.92
CA ASP B 79 -3.77 4.41 65.03
C ASP B 79 -4.51 4.02 63.76
N ASN B 80 -3.90 3.09 63.01
CA ASN B 80 -4.48 2.54 61.80
C ASN B 80 -4.82 3.66 60.82
N PRO B 81 -3.82 4.26 60.17
CA PRO B 81 -4.10 5.40 59.28
C PRO B 81 -4.80 4.96 58.00
N VAL B 82 -5.54 5.90 57.41
CA VAL B 82 -6.21 5.66 56.15
C VAL B 82 -5.33 6.16 55.01
N LEU B 83 -5.06 5.29 54.04
CA LEU B 83 -4.13 5.58 52.97
C LEU B 83 -4.87 5.81 51.65
N PRO B 84 -4.31 6.64 50.77
CA PRO B 84 -4.99 6.89 49.48
C PRO B 84 -4.97 5.67 48.57
N PHE B 85 -5.98 5.59 47.72
CA PHE B 85 -6.10 4.57 46.69
C PHE B 85 -6.08 5.26 45.34
N ASN B 86 -5.15 4.85 44.48
CA ASN B 86 -5.04 5.46 43.16
C ASN B 86 -4.34 4.49 42.22
N ASP B 87 -5.03 4.09 41.16
CA ASP B 87 -4.51 3.18 40.14
C ASP B 87 -4.09 1.84 40.72
N GLY B 88 -4.70 1.41 41.82
CA GLY B 88 -4.36 0.16 42.44
C GLY B 88 -3.33 0.30 43.55
N VAL B 89 -3.26 -0.73 44.39
CA VAL B 89 -2.35 -0.76 45.51
C VAL B 89 -1.86 -2.19 45.71
N TYR B 90 -0.57 -2.32 46.00
CA TYR B 90 0.04 -3.62 46.30
C TYR B 90 0.18 -3.76 47.81
N PHE B 91 -0.45 -4.78 48.37
CA PHE B 91 -0.47 -5.02 49.80
C PHE B 91 0.25 -6.31 50.11
N ALA B 92 1.15 -6.28 51.09
CA ALA B 92 1.90 -7.45 51.50
C ALA B 92 2.12 -7.40 53.00
N SER B 93 2.05 -8.57 53.64
CA SER B 93 2.19 -8.63 55.09
C SER B 93 2.58 -10.05 55.49
N THR B 94 3.43 -10.15 56.50
CA THR B 94 3.81 -11.43 57.10
C THR B 94 3.41 -11.42 58.56
N GLU B 95 2.82 -12.53 59.01
CA GLU B 95 2.31 -12.60 60.37
C GLU B 95 2.55 -14.00 60.92
N LYS B 96 2.45 -14.12 62.25
CA LYS B 96 2.66 -15.42 62.88
C LYS B 96 1.48 -16.35 62.62
N SER B 97 0.30 -15.99 63.12
CA SER B 97 -0.92 -16.72 62.79
C SER B 97 -1.97 -15.84 62.15
N ASN B 98 -2.39 -14.75 62.80
CA ASN B 98 -3.38 -13.84 62.26
C ASN B 98 -3.44 -12.55 63.07
N ILE B 99 -3.34 -11.41 62.40
CA ILE B 99 -3.54 -10.13 63.05
C ILE B 99 -4.31 -9.16 62.19
N ILE B 100 -4.56 -9.54 60.93
CA ILE B 100 -5.25 -8.72 59.96
C ILE B 100 -6.39 -9.53 59.36
N ARG B 101 -7.57 -8.92 59.25
CA ARG B 101 -8.76 -9.62 58.78
C ARG B 101 -9.24 -9.09 57.43
N GLY B 102 -9.52 -7.80 57.32
CA GLY B 102 -10.12 -7.27 56.10
C GLY B 102 -9.74 -5.84 55.79
N TRP B 103 -10.45 -5.24 54.83
CA TRP B 103 -10.16 -3.89 54.38
C TRP B 103 -11.45 -3.13 54.16
N ILE B 104 -11.39 -1.81 54.28
CA ILE B 104 -12.50 -0.92 53.99
C ILE B 104 -12.11 -0.02 52.83
N PHE B 105 -12.89 -0.05 51.76
CA PHE B 105 -12.65 0.75 50.58
C PHE B 105 -13.74 1.81 50.45
N GLY B 106 -13.71 2.52 49.33
CA GLY B 106 -14.74 3.49 49.01
C GLY B 106 -14.32 4.90 49.35
N THR B 107 -15.25 5.82 49.12
CA THR B 107 -15.03 7.24 49.33
C THR B 107 -15.89 7.74 50.47
N THR B 108 -15.45 8.81 51.16
CA THR B 108 -16.23 9.46 52.26
C THR B 108 -16.36 8.56 53.50
N LEU B 109 -16.05 7.27 53.38
CA LEU B 109 -16.15 6.31 54.47
C LEU B 109 -17.32 6.61 55.41
N ASP B 110 -18.47 6.98 54.85
CA ASP B 110 -19.61 7.36 55.67
C ASP B 110 -20.91 6.98 55.00
N SER B 111 -22.04 7.26 55.64
CA SER B 111 -23.36 6.91 55.09
C SER B 111 -23.86 7.95 54.10
N LYS B 112 -23.03 8.26 53.10
CA LYS B 112 -23.43 9.15 52.02
C LYS B 112 -23.07 8.52 50.69
N THR B 113 -22.03 7.69 50.67
CA THR B 113 -21.56 7.02 49.48
C THR B 113 -21.31 5.55 49.80
N GLN B 114 -21.64 4.67 48.86
CA GLN B 114 -21.47 3.24 49.08
C GLN B 114 -20.00 2.88 49.23
N SER B 115 -19.72 1.97 50.16
CA SER B 115 -18.36 1.51 50.42
C SER B 115 -18.29 0.00 50.22
N LEU B 116 -17.09 -0.54 50.44
CA LEU B 116 -16.82 -1.96 50.26
C LEU B 116 -16.08 -2.50 51.47
N LEU B 117 -16.46 -3.70 51.91
CA LEU B 117 -15.88 -4.33 53.09
C LEU B 117 -15.55 -5.77 52.75
N ILE B 118 -14.31 -6.18 52.99
CA ILE B 118 -13.80 -7.46 52.52
C ILE B 118 -13.35 -8.25 53.74
N VAL B 119 -14.03 -8.03 54.87
CA VAL B 119 -13.62 -8.66 56.13
C VAL B 119 -13.62 -10.17 55.97
N ASN B 120 -12.51 -10.79 56.35
CA ASN B 120 -12.37 -12.25 56.34
C ASN B 120 -12.39 -12.76 57.78
N ASN B 121 -12.88 -14.00 57.96
CA ASN B 121 -12.92 -14.57 59.30
C ASN B 121 -12.49 -16.03 59.23
N ALA B 122 -12.71 -16.78 60.31
CA ALA B 122 -12.17 -18.12 60.46
C ALA B 122 -12.82 -19.13 59.52
N THR B 123 -13.98 -18.82 58.95
CA THR B 123 -14.67 -19.80 58.11
C THR B 123 -14.80 -19.34 56.67
N ASN B 124 -15.25 -18.11 56.45
CA ASN B 124 -15.60 -17.65 55.11
C ASN B 124 -15.13 -16.22 54.93
N VAL B 125 -15.60 -15.57 53.87
CA VAL B 125 -15.34 -14.17 53.59
C VAL B 125 -16.67 -13.44 53.50
N PHE B 126 -16.61 -12.12 53.64
CA PHE B 126 -17.82 -11.31 53.79
C PHE B 126 -17.76 -10.08 52.89
N ILE B 127 -17.42 -10.28 51.62
CA ILE B 127 -17.41 -9.17 50.68
C ILE B 127 -18.83 -8.66 50.47
N LYS B 128 -19.01 -7.35 50.62
CA LYS B 128 -20.30 -6.72 50.41
C LYS B 128 -20.09 -5.24 50.10
N VAL B 129 -21.06 -4.67 49.38
CA VAL B 129 -21.05 -3.26 49.04
C VAL B 129 -22.24 -2.62 49.73
N CYS B 130 -21.98 -1.59 50.54
CA CYS B 130 -23.04 -0.95 51.29
C CYS B 130 -22.58 0.45 51.72
N GLU B 131 -23.41 1.08 52.56
CA GLU B 131 -23.20 2.47 52.95
C GLU B 131 -22.99 2.57 54.46
N PHE B 132 -22.15 1.69 55.00
CA PHE B 132 -21.88 1.63 56.43
C PHE B 132 -21.58 3.02 56.98
N GLN B 133 -21.98 3.27 58.23
CA GLN B 133 -21.82 4.61 58.80
C GLN B 133 -20.43 4.83 59.38
N PHE B 134 -20.13 4.24 60.53
CA PHE B 134 -18.87 4.59 61.18
C PHE B 134 -18.71 3.62 62.34
N CYS B 135 -17.48 3.23 62.61
CA CYS B 135 -17.39 2.27 63.70
C CYS B 135 -16.42 2.68 64.80
N ASN B 136 -15.25 3.21 64.45
CA ASN B 136 -14.20 3.53 65.42
C ASN B 136 -13.69 2.31 66.19
N ASP B 137 -13.89 1.10 65.65
CA ASP B 137 -13.39 -0.09 66.32
C ASP B 137 -12.91 -1.16 65.34
N GLY B 156 -19.02 -6.58 64.29
CA GLY B 156 -19.37 -5.27 64.81
C GLY B 156 -18.48 -4.17 64.26
N VAL B 157 -18.43 -4.07 62.93
CA VAL B 157 -17.61 -3.10 62.23
C VAL B 157 -18.45 -2.05 61.51
N TYR B 158 -19.76 -2.23 61.46
CA TYR B 158 -20.65 -1.30 60.76
C TYR B 158 -21.94 -1.16 61.53
N SER B 159 -22.66 -0.07 61.27
CA SER B 159 -23.90 0.22 61.98
C SER B 159 -24.99 0.74 61.05
N SER B 160 -24.95 0.36 59.78
CA SER B 160 -25.98 0.78 58.83
C SER B 160 -25.91 -0.10 57.60
N ALA B 161 -27.06 -0.57 57.13
CA ALA B 161 -27.15 -1.40 55.93
C ALA B 161 -28.34 -0.98 55.08
N ASN B 162 -28.56 0.34 54.94
CA ASN B 162 -29.81 0.83 54.38
C ASN B 162 -30.03 0.44 52.92
N ASN B 163 -29.29 1.06 52.01
CA ASN B 163 -29.46 0.82 50.57
C ASN B 163 -28.36 -0.05 49.99
N CYS B 164 -28.31 -1.33 50.33
CA CYS B 164 -27.23 -2.16 49.80
C CYS B 164 -27.65 -3.56 49.41
N THR B 165 -27.13 -4.00 48.25
CA THR B 165 -27.25 -5.35 47.75
C THR B 165 -25.84 -5.85 47.46
N PHE B 166 -25.75 -7.00 46.78
CA PHE B 166 -24.48 -7.60 46.36
C PHE B 166 -23.67 -8.10 47.56
N GLU B 167 -24.24 -9.08 48.26
CA GLU B 167 -23.52 -9.81 49.28
C GLU B 167 -22.84 -11.04 48.67
N TYR B 168 -21.58 -11.25 49.00
CA TYR B 168 -20.80 -12.32 48.40
C TYR B 168 -20.05 -13.07 49.49
N VAL B 169 -20.18 -14.40 49.49
CA VAL B 169 -19.50 -15.26 50.44
C VAL B 169 -18.83 -16.40 49.67
N SER B 170 -17.60 -16.71 50.04
CA SER B 170 -16.84 -17.77 49.36
C SER B 170 -15.75 -18.25 50.29
N GLN B 171 -14.78 -18.98 49.74
CA GLN B 171 -13.70 -19.54 50.52
C GLN B 171 -12.82 -18.41 51.09
N PRO B 172 -12.20 -18.65 52.25
CA PRO B 172 -11.34 -17.61 52.85
C PRO B 172 -10.11 -17.35 51.98
N PHE B 173 -9.67 -16.09 51.97
CA PHE B 173 -8.46 -15.72 51.25
C PHE B 173 -7.20 -16.17 51.99
N LEU B 174 -7.27 -16.33 53.29
CA LEU B 174 -6.09 -16.54 54.13
C LEU B 174 -5.86 -18.04 54.29
N MET B 175 -4.78 -18.54 53.67
CA MET B 175 -4.34 -19.92 53.84
C MET B 175 -3.05 -19.92 54.65
N ASP B 176 -3.07 -20.60 55.79
CA ASP B 176 -1.92 -20.64 56.69
C ASP B 176 -1.57 -22.09 56.99
N LEU B 177 -0.32 -22.44 56.74
CA LEU B 177 0.17 -23.80 56.98
C LEU B 177 1.51 -23.74 57.71
N GLU B 178 1.68 -24.64 58.67
CA GLU B 178 2.89 -24.68 59.48
C GLU B 178 3.38 -26.12 59.58
N GLY B 179 4.69 -26.29 59.58
CA GLY B 179 5.28 -27.61 59.72
C GLY B 179 5.60 -27.94 61.17
N LYS B 180 4.57 -27.95 62.01
CA LYS B 180 4.69 -28.20 63.45
C LYS B 180 5.61 -27.20 64.13
N GLN B 181 5.79 -26.02 63.53
CA GLN B 181 6.64 -25.00 64.12
C GLN B 181 6.19 -23.63 63.60
N GLY B 182 6.45 -22.60 64.39
CA GLY B 182 6.07 -21.25 64.06
C GLY B 182 7.04 -20.48 63.20
N ASN B 183 8.15 -21.10 62.80
CA ASN B 183 9.14 -20.40 62.00
C ASN B 183 8.68 -20.14 60.56
N PHE B 184 7.64 -20.82 60.11
CA PHE B 184 7.14 -20.66 58.74
C PHE B 184 6.17 -19.47 58.69
N LYS B 185 6.73 -18.27 58.88
CA LYS B 185 5.96 -17.04 58.81
C LYS B 185 5.64 -16.77 57.35
N ASN B 186 4.41 -17.12 56.96
CA ASN B 186 4.00 -16.99 55.57
C ASN B 186 3.82 -15.52 55.20
N LEU B 187 4.30 -15.16 54.01
CA LEU B 187 4.12 -13.83 53.46
C LEU B 187 2.97 -13.86 52.46
N ARG B 188 2.01 -12.96 52.62
CA ARG B 188 0.82 -12.91 51.80
C ARG B 188 0.81 -11.60 51.03
N GLU B 189 0.91 -11.68 49.71
CA GLU B 189 0.93 -10.51 48.84
C GLU B 189 -0.41 -10.42 48.11
N PHE B 190 -1.07 -9.27 48.20
CA PHE B 190 -2.34 -9.02 47.54
C PHE B 190 -2.20 -7.81 46.62
N VAL B 191 -2.97 -7.82 45.53
CA VAL B 191 -3.02 -6.70 44.60
C VAL B 191 -4.48 -6.40 44.30
N PHE B 192 -4.88 -5.15 44.51
CA PHE B 192 -6.23 -4.70 44.22
C PHE B 192 -6.19 -3.62 43.14
N LYS B 193 -7.12 -3.71 42.19
CA LYS B 193 -7.26 -2.65 41.20
C LYS B 193 -8.72 -2.58 40.78
N ASN B 194 -9.13 -1.39 40.33
CA ASN B 194 -10.54 -1.08 40.09
C ASN B 194 -10.71 -0.40 38.74
N ILE B 195 -10.11 -0.96 37.70
CA ILE B 195 -10.23 -0.39 36.37
C ILE B 195 -11.63 -0.67 35.81
N ASP B 196 -12.28 0.38 35.31
CA ASP B 196 -13.60 0.32 34.70
C ASP B 196 -14.65 -0.40 35.54
N GLY B 197 -14.47 -0.39 36.86
CA GLY B 197 -15.29 -1.23 37.72
C GLY B 197 -14.62 -2.58 37.88
N TYR B 198 -15.42 -3.63 37.93
CA TYR B 198 -14.93 -5.02 37.85
C TYR B 198 -13.75 -5.24 38.80
N PHE B 199 -14.04 -5.20 40.10
CA PHE B 199 -13.00 -5.32 41.11
C PHE B 199 -12.20 -6.60 40.93
N LYS B 200 -10.87 -6.48 40.88
CA LYS B 200 -9.96 -7.61 40.76
C LYS B 200 -9.14 -7.76 42.03
N ILE B 201 -8.86 -9.01 42.40
CA ILE B 201 -7.98 -9.32 43.52
C ILE B 201 -7.05 -10.44 43.11
N TYR B 202 -5.76 -10.25 43.35
CA TYR B 202 -4.74 -11.27 43.07
C TYR B 202 -4.02 -11.60 44.37
N SER B 203 -3.64 -12.87 44.53
CA SER B 203 -3.02 -13.30 45.77
C SER B 203 -2.06 -14.44 45.51
N LYS B 204 -1.12 -14.62 46.46
CA LYS B 204 -0.15 -15.70 46.40
C LYS B 204 0.55 -15.82 47.75
N HIS B 205 0.68 -17.05 48.26
CA HIS B 205 1.28 -17.30 49.56
C HIS B 205 2.58 -18.09 49.40
N THR B 206 3.66 -17.57 49.98
CA THR B 206 4.95 -18.25 49.97
C THR B 206 5.59 -18.11 51.36
N PRO B 207 5.65 -19.20 52.12
CA PRO B 207 6.06 -19.07 53.53
C PRO B 207 7.56 -18.85 53.74
N ILE B 208 8.39 -19.59 53.02
CA ILE B 208 9.79 -19.77 53.41
C ILE B 208 10.71 -18.66 52.91
N ILE B 209 11.64 -18.25 53.78
CA ILE B 209 12.95 -17.68 53.47
C ILE B 209 13.46 -16.98 54.73
N GLY B 210 14.35 -16.00 54.58
CA GLY B 210 15.03 -15.38 55.70
C GLY B 210 14.30 -14.26 56.41
N ARG B 211 13.98 -13.18 55.70
CA ARG B 211 13.53 -11.96 56.36
C ARG B 211 12.46 -11.30 55.51
N ASP B 212 12.17 -10.04 55.83
CA ASP B 212 11.06 -9.32 55.21
C ASP B 212 11.33 -9.01 53.75
N PHE B 213 10.26 -9.04 52.95
CA PHE B 213 10.24 -8.65 51.55
C PHE B 213 11.36 -9.34 50.77
N PRO B 214 11.22 -10.63 50.48
CA PRO B 214 12.27 -11.36 49.75
C PRO B 214 12.46 -10.84 48.33
N GLN B 215 13.65 -11.02 47.78
CA GLN B 215 13.94 -10.61 46.41
C GLN B 215 13.59 -11.68 45.38
N GLY B 216 13.18 -12.87 45.81
CA GLY B 216 12.83 -13.91 44.86
C GLY B 216 11.55 -13.58 44.11
N PHE B 217 11.46 -14.12 42.89
CA PHE B 217 10.29 -13.87 42.06
C PHE B 217 9.11 -14.73 42.49
N SER B 218 7.91 -14.18 42.36
CA SER B 218 6.70 -14.90 42.72
C SER B 218 5.52 -14.28 41.99
N ALA B 219 4.94 -15.01 41.05
CA ALA B 219 3.78 -14.50 40.33
C ALA B 219 2.54 -14.54 41.20
N LEU B 220 1.52 -13.77 40.81
CA LEU B 220 0.29 -13.64 41.57
C LEU B 220 -0.87 -14.12 40.72
N GLU B 221 -1.69 -15.03 41.30
CA GLU B 221 -2.83 -15.61 40.60
C GLU B 221 -4.12 -14.91 41.03
N PRO B 222 -5.06 -14.74 40.10
CA PRO B 222 -6.35 -14.14 40.46
C PRO B 222 -7.15 -15.03 41.40
N LEU B 223 -7.98 -14.38 42.22
CA LEU B 223 -8.87 -15.10 43.13
C LEU B 223 -10.34 -14.90 42.78
N VAL B 224 -10.81 -13.66 42.69
CA VAL B 224 -12.21 -13.37 42.40
C VAL B 224 -12.29 -12.01 41.72
N ASP B 225 -13.05 -11.95 40.61
CA ASP B 225 -13.22 -10.74 39.82
C ASP B 225 -14.70 -10.39 39.85
N LEU B 226 -15.08 -9.48 40.74
CA LEU B 226 -16.49 -9.18 41.00
C LEU B 226 -16.83 -7.76 40.57
N PRO B 227 -17.92 -7.56 39.82
CA PRO B 227 -18.21 -6.25 39.25
C PRO B 227 -18.87 -5.29 40.23
N ILE B 228 -18.07 -4.61 41.05
CA ILE B 228 -18.63 -3.70 42.03
C ILE B 228 -19.10 -2.41 41.36
N GLY B 229 -18.26 -1.82 40.52
CA GLY B 229 -18.64 -0.65 39.75
C GLY B 229 -18.92 0.60 40.57
N ILE B 230 -18.09 0.89 41.56
CA ILE B 230 -18.22 2.11 42.36
C ILE B 230 -16.88 2.83 42.40
N ASN B 231 -16.93 4.12 42.70
CA ASN B 231 -15.72 4.90 42.85
C ASN B 231 -15.01 4.54 44.14
N ILE B 232 -13.70 4.41 44.06
CA ILE B 232 -12.86 4.11 45.22
C ILE B 232 -11.70 5.10 45.25
N THR B 233 -11.52 5.77 46.39
CA THR B 233 -10.45 6.80 46.49
C THR B 233 -9.66 6.56 47.77
N ARG B 234 -10.30 5.97 48.78
CA ARG B 234 -9.63 5.75 50.09
C ARG B 234 -9.39 4.24 50.29
N PHE B 235 -8.70 3.88 51.37
CA PHE B 235 -8.36 2.48 51.64
C PHE B 235 -7.91 2.37 53.09
N GLN B 236 -8.39 1.34 53.79
CA GLN B 236 -8.14 1.18 55.21
C GLN B 236 -7.99 -0.30 55.51
N THR B 237 -7.53 -0.61 56.73
CA THR B 237 -7.26 -1.98 57.11
C THR B 237 -7.75 -2.26 58.52
N LEU B 238 -8.45 -3.37 58.67
CA LEU B 238 -8.94 -3.85 59.97
C LEU B 238 -7.84 -4.59 60.71
N LEU B 239 -7.94 -4.56 62.03
CA LEU B 239 -6.99 -5.25 62.90
C LEU B 239 -7.75 -6.33 63.67
N ALA B 240 -7.06 -7.02 64.56
CA ALA B 240 -7.65 -8.12 65.32
C ALA B 240 -7.37 -7.90 66.80
N LEU B 241 -8.44 -7.67 67.56
CA LEU B 241 -8.33 -7.56 69.01
C LEU B 241 -8.53 -8.92 69.64
N ASN B 242 -8.72 -8.97 70.96
CA ASN B 242 -8.97 -10.25 71.62
C ASN B 242 -10.30 -10.85 71.22
N ARG B 243 -11.15 -10.08 70.56
CA ARG B 243 -12.45 -10.56 70.06
C ARG B 243 -12.28 -11.81 69.21
N ALA B 260 6.77 -5.08 60.73
CA ALA B 260 6.87 -6.50 60.38
C ALA B 260 5.65 -6.95 59.57
N ASP B 261 4.93 -5.98 59.03
CA ASP B 261 3.70 -6.23 58.29
C ASP B 261 3.33 -4.96 57.53
N TYR B 262 2.13 -4.94 56.95
CA TYR B 262 1.51 -3.72 56.45
C TYR B 262 2.26 -3.08 55.29
N TYR B 263 3.08 -3.84 54.56
CA TYR B 263 3.80 -3.28 53.43
C TYR B 263 2.83 -2.84 52.34
N VAL B 264 2.97 -1.61 51.87
CA VAL B 264 2.07 -1.04 50.87
C VAL B 264 2.88 -0.35 49.78
N GLY B 265 2.53 -0.65 48.53
CA GLY B 265 3.15 0.02 47.40
C GLY B 265 2.11 0.29 46.33
N TYR B 266 2.36 1.31 45.52
CA TYR B 266 1.38 1.80 44.57
C TYR B 266 1.78 1.42 43.14
N LEU B 267 0.79 1.31 42.27
CA LEU B 267 0.99 0.83 40.91
C LEU B 267 1.00 1.99 39.91
N GLN B 268 1.89 1.90 38.94
CA GLN B 268 2.04 2.89 37.88
C GLN B 268 2.15 2.18 36.55
N PRO B 269 1.75 2.84 35.46
CA PRO B 269 1.87 2.21 34.15
C PRO B 269 3.31 1.94 33.76
N ARG B 270 3.53 0.77 33.15
CA ARG B 270 4.86 0.32 32.79
C ARG B 270 4.76 -0.62 31.60
N THR B 271 5.88 -0.82 30.93
CA THR B 271 6.01 -1.82 29.87
C THR B 271 6.93 -2.94 30.33
N PHE B 272 6.45 -4.17 30.19
CA PHE B 272 7.15 -5.32 30.76
C PHE B 272 7.33 -6.36 29.68
N LEU B 273 8.34 -7.21 29.86
CA LEU B 273 8.57 -8.37 29.01
C LEU B 273 8.60 -9.60 29.91
N LEU B 274 7.60 -10.46 29.79
CA LEU B 274 7.42 -11.59 30.69
C LEU B 274 7.86 -12.87 29.99
N LYS B 275 8.59 -13.71 30.71
CA LYS B 275 9.04 -15.00 30.20
C LYS B 275 8.06 -16.07 30.66
N TYR B 276 7.43 -16.75 29.71
CA TYR B 276 6.41 -17.75 30.00
C TYR B 276 7.04 -19.14 29.93
N ASN B 277 6.90 -19.91 31.00
CA ASN B 277 7.41 -21.26 31.05
C ASN B 277 6.56 -22.16 30.16
N GLU B 278 7.03 -23.38 29.91
CA GLU B 278 6.31 -24.31 29.05
C GLU B 278 4.93 -24.64 29.64
N ASN B 279 4.85 -24.69 30.97
CA ASN B 279 3.57 -24.93 31.65
C ASN B 279 2.85 -23.63 32.02
N GLY B 280 2.68 -22.72 31.07
CA GLY B 280 1.86 -21.54 31.27
C GLY B 280 2.26 -20.60 32.38
N THR B 281 3.35 -20.89 33.09
CA THR B 281 3.72 -20.10 34.25
C THR B 281 4.73 -19.03 33.88
N ILE B 282 4.78 -17.98 34.71
CA ILE B 282 5.70 -16.89 34.54
C ILE B 282 6.94 -17.16 35.39
N THR B 283 8.12 -16.99 34.79
CA THR B 283 9.37 -17.32 35.46
C THR B 283 10.21 -16.07 35.74
N ASP B 284 10.19 -15.10 34.83
CA ASP B 284 11.02 -13.91 34.97
C ASP B 284 10.39 -12.76 34.21
N ALA B 285 10.85 -11.55 34.52
CA ALA B 285 10.42 -10.33 33.84
C ALA B 285 11.53 -9.29 33.90
N VAL B 286 11.47 -8.34 32.99
CA VAL B 286 12.43 -7.22 32.94
C VAL B 286 11.63 -5.94 32.77
N ASP B 287 12.00 -4.89 33.52
CA ASP B 287 11.35 -3.61 33.39
C ASP B 287 12.07 -2.79 32.32
N CYS B 288 11.35 -2.38 31.29
CA CYS B 288 11.94 -1.79 30.09
C CYS B 288 12.11 -0.27 30.21
N ALA B 289 12.17 0.23 31.44
CA ALA B 289 12.39 1.65 31.65
C ALA B 289 13.31 1.91 32.84
N LEU B 290 14.13 0.93 33.19
CA LEU B 290 14.98 1.01 34.37
C LEU B 290 16.46 1.15 34.04
N ASP B 291 16.97 0.39 33.08
CA ASP B 291 18.39 0.39 32.75
C ASP B 291 18.57 0.43 31.24
N PRO B 292 19.71 0.93 30.74
CA PRO B 292 19.99 0.81 29.30
C PRO B 292 20.04 -0.64 28.85
N LEU B 293 20.58 -1.50 29.72
CA LEU B 293 20.63 -2.93 29.44
C LEU B 293 19.23 -3.49 29.32
N SER B 294 18.34 -3.06 30.22
CA SER B 294 16.95 -3.51 30.17
C SER B 294 16.27 -3.03 28.89
N GLU B 295 16.53 -1.79 28.48
CA GLU B 295 15.94 -1.28 27.25
C GLU B 295 16.43 -2.07 26.04
N THR B 296 17.72 -2.43 26.05
CA THR B 296 18.29 -3.23 24.93
C THR B 296 17.59 -4.60 24.88
N LYS B 297 17.61 -5.33 25.99
CA LYS B 297 17.00 -6.69 26.03
C LYS B 297 15.53 -6.60 25.59
N CYS B 298 14.84 -5.53 26.00
CA CYS B 298 13.40 -5.36 25.65
C CYS B 298 13.24 -5.15 24.14
N THR B 299 14.12 -4.35 23.54
CA THR B 299 13.98 -4.03 22.08
C THR B 299 14.18 -5.29 21.24
N LEU B 300 15.11 -6.16 21.63
CA LEU B 300 15.38 -7.40 20.85
C LEU B 300 14.57 -8.57 21.43
N LYS B 301 13.72 -8.30 22.43
CA LYS B 301 12.84 -9.35 23.00
C LYS B 301 13.63 -10.64 23.25
N SER B 302 14.63 -10.58 24.14
CA SER B 302 15.41 -11.80 24.51
C SER B 302 16.02 -11.60 25.89
N PHE B 303 16.22 -12.69 26.65
CA PHE B 303 16.85 -12.53 27.95
C PHE B 303 18.37 -12.59 27.86
N THR B 304 18.89 -12.94 26.68
CA THR B 304 20.37 -12.99 26.49
C THR B 304 20.76 -12.04 25.34
N VAL B 305 21.63 -11.08 25.61
CA VAL B 305 22.10 -10.14 24.53
C VAL B 305 23.53 -10.54 24.17
N GLU B 306 23.77 -10.85 22.88
CA GLU B 306 25.12 -11.18 22.44
C GLU B 306 25.97 -9.91 22.35
N LYS B 307 27.29 -10.11 22.35
CA LYS B 307 28.21 -8.99 22.33
C LYS B 307 28.04 -8.18 21.05
N GLY B 308 28.00 -6.86 21.19
CA GLY B 308 27.85 -5.98 20.05
C GLY B 308 27.30 -4.64 20.47
N ILE B 309 26.88 -3.87 19.47
CA ILE B 309 26.29 -2.55 19.68
C ILE B 309 24.91 -2.55 19.06
N TYR B 310 23.92 -2.16 19.87
CA TYR B 310 22.51 -2.19 19.41
C TYR B 310 21.85 -0.82 19.60
N GLN B 311 21.14 -0.35 18.57
CA GLN B 311 20.43 0.92 18.62
C GLN B 311 19.05 0.69 19.21
N THR B 312 18.72 1.44 20.26
CA THR B 312 17.50 1.19 21.04
C THR B 312 16.45 2.28 20.92
N SER B 313 16.80 3.53 21.24
CA SER B 313 15.77 4.56 21.33
C SER B 313 16.36 5.89 20.85
N ASN B 314 15.65 6.98 21.09
CA ASN B 314 16.10 8.32 20.70
C ASN B 314 15.78 9.29 21.82
N PHE B 315 16.44 10.45 21.77
CA PHE B 315 16.36 11.43 22.85
C PHE B 315 15.96 12.78 22.27
N ARG B 316 15.59 13.70 23.15
CA ARG B 316 15.12 15.03 22.74
C ARG B 316 15.09 15.98 23.92
N VAL B 317 15.52 17.22 23.71
CA VAL B 317 15.51 18.26 24.73
C VAL B 317 14.11 18.87 24.79
N GLN B 318 13.73 19.42 25.94
CA GLN B 318 12.37 19.87 26.15
C GLN B 318 12.33 21.37 26.38
N PRO B 319 11.25 22.03 25.97
CA PRO B 319 11.12 23.48 26.19
C PRO B 319 11.08 23.88 27.65
N THR B 320 11.59 25.06 27.97
CA THR B 320 11.57 25.57 29.34
C THR B 320 10.44 26.56 29.55
N GLU B 321 10.43 27.66 28.78
CA GLU B 321 9.41 28.69 28.92
C GLU B 321 8.30 28.50 27.91
N SER B 322 7.36 29.46 27.85
CA SER B 322 6.24 29.34 26.91
C SER B 322 6.28 30.43 25.84
N ILE B 323 6.31 31.69 26.27
CA ILE B 323 6.35 32.87 25.39
C ILE B 323 5.08 33.00 24.57
N VAL B 324 4.48 34.18 24.59
CA VAL B 324 3.37 34.52 23.70
C VAL B 324 3.58 35.95 23.23
N ARG B 325 3.40 36.18 21.93
CA ARG B 325 3.57 37.51 21.36
C ARG B 325 2.34 37.86 20.55
N PHE B 326 2.01 39.14 20.55
CA PHE B 326 0.84 39.67 19.87
C PHE B 326 0.98 41.18 19.67
N PRO B 327 0.38 41.75 18.65
CA PRO B 327 0.35 43.21 18.53
C PRO B 327 -0.49 43.82 19.64
N ASN B 328 -0.12 45.03 20.04
CA ASN B 328 -0.80 45.69 21.15
C ASN B 328 -1.91 46.62 20.65
N VAL B 329 -3.04 46.00 20.34
CA VAL B 329 -4.27 46.70 20.03
C VAL B 329 -5.38 46.15 20.94
N THR B 330 -6.29 47.03 21.33
CA THR B 330 -7.28 46.67 22.34
C THR B 330 -8.70 47.12 21.96
N ASN B 331 -8.87 47.71 20.78
CA ASN B 331 -10.19 48.14 20.36
C ASN B 331 -11.10 46.94 20.12
N LEU B 332 -12.33 47.02 20.62
CA LEU B 332 -13.30 45.95 20.44
C LEU B 332 -13.86 45.97 19.02
N CYS B 333 -14.19 44.79 18.52
CA CYS B 333 -14.74 44.68 17.18
C CYS B 333 -16.21 45.12 17.17
N PRO B 334 -16.72 45.55 16.01
CA PRO B 334 -18.08 46.10 15.98
C PRO B 334 -19.21 45.08 15.90
N PHE B 335 -18.94 43.80 16.25
CA PHE B 335 -19.99 42.79 16.22
C PHE B 335 -21.30 43.26 16.82
N HIS B 336 -21.24 44.16 17.81
CA HIS B 336 -22.45 44.70 18.40
C HIS B 336 -23.28 45.47 17.38
N GLU B 337 -22.61 46.27 16.54
CA GLU B 337 -23.29 47.12 15.57
C GLU B 337 -23.69 46.40 14.29
N VAL B 338 -23.30 45.14 14.15
CA VAL B 338 -23.79 44.30 13.07
C VAL B 338 -24.78 43.24 13.55
N PHE B 339 -24.87 43.01 14.87
CA PHE B 339 -25.89 42.12 15.42
C PHE B 339 -27.10 42.84 15.97
N ASN B 340 -26.96 44.10 16.38
CA ASN B 340 -28.08 44.87 16.90
C ASN B 340 -28.72 45.78 15.87
N ALA B 341 -28.54 45.49 14.58
CA ALA B 341 -29.14 46.30 13.54
C ALA B 341 -30.66 46.08 13.50
N THR B 342 -31.34 46.92 12.73
CA THR B 342 -32.79 46.85 12.60
C THR B 342 -33.26 46.55 11.18
N ARG B 343 -32.43 46.77 10.16
CA ARG B 343 -32.83 46.63 8.77
C ARG B 343 -31.82 45.79 8.01
N PHE B 344 -31.52 44.60 8.54
CA PHE B 344 -30.74 43.61 7.82
C PHE B 344 -31.28 43.45 6.40
N ALA B 345 -30.45 43.75 5.41
CA ALA B 345 -30.92 43.81 4.03
C ALA B 345 -31.36 42.43 3.54
N SER B 346 -32.19 42.44 2.51
CA SER B 346 -32.75 41.20 1.97
C SER B 346 -31.65 40.38 1.30
N VAL B 347 -31.95 39.10 1.09
CA VAL B 347 -30.96 38.16 0.57
C VAL B 347 -30.57 38.52 -0.86
N TYR B 348 -31.45 39.20 -1.60
CA TYR B 348 -31.13 39.55 -2.98
C TYR B 348 -29.99 40.54 -3.05
N ALA B 349 -29.86 41.41 -2.05
CA ALA B 349 -28.74 42.35 -1.92
C ALA B 349 -28.26 42.28 -0.48
N TRP B 350 -27.38 41.29 -0.21
CA TRP B 350 -26.90 41.06 1.17
C TRP B 350 -25.89 42.11 1.60
N ASN B 351 -26.11 42.72 2.77
CA ASN B 351 -25.17 43.70 3.31
C ASN B 351 -23.85 43.00 3.65
N ARG B 352 -22.74 43.69 3.40
CA ARG B 352 -21.40 43.18 3.65
C ARG B 352 -20.61 44.22 4.43
N THR B 353 -20.07 43.82 5.58
CA THR B 353 -19.25 44.69 6.41
C THR B 353 -17.86 44.07 6.60
N ARG B 354 -16.87 44.93 6.75
CA ARG B 354 -15.48 44.50 6.93
C ARG B 354 -15.07 44.67 8.38
N ILE B 355 -14.54 43.60 8.97
CA ILE B 355 -14.09 43.60 10.36
C ILE B 355 -12.57 43.49 10.37
N SER B 356 -11.90 44.55 10.81
CA SER B 356 -10.45 44.56 10.87
C SER B 356 -9.99 45.57 11.90
N ASN B 357 -8.74 45.41 12.35
CA ASN B 357 -8.08 46.29 13.30
C ASN B 357 -8.88 46.38 14.62
N CYS B 358 -9.04 45.23 15.24
CA CYS B 358 -9.79 45.13 16.49
C CYS B 358 -9.44 43.80 17.16
N VAL B 359 -10.00 43.58 18.33
CA VAL B 359 -9.81 42.35 19.11
C VAL B 359 -11.17 41.66 19.22
N ALA B 360 -11.22 40.40 18.81
CA ALA B 360 -12.48 39.67 18.71
C ALA B 360 -12.70 38.80 19.95
N ASP B 361 -13.81 39.03 20.63
CA ASP B 361 -14.28 38.16 21.71
C ASP B 361 -15.73 37.86 21.38
N TYR B 362 -16.02 36.63 20.99
CA TYR B 362 -17.33 36.25 20.48
C TYR B 362 -18.35 35.96 21.58
N SER B 363 -18.06 36.32 22.83
CA SER B 363 -19.05 36.20 23.88
C SER B 363 -20.21 37.15 23.65
N VAL B 364 -19.95 38.34 23.11
CA VAL B 364 -21.02 39.26 22.75
C VAL B 364 -21.88 38.63 21.64
N LEU B 365 -21.22 38.00 20.66
CA LEU B 365 -21.95 37.28 19.63
C LEU B 365 -22.80 36.16 20.22
N TYR B 366 -22.32 35.52 21.28
CA TYR B 366 -23.09 34.45 21.91
C TYR B 366 -24.31 35.01 22.64
N ASN B 367 -24.11 36.05 23.44
CA ASN B 367 -25.18 36.54 24.31
C ASN B 367 -26.13 37.52 23.62
N PHE B 368 -25.86 37.92 22.38
CA PHE B 368 -26.75 38.80 21.66
C PHE B 368 -27.67 38.08 20.68
N ALA B 369 -27.83 36.75 20.82
CA ALA B 369 -28.74 36.01 19.97
C ALA B 369 -29.09 34.65 20.56
N PRO B 370 -30.37 34.29 20.61
CA PRO B 370 -30.74 32.92 21.01
C PRO B 370 -30.44 31.94 19.90
N PHE B 371 -29.19 31.47 19.85
CA PHE B 371 -28.69 30.74 18.69
C PHE B 371 -29.55 29.54 18.34
N PHE B 372 -29.84 29.40 17.05
CA PHE B 372 -30.58 28.27 16.52
C PHE B 372 -29.74 27.35 15.65
N ALA B 373 -28.75 27.89 14.94
CA ALA B 373 -27.86 27.09 14.11
C ALA B 373 -26.50 27.76 14.08
N PHE B 374 -25.47 27.04 14.53
CA PHE B 374 -24.12 27.58 14.57
C PHE B 374 -23.14 26.64 13.89
N LYS B 375 -23.50 26.15 12.71
CA LYS B 375 -22.68 25.18 11.98
C LYS B 375 -21.45 25.86 11.42
N CYS B 376 -20.34 25.79 12.16
CA CYS B 376 -19.05 26.28 11.70
C CYS B 376 -18.29 25.17 11.00
N TYR B 377 -17.70 25.50 9.86
CA TYR B 377 -17.05 24.50 9.01
C TYR B 377 -15.53 24.55 9.10
N GLY B 378 -14.91 25.70 8.83
CA GLY B 378 -13.47 25.77 8.78
C GLY B 378 -12.77 25.81 10.13
N VAL B 379 -13.53 25.94 11.21
CA VAL B 379 -12.96 26.10 12.54
C VAL B 379 -14.01 25.71 13.58
N SER B 380 -13.55 25.16 14.69
CA SER B 380 -14.44 24.75 15.77
C SER B 380 -14.87 25.96 16.59
N PRO B 381 -16.18 26.17 16.80
CA PRO B 381 -16.63 27.34 17.56
C PRO B 381 -16.08 27.42 18.97
N THR B 382 -15.75 26.30 19.59
CA THR B 382 -15.24 26.31 20.97
C THR B 382 -13.97 27.14 21.07
N LYS B 383 -12.92 26.73 20.35
CA LYS B 383 -11.67 27.47 20.31
C LYS B 383 -11.72 28.48 19.15
N LEU B 384 -12.39 29.59 19.43
CA LEU B 384 -12.52 30.67 18.45
C LEU B 384 -11.79 31.94 18.87
N ASN B 385 -11.28 32.02 20.09
CA ASN B 385 -10.70 33.24 20.62
C ASN B 385 -9.17 33.22 20.65
N ASP B 386 -8.53 32.24 20.00
CA ASP B 386 -7.07 32.15 20.01
C ASP B 386 -6.47 32.07 18.60
N LEU B 387 -7.24 32.43 17.58
CA LEU B 387 -6.78 32.44 16.21
C LEU B 387 -6.51 33.87 15.74
N CYS B 388 -5.92 33.97 14.56
CA CYS B 388 -5.59 35.25 13.93
C CYS B 388 -6.15 35.24 12.51
N PHE B 389 -6.95 36.25 12.18
CA PHE B 389 -7.58 36.37 10.88
C PHE B 389 -7.15 37.67 10.22
N THR B 390 -6.78 37.59 8.93
CA THR B 390 -6.35 38.79 8.22
C THR B 390 -7.52 39.75 8.02
N ASN B 391 -8.66 39.24 7.56
CA ASN B 391 -9.86 40.04 7.41
C ASN B 391 -11.08 39.16 7.68
N VAL B 392 -12.13 39.79 8.20
CA VAL B 392 -13.37 39.11 8.52
C VAL B 392 -14.50 39.79 7.74
N TYR B 393 -15.30 38.99 7.06
CA TYR B 393 -16.41 39.48 6.26
C TYR B 393 -17.71 39.03 6.89
N ALA B 394 -18.61 39.98 7.16
CA ALA B 394 -19.90 39.69 7.77
C ALA B 394 -21.00 40.02 6.77
N ASP B 395 -21.79 39.01 6.41
CA ASP B 395 -22.93 39.18 5.53
C ASP B 395 -24.19 38.85 6.30
N SER B 396 -25.15 39.79 6.30
CA SER B 396 -26.36 39.69 7.10
C SER B 396 -27.58 39.80 6.20
N PHE B 397 -28.55 38.90 6.41
CA PHE B 397 -29.78 38.87 5.64
C PHE B 397 -30.80 38.01 6.37
N VAL B 398 -32.08 38.33 6.17
CA VAL B 398 -33.17 37.59 6.79
C VAL B 398 -33.75 36.63 5.77
N ILE B 399 -33.91 35.37 6.17
CA ILE B 399 -34.44 34.31 5.33
C ILE B 399 -35.46 33.51 6.13
N LYS B 400 -36.08 32.54 5.46
CA LYS B 400 -37.10 31.72 6.08
C LYS B 400 -36.47 30.49 6.74
N GLY B 401 -37.33 29.64 7.33
CA GLY B 401 -36.83 28.54 8.13
C GLY B 401 -36.05 27.51 7.32
N ASN B 402 -36.63 27.05 6.20
CA ASN B 402 -35.96 26.03 5.40
C ASN B 402 -34.71 26.58 4.74
N GLU B 403 -34.64 27.90 4.54
CA GLU B 403 -33.46 28.51 3.95
C GLU B 403 -32.24 28.35 4.85
N VAL B 404 -32.45 28.26 6.17
CA VAL B 404 -31.34 28.01 7.08
C VAL B 404 -30.69 26.67 6.79
N SER B 405 -31.51 25.64 6.55
CA SER B 405 -30.97 24.37 6.07
C SER B 405 -30.35 24.53 4.69
N GLN B 406 -30.96 25.33 3.83
CA GLN B 406 -30.43 25.53 2.48
C GLN B 406 -29.06 26.22 2.51
N ILE B 407 -28.90 27.23 3.36
CA ILE B 407 -27.71 28.08 3.31
C ILE B 407 -26.51 27.28 3.81
N ALA B 408 -25.66 26.88 2.87
CA ALA B 408 -24.46 26.09 3.15
C ALA B 408 -23.64 25.99 1.86
N PRO B 409 -22.33 25.84 1.97
CA PRO B 409 -21.50 25.73 0.75
C PRO B 409 -21.87 24.54 -0.11
N GLY B 410 -22.07 24.78 -1.40
CA GLY B 410 -22.39 23.73 -2.34
C GLY B 410 -23.75 23.09 -2.09
N GLN B 411 -24.81 23.89 -2.17
CA GLN B 411 -26.16 23.43 -1.95
C GLN B 411 -27.03 23.76 -3.16
N THR B 412 -28.30 23.37 -3.09
CA THR B 412 -29.26 23.58 -4.16
C THR B 412 -30.44 24.39 -3.65
N GLY B 413 -31.11 25.08 -4.57
CA GLY B 413 -32.26 25.90 -4.25
C GLY B 413 -32.14 27.26 -4.91
N ASN B 414 -33.27 27.95 -5.01
CA ASN B 414 -33.28 29.27 -5.62
C ASN B 414 -32.45 30.28 -4.82
N ILE B 415 -32.52 30.23 -3.49
CA ILE B 415 -31.69 31.12 -2.68
C ILE B 415 -30.22 30.77 -2.84
N ALA B 416 -29.91 29.48 -2.94
CA ALA B 416 -28.52 29.05 -3.01
C ALA B 416 -27.89 29.27 -4.37
N ASP B 417 -28.69 29.45 -5.43
CA ASP B 417 -28.14 29.58 -6.77
C ASP B 417 -28.41 30.93 -7.42
N TYR B 418 -29.35 31.73 -6.90
CA TYR B 418 -29.64 33.04 -7.47
C TYR B 418 -29.55 34.17 -6.46
N ASN B 419 -29.63 33.90 -5.17
CA ASN B 419 -29.63 34.94 -4.14
C ASN B 419 -28.31 35.06 -3.39
N TYR B 420 -27.70 33.95 -3.00
CA TYR B 420 -26.46 33.99 -2.25
C TYR B 420 -25.80 32.62 -2.31
N LYS B 421 -24.54 32.59 -2.73
CA LYS B 421 -23.80 31.35 -2.87
C LYS B 421 -22.47 31.49 -2.12
N LEU B 422 -22.16 30.51 -1.27
CA LEU B 422 -20.89 30.50 -0.58
C LEU B 422 -19.88 29.64 -1.36
N PRO B 423 -18.59 29.97 -1.26
CA PRO B 423 -17.57 29.17 -1.96
C PRO B 423 -17.50 27.76 -1.41
N ASP B 424 -17.06 26.84 -2.27
CA ASP B 424 -16.94 25.45 -1.89
C ASP B 424 -15.96 25.27 -0.74
N ASP B 425 -14.83 25.97 -0.79
CA ASP B 425 -13.84 25.93 0.28
C ASP B 425 -14.08 27.04 1.30
N PHE B 426 -15.32 27.11 1.81
CA PHE B 426 -15.66 28.13 2.78
C PHE B 426 -14.99 27.85 4.12
N THR B 427 -14.39 28.87 4.70
CA THR B 427 -13.73 28.78 6.01
C THR B 427 -14.34 29.87 6.89
N GLY B 428 -15.43 29.54 7.57
CA GLY B 428 -16.09 30.53 8.39
C GLY B 428 -17.25 29.92 9.15
N CYS B 429 -18.05 30.82 9.75
CA CYS B 429 -19.19 30.44 10.57
C CYS B 429 -20.45 31.13 10.05
N VAL B 430 -21.58 30.44 10.17
CA VAL B 430 -22.88 31.01 9.83
C VAL B 430 -23.75 30.98 11.08
N ILE B 431 -24.44 32.09 11.33
CA ILE B 431 -25.19 32.30 12.56
C ILE B 431 -26.65 32.53 12.21
N ALA B 432 -27.55 31.80 12.86
CA ALA B 432 -28.99 31.95 12.66
C ALA B 432 -29.68 32.05 14.01
N TRP B 433 -30.58 33.02 14.14
CA TRP B 433 -31.42 33.14 15.33
C TRP B 433 -32.80 33.62 14.91
N ASN B 434 -33.82 33.16 15.64
CA ASN B 434 -35.19 33.48 15.30
C ASN B 434 -35.51 34.91 15.68
N SER B 435 -36.08 35.66 14.74
CA SER B 435 -36.45 37.07 14.95
C SER B 435 -37.85 37.28 14.40
N ASN B 436 -38.85 37.08 15.25
CA ASN B 436 -40.25 37.32 14.89
C ASN B 436 -40.79 38.62 15.47
N LYS B 437 -39.97 39.38 16.19
CA LYS B 437 -40.41 40.63 16.81
C LYS B 437 -40.00 41.87 16.02
N LEU B 438 -39.02 41.75 15.13
CA LEU B 438 -38.54 42.89 14.35
C LEU B 438 -38.97 42.86 12.90
N ASP B 439 -39.36 41.71 12.36
CA ASP B 439 -39.77 41.58 10.97
C ASP B 439 -41.23 41.14 10.89
N SER B 440 -42.04 41.55 11.86
CA SER B 440 -43.45 41.18 11.85
C SER B 440 -44.25 42.25 12.57
N LYS B 441 -45.49 42.43 12.11
CA LYS B 441 -46.41 43.39 12.71
C LYS B 441 -47.82 43.00 12.29
N HIS B 442 -48.80 43.58 12.99
CA HIS B 442 -50.19 43.36 12.61
C HIS B 442 -50.45 43.93 11.21
N SER B 443 -51.32 43.22 10.48
CA SER B 443 -51.64 43.46 9.07
C SER B 443 -50.50 43.10 8.13
N GLY B 444 -49.42 42.51 8.63
CA GLY B 444 -48.36 42.01 7.78
C GLY B 444 -47.28 43.04 7.46
N ASN B 445 -46.22 42.55 6.82
CA ASN B 445 -45.11 43.40 6.39
C ASN B 445 -44.42 42.71 5.22
N TYR B 446 -44.54 43.30 4.03
CA TYR B 446 -43.99 42.73 2.80
C TYR B 446 -42.74 43.52 2.35
N ASP B 447 -41.94 43.97 3.32
CA ASP B 447 -40.81 44.84 2.99
C ASP B 447 -39.68 44.07 2.32
N TYR B 448 -39.43 42.84 2.73
CA TYR B 448 -38.27 42.10 2.28
C TYR B 448 -38.50 41.53 0.87
N TRP B 449 -37.40 41.12 0.24
CA TRP B 449 -37.42 40.69 -1.15
C TRP B 449 -36.51 39.49 -1.32
N TYR B 450 -36.74 38.74 -2.39
CA TYR B 450 -35.85 37.64 -2.76
C TYR B 450 -36.08 37.31 -4.23
N ARG B 451 -35.07 36.72 -4.86
CA ARG B 451 -35.03 36.50 -6.29
C ARG B 451 -35.19 35.03 -6.61
N LEU B 452 -36.03 34.73 -7.62
CA LEU B 452 -36.20 33.38 -8.11
C LEU B 452 -35.90 33.24 -9.60
N PHE B 453 -35.78 34.35 -10.33
CA PHE B 453 -35.60 34.33 -11.78
C PHE B 453 -34.31 35.05 -12.14
N ARG B 454 -33.32 34.30 -12.62
CA ARG B 454 -32.06 34.85 -13.07
C ARG B 454 -31.58 34.07 -14.29
N LYS B 455 -30.83 34.75 -15.15
CA LYS B 455 -30.37 34.12 -16.40
C LYS B 455 -29.45 32.93 -16.13
N SER B 456 -28.54 33.05 -15.17
CA SER B 456 -27.60 31.98 -14.89
C SER B 456 -27.40 31.89 -13.37
N LYS B 457 -26.57 30.95 -12.95
CA LYS B 457 -26.29 30.74 -11.54
C LYS B 457 -25.51 31.93 -10.97
N LEU B 458 -25.48 32.01 -9.64
CA LEU B 458 -24.79 33.07 -8.93
C LEU B 458 -23.40 32.58 -8.52
N LYS B 459 -22.37 33.35 -8.88
CA LYS B 459 -21.03 33.02 -8.46
C LYS B 459 -20.87 33.28 -6.97
N PRO B 460 -19.97 32.56 -6.29
CA PRO B 460 -19.78 32.78 -4.86
C PRO B 460 -19.33 34.20 -4.55
N PHE B 461 -19.90 34.77 -3.48
CA PHE B 461 -19.51 36.13 -3.04
C PHE B 461 -19.64 37.12 -4.19
N GLU B 462 -20.67 36.96 -5.03
CA GLU B 462 -20.92 37.94 -6.12
C GLU B 462 -22.38 38.38 -6.04
N ARG B 463 -22.63 39.69 -6.02
CA ARG B 463 -24.02 40.19 -5.88
C ARG B 463 -24.65 40.36 -7.27
N ASP B 464 -25.98 40.47 -7.33
CA ASP B 464 -26.68 40.60 -8.61
C ASP B 464 -27.94 41.43 -8.43
N ILE B 465 -27.82 42.56 -7.74
CA ILE B 465 -28.96 43.44 -7.53
C ILE B 465 -29.34 44.09 -8.85
N SER B 466 -30.57 43.81 -9.32
CA SER B 466 -31.06 44.32 -10.58
C SER B 466 -32.54 44.01 -10.69
N THR B 467 -33.25 44.83 -11.46
CA THR B 467 -34.66 44.60 -11.77
C THR B 467 -34.77 44.45 -13.28
N GLU B 468 -34.51 43.24 -13.76
CA GLU B 468 -34.64 42.90 -15.17
C GLU B 468 -35.59 41.73 -15.30
N ILE B 469 -36.66 41.92 -16.07
CA ILE B 469 -37.70 40.90 -16.17
C ILE B 469 -37.13 39.67 -16.88
N TYR B 470 -37.34 38.50 -16.28
CA TYR B 470 -36.84 37.26 -16.86
C TYR B 470 -37.52 37.00 -18.20
N GLN B 471 -36.71 36.61 -19.18
CA GLN B 471 -37.24 36.31 -20.51
C GLN B 471 -37.60 34.85 -20.63
N ALA B 472 -38.84 34.60 -21.06
CA ALA B 472 -39.34 33.25 -21.30
C ALA B 472 -39.47 33.04 -22.80
N GLY B 473 -38.58 32.21 -23.34
CA GLY B 473 -38.54 31.99 -24.78
C GLY B 473 -37.81 33.08 -25.52
N ASN B 474 -38.43 33.61 -26.59
CA ASN B 474 -37.78 34.64 -27.39
C ASN B 474 -38.55 35.97 -27.39
N LYS B 475 -39.56 36.11 -26.53
CA LYS B 475 -40.28 37.38 -26.49
C LYS B 475 -39.51 38.40 -25.66
N PRO B 476 -39.28 39.61 -26.19
CA PRO B 476 -38.47 40.59 -25.46
C PRO B 476 -39.25 41.37 -24.41
N CYS B 477 -40.44 40.87 -24.04
CA CYS B 477 -41.36 41.59 -23.16
C CYS B 477 -40.63 42.25 -21.99
N LYS B 478 -40.96 43.52 -21.77
CA LYS B 478 -40.44 44.29 -20.63
C LYS B 478 -41.64 44.74 -19.81
N GLY B 479 -42.01 43.94 -18.83
CA GLY B 479 -43.16 44.22 -18.01
C GLY B 479 -43.57 43.00 -17.22
N LYS B 480 -44.70 43.14 -16.53
CA LYS B 480 -45.23 42.07 -15.70
C LYS B 480 -46.45 41.43 -16.36
N GLY B 481 -46.65 40.14 -16.06
CA GLY B 481 -47.79 39.41 -16.55
C GLY B 481 -47.44 38.17 -17.35
N PRO B 482 -47.78 38.16 -18.64
CA PRO B 482 -47.65 36.94 -19.44
C PRO B 482 -46.21 36.72 -19.90
N ASN B 483 -45.64 35.57 -19.52
CA ASN B 483 -44.37 35.03 -20.00
C ASN B 483 -43.21 36.03 -19.92
N CYS B 484 -43.36 37.06 -19.08
CA CYS B 484 -42.30 38.01 -18.76
C CYS B 484 -42.51 38.40 -17.30
N TYR B 485 -41.80 37.72 -16.41
CA TYR B 485 -42.03 37.80 -14.97
C TYR B 485 -41.01 38.71 -14.30
N PHE B 486 -41.40 39.29 -13.17
CA PHE B 486 -40.46 40.04 -12.36
C PHE B 486 -39.43 39.10 -11.75
N PRO B 487 -38.14 39.44 -11.79
CA PRO B 487 -37.12 38.51 -11.26
C PRO B 487 -37.26 38.21 -9.78
N LEU B 488 -37.81 39.14 -9.00
CA LEU B 488 -37.84 39.03 -7.55
C LEU B 488 -39.27 39.14 -7.05
N GLN B 489 -39.58 38.38 -6.00
CA GLN B 489 -40.91 38.33 -5.41
C GLN B 489 -40.81 38.70 -3.93
N SER B 490 -41.97 38.99 -3.34
CA SER B 490 -42.02 39.41 -1.94
C SER B 490 -41.66 38.27 -0.99
N TYR B 491 -40.91 38.63 0.05
CA TYR B 491 -40.59 37.75 1.18
C TYR B 491 -41.48 38.05 2.37
N GLY B 492 -42.75 38.36 2.11
CA GLY B 492 -43.70 38.82 3.10
C GLY B 492 -43.71 38.05 4.41
N PHE B 493 -43.74 38.77 5.52
CA PHE B 493 -43.66 38.18 6.85
C PHE B 493 -44.79 38.68 7.73
N ARG B 494 -45.33 37.78 8.53
CA ARG B 494 -46.39 38.04 9.48
C ARG B 494 -46.06 37.38 10.81
N PRO B 495 -46.59 37.90 11.92
CA PRO B 495 -46.26 37.30 13.23
C PRO B 495 -46.75 35.88 13.41
N THR B 496 -47.70 35.41 12.60
CA THR B 496 -48.30 34.09 12.77
C THR B 496 -48.04 33.24 11.52
N TYR B 497 -46.89 32.58 11.50
CA TYR B 497 -46.55 31.59 10.49
C TYR B 497 -46.08 30.31 11.18
N GLY B 498 -45.73 29.31 10.36
CA GLY B 498 -45.09 28.12 10.87
C GLY B 498 -43.61 28.35 11.14
N VAL B 499 -43.01 27.40 11.85
CA VAL B 499 -41.60 27.51 12.21
C VAL B 499 -40.74 27.57 10.95
N GLY B 500 -41.05 26.73 9.96
CA GLY B 500 -40.34 26.79 8.69
C GLY B 500 -40.62 28.05 7.90
N HIS B 501 -41.61 28.84 8.31
CA HIS B 501 -41.95 30.09 7.64
C HIS B 501 -41.73 31.31 8.53
N GLN B 502 -41.01 31.17 9.63
CA GLN B 502 -40.74 32.29 10.51
C GLN B 502 -39.61 33.16 9.97
N PRO B 503 -39.60 34.45 10.33
CA PRO B 503 -38.52 35.36 9.87
C PRO B 503 -37.19 35.12 10.58
N TYR B 504 -36.45 34.13 10.08
CA TYR B 504 -35.15 33.79 10.65
C TYR B 504 -34.11 34.82 10.22
N ARG B 505 -33.37 35.34 11.18
CA ARG B 505 -32.29 36.28 10.90
C ARG B 505 -30.98 35.49 10.81
N VAL B 506 -30.22 35.72 9.73
CA VAL B 506 -29.02 34.96 9.45
C VAL B 506 -27.88 35.93 9.13
N VAL B 507 -26.76 35.75 9.82
CA VAL B 507 -25.52 36.47 9.50
C VAL B 507 -24.40 35.44 9.37
N VAL B 508 -23.60 35.59 8.32
CA VAL B 508 -22.49 34.68 8.07
C VAL B 508 -21.18 35.40 8.38
N LEU B 509 -20.23 34.64 8.91
CA LEU B 509 -18.88 35.13 9.20
C LEU B 509 -17.90 34.35 8.35
N SER B 510 -17.00 35.06 7.67
CA SER B 510 -16.05 34.45 6.76
C SER B 510 -14.64 34.87 7.14
N PHE B 511 -13.74 33.89 7.25
CA PHE B 511 -12.33 34.15 7.53
C PHE B 511 -11.48 33.52 6.43
N GLU B 512 -10.18 33.87 6.43
CA GLU B 512 -9.22 33.40 5.44
C GLU B 512 -7.97 32.94 6.17
N LEU B 513 -8.17 32.13 7.21
CA LEU B 513 -7.08 31.72 8.09
C LEU B 513 -5.95 31.04 7.31
N LEU B 514 -4.72 31.45 7.64
CA LEU B 514 -3.51 30.76 7.20
C LEU B 514 -2.37 31.27 8.09
N HIS B 515 -1.15 30.87 7.74
CA HIS B 515 0.05 31.38 8.42
C HIS B 515 0.42 32.72 7.78
N ALA B 516 -0.11 33.79 8.36
CA ALA B 516 0.01 35.13 7.79
C ALA B 516 -0.15 36.20 8.86
N PRO B 517 0.13 37.48 8.56
CA PRO B 517 -0.16 38.54 9.52
C PRO B 517 -1.64 38.64 9.85
N ALA B 518 -2.01 39.46 10.85
CA ALA B 518 -3.38 39.47 11.30
C ALA B 518 -3.81 40.90 11.59
N THR B 519 -5.09 41.19 11.32
CA THR B 519 -5.73 42.41 11.76
C THR B 519 -6.80 42.13 12.81
N VAL B 520 -7.12 40.85 13.04
CA VAL B 520 -8.07 40.44 14.07
C VAL B 520 -7.38 39.42 14.97
N CYS B 521 -7.54 39.60 16.28
CA CYS B 521 -6.88 38.74 17.24
C CYS B 521 -7.81 38.36 18.39
N GLY B 522 -7.26 37.77 19.44
CA GLY B 522 -8.02 37.39 20.60
C GLY B 522 -7.36 37.85 21.88
N PRO B 523 -8.10 37.85 22.98
CA PRO B 523 -7.54 38.32 24.25
C PRO B 523 -6.41 37.42 24.73
N LYS B 524 -5.19 37.94 24.65
CA LYS B 524 -4.01 37.24 25.16
C LYS B 524 -2.86 38.22 25.35
N LYS B 525 -2.35 38.31 26.57
CA LYS B 525 -1.28 39.25 26.86
C LYS B 525 0.04 38.78 26.26
N SER B 526 0.91 39.73 25.97
CA SER B 526 2.21 39.46 25.36
C SER B 526 3.28 39.46 26.44
N THR B 527 4.04 38.37 26.51
CA THR B 527 5.12 38.26 27.49
C THR B 527 6.38 38.95 26.98
N ASN B 528 7.50 38.74 27.67
CA ASN B 528 8.77 39.33 27.28
C ASN B 528 9.59 38.32 26.51
N LEU B 529 10.46 38.83 25.63
CA LEU B 529 11.30 37.98 24.81
C LEU B 529 12.51 37.49 25.59
N VAL B 530 12.81 36.20 25.45
CA VAL B 530 14.03 35.61 25.99
C VAL B 530 14.74 34.90 24.85
N LYS B 531 16.02 35.18 24.68
CA LYS B 531 16.82 34.64 23.59
C LYS B 531 17.77 33.57 24.09
N ASN B 532 18.28 32.78 23.14
CA ASN B 532 19.28 31.75 23.42
C ASN B 532 18.78 30.74 24.45
N LYS B 533 17.55 30.27 24.27
CA LYS B 533 16.96 29.28 25.16
C LYS B 533 15.81 28.60 24.45
N CYS B 534 15.70 27.28 24.62
CA CYS B 534 14.68 26.51 23.91
C CYS B 534 13.30 26.78 24.49
N VAL B 535 12.46 27.47 23.72
CA VAL B 535 11.14 27.90 24.16
C VAL B 535 10.13 27.64 23.05
N ASN B 536 8.85 27.69 23.39
CA ASN B 536 7.80 27.74 22.40
C ASN B 536 7.60 29.19 21.96
N PHE B 537 6.91 29.41 20.85
CA PHE B 537 6.58 30.76 20.43
C PHE B 537 5.24 30.79 19.70
N ASN B 538 4.60 31.96 19.74
CA ASN B 538 3.32 32.21 19.10
C ASN B 538 3.36 33.55 18.38
N PHE B 539 4.42 33.76 17.60
CA PHE B 539 4.66 35.04 16.95
C PHE B 539 3.55 35.34 15.94
N ASN B 540 2.64 36.23 16.32
CA ASN B 540 1.60 36.75 15.43
C ASN B 540 0.81 35.62 14.78
N GLY B 541 0.40 34.67 15.63
CA GLY B 541 -0.42 33.56 15.18
C GLY B 541 0.35 32.38 14.63
N LEU B 542 1.65 32.56 14.39
CA LEU B 542 2.50 31.48 13.89
C LEU B 542 3.08 30.75 15.10
N THR B 543 2.77 29.48 15.23
CA THR B 543 3.18 28.69 16.38
C THR B 543 4.30 27.72 16.03
N GLY B 544 5.12 27.41 17.01
CA GLY B 544 6.23 26.51 16.82
C GLY B 544 7.08 26.42 18.07
N THR B 545 8.20 25.72 17.93
CA THR B 545 9.16 25.54 19.01
C THR B 545 10.57 25.68 18.46
N GLY B 546 11.44 26.32 19.23
CA GLY B 546 12.81 26.48 18.78
C GLY B 546 13.58 27.44 19.68
N VAL B 547 14.70 27.93 19.14
CA VAL B 547 15.59 28.85 19.84
C VAL B 547 15.70 30.13 19.04
N LEU B 548 15.58 31.27 19.71
CA LEU B 548 15.62 32.57 19.06
C LEU B 548 16.89 33.32 19.46
N THR B 549 17.45 34.06 18.51
CA THR B 549 18.67 34.82 18.76
C THR B 549 18.74 35.97 17.77
N LYS B 550 19.58 36.94 18.10
CA LYS B 550 19.77 38.10 17.23
C LYS B 550 20.45 37.69 15.93
N SER B 551 19.95 38.23 14.82
CA SER B 551 20.51 37.96 13.50
C SER B 551 20.73 39.27 12.76
N ASN B 552 21.51 39.20 11.68
CA ASN B 552 21.89 40.37 10.90
C ASN B 552 21.36 40.26 9.46
N LYS B 553 20.15 39.73 9.31
CA LYS B 553 19.53 39.63 7.99
C LYS B 553 19.11 41.01 7.50
N LYS B 554 18.69 41.07 6.24
CA LYS B 554 18.42 42.35 5.58
C LYS B 554 16.95 42.49 5.23
N PHE B 555 16.08 42.17 6.20
CA PHE B 555 14.63 42.26 6.00
C PHE B 555 14.24 43.64 5.49
N LEU B 556 13.58 43.68 4.34
CA LEU B 556 13.03 44.91 3.82
C LEU B 556 11.82 45.34 4.67
N PRO B 557 11.45 46.62 4.62
CA PRO B 557 10.36 47.10 5.49
C PRO B 557 9.06 46.32 5.36
N PHE B 558 8.71 45.88 4.15
CA PHE B 558 7.48 45.13 3.98
C PHE B 558 7.63 43.65 4.30
N GLN B 559 8.86 43.17 4.50
CA GLN B 559 9.08 41.76 4.80
C GLN B 559 8.65 41.45 6.22
N GLN B 560 7.88 40.38 6.39
CA GLN B 560 7.34 40.02 7.70
C GLN B 560 7.82 38.67 8.20
N PHE B 561 7.69 37.61 7.41
CA PHE B 561 7.87 36.25 7.92
C PHE B 561 9.26 35.70 7.67
N GLY B 562 9.71 35.69 6.41
CA GLY B 562 10.95 35.06 6.07
C GLY B 562 10.83 33.54 5.99
N ARG B 563 11.83 32.92 5.40
CA ARG B 563 11.83 31.46 5.20
C ARG B 563 13.26 31.03 4.89
N ASP B 564 13.42 29.73 4.60
CA ASP B 564 14.71 29.15 4.24
C ASP B 564 14.59 28.41 2.92
N ILE B 565 15.58 27.57 2.60
CA ILE B 565 15.59 26.87 1.32
C ILE B 565 14.29 26.08 1.12
N VAL B 566 14.07 25.05 1.93
CA VAL B 566 12.86 24.21 1.79
C VAL B 566 11.85 24.71 2.82
N ASP B 567 11.01 25.64 2.38
CA ASP B 567 9.73 26.03 2.99
C ASP B 567 9.60 25.80 4.49
N THR B 568 10.53 26.33 5.28
CA THR B 568 10.42 26.28 6.73
C THR B 568 10.81 27.63 7.29
N THR B 569 9.90 28.25 8.04
CA THR B 569 10.13 29.56 8.62
C THR B 569 11.38 29.55 9.48
N ASP B 570 12.37 30.36 9.11
CA ASP B 570 13.67 30.36 9.77
C ASP B 570 13.95 31.62 10.58
N ALA B 571 13.68 32.79 10.04
CA ALA B 571 13.99 34.05 10.72
C ALA B 571 12.77 34.97 10.66
N VAL B 572 12.16 35.21 11.81
CA VAL B 572 11.01 36.10 11.93
C VAL B 572 11.47 37.37 12.63
N ARG B 573 11.13 38.53 12.04
CA ARG B 573 11.56 39.79 12.61
C ARG B 573 10.75 40.12 13.86
N ASP B 574 11.40 40.79 14.81
CA ASP B 574 10.75 41.16 16.05
C ASP B 574 9.78 42.30 15.81
N PRO B 575 8.48 42.12 16.08
CA PRO B 575 7.51 43.19 15.78
C PRO B 575 7.78 44.51 16.50
N GLN B 576 8.24 44.44 17.75
CA GLN B 576 8.39 45.65 18.56
C GLN B 576 9.77 46.27 18.47
N THR B 577 10.83 45.48 18.37
CA THR B 577 12.18 46.02 18.33
C THR B 577 12.77 46.05 16.92
N LEU B 578 12.02 45.57 15.92
CA LEU B 578 12.45 45.62 14.52
C LEU B 578 13.77 44.91 14.31
N GLU B 579 14.00 43.81 15.02
CA GLU B 579 15.21 43.03 14.89
C GLU B 579 14.90 41.64 14.35
N ILE B 580 15.93 40.99 13.80
CA ILE B 580 15.79 39.71 13.12
C ILE B 580 16.12 38.60 14.11
N LEU B 581 15.23 37.61 14.19
CA LEU B 581 15.38 36.49 15.13
C LEU B 581 15.36 35.18 14.35
N ASP B 582 16.47 34.46 14.37
CA ASP B 582 16.52 33.13 13.77
C ASP B 582 15.78 32.11 14.62
N ILE B 583 15.43 30.99 14.00
CA ILE B 583 14.71 29.92 14.68
C ILE B 583 15.38 28.59 14.39
N THR B 584 16.13 28.07 15.37
CA THR B 584 16.72 26.75 15.24
C THR B 584 15.88 25.73 16.03
N PRO B 585 15.73 24.51 15.50
CA PRO B 585 14.71 23.60 16.02
C PRO B 585 14.83 23.25 17.49
N CYS B 586 15.94 22.61 17.89
CA CYS B 586 16.15 22.15 19.26
C CYS B 586 17.41 21.31 19.35
N SER B 587 17.24 20.01 19.57
CA SER B 587 18.30 19.02 19.58
C SER B 587 17.64 17.64 19.67
N PHE B 588 18.27 16.66 19.03
CA PHE B 588 17.74 15.31 18.99
C PHE B 588 18.80 14.39 18.38
N GLY B 589 18.53 13.10 18.44
CA GLY B 589 19.47 12.14 17.90
C GLY B 589 19.08 10.73 18.29
N GLY B 590 19.99 9.82 18.06
CA GLY B 590 19.75 8.42 18.39
C GLY B 590 20.62 7.97 19.54
N VAL B 591 20.15 6.94 20.25
CA VAL B 591 20.85 6.38 21.39
C VAL B 591 21.12 4.90 21.09
N SER B 592 22.37 4.49 21.26
CA SER B 592 22.77 3.10 21.05
C SER B 592 23.57 2.64 22.26
N VAL B 593 23.37 1.39 22.66
CA VAL B 593 23.97 0.84 23.86
C VAL B 593 25.04 -0.16 23.45
N ILE B 594 26.24 0.00 24.01
CA ILE B 594 27.36 -0.89 23.73
C ILE B 594 27.51 -1.85 24.90
N THR B 595 27.33 -3.15 24.63
CA THR B 595 27.40 -4.15 25.67
C THR B 595 28.15 -5.39 25.21
N PRO B 596 28.92 -6.02 26.09
CA PRO B 596 29.38 -7.38 25.84
C PRO B 596 28.27 -8.37 26.15
N GLY B 597 28.58 -9.65 26.00
CA GLY B 597 27.61 -10.70 26.30
C GLY B 597 27.12 -10.63 27.73
N THR B 598 25.80 -10.73 27.92
CA THR B 598 25.25 -10.63 29.27
C THR B 598 25.73 -11.79 30.15
N ASN B 599 26.08 -12.93 29.54
CA ASN B 599 26.67 -14.02 30.31
C ASN B 599 28.08 -13.71 30.76
N THR B 600 28.71 -12.67 30.20
CA THR B 600 30.03 -12.23 30.64
C THR B 600 29.91 -11.16 31.72
N SER B 601 29.18 -10.08 31.45
CA SER B 601 29.01 -9.02 32.42
C SER B 601 27.74 -8.24 32.08
N ASN B 602 27.22 -7.53 33.08
CA ASN B 602 26.06 -6.67 32.91
C ASN B 602 26.44 -5.21 32.72
N GLN B 603 27.74 -4.91 32.61
CA GLN B 603 28.17 -3.54 32.40
C GLN B 603 27.93 -3.11 30.96
N VAL B 604 27.36 -1.94 30.76
CA VAL B 604 27.11 -1.41 29.43
C VAL B 604 27.62 0.03 29.36
N ALA B 605 27.89 0.48 28.14
CA ALA B 605 28.21 1.87 27.85
C ALA B 605 27.28 2.36 26.76
N VAL B 606 26.95 3.65 26.78
CA VAL B 606 25.92 4.21 25.91
C VAL B 606 26.52 5.29 25.04
N LEU B 607 26.17 5.26 23.75
CA LEU B 607 26.64 6.22 22.76
C LEU B 607 25.47 7.09 22.32
N TYR B 608 25.62 8.41 22.45
CA TYR B 608 24.66 9.35 21.90
C TYR B 608 25.09 9.70 20.48
N GLN B 609 24.19 9.51 19.51
CA GLN B 609 24.56 9.69 18.11
C GLN B 609 24.38 11.14 17.68
N GLY B 610 25.43 11.72 17.14
CA GLY B 610 25.37 13.02 16.51
C GLY B 610 24.98 14.18 17.41
N VAL B 611 25.59 14.26 18.59
CA VAL B 611 25.29 15.34 19.52
C VAL B 611 26.57 15.79 20.20
N ASN B 612 26.53 16.95 20.85
CA ASN B 612 27.69 17.53 21.52
C ASN B 612 27.71 17.11 22.98
N CYS B 613 28.87 17.24 23.61
CA CYS B 613 29.03 16.77 24.98
C CYS B 613 28.55 17.80 25.99
N THR B 614 28.94 19.06 25.82
CA THR B 614 28.53 20.11 26.76
C THR B 614 27.01 20.31 26.72
N GLU B 615 26.43 20.24 25.54
CA GLU B 615 24.98 20.43 25.41
C GLU B 615 24.22 19.35 26.16
N VAL B 616 24.70 18.11 26.10
CA VAL B 616 24.04 17.02 26.82
C VAL B 616 24.17 17.20 28.33
N SER B 617 25.37 17.58 28.78
CA SER B 617 25.64 17.66 30.21
C SER B 617 24.77 18.70 30.89
N VAL B 618 24.61 19.87 30.27
CA VAL B 618 23.80 20.92 30.87
C VAL B 618 22.32 20.52 30.84
N ALA B 619 21.92 19.71 29.86
CA ALA B 619 20.54 19.24 29.82
C ALA B 619 20.28 18.15 30.86
N ILE B 620 21.29 17.36 31.19
CA ILE B 620 21.13 16.34 32.23
C ILE B 620 20.94 17.00 33.59
N HIS B 621 21.71 18.04 33.88
CA HIS B 621 21.67 18.68 35.19
C HIS B 621 20.31 19.32 35.46
N ALA B 622 19.73 19.97 34.44
CA ALA B 622 18.50 20.73 34.62
C ALA B 622 17.26 19.92 34.24
N ASP B 623 17.45 18.60 34.25
CA ASP B 623 16.37 17.65 33.96
C ASP B 623 15.64 17.98 32.67
N GLN B 624 16.36 17.98 31.55
CA GLN B 624 15.74 18.31 30.28
C GLN B 624 15.76 17.16 29.29
N LEU B 625 16.69 16.22 29.43
CA LEU B 625 16.76 15.10 28.50
C LEU B 625 15.56 14.17 28.71
N THR B 626 15.04 13.64 27.60
CA THR B 626 13.82 12.84 27.68
C THR B 626 14.06 11.47 28.34
N PRO B 627 15.04 10.65 27.93
CA PRO B 627 15.20 9.34 28.58
C PRO B 627 15.59 9.46 30.04
N THR B 628 14.73 8.99 30.92
CA THR B 628 14.94 9.13 32.36
C THR B 628 16.05 8.24 32.89
N TRP B 629 16.50 7.25 32.12
CA TRP B 629 17.63 6.43 32.54
C TRP B 629 18.90 7.26 32.34
N ARG B 630 19.73 7.33 33.37
CA ARG B 630 20.94 8.15 33.35
C ARG B 630 22.14 7.28 33.69
N VAL B 631 23.18 7.36 32.87
CA VAL B 631 24.43 6.66 33.16
C VAL B 631 25.37 7.61 33.88
N TYR B 632 25.99 7.11 34.95
CA TYR B 632 26.73 7.93 35.87
C TYR B 632 28.00 8.47 35.23
N SER B 633 28.21 9.77 35.34
CA SER B 633 29.34 10.47 34.75
C SER B 633 30.24 10.99 35.85
N THR B 634 31.55 10.78 35.71
CA THR B 634 32.50 11.22 36.72
C THR B 634 33.73 11.87 36.10
N GLY B 635 33.58 12.50 34.95
CA GLY B 635 34.71 13.13 34.29
C GLY B 635 35.57 12.13 33.55
N SER B 636 35.82 10.97 34.17
CA SER B 636 36.59 9.90 33.52
C SER B 636 35.77 9.15 32.48
N ASN B 637 34.45 9.37 32.43
CA ASN B 637 33.67 8.77 31.36
C ASN B 637 32.86 9.89 30.70
N VAL B 638 33.54 10.65 29.85
CA VAL B 638 32.96 11.60 28.89
C VAL B 638 33.98 11.70 27.77
N PHE B 639 33.55 11.46 26.53
CA PHE B 639 34.50 11.45 25.44
C PHE B 639 33.78 11.93 24.18
N GLN B 640 33.96 13.20 23.85
CA GLN B 640 33.41 13.75 22.62
C GLN B 640 34.12 13.17 21.42
N THR B 641 33.45 12.24 20.73
CA THR B 641 33.98 11.66 19.51
C THR B 641 33.48 12.47 18.31
N ARG B 642 33.71 11.95 17.11
CA ARG B 642 33.21 12.60 15.90
C ARG B 642 31.80 12.14 15.55
N ALA B 643 31.35 11.02 16.13
CA ALA B 643 30.01 10.51 15.87
C ALA B 643 29.08 10.72 17.07
N GLY B 644 29.54 11.41 18.11
CA GLY B 644 28.70 11.69 19.24
C GLY B 644 29.51 11.78 20.52
N CYS B 645 28.84 11.53 21.64
CA CYS B 645 29.40 11.70 22.98
C CYS B 645 29.27 10.40 23.75
N LEU B 646 30.35 9.62 23.80
CA LEU B 646 30.40 8.44 24.65
C LEU B 646 30.46 8.87 26.12
N ILE B 647 29.58 8.30 26.93
CA ILE B 647 29.41 8.78 28.31
C ILE B 647 29.46 7.63 29.30
N GLY B 648 30.01 6.49 28.88
CA GLY B 648 30.08 5.36 29.78
C GLY B 648 31.36 4.54 29.69
N ALA B 649 32.36 5.05 28.99
CA ALA B 649 33.59 4.31 28.75
C ALA B 649 34.79 5.19 28.99
N GLU B 650 35.92 4.55 29.30
CA GLU B 650 37.18 5.24 29.51
C GLU B 650 37.85 5.59 28.18
N TYR B 651 39.06 6.10 28.24
CA TYR B 651 39.87 6.30 27.04
C TYR B 651 41.25 5.72 27.32
N VAL B 652 41.81 5.08 26.29
CA VAL B 652 43.09 4.40 26.43
C VAL B 652 43.97 4.75 25.25
N ASN B 653 45.27 4.44 25.35
CA ASN B 653 46.20 4.68 24.26
C ASN B 653 46.91 3.40 23.86
N ASN B 654 46.28 2.62 23.00
CA ASN B 654 46.82 1.35 22.54
C ASN B 654 46.26 1.01 21.17
N SER B 655 46.40 -0.24 20.75
CA SER B 655 45.91 -0.63 19.43
C SER B 655 45.67 -2.13 19.34
N TYR B 656 44.45 -2.52 18.97
CA TYR B 656 44.13 -3.93 18.76
C TYR B 656 43.10 -4.02 17.64
N GLU B 657 42.89 -5.25 17.16
CA GLU B 657 41.78 -5.49 16.26
C GLU B 657 40.47 -5.20 16.99
N CYS B 658 39.88 -4.06 16.66
CA CYS B 658 38.83 -3.50 17.49
C CYS B 658 37.58 -4.37 17.47
N ASP B 659 36.92 -4.47 18.62
CA ASP B 659 35.84 -5.45 18.83
C ASP B 659 34.49 -4.90 18.41
N ILE B 660 34.06 -3.79 19.02
CA ILE B 660 32.75 -3.21 18.76
C ILE B 660 32.97 -1.93 17.95
N PRO B 661 32.60 -1.91 16.68
CA PRO B 661 32.78 -0.69 15.88
C PRO B 661 31.85 0.43 16.34
N ILE B 662 32.44 1.57 16.69
CA ILE B 662 31.68 2.74 17.11
C ILE B 662 31.54 3.74 15.99
N GLY B 663 32.62 4.04 15.28
CA GLY B 663 32.55 4.97 14.18
C GLY B 663 33.70 5.96 14.13
N ALA B 664 34.06 6.39 12.92
CA ALA B 664 35.07 7.42 12.69
C ALA B 664 36.43 7.04 13.26
N GLY B 665 36.76 5.75 13.28
CA GLY B 665 38.09 5.28 13.59
C GLY B 665 38.25 4.70 14.99
N ILE B 666 37.27 4.90 15.86
CA ILE B 666 37.38 4.38 17.23
C ILE B 666 36.60 3.09 17.38
N CYS B 667 36.92 2.33 18.42
CA CYS B 667 36.21 1.10 18.76
C CYS B 667 36.29 0.88 20.26
N ALA B 668 35.45 -0.01 20.76
CA ALA B 668 35.38 -0.31 22.19
C ALA B 668 35.48 -1.80 22.41
N SER B 669 35.97 -2.18 23.59
CA SER B 669 36.11 -3.59 23.94
C SER B 669 36.18 -3.73 25.45
N TYR B 670 35.98 -4.96 25.92
CA TYR B 670 36.04 -5.29 27.35
C TYR B 670 37.42 -5.85 27.65
N GLN B 671 38.27 -5.04 28.29
CA GLN B 671 39.66 -5.43 28.55
C GLN B 671 39.95 -5.35 30.04
N THR B 672 40.91 -6.15 30.46
CA THR B 672 41.30 -6.21 31.87
C THR B 672 42.26 -5.07 32.20
N GLN B 673 42.04 -4.42 33.33
CA GLN B 673 42.92 -3.34 33.78
C GLN B 673 44.14 -3.93 34.49
N SER B 685 38.69 -4.54 38.00
CA SER B 685 39.71 -5.13 37.15
C SER B 685 39.23 -5.21 35.70
N GLN B 686 37.94 -4.93 35.50
CA GLN B 686 37.34 -4.98 34.17
C GLN B 686 36.61 -3.66 33.91
N SER B 687 36.72 -3.17 32.68
CA SER B 687 36.07 -1.93 32.29
C SER B 687 35.95 -1.91 30.78
N ILE B 688 35.37 -0.83 30.26
CA ILE B 688 35.18 -0.64 28.82
C ILE B 688 36.09 0.50 28.38
N ILE B 689 36.92 0.24 27.39
CA ILE B 689 37.90 1.20 26.91
C ILE B 689 37.62 1.54 25.46
N ALA B 690 38.02 2.73 25.04
CA ALA B 690 37.88 3.20 23.67
C ALA B 690 39.27 3.51 23.13
N TYR B 691 39.54 3.06 21.91
CA TYR B 691 40.87 3.20 21.31
C TYR B 691 40.72 3.33 19.80
N THR B 692 41.81 3.76 19.15
CA THR B 692 41.87 3.84 17.71
C THR B 692 42.24 2.48 17.14
N MET B 693 41.58 2.08 16.05
CA MET B 693 41.81 0.77 15.46
C MET B 693 43.24 0.64 14.97
N SER B 694 43.76 -0.59 15.01
CA SER B 694 45.06 -0.89 14.43
C SER B 694 44.86 -1.62 13.11
N LEU B 695 45.45 -1.09 12.04
CA LEU B 695 45.30 -1.70 10.73
C LEU B 695 46.13 -2.96 10.56
N GLY B 696 47.03 -3.25 11.48
CA GLY B 696 47.81 -4.46 11.42
C GLY B 696 49.16 -4.25 12.05
N ALA B 697 49.96 -5.31 12.04
CA ALA B 697 51.30 -5.25 12.60
C ALA B 697 52.19 -4.37 11.73
N GLU B 698 53.04 -3.56 12.38
CA GLU B 698 53.99 -2.72 11.67
C GLU B 698 55.12 -3.59 11.14
N ASN B 699 55.30 -3.60 9.82
CA ASN B 699 56.32 -4.41 9.18
C ASN B 699 57.09 -3.58 8.17
N SER B 700 58.39 -3.85 8.08
CA SER B 700 59.26 -3.18 7.13
C SER B 700 60.06 -4.24 6.36
N VAL B 701 60.25 -3.96 5.07
CA VAL B 701 60.98 -4.87 4.19
C VAL B 701 62.32 -4.23 3.84
N ALA B 702 63.25 -5.06 3.39
CA ALA B 702 64.62 -4.63 3.10
C ALA B 702 64.87 -4.72 1.60
N TYR B 703 64.53 -3.66 0.88
CA TYR B 703 64.86 -3.59 -0.53
C TYR B 703 66.35 -3.30 -0.70
N SER B 704 66.93 -3.87 -1.75
CA SER B 704 68.34 -3.68 -2.02
C SER B 704 68.58 -3.85 -3.51
N ASN B 705 69.73 -3.35 -3.98
CA ASN B 705 70.05 -3.42 -5.40
C ASN B 705 70.23 -4.86 -5.87
N ASN B 706 70.85 -5.70 -5.05
CA ASN B 706 71.06 -7.10 -5.42
C ASN B 706 70.86 -7.96 -4.16
N SER B 707 69.62 -8.36 -3.94
CA SER B 707 69.28 -9.20 -2.78
C SER B 707 67.95 -9.90 -3.02
N ILE B 708 67.96 -11.23 -3.00
CA ILE B 708 66.75 -12.01 -3.21
C ILE B 708 66.49 -12.86 -1.98
N ALA B 709 65.25 -13.33 -1.87
CA ALA B 709 64.84 -14.22 -0.79
C ALA B 709 64.06 -15.37 -1.40
N ILE B 710 64.67 -16.54 -1.45
CA ILE B 710 64.08 -17.72 -2.06
C ILE B 710 63.69 -18.70 -0.96
N PRO B 711 62.45 -19.19 -0.94
CA PRO B 711 62.05 -20.15 0.11
C PRO B 711 62.81 -21.46 0.00
N THR B 712 62.87 -22.17 1.12
CA THR B 712 63.51 -23.48 1.15
C THR B 712 62.62 -24.57 1.72
N ASN B 713 61.32 -24.31 1.86
CA ASN B 713 60.36 -25.28 2.38
C ASN B 713 58.98 -24.79 1.99
N PHE B 714 57.96 -25.56 2.33
CA PHE B 714 56.59 -25.17 2.02
C PHE B 714 55.66 -25.69 3.10
N THR B 715 54.37 -25.35 2.95
CA THR B 715 53.33 -25.86 3.82
C THR B 715 52.03 -25.92 3.02
N ILE B 716 51.14 -26.82 3.44
CA ILE B 716 49.85 -27.03 2.77
C ILE B 716 48.74 -26.67 3.74
N SER B 717 47.82 -25.82 3.30
CA SER B 717 46.72 -25.38 4.14
C SER B 717 45.40 -25.64 3.41
N VAL B 718 44.38 -25.97 4.18
CA VAL B 718 43.06 -26.26 3.64
C VAL B 718 42.09 -25.28 4.27
N THR B 719 41.64 -24.28 3.50
CA THR B 719 40.67 -23.32 3.98
C THR B 719 39.26 -23.80 3.67
N THR B 720 38.27 -22.95 3.97
CA THR B 720 36.87 -23.28 3.72
C THR B 720 36.13 -22.03 3.30
N GLU B 721 35.09 -22.21 2.50
CA GLU B 721 34.28 -21.11 1.99
C GLU B 721 32.83 -21.55 1.88
N ILE B 722 31.92 -20.72 2.37
CA ILE B 722 30.49 -21.02 2.41
C ILE B 722 29.78 -20.07 1.46
N LEU B 723 28.87 -20.61 0.65
CA LEU B 723 28.13 -19.82 -0.34
C LEU B 723 26.68 -20.27 -0.37
N PRO B 724 25.71 -19.38 -0.16
CA PRO B 724 24.31 -19.76 -0.35
C PRO B 724 24.01 -20.06 -1.81
N VAL B 725 23.08 -21.00 -2.02
CA VAL B 725 22.73 -21.43 -3.37
C VAL B 725 21.25 -21.20 -3.67
N SER B 726 20.41 -21.27 -2.64
CA SER B 726 18.97 -21.17 -2.85
C SER B 726 18.30 -20.80 -1.53
N MET B 727 17.03 -20.41 -1.63
CA MET B 727 16.23 -20.01 -0.48
C MET B 727 14.89 -20.73 -0.51
N THR B 728 14.18 -20.67 0.61
CA THR B 728 12.93 -21.39 0.78
C THR B 728 11.88 -20.87 -0.20
N LYS B 729 11.19 -21.79 -0.88
CA LYS B 729 10.16 -21.45 -1.85
C LYS B 729 8.82 -21.25 -1.16
N THR B 730 8.14 -20.16 -1.48
CA THR B 730 6.86 -19.83 -0.86
C THR B 730 5.81 -19.57 -1.94
N SER B 731 4.56 -19.82 -1.59
CA SER B 731 3.43 -19.80 -2.52
C SER B 731 2.24 -19.07 -1.93
N VAL B 732 2.47 -17.86 -1.40
CA VAL B 732 1.45 -17.12 -0.67
C VAL B 732 0.20 -16.97 -1.54
N ASP B 733 -0.97 -17.14 -0.92
CA ASP B 733 -2.25 -17.13 -1.63
C ASP B 733 -3.07 -15.92 -1.22
N CYS B 734 -3.51 -15.15 -2.23
CA CYS B 734 -4.17 -13.87 -1.97
C CYS B 734 -5.40 -14.05 -1.10
N THR B 735 -6.44 -14.68 -1.65
CA THR B 735 -7.75 -14.65 -1.02
C THR B 735 -7.72 -15.27 0.37
N MET B 736 -7.00 -16.38 0.52
CA MET B 736 -6.87 -16.98 1.84
C MET B 736 -6.17 -16.04 2.82
N TYR B 737 -5.11 -15.35 2.38
CA TYR B 737 -4.44 -14.44 3.30
C TYR B 737 -5.32 -13.25 3.66
N ILE B 738 -5.86 -12.57 2.66
CA ILE B 738 -6.51 -11.28 2.88
C ILE B 738 -7.90 -11.44 3.46
N CYS B 739 -8.66 -12.44 3.02
CA CYS B 739 -10.06 -12.63 3.39
C CYS B 739 -10.28 -14.09 3.73
N GLY B 740 -10.07 -14.46 4.99
CA GLY B 740 -10.29 -15.82 5.41
C GLY B 740 -11.71 -16.25 5.16
N ASP B 741 -11.90 -17.10 4.15
CA ASP B 741 -13.16 -17.71 3.72
C ASP B 741 -14.37 -16.79 3.91
N SER B 742 -14.24 -15.54 3.47
CA SER B 742 -15.30 -14.54 3.57
C SER B 742 -15.70 -14.11 2.16
N THR B 743 -16.96 -14.37 1.81
CA THR B 743 -17.43 -14.11 0.45
C THR B 743 -17.40 -12.63 0.12
N GLU B 744 -17.88 -11.78 1.02
CA GLU B 744 -17.90 -10.34 0.75
C GLU B 744 -16.49 -9.78 0.64
N CYS B 745 -15.60 -10.22 1.52
CA CYS B 745 -14.22 -9.75 1.47
C CYS B 745 -13.53 -10.17 0.16
N SER B 746 -13.77 -11.40 -0.28
CA SER B 746 -13.21 -11.82 -1.57
C SER B 746 -13.82 -11.03 -2.73
N ASN B 747 -15.13 -10.76 -2.66
CA ASN B 747 -15.77 -10.00 -3.71
C ASN B 747 -15.18 -8.60 -3.82
N LEU B 748 -14.97 -7.93 -2.69
CA LEU B 748 -14.37 -6.60 -2.72
C LEU B 748 -12.89 -6.64 -3.09
N LEU B 749 -12.18 -7.70 -2.74
CA LEU B 749 -10.82 -7.89 -3.27
C LEU B 749 -10.82 -7.97 -4.78
N LEU B 750 -11.87 -8.59 -5.35
CA LEU B 750 -11.97 -8.66 -6.81
C LEU B 750 -12.17 -7.31 -7.47
N GLN B 751 -12.51 -6.27 -6.69
CA GLN B 751 -12.75 -4.94 -7.26
C GLN B 751 -11.47 -4.21 -7.66
N TYR B 752 -10.33 -4.58 -7.10
CA TYR B 752 -9.07 -3.91 -7.40
C TYR B 752 -8.40 -4.44 -8.66
N GLY B 753 -9.10 -5.24 -9.46
CA GLY B 753 -8.52 -5.75 -10.68
C GLY B 753 -7.48 -6.84 -10.44
N SER B 754 -6.66 -7.07 -11.46
CA SER B 754 -5.60 -8.06 -11.37
C SER B 754 -4.41 -7.47 -10.63
N PHE B 755 -4.52 -7.36 -9.30
CA PHE B 755 -3.42 -6.77 -8.55
C PHE B 755 -2.45 -7.83 -8.05
N CYS B 756 -2.95 -8.84 -7.34
CA CYS B 756 -2.07 -9.84 -6.75
C CYS B 756 -1.78 -11.02 -7.68
N THR B 757 -2.40 -11.05 -8.86
CA THR B 757 -1.98 -12.03 -9.86
C THR B 757 -0.50 -11.87 -10.19
N GLN B 758 -0.04 -10.62 -10.27
CA GLN B 758 1.38 -10.36 -10.42
C GLN B 758 2.16 -10.93 -9.24
N LEU B 759 1.57 -10.88 -8.03
CA LEU B 759 2.25 -11.42 -6.87
C LEU B 759 2.41 -12.93 -6.97
N LYS B 760 1.36 -13.62 -7.40
CA LYS B 760 1.45 -15.06 -7.58
C LYS B 760 2.46 -15.42 -8.66
N ARG B 761 2.45 -14.67 -9.76
CA ARG B 761 3.42 -14.91 -10.83
C ARG B 761 4.85 -14.67 -10.34
N ALA B 762 5.05 -13.62 -9.56
CA ALA B 762 6.39 -13.35 -9.03
C ALA B 762 6.86 -14.47 -8.13
N LEU B 763 5.98 -14.99 -7.27
CA LEU B 763 6.38 -16.08 -6.39
C LEU B 763 6.68 -17.35 -7.19
N THR B 764 5.90 -17.61 -8.24
CA THR B 764 6.21 -18.74 -9.11
C THR B 764 7.57 -18.59 -9.78
N GLY B 765 7.86 -17.38 -10.28
CA GLY B 765 9.17 -17.14 -10.87
C GLY B 765 10.29 -17.32 -9.87
N ILE B 766 10.06 -16.90 -8.62
CA ILE B 766 11.07 -17.08 -7.57
C ILE B 766 11.35 -18.57 -7.36
N ALA B 767 10.29 -19.38 -7.29
CA ALA B 767 10.48 -20.81 -7.08
C ALA B 767 11.26 -21.44 -8.23
N VAL B 768 10.87 -21.11 -9.47
CA VAL B 768 11.55 -21.68 -10.63
C VAL B 768 13.01 -21.23 -10.66
N GLU B 769 13.28 -19.98 -10.29
CA GLU B 769 14.64 -19.48 -10.25
C GLU B 769 15.47 -20.24 -9.22
N GLN B 770 14.89 -20.53 -8.05
CA GLN B 770 15.64 -21.28 -7.04
C GLN B 770 15.98 -22.68 -7.54
N ASP B 771 15.02 -23.34 -8.18
CA ASP B 771 15.29 -24.67 -8.72
C ASP B 771 16.40 -24.63 -9.77
N LYS B 772 16.35 -23.64 -10.66
CA LYS B 772 17.41 -23.50 -11.66
C LYS B 772 18.75 -23.19 -11.02
N ASN B 773 18.77 -22.42 -9.93
CA ASN B 773 20.01 -22.13 -9.24
C ASN B 773 20.66 -23.40 -8.72
N THR B 774 19.89 -24.23 -8.00
CA THR B 774 20.51 -25.43 -7.46
C THR B 774 20.92 -26.39 -8.56
N GLN B 775 20.14 -26.45 -9.66
CA GLN B 775 20.54 -27.29 -10.78
C GLN B 775 21.85 -26.82 -11.38
N GLU B 776 21.99 -25.52 -11.64
CA GLU B 776 23.23 -24.99 -12.21
C GLU B 776 24.42 -25.28 -11.30
N VAL B 777 24.25 -25.06 -9.99
CA VAL B 777 25.40 -25.17 -9.11
C VAL B 777 25.85 -26.62 -8.96
N PHE B 778 24.90 -27.56 -8.84
CA PHE B 778 25.27 -28.92 -8.47
C PHE B 778 25.34 -29.88 -9.65
N ALA B 779 24.40 -29.81 -10.60
CA ALA B 779 24.36 -30.77 -11.70
C ALA B 779 25.29 -30.36 -12.84
N GLN B 780 26.57 -30.19 -12.50
CA GLN B 780 27.58 -29.78 -13.45
C GLN B 780 28.16 -30.95 -14.25
N VAL B 781 27.86 -32.19 -13.85
CA VAL B 781 28.37 -33.38 -14.54
C VAL B 781 27.17 -34.19 -14.99
N LYS B 782 27.37 -34.99 -16.04
CA LYS B 782 26.27 -35.72 -16.65
C LYS B 782 26.31 -37.22 -16.36
N GLN B 783 27.47 -37.75 -15.97
CA GLN B 783 27.62 -39.16 -15.64
C GLN B 783 28.07 -39.29 -14.20
N ILE B 784 27.39 -40.13 -13.43
CA ILE B 784 27.71 -40.28 -12.01
C ILE B 784 28.74 -41.39 -11.85
N TYR B 785 29.93 -41.02 -11.40
CA TYR B 785 31.03 -41.95 -11.15
C TYR B 785 30.96 -42.44 -9.71
N LYS B 786 31.72 -43.51 -9.43
CA LYS B 786 31.86 -44.00 -8.08
C LYS B 786 33.32 -44.20 -7.74
N THR B 787 33.63 -44.08 -6.44
CA THR B 787 34.99 -44.30 -5.97
C THR B 787 35.34 -45.78 -6.05
N PRO B 788 36.61 -46.11 -6.28
CA PRO B 788 37.01 -47.50 -6.31
C PRO B 788 36.78 -48.16 -4.96
N PRO B 789 36.57 -49.48 -4.93
CA PRO B 789 36.34 -50.15 -3.64
C PRO B 789 37.49 -49.98 -2.66
N ILE B 790 38.72 -49.98 -3.13
CA ILE B 790 39.88 -49.79 -2.28
C ILE B 790 40.19 -48.30 -2.19
N LYS B 791 40.53 -47.84 -0.99
CA LYS B 791 40.84 -46.43 -0.74
C LYS B 791 42.28 -46.35 -0.27
N TYR B 792 43.21 -46.34 -1.23
CA TYR B 792 44.63 -46.09 -0.98
C TYR B 792 45.14 -45.24 -2.14
N PHE B 793 45.05 -43.92 -1.99
CA PHE B 793 45.44 -42.99 -3.04
C PHE B 793 46.84 -42.46 -2.75
N GLY B 794 47.80 -43.37 -2.76
CA GLY B 794 49.19 -43.00 -2.58
C GLY B 794 49.53 -42.44 -1.22
N GLY B 795 48.73 -42.76 -0.20
CA GLY B 795 48.95 -42.27 1.15
C GLY B 795 48.02 -41.15 1.56
N PHE B 796 47.32 -40.53 0.61
CA PHE B 796 46.37 -39.48 0.94
C PHE B 796 45.09 -40.10 1.52
N ASN B 797 44.70 -39.65 2.70
CA ASN B 797 43.53 -40.16 3.40
C ASN B 797 42.36 -39.22 3.18
N PHE B 798 41.40 -39.64 2.36
CA PHE B 798 40.21 -38.86 2.10
C PHE B 798 38.98 -39.35 2.85
N SER B 799 39.14 -40.21 3.84
CA SER B 799 38.00 -40.89 4.45
C SER B 799 37.01 -39.94 5.10
N GLN B 800 37.37 -38.66 5.21
CA GLN B 800 36.49 -37.67 5.79
C GLN B 800 35.59 -36.96 4.78
N ILE B 801 35.79 -37.17 3.49
CA ILE B 801 34.98 -36.48 2.49
C ILE B 801 34.17 -37.42 1.62
N LEU B 802 34.60 -38.66 1.37
CA LEU B 802 33.76 -39.56 0.59
C LEU B 802 32.60 -40.06 1.44
N PRO B 803 31.50 -40.49 0.81
CA PRO B 803 30.33 -40.93 1.58
C PRO B 803 30.66 -42.11 2.48
N ASP B 804 30.01 -42.12 3.65
CA ASP B 804 30.18 -43.20 4.62
C ASP B 804 29.06 -44.20 4.45
N PRO B 805 29.35 -45.44 4.04
CA PRO B 805 28.27 -46.40 3.77
C PRO B 805 27.41 -46.72 4.98
N SER B 806 27.99 -46.72 6.18
CA SER B 806 27.23 -47.11 7.38
C SER B 806 26.10 -46.13 7.65
N LYS B 807 26.34 -44.84 7.46
CA LYS B 807 25.29 -43.85 7.67
C LYS B 807 24.19 -44.06 6.64
N PRO B 808 22.93 -44.19 7.06
CA PRO B 808 21.85 -44.43 6.08
C PRO B 808 21.70 -43.34 5.05
N SER B 809 21.99 -42.09 5.39
CA SER B 809 21.88 -41.00 4.43
C SER B 809 23.03 -40.98 3.42
N LYS B 810 24.08 -41.77 3.64
CA LYS B 810 25.22 -41.85 2.73
C LYS B 810 25.88 -40.48 2.55
N ARG B 811 26.32 -39.92 3.67
CA ARG B 811 26.92 -38.60 3.70
C ARG B 811 28.22 -38.64 4.48
N SER B 812 29.15 -37.78 4.08
CA SER B 812 30.45 -37.70 4.73
C SER B 812 30.31 -37.12 6.14
N PRO B 813 31.27 -37.38 7.02
CA PRO B 813 31.22 -36.75 8.36
C PRO B 813 31.21 -35.22 8.32
N ILE B 814 31.93 -34.62 7.38
CA ILE B 814 31.90 -33.17 7.25
C ILE B 814 30.51 -32.70 6.86
N GLU B 815 29.84 -33.42 5.97
CA GLU B 815 28.46 -33.08 5.63
C GLU B 815 27.54 -33.29 6.82
N ASP B 816 27.81 -34.30 7.64
CA ASP B 816 26.99 -34.56 8.81
C ASP B 816 27.08 -33.42 9.81
N LEU B 817 28.29 -32.92 10.07
CA LEU B 817 28.42 -31.77 10.96
C LEU B 817 27.70 -30.55 10.40
N LEU B 818 27.81 -30.34 9.08
CA LEU B 818 27.13 -29.21 8.45
C LEU B 818 25.62 -29.32 8.62
N PHE B 819 25.07 -30.52 8.44
CA PHE B 819 23.63 -30.72 8.66
C PHE B 819 23.26 -30.47 10.11
N ASN B 820 24.02 -31.02 11.05
CA ASN B 820 23.67 -30.90 12.46
C ASN B 820 23.85 -29.49 13.02
N LYS B 821 24.68 -28.66 12.41
CA LYS B 821 24.89 -27.30 12.89
C LYS B 821 23.93 -26.30 12.28
N VAL B 822 23.01 -26.73 11.43
CA VAL B 822 22.02 -25.84 10.81
C VAL B 822 20.64 -26.36 11.15
N THR B 823 19.82 -25.50 11.74
CA THR B 823 18.46 -25.84 12.13
C THR B 823 17.48 -25.03 11.29
N LEU B 824 16.59 -25.72 10.59
CA LEU B 824 15.61 -25.08 9.72
C LEU B 824 14.31 -24.87 10.51
N ALA B 825 13.82 -23.62 10.51
CA ALA B 825 12.55 -23.34 11.14
C ALA B 825 11.41 -24.08 10.45
N ASP B 826 11.38 -24.06 9.13
CA ASP B 826 10.35 -24.72 8.34
C ASP B 826 11.02 -25.61 7.30
N ALA B 827 11.06 -26.92 7.56
CA ALA B 827 11.63 -27.84 6.59
C ALA B 827 10.79 -27.89 5.33
N GLY B 828 9.47 -27.85 5.47
CA GLY B 828 8.56 -27.86 4.33
C GLY B 828 8.08 -29.22 3.88
N PHE B 829 9.00 -30.19 3.79
CA PHE B 829 8.64 -31.53 3.33
C PHE B 829 8.21 -32.40 4.50
N ILE B 830 7.27 -31.92 5.30
CA ILE B 830 6.82 -32.64 6.49
C ILE B 830 5.36 -33.03 6.34
N LYS B 831 4.60 -32.22 5.60
CA LYS B 831 3.14 -32.32 5.56
C LYS B 831 2.57 -32.23 6.97
N GLN B 832 2.91 -31.13 7.64
CA GLN B 832 2.68 -30.98 9.07
C GLN B 832 1.21 -30.94 9.45
N TYR B 833 0.30 -30.75 8.48
CA TYR B 833 -1.12 -30.82 8.80
C TYR B 833 -1.47 -32.22 9.31
N GLY B 834 -2.26 -32.26 10.38
CA GLY B 834 -2.61 -33.49 11.06
C GLY B 834 -1.96 -33.66 12.41
N ASP B 835 -0.87 -32.93 12.69
CA ASP B 835 -0.27 -32.94 14.01
C ASP B 835 -0.39 -31.60 14.73
N CYS B 836 -0.98 -30.58 14.11
CA CYS B 836 -1.33 -29.38 14.86
C CYS B 836 -2.34 -29.70 15.94
N LEU B 837 -3.23 -30.66 15.69
CA LEU B 837 -4.08 -31.20 16.75
C LEU B 837 -3.25 -32.00 17.75
N GLY B 838 -2.24 -32.72 17.26
CA GLY B 838 -1.32 -33.44 18.11
C GLY B 838 -0.22 -32.60 18.71
N ASP B 839 -0.19 -31.30 18.38
CA ASP B 839 0.78 -30.39 18.98
C ASP B 839 0.59 -30.26 20.48
N ILE B 840 -0.60 -30.60 20.99
CA ILE B 840 -0.92 -30.58 22.41
C ILE B 840 -0.79 -29.16 22.95
N ALA B 841 0.44 -28.64 23.00
CA ALA B 841 0.69 -27.31 23.53
C ALA B 841 0.32 -26.27 22.48
N ALA B 842 0.72 -25.02 22.72
CA ALA B 842 0.48 -23.96 21.75
C ALA B 842 1.19 -24.28 20.44
N ARG B 843 0.47 -24.14 19.33
CA ARG B 843 1.03 -24.51 18.04
C ARG B 843 2.18 -23.58 17.66
N ASP B 844 3.14 -24.13 16.92
CA ASP B 844 4.37 -23.42 16.62
C ASP B 844 4.19 -22.52 15.40
N LEU B 845 5.31 -21.97 14.91
CA LEU B 845 5.27 -21.02 13.80
C LEU B 845 4.71 -21.68 12.55
N ILE B 846 4.99 -22.96 12.34
CA ILE B 846 4.56 -23.63 11.12
C ILE B 846 3.04 -23.77 11.09
N CYS B 847 2.46 -24.26 12.18
CA CYS B 847 1.00 -24.36 12.25
C CYS B 847 0.35 -22.98 12.18
N ALA B 848 0.98 -21.99 12.83
CA ALA B 848 0.45 -20.63 12.79
C ALA B 848 0.43 -20.08 11.37
N GLN B 849 1.50 -20.31 10.61
CA GLN B 849 1.51 -19.88 9.21
C GLN B 849 0.48 -20.64 8.39
N LYS B 850 0.36 -21.96 8.62
CA LYS B 850 -0.64 -22.74 7.90
C LYS B 850 -2.05 -22.28 8.22
N PHE B 851 -2.24 -21.59 9.34
CA PHE B 851 -3.56 -21.07 9.68
C PHE B 851 -4.07 -20.04 8.67
N ASN B 852 -3.19 -19.40 7.89
CA ASN B 852 -3.62 -18.28 7.06
C ASN B 852 -3.07 -18.39 5.64
N GLY B 853 -3.04 -19.60 5.09
CA GLY B 853 -2.73 -19.75 3.68
C GLY B 853 -1.35 -19.30 3.25
N LEU B 854 -0.33 -19.59 4.05
CA LEU B 854 1.05 -19.19 3.75
C LEU B 854 1.91 -20.45 3.78
N THR B 855 2.03 -21.11 2.63
CA THR B 855 2.65 -22.42 2.54
C THR B 855 4.11 -22.32 2.11
N VAL B 856 4.81 -23.45 2.25
CA VAL B 856 6.20 -23.59 1.83
C VAL B 856 6.30 -24.85 0.97
N LEU B 857 6.81 -24.70 -0.25
CA LEU B 857 6.93 -25.83 -1.15
C LEU B 857 8.27 -26.54 -0.96
N PRO B 858 8.36 -27.82 -1.31
CA PRO B 858 9.61 -28.55 -1.14
C PRO B 858 10.50 -28.40 -2.36
N PRO B 859 11.81 -28.41 -2.17
CA PRO B 859 12.72 -28.31 -3.32
C PRO B 859 12.62 -29.55 -4.20
N LEU B 860 12.85 -29.34 -5.51
CA LEU B 860 12.78 -30.44 -6.45
C LEU B 860 13.87 -31.48 -6.17
N LEU B 861 15.09 -31.03 -5.93
CA LEU B 861 16.21 -31.92 -5.66
C LEU B 861 16.32 -32.12 -4.16
N THR B 862 16.10 -33.35 -3.70
CA THR B 862 16.13 -33.63 -2.27
C THR B 862 17.56 -33.50 -1.74
N ASP B 863 17.66 -33.41 -0.41
CA ASP B 863 18.95 -33.34 0.25
C ASP B 863 19.77 -34.61 0.09
N GLU B 864 19.16 -35.70 -0.36
CA GLU B 864 19.87 -36.96 -0.53
C GLU B 864 20.57 -37.01 -1.90
N MET B 865 19.84 -36.69 -2.96
CA MET B 865 20.42 -36.75 -4.30
C MET B 865 21.42 -35.62 -4.53
N ILE B 866 21.30 -34.51 -3.80
CA ILE B 866 22.34 -33.49 -3.84
C ILE B 866 23.66 -34.07 -3.34
N ALA B 867 23.60 -34.88 -2.27
CA ALA B 867 24.79 -35.55 -1.78
C ALA B 867 25.33 -36.54 -2.81
N GLN B 868 24.45 -37.19 -3.57
CA GLN B 868 24.92 -38.09 -4.62
C GLN B 868 25.65 -37.33 -5.72
N TYR B 869 25.13 -36.17 -6.11
CA TYR B 869 25.83 -35.33 -7.08
C TYR B 869 27.18 -34.89 -6.54
N THR B 870 27.23 -34.48 -5.28
CA THR B 870 28.49 -34.08 -4.67
C THR B 870 29.48 -35.24 -4.67
N SER B 871 29.01 -36.45 -4.35
CA SER B 871 29.89 -37.61 -4.36
C SER B 871 30.41 -37.90 -5.75
N ALA B 872 29.57 -37.75 -6.78
CA ALA B 872 30.03 -37.95 -8.15
C ALA B 872 31.12 -36.95 -8.52
N LEU B 873 30.88 -35.67 -8.24
CA LEU B 873 31.90 -34.66 -8.52
C LEU B 873 33.20 -34.94 -7.75
N LEU B 874 33.09 -35.42 -6.52
CA LEU B 874 34.28 -35.65 -5.71
C LEU B 874 35.04 -36.89 -6.21
N ALA B 875 34.32 -37.92 -6.63
CA ALA B 875 34.97 -39.14 -7.08
C ALA B 875 35.51 -39.01 -8.49
N GLY B 876 35.02 -38.03 -9.26
CA GLY B 876 35.61 -37.79 -10.57
C GLY B 876 36.96 -37.11 -10.48
N THR B 877 37.22 -36.41 -9.39
CA THR B 877 38.43 -35.63 -9.19
C THR B 877 39.63 -36.47 -8.77
N ILE B 878 39.42 -37.54 -8.01
CA ILE B 878 40.53 -38.28 -7.41
C ILE B 878 41.01 -39.44 -8.29
N THR B 879 40.25 -39.87 -9.29
CA THR B 879 40.67 -40.98 -10.14
C THR B 879 41.00 -40.57 -11.56
N SER B 880 40.54 -39.41 -12.02
CA SER B 880 40.75 -38.98 -13.40
C SER B 880 41.28 -37.56 -13.52
N GLY B 881 41.65 -36.93 -12.40
CA GLY B 881 42.16 -35.57 -12.46
C GLY B 881 41.10 -34.60 -12.95
N TRP B 882 41.50 -33.73 -13.87
CA TRP B 882 40.59 -32.76 -14.48
C TRP B 882 40.15 -33.18 -15.87
N THR B 883 40.46 -34.40 -16.30
CA THR B 883 40.15 -34.80 -17.67
C THR B 883 38.68 -35.14 -17.84
N PHE B 884 37.95 -35.30 -16.73
CA PHE B 884 36.54 -35.66 -16.82
C PHE B 884 35.69 -34.40 -17.02
N GLY B 885 36.34 -33.24 -17.10
CA GLY B 885 35.63 -32.01 -17.37
C GLY B 885 35.48 -31.73 -18.85
N ALA B 886 36.58 -31.83 -19.60
CA ALA B 886 36.58 -31.58 -21.03
C ALA B 886 35.80 -32.64 -21.80
N GLY B 887 36.22 -33.90 -21.71
CA GLY B 887 35.58 -34.97 -22.44
C GLY B 887 35.48 -36.26 -21.66
N PRO B 888 35.88 -37.36 -22.28
CA PRO B 888 35.88 -38.65 -21.59
C PRO B 888 36.86 -38.67 -20.43
N ALA B 889 36.50 -39.45 -19.40
CA ALA B 889 37.33 -39.54 -18.21
C ALA B 889 38.45 -40.55 -18.43
N LEU B 890 39.68 -40.12 -18.15
CA LEU B 890 40.86 -40.94 -18.33
C LEU B 890 41.54 -41.14 -16.99
N GLN B 891 41.81 -42.39 -16.63
CA GLN B 891 42.36 -42.72 -15.32
C GLN B 891 43.80 -42.22 -15.19
N ILE B 892 44.22 -41.93 -13.96
CA ILE B 892 45.58 -41.48 -13.68
C ILE B 892 45.85 -41.65 -12.19
N PRO B 893 47.02 -42.12 -11.80
CA PRO B 893 47.33 -42.26 -10.37
C PRO B 893 47.41 -40.91 -9.67
N PHE B 894 47.02 -40.91 -8.40
CA PHE B 894 47.02 -39.67 -7.63
C PHE B 894 48.40 -39.05 -7.46
N PRO B 895 49.48 -39.79 -7.19
CA PRO B 895 50.80 -39.13 -7.14
C PRO B 895 51.16 -38.41 -8.44
N MET B 896 50.82 -39.00 -9.58
CA MET B 896 51.09 -38.32 -10.85
C MET B 896 50.20 -37.10 -11.03
N GLN B 897 48.94 -37.19 -10.60
CA GLN B 897 48.07 -36.02 -10.69
C GLN B 897 48.58 -34.88 -9.82
N MET B 898 49.04 -35.20 -8.60
CA MET B 898 49.66 -34.17 -7.77
C MET B 898 50.94 -33.63 -8.39
N ALA B 899 51.72 -34.47 -9.06
CA ALA B 899 52.90 -33.96 -9.76
C ALA B 899 52.51 -32.97 -10.83
N TYR B 900 51.43 -33.26 -11.57
CA TYR B 900 50.93 -32.32 -12.55
C TYR B 900 50.52 -31.00 -11.92
N ARG B 901 49.77 -31.07 -10.82
CA ARG B 901 49.30 -29.85 -10.17
C ARG B 901 50.46 -29.03 -9.61
N PHE B 902 51.50 -29.71 -9.12
CA PHE B 902 52.72 -29.01 -8.70
C PHE B 902 53.41 -28.34 -9.89
N ASN B 903 53.46 -29.04 -11.02
CA ASN B 903 54.04 -28.45 -12.22
C ASN B 903 53.27 -27.22 -12.67
N GLY B 904 51.97 -27.20 -12.39
CA GLY B 904 51.16 -26.04 -12.72
C GLY B 904 51.56 -24.80 -11.95
N ILE B 905 51.93 -24.96 -10.68
CA ILE B 905 52.31 -23.85 -9.82
C ILE B 905 53.56 -23.17 -10.35
N GLY B 906 54.52 -23.96 -10.80
CA GLY B 906 55.80 -23.44 -11.22
C GLY B 906 56.96 -24.07 -10.48
N VAL B 907 56.76 -25.28 -9.98
CA VAL B 907 57.80 -26.05 -9.30
C VAL B 907 57.84 -27.45 -9.90
N THR B 908 59.04 -27.97 -10.11
CA THR B 908 59.20 -29.21 -10.86
C THR B 908 58.69 -30.42 -10.08
N GLN B 909 58.53 -31.53 -10.82
CA GLN B 909 57.94 -32.74 -10.24
C GLN B 909 58.85 -33.39 -9.22
N ASN B 910 60.17 -33.22 -9.39
CA ASN B 910 61.11 -33.93 -8.52
C ASN B 910 60.96 -33.53 -7.07
N VAL B 911 60.49 -32.31 -6.80
CA VAL B 911 60.29 -31.90 -5.41
C VAL B 911 59.20 -32.76 -4.76
N LEU B 912 58.11 -33.04 -5.49
CA LEU B 912 57.08 -33.92 -4.95
C LEU B 912 57.58 -35.35 -4.86
N TYR B 913 58.29 -35.82 -5.88
CA TYR B 913 58.75 -37.20 -5.84
C TYR B 913 59.82 -37.43 -4.78
N GLU B 914 60.46 -36.38 -4.28
CA GLU B 914 61.35 -36.52 -3.13
C GLU B 914 60.68 -36.28 -1.78
N ASN B 915 59.63 -35.46 -1.71
CA ASN B 915 58.97 -35.19 -0.43
C ASN B 915 57.51 -35.59 -0.46
N GLN B 916 57.19 -36.73 -1.07
CA GLN B 916 55.83 -37.27 -1.08
C GLN B 916 55.24 -37.51 0.31
N LYS B 917 56.02 -38.05 1.24
CA LYS B 917 55.48 -38.38 2.55
C LYS B 917 55.02 -37.14 3.32
N LEU B 918 55.83 -36.08 3.28
CA LEU B 918 55.53 -34.88 4.04
C LEU B 918 54.22 -34.23 3.58
N ILE B 919 54.01 -34.14 2.26
CA ILE B 919 52.80 -33.52 1.76
C ILE B 919 51.57 -34.33 2.11
N ALA B 920 51.67 -35.67 2.06
CA ALA B 920 50.55 -36.50 2.46
C ALA B 920 50.23 -36.31 3.94
N ASN B 921 51.26 -36.26 4.79
CA ASN B 921 51.03 -36.07 6.21
C ASN B 921 50.40 -34.71 6.50
N GLN B 922 50.88 -33.66 5.83
CA GLN B 922 50.30 -32.33 6.03
C GLN B 922 48.86 -32.28 5.54
N PHE B 923 48.56 -32.94 4.42
CA PHE B 923 47.19 -33.03 3.93
C PHE B 923 46.30 -33.69 4.97
N ASN B 924 46.75 -34.82 5.53
CA ASN B 924 45.95 -35.51 6.53
C ASN B 924 45.73 -34.65 7.77
N SER B 925 46.78 -33.95 8.22
CA SER B 925 46.65 -33.11 9.41
C SER B 925 45.66 -31.97 9.17
N ALA B 926 45.75 -31.32 8.02
CA ALA B 926 44.82 -30.21 7.73
C ALA B 926 43.39 -30.71 7.62
N ILE B 927 43.18 -31.84 6.95
CA ILE B 927 41.83 -32.41 6.85
C ILE B 927 41.30 -32.76 8.22
N GLY B 928 42.15 -33.30 9.10
CA GLY B 928 41.71 -33.63 10.44
C GLY B 928 41.35 -32.40 11.25
N LYS B 929 42.15 -31.34 11.17
CA LYS B 929 41.90 -30.17 11.99
C LYS B 929 40.75 -29.30 11.48
N ILE B 930 40.39 -29.42 10.20
CA ILE B 930 39.25 -28.63 9.73
C ILE B 930 37.96 -29.07 10.42
N GLN B 931 37.84 -30.38 10.72
CA GLN B 931 36.66 -30.87 11.41
C GLN B 931 36.54 -30.26 12.81
N ASP B 932 37.66 -30.21 13.55
CA ASP B 932 37.63 -29.60 14.87
C ASP B 932 37.40 -28.09 14.79
N SER B 933 37.95 -27.43 13.76
CA SER B 933 37.71 -26.00 13.61
C SER B 933 36.23 -25.72 13.39
N LEU B 934 35.56 -26.54 12.58
CA LEU B 934 34.12 -26.36 12.40
C LEU B 934 33.34 -26.78 13.64
N PHE B 935 33.83 -27.77 14.39
CA PHE B 935 33.10 -28.26 15.55
C PHE B 935 33.11 -27.25 16.70
N SER B 936 34.29 -26.71 17.02
CA SER B 936 34.44 -25.89 18.21
C SER B 936 34.03 -24.44 18.01
N THR B 937 33.91 -23.98 16.77
CA THR B 937 33.54 -22.61 16.52
C THR B 937 32.07 -22.38 16.91
N PRO B 938 31.73 -21.18 17.38
CA PRO B 938 30.32 -20.89 17.70
C PRO B 938 29.42 -20.97 16.47
N SER B 939 29.77 -20.23 15.43
CA SER B 939 29.00 -20.25 14.18
C SER B 939 29.92 -19.84 13.04
N ALA B 940 30.46 -20.84 12.33
CA ALA B 940 31.18 -20.59 11.09
C ALA B 940 30.25 -20.62 9.88
N LEU B 941 29.00 -21.05 10.06
CA LEU B 941 27.99 -21.10 9.01
C LEU B 941 27.03 -19.93 9.06
N GLY B 942 27.54 -18.72 9.33
CA GLY B 942 26.66 -17.59 9.56
C GLY B 942 25.83 -17.19 8.36
N LYS B 943 26.33 -17.45 7.14
CA LYS B 943 25.63 -17.00 5.94
C LYS B 943 24.34 -17.77 5.71
N LEU B 944 24.40 -19.10 5.79
CA LEU B 944 23.21 -19.91 5.57
C LEU B 944 22.18 -19.67 6.66
N GLN B 945 22.64 -19.63 7.91
CA GLN B 945 21.74 -19.34 9.02
C GLN B 945 21.12 -17.96 8.90
N ASP B 946 21.90 -16.99 8.41
CA ASP B 946 21.40 -15.63 8.21
C ASP B 946 20.30 -15.64 7.16
N VAL B 947 20.49 -16.39 6.07
CA VAL B 947 19.45 -16.48 5.04
C VAL B 947 18.18 -17.09 5.60
N VAL B 948 18.31 -18.21 6.33
CA VAL B 948 17.13 -18.88 6.89
C VAL B 948 16.41 -17.98 7.88
N ASN B 949 17.17 -17.31 8.75
CA ASN B 949 16.58 -16.42 9.74
C ASN B 949 15.86 -15.25 9.08
N HIS B 950 16.45 -14.69 8.02
CA HIS B 950 15.81 -13.59 7.31
C HIS B 950 14.48 -14.03 6.71
N ASN B 951 14.46 -15.21 6.09
CA ASN B 951 13.21 -15.69 5.50
C ASN B 951 12.15 -15.93 6.57
N ALA B 952 12.53 -16.58 7.68
CA ALA B 952 11.57 -16.85 8.75
C ALA B 952 11.03 -15.57 9.35
N GLN B 953 11.90 -14.58 9.56
CA GLN B 953 11.49 -13.30 10.13
C GLN B 953 10.55 -12.55 9.19
N ALA B 954 10.82 -12.60 7.87
CA ALA B 954 9.91 -12.00 6.92
C ALA B 954 8.53 -12.66 6.98
N LEU B 955 8.50 -13.99 7.05
CA LEU B 955 7.21 -14.67 7.14
C LEU B 955 6.49 -14.30 8.43
N ASN B 956 7.23 -14.19 9.53
CA ASN B 956 6.59 -13.85 10.81
C ASN B 956 6.01 -12.44 10.79
N THR B 957 6.73 -11.46 10.24
CA THR B 957 6.18 -10.11 10.22
C THR B 957 5.07 -9.97 9.18
N LEU B 958 5.04 -10.86 8.17
CA LEU B 958 3.84 -10.94 7.34
C LEU B 958 2.64 -11.43 8.15
N VAL B 959 2.82 -12.51 8.92
CA VAL B 959 1.71 -13.06 9.69
C VAL B 959 1.24 -12.08 10.76
N LYS B 960 2.19 -11.46 11.47
CA LYS B 960 1.86 -10.59 12.59
C LYS B 960 1.03 -9.38 12.18
N GLN B 961 1.13 -8.97 10.91
CA GLN B 961 0.40 -7.82 10.40
C GLN B 961 -1.11 -8.04 10.39
N LEU B 962 -1.57 -9.29 10.38
CA LEU B 962 -2.99 -9.57 10.30
C LEU B 962 -3.75 -9.18 11.56
N SER B 963 -3.14 -9.29 12.73
CA SER B 963 -3.78 -8.88 13.99
C SER B 963 -3.68 -7.37 14.17
N SER B 964 -4.16 -6.64 13.18
CA SER B 964 -4.07 -5.18 13.17
C SER B 964 -5.24 -4.60 12.38
N LYS B 965 -5.53 -3.35 12.65
CA LYS B 965 -6.59 -2.61 11.96
C LYS B 965 -5.95 -1.41 11.28
N PHE B 966 -6.58 -0.93 10.22
CA PHE B 966 -6.02 0.15 9.40
C PHE B 966 -6.94 1.36 9.37
N GLY B 967 -7.45 1.75 10.54
CA GLY B 967 -8.36 2.87 10.65
C GLY B 967 -9.82 2.50 10.73
N ALA B 968 -10.17 1.24 10.53
CA ALA B 968 -11.55 0.79 10.62
C ALA B 968 -11.89 0.55 12.09
N ILE B 969 -13.14 0.18 12.38
CA ILE B 969 -13.56 -0.07 13.76
C ILE B 969 -12.93 -1.32 14.36
N SER B 970 -12.91 -2.43 13.62
CA SER B 970 -12.38 -3.68 14.15
C SER B 970 -11.62 -4.37 13.04
N SER B 971 -10.86 -5.39 13.42
CA SER B 971 -10.02 -6.14 12.49
C SER B 971 -10.62 -7.50 12.12
N VAL B 972 -11.89 -7.74 12.44
CA VAL B 972 -12.52 -9.03 12.17
C VAL B 972 -13.69 -8.81 11.22
N LEU B 973 -13.61 -9.44 10.05
CA LEU B 973 -14.68 -9.31 9.06
C LEU B 973 -15.99 -9.85 9.59
N ASN B 974 -15.94 -10.95 10.34
CA ASN B 974 -17.16 -11.60 10.82
C ASN B 974 -17.97 -10.66 11.71
N ASP B 975 -17.30 -9.88 12.56
CA ASP B 975 -18.06 -9.03 13.47
C ASP B 975 -18.28 -7.62 12.92
N ILE B 976 -17.45 -7.16 11.98
CA ILE B 976 -17.78 -5.88 11.35
C ILE B 976 -18.99 -6.05 10.44
N LEU B 977 -19.15 -7.24 9.86
CA LEU B 977 -20.31 -7.50 9.03
C LEU B 977 -21.57 -7.72 9.87
N SER B 978 -21.42 -8.34 11.04
CA SER B 978 -22.56 -8.68 11.89
C SER B 978 -23.05 -7.51 12.73
N ARG B 979 -22.30 -6.42 12.80
CA ARG B 979 -22.68 -5.27 13.61
C ARG B 979 -23.25 -4.11 12.81
N LEU B 980 -22.79 -3.92 11.57
CA LEU B 980 -23.21 -2.79 10.75
C LEU B 980 -23.91 -3.29 9.50
N ASP B 981 -24.79 -2.46 8.96
CA ASP B 981 -25.46 -2.77 7.71
C ASP B 981 -24.49 -2.57 6.54
N PRO B 982 -24.78 -3.17 5.39
CA PRO B 982 -23.89 -3.04 4.22
C PRO B 982 -23.57 -1.59 3.88
N PRO B 983 -24.55 -0.74 3.59
CA PRO B 983 -24.22 0.57 3.00
C PRO B 983 -23.47 1.51 3.93
N GLU B 984 -23.12 1.06 5.14
CA GLU B 984 -22.16 1.76 5.99
C GLU B 984 -20.93 0.94 6.30
N ALA B 985 -21.00 -0.39 6.23
CA ALA B 985 -19.83 -1.22 6.48
C ALA B 985 -18.96 -1.41 5.25
N GLU B 986 -19.47 -1.06 4.07
CA GLU B 986 -18.65 -1.14 2.85
C GLU B 986 -17.40 -0.29 2.96
N VAL B 987 -17.52 0.91 3.55
CA VAL B 987 -16.36 1.79 3.68
C VAL B 987 -15.28 1.15 4.55
N GLN B 988 -15.69 0.60 5.70
CA GLN B 988 -14.74 -0.05 6.59
C GLN B 988 -14.09 -1.26 5.93
N ILE B 989 -14.90 -2.06 5.22
CA ILE B 989 -14.33 -3.23 4.55
C ILE B 989 -13.34 -2.81 3.46
N ASP B 990 -13.67 -1.78 2.70
CA ASP B 990 -12.74 -1.29 1.66
C ASP B 990 -11.46 -0.75 2.29
N ARG B 991 -11.58 -0.08 3.44
CA ARG B 991 -10.40 0.39 4.15
C ARG B 991 -9.52 -0.78 4.57
N LEU B 992 -10.15 -1.85 5.07
CA LEU B 992 -9.39 -3.05 5.44
C LEU B 992 -8.71 -3.67 4.24
N ILE B 993 -9.40 -3.71 3.09
CA ILE B 993 -8.79 -4.26 1.88
C ILE B 993 -7.57 -3.44 1.48
N THR B 994 -7.70 -2.12 1.49
CA THR B 994 -6.59 -1.26 1.10
C THR B 994 -5.42 -1.41 2.08
N GLY B 995 -5.73 -1.56 3.37
CA GLY B 995 -4.66 -1.77 4.33
C GLY B 995 -3.96 -3.10 4.17
N ARG B 996 -4.72 -4.16 3.88
CA ARG B 996 -4.16 -5.50 3.75
C ARG B 996 -3.50 -5.74 2.41
N LEU B 997 -3.73 -4.89 1.41
CA LEU B 997 -3.10 -5.03 0.10
C LEU B 997 -1.81 -4.22 0.00
N GLN B 998 -1.12 -4.01 1.12
CA GLN B 998 0.15 -3.31 1.12
C GLN B 998 1.22 -4.16 1.79
N SER B 999 0.82 -4.88 2.84
CA SER B 999 1.79 -5.72 3.55
C SER B 999 2.35 -6.81 2.66
N LEU B 1000 1.48 -7.47 1.89
CA LEU B 1000 1.96 -8.55 1.02
C LEU B 1000 2.72 -7.99 -0.18
N GLN B 1001 2.39 -6.78 -0.61
CA GLN B 1001 3.20 -6.12 -1.64
C GLN B 1001 4.61 -5.86 -1.13
N THR B 1002 4.73 -5.35 0.09
CA THR B 1002 6.05 -5.16 0.69
C THR B 1002 6.79 -6.48 0.80
N TYR B 1003 6.08 -7.53 1.20
CA TYR B 1003 6.69 -8.85 1.31
C TYR B 1003 7.21 -9.33 -0.04
N VAL B 1004 6.41 -9.15 -1.10
CA VAL B 1004 6.80 -9.62 -2.42
C VAL B 1004 8.02 -8.86 -2.92
N THR B 1005 8.04 -7.53 -2.73
CA THR B 1005 9.19 -6.75 -3.19
C THR B 1005 10.46 -7.16 -2.44
N GLN B 1006 10.37 -7.32 -1.12
CA GLN B 1006 11.53 -7.76 -0.35
C GLN B 1006 12.00 -9.13 -0.81
N GLN B 1007 11.07 -10.04 -1.07
CA GLN B 1007 11.42 -11.38 -1.52
C GLN B 1007 12.10 -11.33 -2.88
N LEU B 1008 11.63 -10.46 -3.77
CA LEU B 1008 12.26 -10.33 -5.08
C LEU B 1008 13.69 -9.83 -4.98
N ILE B 1009 13.93 -8.84 -4.12
CA ILE B 1009 15.28 -8.31 -3.96
C ILE B 1009 16.20 -9.38 -3.37
N ARG B 1010 15.72 -10.08 -2.34
CA ARG B 1010 16.53 -11.14 -1.74
C ARG B 1010 16.81 -12.26 -2.73
N ALA B 1011 15.84 -12.57 -3.60
CA ALA B 1011 16.06 -13.58 -4.63
C ALA B 1011 17.12 -13.12 -5.62
N ALA B 1012 17.15 -11.83 -5.96
CA ALA B 1012 18.21 -11.33 -6.84
C ALA B 1012 19.58 -11.51 -6.19
N GLU B 1013 19.71 -11.16 -4.91
CA GLU B 1013 21.00 -11.35 -4.23
C GLU B 1013 21.41 -12.81 -4.22
N ILE B 1014 20.47 -13.70 -3.89
CA ILE B 1014 20.78 -15.12 -3.82
C ILE B 1014 21.13 -15.67 -5.19
N ARG B 1015 20.49 -15.17 -6.25
CA ARG B 1015 20.82 -15.60 -7.60
C ARG B 1015 22.24 -15.20 -7.97
N ALA B 1016 22.64 -13.97 -7.61
CA ALA B 1016 24.02 -13.57 -7.86
C ALA B 1016 25.00 -14.47 -7.11
N SER B 1017 24.71 -14.78 -5.84
CA SER B 1017 25.58 -15.66 -5.07
C SER B 1017 25.65 -17.05 -5.68
N ALA B 1018 24.52 -17.56 -6.17
CA ALA B 1018 24.50 -18.88 -6.80
C ALA B 1018 25.31 -18.89 -8.09
N ASN B 1019 25.24 -17.82 -8.88
CA ASN B 1019 26.06 -17.74 -10.07
C ASN B 1019 27.55 -17.75 -9.72
N LEU B 1020 27.92 -17.00 -8.67
CA LEU B 1020 29.31 -17.04 -8.21
C LEU B 1020 29.71 -18.44 -7.77
N ALA B 1021 28.83 -19.14 -7.06
CA ALA B 1021 29.15 -20.49 -6.61
C ALA B 1021 29.33 -21.44 -7.78
N ALA B 1022 28.47 -21.34 -8.81
CA ALA B 1022 28.60 -22.20 -9.97
C ALA B 1022 29.92 -21.92 -10.70
N THR B 1023 30.29 -20.65 -10.85
CA THR B 1023 31.57 -20.34 -11.48
C THR B 1023 32.73 -20.88 -10.68
N LYS B 1024 32.69 -20.72 -9.35
CA LYS B 1024 33.78 -21.22 -8.51
C LYS B 1024 33.90 -22.73 -8.61
N MET B 1025 32.77 -23.44 -8.64
CA MET B 1025 32.81 -24.88 -8.81
C MET B 1025 33.46 -25.25 -10.14
N SER B 1026 32.97 -24.64 -11.23
CA SER B 1026 33.48 -25.00 -12.55
C SER B 1026 34.95 -24.65 -12.73
N GLU B 1027 35.45 -23.67 -12.00
CA GLU B 1027 36.86 -23.29 -12.13
C GLU B 1027 37.76 -24.10 -11.21
N CYS B 1028 37.52 -24.02 -9.90
CA CYS B 1028 38.45 -24.64 -8.95
C CYS B 1028 38.28 -26.15 -8.88
N VAL B 1029 37.07 -26.66 -9.08
CA VAL B 1029 36.84 -28.09 -8.89
C VAL B 1029 37.26 -28.88 -10.12
N LEU B 1030 36.75 -28.52 -11.29
CA LEU B 1030 37.08 -29.24 -12.51
C LEU B 1030 38.29 -28.61 -13.21
N GLY B 1031 39.37 -28.43 -12.47
CA GLY B 1031 40.56 -27.81 -13.04
C GLY B 1031 41.30 -26.94 -12.04
N GLN B 1032 42.42 -26.37 -12.46
CA GLN B 1032 43.23 -25.52 -11.59
C GLN B 1032 43.21 -24.09 -12.13
N SER B 1033 42.91 -23.14 -11.25
CA SER B 1033 42.69 -21.76 -11.63
C SER B 1033 43.93 -20.94 -11.32
N LYS B 1034 44.30 -20.05 -12.25
CA LYS B 1034 45.49 -19.22 -12.09
C LYS B 1034 45.20 -17.89 -11.43
N ARG B 1035 43.94 -17.47 -11.36
CA ARG B 1035 43.61 -16.17 -10.78
C ARG B 1035 43.81 -16.19 -9.28
N VAL B 1036 44.53 -15.20 -8.76
CA VAL B 1036 44.95 -15.23 -7.36
C VAL B 1036 43.79 -14.87 -6.45
N ASP B 1037 43.82 -15.44 -5.25
CA ASP B 1037 42.84 -15.20 -4.19
C ASP B 1037 41.40 -15.45 -4.65
N PHE B 1038 41.24 -16.30 -5.67
CA PHE B 1038 39.91 -16.72 -6.09
C PHE B 1038 39.52 -18.05 -5.44
N CYS B 1039 40.33 -19.09 -5.64
CA CYS B 1039 40.11 -20.38 -5.00
C CYS B 1039 40.99 -20.48 -3.75
N GLY B 1040 40.69 -19.62 -2.79
CA GLY B 1040 41.37 -19.64 -1.51
C GLY B 1040 42.66 -18.84 -1.51
N LYS B 1041 43.13 -18.54 -0.31
CA LYS B 1041 44.36 -17.79 -0.12
C LYS B 1041 45.57 -18.67 -0.41
N GLY B 1042 46.45 -18.19 -1.28
CA GLY B 1042 47.63 -18.93 -1.67
C GLY B 1042 47.53 -19.49 -3.08
N TYR B 1043 48.51 -20.32 -3.42
CA TYR B 1043 48.55 -20.97 -4.72
C TYR B 1043 47.58 -22.14 -4.74
N HIS B 1044 46.60 -22.09 -5.63
CA HIS B 1044 45.53 -23.07 -5.63
C HIS B 1044 46.01 -24.41 -6.18
N LEU B 1045 45.56 -25.50 -5.55
CA LEU B 1045 45.87 -26.85 -6.02
C LEU B 1045 44.61 -27.63 -6.39
N MET B 1046 43.65 -27.79 -5.47
CA MET B 1046 42.41 -28.51 -5.75
C MET B 1046 41.27 -27.82 -5.00
N SER B 1047 40.12 -28.48 -5.00
CA SER B 1047 38.95 -28.04 -4.24
C SER B 1047 37.97 -29.19 -4.16
N PHE B 1048 37.44 -29.46 -2.97
CA PHE B 1048 36.49 -30.55 -2.76
C PHE B 1048 35.15 -29.97 -2.35
N PRO B 1049 34.08 -30.19 -3.11
CA PRO B 1049 32.78 -29.65 -2.71
C PRO B 1049 32.12 -30.48 -1.63
N GLN B 1050 31.28 -29.81 -0.84
CA GLN B 1050 30.47 -30.46 0.18
C GLN B 1050 29.10 -29.81 0.19
N SER B 1051 28.06 -30.65 0.30
CA SER B 1051 26.70 -30.13 0.32
C SER B 1051 26.34 -29.63 1.71
N ALA B 1052 25.48 -28.62 1.75
CA ALA B 1052 24.99 -28.03 2.99
C ALA B 1052 23.53 -27.64 2.77
N PRO B 1053 22.75 -27.49 3.84
CA PRO B 1053 21.37 -27.04 3.70
C PRO B 1053 21.27 -25.67 3.06
N HIS B 1054 20.67 -25.60 1.87
CA HIS B 1054 20.49 -24.35 1.12
C HIS B 1054 21.84 -23.66 0.86
N GLY B 1055 22.84 -24.45 0.50
CA GLY B 1055 24.14 -23.90 0.24
C GLY B 1055 25.13 -24.97 -0.17
N VAL B 1056 26.37 -24.51 -0.39
CA VAL B 1056 27.49 -25.38 -0.74
C VAL B 1056 28.71 -24.91 0.04
N VAL B 1057 29.63 -25.83 0.30
CA VAL B 1057 30.84 -25.56 1.06
C VAL B 1057 32.03 -26.13 0.32
N PHE B 1058 33.06 -25.30 0.13
CA PHE B 1058 34.26 -25.69 -0.59
C PHE B 1058 35.41 -25.92 0.36
N LEU B 1059 36.31 -26.82 -0.03
CA LEU B 1059 37.52 -27.15 0.74
C LEU B 1059 38.72 -26.89 -0.16
N HIS B 1060 39.20 -25.65 -0.18
CA HIS B 1060 40.28 -25.26 -1.07
C HIS B 1060 41.61 -25.74 -0.51
N VAL B 1061 42.32 -26.56 -1.28
CA VAL B 1061 43.65 -27.00 -0.91
C VAL B 1061 44.66 -26.10 -1.62
N THR B 1062 45.50 -25.42 -0.84
CA THR B 1062 46.38 -24.40 -1.38
C THR B 1062 47.82 -24.68 -0.96
N TYR B 1063 48.76 -24.14 -1.73
CA TYR B 1063 50.19 -24.28 -1.49
C TYR B 1063 50.73 -22.94 -1.00
N VAL B 1064 51.28 -22.94 0.21
CA VAL B 1064 51.76 -21.72 0.87
C VAL B 1064 53.24 -21.88 1.15
N PRO B 1065 54.10 -20.94 0.76
CA PRO B 1065 55.54 -21.09 0.98
C PRO B 1065 55.94 -21.03 2.45
N ALA B 1066 57.24 -21.11 2.71
CA ALA B 1066 57.77 -21.30 4.05
C ALA B 1066 59.12 -20.61 4.20
N GLN B 1067 59.93 -21.09 5.15
CA GLN B 1067 61.20 -20.51 5.54
C GLN B 1067 61.99 -19.92 4.38
N GLU B 1068 62.44 -18.68 4.52
CA GLU B 1068 63.11 -17.94 3.48
C GLU B 1068 64.57 -17.69 3.88
N LYS B 1069 65.39 -17.37 2.87
CA LYS B 1069 66.81 -17.13 3.09
C LYS B 1069 67.27 -16.01 2.18
N ASN B 1070 68.04 -15.07 2.73
CA ASN B 1070 68.61 -13.98 1.96
C ASN B 1070 69.70 -14.50 1.05
N PHE B 1071 69.84 -13.89 -0.14
CA PHE B 1071 70.84 -14.29 -1.12
C PHE B 1071 71.30 -13.07 -1.92
N THR B 1072 72.20 -13.31 -2.85
CA THR B 1072 72.74 -12.28 -3.73
C THR B 1072 72.61 -12.72 -5.18
N THR B 1073 72.18 -11.79 -6.04
CA THR B 1073 71.89 -12.11 -7.44
C THR B 1073 72.67 -11.19 -8.38
N ALA B 1074 72.47 -11.44 -9.67
CA ALA B 1074 73.06 -10.67 -10.75
C ALA B 1074 72.22 -10.94 -11.99
N PRO B 1075 71.84 -9.89 -12.73
CA PRO B 1075 70.95 -10.11 -13.89
C PRO B 1075 71.50 -11.09 -14.93
N ALA B 1076 72.81 -11.09 -15.16
CA ALA B 1076 73.39 -11.92 -16.21
C ALA B 1076 74.81 -12.30 -15.83
N ILE B 1077 75.32 -13.33 -16.50
CA ILE B 1077 76.67 -13.83 -16.27
C ILE B 1077 77.45 -13.70 -17.57
N CYS B 1078 78.61 -13.06 -17.50
CA CYS B 1078 79.46 -12.79 -18.66
C CYS B 1078 80.62 -13.77 -18.65
N HIS B 1079 80.57 -14.77 -19.54
CA HIS B 1079 81.65 -15.76 -19.60
C HIS B 1079 82.80 -15.25 -20.45
N ASP B 1080 82.56 -15.00 -21.74
CA ASP B 1080 83.59 -14.49 -22.65
C ASP B 1080 82.94 -13.45 -23.56
N GLY B 1081 82.86 -12.21 -23.08
CA GLY B 1081 82.33 -11.12 -23.86
C GLY B 1081 80.88 -11.29 -24.28
N LYS B 1082 80.20 -12.27 -23.71
CA LYS B 1082 78.82 -12.59 -24.05
C LYS B 1082 78.00 -12.75 -22.78
N ALA B 1083 76.80 -12.17 -22.78
CA ALA B 1083 75.92 -12.27 -21.63
C ALA B 1083 75.17 -13.59 -21.65
N HIS B 1084 74.95 -14.17 -20.47
CA HIS B 1084 74.17 -15.38 -20.31
C HIS B 1084 73.00 -15.11 -19.37
N PHE B 1085 71.79 -15.39 -19.84
CA PHE B 1085 70.58 -15.23 -19.04
C PHE B 1085 69.99 -16.60 -18.74
N PRO B 1086 69.40 -16.79 -17.56
CA PRO B 1086 68.82 -18.09 -17.23
C PRO B 1086 67.63 -18.40 -18.10
N ARG B 1087 67.51 -19.66 -18.53
CA ARG B 1087 66.34 -20.06 -19.31
C ARG B 1087 65.08 -19.97 -18.46
N GLU B 1088 65.08 -20.59 -17.28
CA GLU B 1088 64.10 -20.27 -16.26
C GLU B 1088 64.76 -20.35 -14.89
N GLY B 1089 64.77 -19.25 -14.16
CA GLY B 1089 65.32 -19.21 -12.83
C GLY B 1089 66.13 -17.95 -12.56
N VAL B 1090 66.77 -17.95 -11.40
CA VAL B 1090 67.51 -16.79 -10.90
C VAL B 1090 68.95 -17.20 -10.65
N PHE B 1091 69.89 -16.34 -11.02
CA PHE B 1091 71.30 -16.55 -10.67
C PHE B 1091 71.49 -16.19 -9.20
N VAL B 1092 71.98 -17.16 -8.42
CA VAL B 1092 72.15 -16.98 -6.98
C VAL B 1092 73.48 -17.57 -6.56
N SER B 1093 74.26 -16.80 -5.80
CA SER B 1093 75.53 -17.26 -5.24
C SER B 1093 75.45 -17.17 -3.72
N ASN B 1094 76.03 -18.16 -3.04
CA ASN B 1094 75.96 -18.19 -1.58
C ASN B 1094 77.03 -17.27 -0.98
N GLY B 1095 78.30 -17.61 -1.15
CA GLY B 1095 79.35 -16.65 -0.86
C GLY B 1095 80.36 -16.46 -1.97
N THR B 1096 80.67 -17.53 -2.70
CA THR B 1096 81.71 -17.46 -3.73
C THR B 1096 81.24 -18.03 -5.06
N HIS B 1097 80.46 -19.10 -5.02
CA HIS B 1097 80.09 -19.86 -6.21
C HIS B 1097 78.70 -19.46 -6.68
N TRP B 1098 78.59 -19.09 -7.94
CA TRP B 1098 77.30 -18.73 -8.51
C TRP B 1098 76.53 -19.98 -8.92
N PHE B 1099 75.22 -19.92 -8.74
CA PHE B 1099 74.35 -21.05 -9.02
C PHE B 1099 73.07 -20.55 -9.67
N VAL B 1100 72.40 -21.44 -10.39
CA VAL B 1100 71.07 -21.17 -10.92
C VAL B 1100 70.08 -22.04 -10.16
N THR B 1101 68.87 -21.50 -9.95
CA THR B 1101 67.86 -22.18 -9.15
C THR B 1101 66.50 -21.91 -9.76
N GLN B 1102 65.47 -22.51 -9.14
CA GLN B 1102 64.10 -22.25 -9.56
C GLN B 1102 63.60 -20.99 -8.86
N ARG B 1103 62.34 -20.65 -9.09
CA ARG B 1103 61.75 -19.42 -8.57
C ARG B 1103 61.25 -19.59 -7.14
N ASN B 1104 60.48 -20.66 -6.88
CA ASN B 1104 59.79 -20.83 -5.60
C ASN B 1104 60.39 -21.94 -4.74
N PHE B 1105 61.61 -22.37 -5.02
CA PHE B 1105 62.25 -23.42 -4.23
C PHE B 1105 63.75 -23.36 -4.46
N TYR B 1106 64.52 -23.56 -3.39
CA TYR B 1106 65.97 -23.44 -3.48
C TYR B 1106 66.55 -24.76 -3.94
N GLU B 1107 66.86 -24.86 -5.23
CA GLU B 1107 67.48 -26.04 -5.83
C GLU B 1107 68.66 -25.59 -6.68
N PRO B 1108 69.80 -25.30 -6.06
CA PRO B 1108 70.95 -24.80 -6.83
C PRO B 1108 71.48 -25.86 -7.79
N GLN B 1109 71.99 -25.40 -8.93
CA GLN B 1109 72.58 -26.27 -9.93
C GLN B 1109 73.80 -25.59 -10.54
N ILE B 1110 74.71 -26.40 -11.05
CA ILE B 1110 75.91 -25.87 -11.71
C ILE B 1110 75.51 -25.17 -12.99
N ILE B 1111 76.06 -23.98 -13.21
CA ILE B 1111 75.71 -23.17 -14.38
C ILE B 1111 76.36 -23.77 -15.62
N THR B 1112 75.58 -24.50 -16.41
CA THR B 1112 76.04 -25.06 -17.67
C THR B 1112 75.37 -24.32 -18.83
N THR B 1113 75.80 -24.66 -20.05
CA THR B 1113 75.21 -24.06 -21.24
C THR B 1113 73.78 -24.54 -21.47
N ASP B 1114 73.35 -25.59 -20.79
CA ASP B 1114 71.97 -26.05 -20.93
C ASP B 1114 71.01 -25.16 -20.16
N ASN B 1115 71.44 -24.65 -19.00
CA ASN B 1115 70.56 -23.84 -18.16
C ASN B 1115 70.41 -22.41 -18.68
N THR B 1116 71.33 -21.93 -19.51
CA THR B 1116 71.35 -20.54 -19.93
C THR B 1116 71.39 -20.45 -21.45
N PHE B 1117 70.83 -19.34 -21.96
CA PHE B 1117 70.90 -19.01 -23.37
C PHE B 1117 71.64 -17.69 -23.53
N VAL B 1118 72.51 -17.62 -24.53
CA VAL B 1118 73.45 -16.51 -24.68
C VAL B 1118 72.97 -15.59 -25.78
N SER B 1119 72.90 -14.28 -25.46
CA SER B 1119 72.53 -13.27 -26.46
C SER B 1119 72.94 -11.91 -25.90
N GLY B 1120 73.93 -11.29 -26.51
CA GLY B 1120 74.39 -9.99 -26.06
C GLY B 1120 75.86 -9.79 -26.39
N ASN B 1121 76.43 -8.75 -25.77
CA ASN B 1121 77.83 -8.40 -25.99
C ASN B 1121 78.55 -7.98 -24.71
N CYS B 1122 77.98 -8.24 -23.54
CA CYS B 1122 78.59 -7.93 -22.24
C CYS B 1122 78.87 -6.44 -22.06
N ASP B 1123 78.07 -5.58 -22.69
CA ASP B 1123 78.28 -4.14 -22.59
C ASP B 1123 77.03 -3.36 -22.23
N VAL B 1124 75.84 -3.81 -22.63
CA VAL B 1124 74.61 -3.06 -22.40
C VAL B 1124 73.86 -3.50 -21.15
N VAL B 1125 74.21 -4.64 -20.56
CA VAL B 1125 73.52 -5.11 -19.37
C VAL B 1125 74.13 -4.44 -18.14
N ILE B 1126 73.27 -3.84 -17.32
CA ILE B 1126 73.69 -3.15 -16.11
C ILE B 1126 73.60 -4.12 -14.94
N GLY B 1127 74.65 -4.19 -14.14
CA GLY B 1127 74.70 -5.11 -13.02
C GLY B 1127 75.24 -6.48 -13.34
N ILE B 1128 75.82 -6.68 -14.52
CA ILE B 1128 76.36 -7.98 -14.88
C ILE B 1128 77.55 -8.30 -13.98
N VAL B 1129 77.73 -9.58 -13.69
CA VAL B 1129 78.77 -10.05 -12.78
C VAL B 1129 79.60 -11.11 -13.48
N ASN B 1130 80.92 -10.97 -13.41
CA ASN B 1130 81.84 -11.88 -14.07
C ASN B 1130 81.79 -13.26 -13.40
N ASN B 1131 81.73 -14.30 -14.23
CA ASN B 1131 81.83 -15.67 -13.76
C ASN B 1131 82.07 -16.56 -14.97
N THR B 1132 82.31 -17.84 -14.71
CA THR B 1132 82.57 -18.83 -15.76
C THR B 1132 81.38 -19.78 -15.86
N VAL B 1133 80.95 -20.03 -17.08
CA VAL B 1133 79.93 -21.04 -17.34
C VAL B 1133 80.60 -22.29 -17.88
N TYR B 1134 79.91 -23.41 -17.79
CA TYR B 1134 80.42 -24.69 -18.24
C TYR B 1134 79.57 -25.21 -19.39
N ASP B 1135 80.13 -26.17 -20.12
CA ASP B 1135 79.40 -26.84 -21.19
C ASP B 1135 79.77 -28.31 -21.21
N PRO B 1136 78.83 -29.18 -21.57
CA PRO B 1136 79.13 -30.63 -21.57
C PRO B 1136 79.72 -31.11 -22.89
N LEU B 1137 80.21 -30.18 -23.71
CA LEU B 1137 80.67 -30.52 -25.06
C LEU B 1137 82.18 -30.61 -25.18
N GLN B 1138 82.92 -29.61 -24.67
CA GLN B 1138 84.35 -29.58 -24.92
C GLN B 1138 85.09 -30.71 -24.20
N LEU B 1139 84.51 -31.24 -23.13
CA LEU B 1139 85.13 -32.36 -22.43
C LEU B 1139 85.17 -33.62 -23.30
N GLU B 1140 84.09 -33.89 -24.01
CA GLU B 1140 84.02 -35.07 -24.87
C GLU B 1140 84.24 -34.71 -26.33
N THR C 24 -51.56 -35.77 -24.59
CA THR C 24 -50.66 -36.84 -24.19
C THR C 24 -49.25 -36.57 -24.73
N THR C 25 -48.28 -36.57 -23.84
CA THR C 25 -46.90 -36.29 -24.21
C THR C 25 -45.96 -37.13 -23.37
N THR C 26 -44.76 -37.36 -23.91
CA THR C 26 -43.71 -38.12 -23.24
C THR C 26 -42.70 -37.17 -22.59
N GLN C 27 -41.87 -37.71 -21.71
CA GLN C 27 -40.86 -36.94 -20.99
C GLN C 27 -39.52 -37.67 -20.99
N SER C 28 -39.09 -38.15 -22.16
CA SER C 28 -37.80 -38.83 -22.25
C SER C 28 -36.65 -37.84 -22.07
N TYR C 29 -35.44 -38.39 -21.94
CA TYR C 29 -34.25 -37.61 -21.62
C TYR C 29 -33.20 -37.76 -22.71
N THR C 30 -32.55 -36.64 -23.06
CA THR C 30 -31.49 -36.61 -24.06
C THR C 30 -30.34 -35.74 -23.56
N ASN C 31 -29.24 -35.75 -24.31
CA ASN C 31 -28.04 -35.01 -23.94
C ASN C 31 -28.01 -33.70 -24.73
N SER C 32 -27.82 -32.59 -24.02
CA SER C 32 -27.89 -31.27 -24.64
C SER C 32 -26.68 -30.98 -25.53
N PHE C 33 -25.56 -31.68 -25.32
CA PHE C 33 -24.33 -31.46 -26.08
C PHE C 33 -23.88 -30.00 -25.95
N THR C 34 -23.10 -29.52 -26.91
CA THR C 34 -22.67 -28.13 -26.93
C THR C 34 -23.68 -27.32 -27.76
N ARG C 35 -24.43 -26.46 -27.09
CA ARG C 35 -25.51 -25.72 -27.72
C ARG C 35 -26.04 -24.70 -26.72
N GLY C 36 -26.61 -23.62 -27.24
CA GLY C 36 -27.23 -22.62 -26.40
C GLY C 36 -26.31 -21.46 -26.07
N VAL C 37 -25.55 -21.02 -27.06
CA VAL C 37 -24.63 -19.89 -26.90
C VAL C 37 -25.12 -18.76 -27.79
N TYR C 38 -25.30 -17.59 -27.18
CA TYR C 38 -25.80 -16.40 -27.88
C TYR C 38 -24.77 -15.28 -27.78
N TYR C 39 -25.15 -14.11 -28.25
CA TYR C 39 -24.30 -12.93 -28.15
C TYR C 39 -24.68 -12.15 -26.90
N PRO C 40 -23.84 -12.15 -25.85
CA PRO C 40 -24.22 -11.46 -24.62
C PRO C 40 -24.43 -9.96 -24.79
N ASP C 41 -23.67 -9.32 -25.68
CA ASP C 41 -23.72 -7.87 -25.85
C ASP C 41 -23.77 -7.51 -27.33
N LYS C 42 -23.70 -6.22 -27.61
CA LYS C 42 -23.80 -5.71 -28.98
C LYS C 42 -22.51 -5.04 -29.42
N VAL C 43 -21.36 -5.64 -29.11
CA VAL C 43 -20.05 -5.05 -29.40
C VAL C 43 -19.30 -5.97 -30.34
N PHE C 44 -18.69 -5.38 -31.37
CA PHE C 44 -17.96 -6.13 -32.37
C PHE C 44 -16.58 -6.53 -31.86
N ARG C 45 -16.19 -7.77 -32.14
CA ARG C 45 -14.85 -8.27 -31.82
C ARG C 45 -14.32 -9.02 -33.03
N SER C 46 -12.98 -9.10 -33.13
CA SER C 46 -12.37 -9.80 -34.24
C SER C 46 -11.08 -10.45 -33.76
N SER C 47 -11.00 -11.78 -33.90
CA SER C 47 -9.83 -12.56 -33.49
C SER C 47 -9.50 -12.34 -32.01
N VAL C 48 -10.53 -12.34 -31.17
CA VAL C 48 -10.37 -12.16 -29.74
C VAL C 48 -10.89 -13.40 -29.04
N LEU C 49 -10.51 -13.56 -27.78
CA LEU C 49 -10.92 -14.68 -26.93
C LEU C 49 -11.57 -14.14 -25.66
N HIS C 50 -12.54 -13.25 -25.85
CA HIS C 50 -13.18 -12.57 -24.72
C HIS C 50 -13.87 -13.59 -23.81
N LEU C 51 -13.84 -13.30 -22.51
CA LEU C 51 -14.41 -14.16 -21.49
C LEU C 51 -15.54 -13.43 -20.78
N THR C 52 -16.70 -14.08 -20.65
CA THR C 52 -17.89 -13.44 -20.12
C THR C 52 -18.47 -14.28 -18.99
N GLN C 53 -19.24 -13.61 -18.14
CA GLN C 53 -20.00 -14.24 -17.06
C GLN C 53 -21.46 -13.86 -17.23
N ASP C 54 -22.31 -14.86 -17.47
CA ASP C 54 -23.73 -14.61 -17.68
C ASP C 54 -24.47 -15.93 -17.56
N LEU C 55 -25.78 -15.88 -17.81
CA LEU C 55 -26.61 -17.07 -17.78
C LEU C 55 -26.54 -17.81 -19.10
N PHE C 56 -25.77 -18.89 -19.14
CA PHE C 56 -25.70 -19.75 -20.32
C PHE C 56 -26.18 -21.14 -19.96
N LEU C 57 -26.75 -21.81 -20.95
CA LEU C 57 -27.07 -23.23 -20.80
C LEU C 57 -25.75 -23.99 -20.67
N PRO C 58 -25.58 -24.84 -19.67
CA PRO C 58 -24.31 -25.53 -19.50
C PRO C 58 -23.99 -26.44 -20.67
N PHE C 59 -22.75 -26.92 -20.70
CA PHE C 59 -22.34 -27.91 -21.68
C PHE C 59 -22.85 -29.27 -21.24
N PHE C 60 -22.32 -30.36 -21.83
CA PHE C 60 -22.99 -31.65 -21.90
C PHE C 60 -23.81 -31.96 -20.65
N SER C 61 -25.11 -32.13 -20.83
CA SER C 61 -26.06 -32.25 -19.74
C SER C 61 -27.37 -32.76 -20.27
N ASN C 62 -28.32 -32.99 -19.36
CA ASN C 62 -29.58 -33.61 -19.73
C ASN C 62 -30.67 -32.59 -19.94
N VAL C 63 -31.39 -32.73 -21.06
CA VAL C 63 -32.54 -31.91 -21.38
C VAL C 63 -33.75 -32.83 -21.50
N THR C 64 -34.93 -32.28 -21.22
CA THR C 64 -36.17 -33.04 -21.19
C THR C 64 -36.79 -32.98 -22.59
N TRP C 65 -36.86 -34.14 -23.24
CA TRP C 65 -37.43 -34.22 -24.59
C TRP C 65 -38.88 -34.66 -24.50
N PHE C 66 -39.78 -33.84 -25.03
CA PHE C 66 -41.21 -34.08 -24.94
C PHE C 66 -41.75 -34.56 -26.29
N HIS C 67 -43.02 -34.97 -26.29
CA HIS C 67 -43.71 -35.33 -27.52
C HIS C 67 -45.04 -34.61 -27.62
N ALA C 68 -45.84 -34.96 -28.62
CA ALA C 68 -47.15 -34.34 -28.81
C ALA C 68 -48.02 -35.28 -29.63
N ILE C 69 -49.31 -35.28 -29.33
CA ILE C 69 -50.28 -36.10 -30.05
C ILE C 69 -51.69 -35.62 -29.78
N ASP C 79 -51.22 -33.64 -21.16
CA ASP C 79 -51.45 -32.61 -22.17
C ASP C 79 -50.81 -31.29 -21.74
N ASN C 80 -49.96 -30.75 -22.63
CA ASN C 80 -49.26 -29.46 -22.55
C ASN C 80 -48.95 -29.04 -21.12
N PRO C 81 -48.10 -29.78 -20.41
CA PRO C 81 -47.82 -29.45 -19.00
C PRO C 81 -47.15 -28.10 -18.86
N VAL C 82 -47.39 -27.45 -17.73
CA VAL C 82 -46.88 -26.12 -17.45
C VAL C 82 -45.51 -26.28 -16.82
N LEU C 83 -44.45 -26.13 -17.63
CA LEU C 83 -43.09 -26.22 -17.12
C LEU C 83 -42.74 -24.96 -16.33
N PRO C 84 -41.83 -25.07 -15.36
CA PRO C 84 -41.42 -23.88 -14.60
C PRO C 84 -40.50 -22.99 -15.40
N PHE C 85 -40.47 -21.71 -14.99
CA PHE C 85 -39.60 -20.70 -15.58
C PHE C 85 -38.74 -20.11 -14.47
N ASN C 86 -37.43 -20.29 -14.56
CA ASN C 86 -36.53 -19.68 -13.59
C ASN C 86 -35.17 -19.49 -14.26
N ASP C 87 -34.65 -18.26 -14.16
CA ASP C 87 -33.35 -17.90 -14.75
C ASP C 87 -33.33 -18.19 -16.25
N GLY C 88 -34.47 -18.03 -16.91
CA GLY C 88 -34.57 -18.26 -18.34
C GLY C 88 -34.78 -19.74 -18.67
N VAL C 89 -35.08 -19.98 -19.94
CA VAL C 89 -35.32 -21.32 -20.44
C VAL C 89 -34.86 -21.39 -21.90
N TYR C 90 -34.22 -22.49 -22.26
CA TYR C 90 -33.79 -22.73 -23.63
C TYR C 90 -34.80 -23.62 -24.33
N PHE C 91 -35.29 -23.19 -25.48
CA PHE C 91 -36.31 -23.90 -26.23
C PHE C 91 -35.78 -24.29 -27.60
N ALA C 92 -36.01 -25.54 -27.99
CA ALA C 92 -35.63 -26.03 -29.30
C ALA C 92 -36.73 -26.94 -29.82
N SER C 93 -36.90 -26.95 -31.14
CA SER C 93 -37.94 -27.76 -31.75
C SER C 93 -37.65 -27.95 -33.22
N THR C 94 -37.89 -29.15 -33.72
CA THR C 94 -37.79 -29.44 -35.15
C THR C 94 -39.15 -29.92 -35.67
N GLU C 95 -39.53 -29.42 -36.83
CA GLU C 95 -40.86 -29.66 -37.36
C GLU C 95 -40.80 -29.57 -38.88
N LYS C 96 -41.87 -30.05 -39.54
CA LYS C 96 -41.90 -30.04 -41.00
C LYS C 96 -42.23 -28.65 -41.53
N SER C 97 -43.43 -28.15 -41.27
CA SER C 97 -43.79 -26.79 -41.61
C SER C 97 -44.19 -25.96 -40.39
N ASN C 98 -45.23 -26.38 -39.66
CA ASN C 98 -45.70 -25.65 -38.49
C ASN C 98 -46.72 -26.46 -37.70
N ILE C 99 -46.49 -26.62 -36.40
CA ILE C 99 -47.48 -27.21 -35.51
C ILE C 99 -47.59 -26.44 -34.21
N ILE C 100 -46.63 -25.53 -33.98
CA ILE C 100 -46.55 -24.75 -32.76
C ILE C 100 -46.64 -23.28 -33.12
N ARG C 101 -47.52 -22.56 -32.44
CA ARG C 101 -47.77 -21.15 -32.75
C ARG C 101 -47.02 -20.21 -31.81
N GLY C 102 -47.24 -20.31 -30.50
CA GLY C 102 -46.64 -19.35 -29.59
C GLY C 102 -46.45 -19.84 -28.16
N TRP C 103 -46.32 -18.89 -27.24
CA TRP C 103 -46.04 -19.20 -25.84
C TRP C 103 -46.85 -18.26 -24.96
N ILE C 104 -47.10 -18.71 -23.73
CA ILE C 104 -47.76 -17.89 -22.72
C ILE C 104 -46.94 -17.96 -21.44
N PHE C 105 -46.71 -16.80 -20.83
CA PHE C 105 -45.87 -16.69 -19.65
C PHE C 105 -46.70 -16.02 -18.55
N GLY C 106 -46.03 -15.62 -17.48
CA GLY C 106 -46.74 -14.92 -16.43
C GLY C 106 -47.08 -15.81 -15.25
N THR C 107 -47.74 -15.23 -14.27
CA THR C 107 -48.07 -15.95 -13.05
C THR C 107 -49.57 -16.22 -12.96
N THR C 108 -49.94 -17.37 -12.36
CA THR C 108 -51.36 -17.73 -12.09
C THR C 108 -52.19 -17.90 -13.37
N LEU C 109 -51.60 -17.65 -14.54
CA LEU C 109 -52.28 -17.79 -15.82
C LEU C 109 -53.78 -17.47 -15.75
N ASP C 110 -54.13 -16.41 -15.03
CA ASP C 110 -55.54 -16.02 -14.91
C ASP C 110 -55.70 -14.50 -14.89
N SER C 111 -56.92 -14.04 -14.62
CA SER C 111 -57.21 -12.61 -14.54
C SER C 111 -56.93 -12.04 -13.16
N LYS C 112 -55.69 -12.20 -12.67
CA LYS C 112 -55.25 -11.58 -11.44
C LYS C 112 -53.83 -11.02 -11.50
N THR C 113 -52.94 -11.62 -12.29
CA THR C 113 -51.59 -11.11 -12.50
C THR C 113 -51.37 -10.93 -13.99
N GLN C 114 -50.45 -10.03 -14.33
CA GLN C 114 -50.15 -9.76 -15.73
C GLN C 114 -49.49 -10.99 -16.36
N SER C 115 -49.71 -11.16 -17.67
CA SER C 115 -49.19 -12.33 -18.38
C SER C 115 -48.74 -11.91 -19.77
N LEU C 116 -48.26 -12.89 -20.54
CA LEU C 116 -47.68 -12.64 -21.86
C LEU C 116 -48.39 -13.51 -22.89
N LEU C 117 -48.12 -13.22 -24.16
CA LEU C 117 -48.61 -14.04 -25.26
C LEU C 117 -47.81 -13.69 -26.51
N ILE C 118 -47.11 -14.68 -27.07
CA ILE C 118 -46.26 -14.46 -28.23
C ILE C 118 -46.72 -15.35 -29.37
N VAL C 119 -48.04 -15.60 -29.46
CA VAL C 119 -48.57 -16.42 -30.54
C VAL C 119 -48.18 -15.82 -31.89
N ASN C 120 -47.84 -16.70 -32.84
CA ASN C 120 -47.38 -16.30 -34.17
C ASN C 120 -48.29 -16.94 -35.20
N ASN C 121 -48.92 -16.12 -36.03
CA ASN C 121 -49.70 -16.66 -37.15
C ASN C 121 -48.85 -16.71 -38.42
N ALA C 122 -49.49 -16.98 -39.55
CA ALA C 122 -48.77 -17.20 -40.81
C ALA C 122 -48.08 -15.95 -41.33
N THR C 123 -48.44 -14.76 -40.86
CA THR C 123 -47.89 -13.54 -41.44
C THR C 123 -47.18 -12.66 -40.41
N ASN C 124 -47.68 -12.58 -39.19
CA ASN C 124 -47.16 -11.62 -38.22
C ASN C 124 -47.06 -12.26 -36.83
N VAL C 125 -46.78 -11.41 -35.85
CA VAL C 125 -46.58 -11.84 -34.46
C VAL C 125 -47.49 -10.99 -33.56
N PHE C 126 -47.84 -11.52 -32.39
CA PHE C 126 -48.86 -10.89 -31.55
C PHE C 126 -48.37 -10.70 -30.11
N ILE C 127 -47.16 -10.15 -29.95
CA ILE C 127 -46.62 -9.91 -28.62
C ILE C 127 -47.50 -8.92 -27.87
N LYS C 128 -48.00 -9.33 -26.71
CA LYS C 128 -48.82 -8.47 -25.87
C LYS C 128 -48.72 -8.94 -24.42
N VAL C 129 -48.58 -7.97 -23.52
CA VAL C 129 -48.57 -8.25 -22.09
C VAL C 129 -49.93 -7.82 -21.55
N CYS C 130 -50.76 -8.79 -21.19
CA CYS C 130 -52.14 -8.48 -20.80
C CYS C 130 -52.61 -9.45 -19.72
N GLU C 131 -53.91 -9.34 -19.42
CA GLU C 131 -54.52 -10.02 -18.28
C GLU C 131 -55.63 -10.94 -18.80
N PHE C 132 -55.27 -11.77 -19.77
CA PHE C 132 -56.19 -12.75 -20.33
C PHE C 132 -56.86 -13.56 -19.22
N GLN C 133 -58.11 -13.97 -19.46
CA GLN C 133 -58.84 -14.65 -18.40
C GLN C 133 -58.39 -16.10 -18.28
N PHE C 134 -58.67 -16.92 -19.31
CA PHE C 134 -58.20 -18.30 -19.43
C PHE C 134 -58.87 -18.85 -20.70
N CYS C 135 -58.29 -19.87 -21.35
CA CYS C 135 -58.93 -20.33 -22.59
C CYS C 135 -59.32 -21.81 -22.59
N ASN C 136 -58.52 -22.69 -21.97
CA ASN C 136 -58.77 -24.13 -22.00
C ASN C 136 -58.83 -24.71 -23.43
N ASP C 137 -58.18 -24.06 -24.39
CA ASP C 137 -58.15 -24.57 -25.75
C ASP C 137 -56.89 -24.21 -26.53
N GLY C 156 -58.82 -16.65 -30.56
CA GLY C 156 -59.57 -17.46 -29.61
C GLY C 156 -58.69 -18.16 -28.60
N VAL C 157 -57.73 -17.43 -28.04
CA VAL C 157 -56.82 -17.94 -27.03
C VAL C 157 -56.97 -17.21 -25.70
N TYR C 158 -57.74 -16.13 -25.67
CA TYR C 158 -57.95 -15.35 -24.45
C TYR C 158 -59.38 -14.86 -24.41
N SER C 159 -59.81 -14.44 -23.21
CA SER C 159 -61.19 -14.02 -23.01
C SER C 159 -61.32 -12.76 -22.15
N SER C 160 -60.24 -11.96 -22.02
CA SER C 160 -60.31 -10.73 -21.26
C SER C 160 -59.10 -9.86 -21.58
N ALA C 161 -59.35 -8.58 -21.84
CA ALA C 161 -58.28 -7.61 -22.06
C ALA C 161 -58.60 -6.29 -21.37
N ASN C 162 -59.12 -6.35 -20.14
CA ASN C 162 -59.62 -5.17 -19.44
C ASN C 162 -58.54 -4.12 -19.21
N ASN C 163 -57.55 -4.45 -18.39
CA ASN C 163 -56.50 -3.52 -18.00
C ASN C 163 -55.14 -4.02 -18.47
N CYS C 164 -54.76 -3.62 -19.68
CA CYS C 164 -53.48 -4.00 -20.25
C CYS C 164 -53.13 -3.14 -21.45
N THR C 165 -51.83 -3.04 -21.74
CA THR C 165 -51.32 -2.20 -22.82
C THR C 165 -50.17 -2.95 -23.49
N PHE C 166 -49.31 -2.20 -24.16
CA PHE C 166 -48.07 -2.69 -24.78
C PHE C 166 -48.36 -3.79 -25.79
N GLU C 167 -49.13 -3.43 -26.81
CA GLU C 167 -49.35 -4.29 -27.96
C GLU C 167 -48.22 -4.11 -28.95
N TYR C 168 -47.64 -5.21 -29.40
CA TYR C 168 -46.46 -5.18 -30.26
C TYR C 168 -46.68 -6.11 -31.44
N VAL C 169 -46.23 -5.68 -32.61
CA VAL C 169 -46.33 -6.46 -33.84
C VAL C 169 -45.06 -6.24 -34.66
N SER C 170 -44.55 -7.30 -35.29
CA SER C 170 -43.34 -7.21 -36.09
C SER C 170 -43.33 -8.38 -37.08
N GLN C 171 -42.17 -8.62 -37.68
CA GLN C 171 -42.00 -9.71 -38.62
C GLN C 171 -42.18 -11.06 -37.92
N PRO C 172 -42.65 -12.08 -38.64
CA PRO C 172 -42.79 -13.40 -38.03
C PRO C 172 -41.44 -13.98 -37.63
N PHE C 173 -41.43 -14.67 -36.49
CA PHE C 173 -40.19 -15.27 -36.02
C PHE C 173 -39.80 -16.50 -36.84
N LEU C 174 -40.75 -17.38 -37.13
CA LEU C 174 -40.46 -18.67 -37.75
C LEU C 174 -40.21 -18.47 -39.25
N MET C 175 -38.98 -18.71 -39.68
CA MET C 175 -38.63 -18.70 -41.08
C MET C 175 -38.42 -20.13 -41.56
N ASP C 176 -39.20 -20.55 -42.55
CA ASP C 176 -39.17 -21.91 -43.05
C ASP C 176 -38.87 -21.91 -44.54
N LEU C 177 -37.87 -22.68 -44.94
CA LEU C 177 -37.48 -22.83 -46.33
C LEU C 177 -37.31 -24.30 -46.66
N GLU C 178 -37.63 -24.68 -47.90
CA GLU C 178 -37.51 -26.05 -48.34
C GLU C 178 -36.92 -26.09 -49.74
N GLY C 179 -36.03 -27.06 -49.97
CA GLY C 179 -35.46 -27.24 -51.29
C GLY C 179 -36.30 -28.16 -52.14
N LYS C 180 -37.57 -27.77 -52.35
CA LYS C 180 -38.56 -28.57 -53.09
C LYS C 180 -38.78 -29.94 -52.47
N GLN C 181 -38.46 -30.10 -51.19
CA GLN C 181 -38.68 -31.36 -50.49
C GLN C 181 -38.81 -31.10 -49.00
N GLY C 182 -39.53 -31.99 -48.32
CA GLY C 182 -39.76 -31.88 -46.89
C GLY C 182 -38.66 -32.41 -46.01
N ASN C 183 -37.58 -32.96 -46.59
CA ASN C 183 -36.50 -33.49 -45.78
C ASN C 183 -35.75 -32.41 -45.02
N PHE C 184 -35.82 -31.16 -45.47
CA PHE C 184 -35.17 -30.05 -44.77
C PHE C 184 -35.99 -29.67 -43.54
N LYS C 185 -35.87 -30.51 -42.51
CA LYS C 185 -36.57 -30.28 -41.26
C LYS C 185 -36.02 -29.05 -40.57
N ASN C 186 -36.81 -27.97 -40.54
CA ASN C 186 -36.37 -26.72 -39.95
C ASN C 186 -36.28 -26.84 -38.44
N LEU C 187 -35.08 -26.66 -37.89
CA LEU C 187 -34.85 -26.69 -36.46
C LEU C 187 -34.64 -25.27 -35.93
N ARG C 188 -35.39 -24.94 -34.89
CA ARG C 188 -35.40 -23.58 -34.37
C ARG C 188 -34.96 -23.63 -32.90
N GLU C 189 -34.00 -22.80 -32.53
CA GLU C 189 -33.53 -22.70 -31.16
C GLU C 189 -33.85 -21.31 -30.64
N PHE C 190 -34.56 -21.25 -29.51
CA PHE C 190 -34.98 -19.98 -28.91
C PHE C 190 -34.47 -19.92 -27.48
N VAL C 191 -34.13 -18.71 -27.04
CA VAL C 191 -33.67 -18.47 -25.67
C VAL C 191 -34.41 -17.26 -25.13
N PHE C 192 -35.00 -17.39 -23.96
CA PHE C 192 -35.69 -16.29 -23.29
C PHE C 192 -35.11 -16.10 -21.89
N LYS C 193 -35.05 -14.85 -21.46
CA LYS C 193 -34.70 -14.55 -20.07
C LYS C 193 -35.30 -13.22 -19.69
N ASN C 194 -35.40 -12.98 -18.39
CA ASN C 194 -36.13 -11.85 -17.83
C ASN C 194 -35.31 -11.13 -16.77
N ILE C 195 -34.05 -10.84 -17.10
CA ILE C 195 -33.19 -10.16 -16.13
C ILE C 195 -33.43 -8.66 -16.20
N ASP C 196 -33.76 -8.06 -15.05
CA ASP C 196 -34.08 -6.65 -14.88
C ASP C 196 -35.11 -6.33 -15.97
N GLY C 197 -36.28 -6.97 -15.90
CA GLY C 197 -37.29 -6.81 -16.94
C GLY C 197 -36.71 -7.13 -18.31
N TYR C 198 -37.09 -6.33 -19.30
CA TYR C 198 -36.46 -6.32 -20.62
C TYR C 198 -36.42 -7.72 -21.22
N PHE C 199 -37.59 -8.24 -21.57
CA PHE C 199 -37.68 -9.57 -22.16
C PHE C 199 -36.81 -9.67 -23.43
N LYS C 200 -35.76 -10.49 -23.37
CA LYS C 200 -34.89 -10.75 -24.51
C LYS C 200 -35.29 -12.06 -25.17
N ILE C 201 -35.21 -12.10 -26.49
CA ILE C 201 -35.45 -13.31 -27.26
C ILE C 201 -34.34 -13.46 -28.29
N TYR C 202 -33.70 -14.62 -28.31
CA TYR C 202 -32.66 -14.94 -29.28
C TYR C 202 -33.13 -16.11 -30.14
N SER C 203 -32.66 -16.15 -31.37
CA SER C 203 -33.07 -17.23 -32.27
C SER C 203 -32.02 -17.43 -33.34
N LYS C 204 -32.05 -18.63 -33.94
CA LYS C 204 -31.23 -18.97 -35.10
C LYS C 204 -31.90 -20.09 -35.86
N HIS C 205 -32.32 -19.81 -37.09
CA HIS C 205 -33.11 -20.76 -37.87
C HIS C 205 -32.26 -21.40 -38.96
N THR C 206 -32.21 -22.73 -38.94
CA THR C 206 -31.48 -23.49 -39.93
C THR C 206 -31.97 -24.93 -40.02
N PRO C 207 -32.30 -25.40 -41.22
CA PRO C 207 -32.64 -26.82 -41.38
C PRO C 207 -31.42 -27.71 -41.19
N ILE C 208 -31.07 -27.99 -39.94
CA ILE C 208 -29.92 -28.83 -39.61
C ILE C 208 -30.23 -30.26 -40.03
N ILE C 209 -29.22 -31.14 -39.98
CA ILE C 209 -29.22 -32.47 -40.57
C ILE C 209 -30.59 -33.14 -40.46
N GLY C 210 -31.25 -32.99 -39.32
CA GLY C 210 -32.65 -33.31 -39.20
C GLY C 210 -32.99 -34.40 -38.20
N ARG C 211 -32.00 -35.06 -37.61
CA ARG C 211 -32.30 -36.13 -36.65
C ARG C 211 -33.01 -35.56 -35.43
N ASP C 212 -32.31 -34.75 -34.65
CA ASP C 212 -32.75 -34.29 -33.34
C ASP C 212 -31.83 -33.17 -32.88
N PHE C 213 -31.88 -32.84 -31.59
CA PHE C 213 -30.92 -31.96 -30.96
C PHE C 213 -29.51 -32.30 -31.45
N PRO C 214 -28.88 -31.42 -32.22
CA PRO C 214 -27.60 -31.76 -32.87
C PRO C 214 -26.38 -31.45 -32.02
N GLN C 215 -25.19 -31.68 -32.57
CA GLN C 215 -23.94 -31.48 -31.86
C GLN C 215 -23.11 -30.31 -32.38
N GLY C 216 -23.26 -29.94 -33.65
CA GLY C 216 -22.50 -28.86 -34.22
C GLY C 216 -22.76 -27.52 -33.55
N PHE C 217 -21.74 -26.68 -33.45
CA PHE C 217 -21.88 -25.39 -32.78
C PHE C 217 -22.74 -24.45 -33.62
N SER C 218 -23.51 -23.60 -32.92
CA SER C 218 -24.36 -22.62 -33.58
C SER C 218 -24.67 -21.51 -32.59
N ALA C 219 -24.37 -20.27 -32.96
CA ALA C 219 -24.67 -19.12 -32.11
C ALA C 219 -26.13 -18.71 -32.29
N LEU C 220 -26.54 -17.68 -31.56
CA LEU C 220 -27.91 -17.18 -31.61
C LEU C 220 -27.91 -15.67 -31.75
N GLU C 221 -28.59 -15.16 -32.77
CA GLU C 221 -28.67 -13.73 -33.01
C GLU C 221 -29.92 -13.17 -32.36
N PRO C 222 -29.82 -12.06 -31.63
CA PRO C 222 -31.02 -11.49 -31.00
C PRO C 222 -32.04 -11.02 -32.04
N LEU C 223 -33.31 -11.09 -31.67
CA LEU C 223 -34.38 -10.57 -32.52
C LEU C 223 -35.07 -9.37 -31.88
N VAL C 224 -35.62 -9.52 -30.67
CA VAL C 224 -36.40 -8.47 -30.04
C VAL C 224 -35.89 -8.24 -28.63
N ASP C 225 -36.18 -7.05 -28.11
CA ASP C 225 -35.83 -6.70 -26.73
C ASP C 225 -36.85 -5.66 -26.27
N LEU C 226 -37.86 -6.10 -25.51
CA LEU C 226 -38.96 -5.22 -25.11
C LEU C 226 -39.09 -5.23 -23.60
N PRO C 227 -39.27 -4.05 -22.98
CA PRO C 227 -39.29 -3.99 -21.51
C PRO C 227 -40.65 -4.28 -20.90
N ILE C 228 -41.00 -5.56 -20.77
CA ILE C 228 -42.22 -5.91 -20.06
C ILE C 228 -41.98 -5.90 -18.56
N GLY C 229 -41.13 -6.82 -18.08
CA GLY C 229 -40.68 -6.80 -16.70
C GLY C 229 -41.79 -6.80 -15.66
N ILE C 230 -42.65 -7.81 -15.65
CA ILE C 230 -43.69 -7.85 -14.64
C ILE C 230 -43.36 -8.85 -13.53
N ASN C 231 -43.50 -10.14 -13.80
CA ASN C 231 -42.97 -11.24 -13.00
C ASN C 231 -43.26 -12.54 -13.74
N ILE C 232 -42.27 -13.38 -13.98
CA ILE C 232 -42.49 -14.60 -14.73
C ILE C 232 -42.02 -15.80 -13.91
N THR C 233 -42.91 -16.78 -13.75
CA THR C 233 -42.56 -17.97 -12.92
C THR C 233 -42.98 -19.24 -13.67
N ARG C 234 -43.81 -19.09 -14.71
CA ARG C 234 -44.32 -20.29 -15.42
C ARG C 234 -44.09 -20.15 -16.93
N PHE C 235 -44.42 -21.20 -17.69
CA PHE C 235 -44.20 -21.21 -19.13
C PHE C 235 -45.04 -22.32 -19.74
N GLN C 236 -45.72 -22.02 -20.85
CA GLN C 236 -46.53 -23.02 -21.54
C GLN C 236 -46.50 -22.74 -23.03
N THR C 237 -46.63 -23.80 -23.82
CA THR C 237 -46.53 -23.71 -25.27
C THR C 237 -47.86 -24.09 -25.92
N LEU C 238 -48.32 -23.24 -26.83
CA LEU C 238 -49.55 -23.46 -27.57
C LEU C 238 -49.30 -24.43 -28.72
N LEU C 239 -50.37 -25.08 -29.18
CA LEU C 239 -50.29 -26.05 -30.25
C LEU C 239 -51.11 -25.58 -31.47
N ALA C 240 -51.23 -26.44 -32.47
CA ALA C 240 -51.95 -26.12 -33.70
C ALA C 240 -53.45 -26.14 -33.47
N LEU C 241 -54.23 -25.85 -34.51
CA LEU C 241 -55.68 -25.81 -34.38
C LEU C 241 -56.35 -26.94 -35.16
N ASN C 242 -56.19 -26.93 -36.48
CA ASN C 242 -56.83 -27.94 -37.32
C ASN C 242 -56.24 -27.87 -38.72
N ARG C 243 -56.12 -29.04 -39.34
CA ARG C 243 -55.74 -29.15 -40.74
C ARG C 243 -56.03 -30.55 -41.25
N ALA C 260 -40.58 -35.37 -30.75
CA ALA C 260 -39.96 -34.91 -31.99
C ALA C 260 -39.83 -33.39 -31.98
N ASP C 261 -40.00 -32.80 -30.81
CA ASP C 261 -39.97 -31.36 -30.62
C ASP C 261 -39.87 -31.08 -29.13
N TYR C 262 -40.08 -29.82 -28.74
CA TYR C 262 -40.27 -29.43 -27.35
C TYR C 262 -39.00 -29.55 -26.51
N TYR C 263 -37.83 -29.64 -27.14
CA TYR C 263 -36.58 -29.76 -26.39
C TYR C 263 -36.41 -28.56 -25.47
N VAL C 264 -36.34 -28.81 -24.17
CA VAL C 264 -36.33 -27.76 -23.16
C VAL C 264 -35.07 -27.90 -22.30
N GLY C 265 -34.32 -26.81 -22.17
CA GLY C 265 -33.19 -26.77 -21.26
C GLY C 265 -33.26 -25.53 -20.41
N TYR C 266 -32.50 -25.56 -19.31
CA TYR C 266 -32.57 -24.52 -18.30
C TYR C 266 -31.21 -23.85 -18.13
N LEU C 267 -31.20 -22.52 -18.11
CA LEU C 267 -29.95 -21.77 -18.05
C LEU C 267 -29.47 -21.62 -16.61
N GLN C 268 -28.17 -21.51 -16.44
CA GLN C 268 -27.52 -21.41 -15.14
C GLN C 268 -26.42 -20.37 -15.20
N PRO C 269 -26.10 -19.72 -14.08
CA PRO C 269 -25.03 -18.72 -14.08
C PRO C 269 -23.64 -19.36 -14.12
N ARG C 270 -22.96 -19.24 -15.26
CA ARG C 270 -21.64 -19.81 -15.45
C ARG C 270 -20.73 -18.79 -16.14
N THR C 271 -19.47 -19.17 -16.28
CA THR C 271 -18.48 -18.37 -16.99
C THR C 271 -18.07 -19.13 -18.25
N PHE C 272 -18.04 -18.42 -19.38
CA PHE C 272 -17.72 -19.01 -20.67
C PHE C 272 -16.60 -18.24 -21.35
N LEU C 273 -15.80 -18.96 -22.12
CA LEU C 273 -14.78 -18.37 -22.98
C LEU C 273 -15.22 -18.57 -24.42
N LEU C 274 -15.40 -17.47 -25.15
CA LEU C 274 -15.93 -17.50 -26.50
C LEU C 274 -14.85 -17.10 -27.49
N LYS C 275 -14.68 -17.89 -28.54
CA LYS C 275 -13.73 -17.61 -29.59
C LYS C 275 -14.42 -16.84 -30.71
N TYR C 276 -13.83 -15.72 -31.11
CA TYR C 276 -14.41 -14.86 -32.12
C TYR C 276 -13.69 -15.03 -33.45
N ASN C 277 -14.46 -14.94 -34.54
CA ASN C 277 -13.89 -14.93 -35.87
C ASN C 277 -13.38 -13.54 -36.20
N GLU C 278 -12.95 -13.31 -37.43
CA GLU C 278 -12.50 -11.98 -37.83
C GLU C 278 -13.60 -11.11 -38.43
N ASN C 279 -14.78 -11.67 -38.70
CA ASN C 279 -15.94 -10.87 -39.08
C ASN C 279 -16.89 -10.60 -37.91
N GLY C 280 -16.62 -11.16 -36.74
CA GLY C 280 -17.46 -10.90 -35.58
C GLY C 280 -18.41 -12.01 -35.22
N THR C 281 -18.16 -13.22 -35.70
CA THR C 281 -18.97 -14.38 -35.37
C THR C 281 -18.28 -15.23 -34.31
N ILE C 282 -19.05 -16.13 -33.69
CA ILE C 282 -18.55 -16.98 -32.63
C ILE C 282 -18.31 -18.38 -33.17
N THR C 283 -17.05 -18.72 -33.41
CA THR C 283 -16.72 -20.02 -33.99
C THR C 283 -16.79 -21.15 -32.97
N ASP C 284 -16.36 -20.89 -31.74
CA ASP C 284 -16.28 -21.96 -30.74
C ASP C 284 -16.38 -21.35 -29.34
N ALA C 285 -16.47 -22.22 -28.35
CA ALA C 285 -16.55 -21.79 -26.95
C ALA C 285 -16.06 -22.94 -26.08
N VAL C 286 -15.69 -22.60 -24.84
CA VAL C 286 -15.14 -23.55 -23.88
C VAL C 286 -15.82 -23.32 -22.54
N ASP C 287 -16.41 -24.37 -21.98
CA ASP C 287 -17.00 -24.28 -20.64
C ASP C 287 -15.90 -24.26 -19.59
N CYS C 288 -16.11 -23.50 -18.52
CA CYS C 288 -15.09 -23.26 -17.51
C CYS C 288 -15.17 -24.23 -16.33
N ALA C 289 -16.17 -25.11 -16.33
CA ALA C 289 -16.31 -26.00 -15.17
C ALA C 289 -16.67 -27.43 -15.57
N LEU C 290 -16.23 -27.93 -16.72
CA LEU C 290 -16.69 -29.23 -17.19
C LEU C 290 -15.74 -30.36 -16.81
N ASP C 291 -14.44 -30.15 -16.92
CA ASP C 291 -13.46 -31.20 -16.70
C ASP C 291 -12.24 -30.59 -16.02
N PRO C 292 -11.26 -31.41 -15.63
CA PRO C 292 -10.00 -30.82 -15.13
C PRO C 292 -9.33 -29.90 -16.13
N LEU C 293 -9.45 -30.20 -17.43
CA LEU C 293 -9.00 -29.28 -18.46
C LEU C 293 -10.04 -28.16 -18.56
N SER C 294 -9.99 -27.37 -19.64
CA SER C 294 -10.96 -26.31 -19.88
C SER C 294 -10.88 -25.22 -18.81
N GLU C 295 -10.04 -25.41 -17.80
CA GLU C 295 -9.67 -24.30 -16.91
C GLU C 295 -8.22 -23.92 -17.14
N THR C 296 -7.39 -24.88 -17.54
CA THR C 296 -6.06 -24.55 -18.00
C THR C 296 -6.12 -23.60 -19.18
N LYS C 297 -7.01 -23.89 -20.14
CA LYS C 297 -7.16 -23.02 -21.28
C LYS C 297 -7.73 -21.66 -20.89
N CYS C 298 -8.23 -21.51 -19.66
CA CYS C 298 -8.83 -20.26 -19.23
C CYS C 298 -7.87 -19.42 -18.40
N THR C 299 -7.00 -20.07 -17.62
CA THR C 299 -6.10 -19.33 -16.74
C THR C 299 -4.97 -18.64 -17.49
N LEU C 300 -4.65 -19.07 -18.70
CA LEU C 300 -3.71 -18.38 -19.58
C LEU C 300 -4.36 -18.14 -20.93
N LYS C 301 -5.53 -17.49 -20.91
CA LYS C 301 -6.60 -17.63 -21.90
C LYS C 301 -6.06 -17.86 -23.30
N SER C 302 -6.44 -19.00 -23.88
CA SER C 302 -6.01 -19.45 -25.19
C SER C 302 -6.70 -20.78 -25.50
N PHE C 303 -6.51 -21.29 -26.71
CA PHE C 303 -7.08 -22.58 -27.08
C PHE C 303 -6.02 -23.66 -27.27
N THR C 304 -4.75 -23.28 -27.28
CA THR C 304 -3.63 -24.21 -27.39
C THR C 304 -2.73 -24.05 -26.18
N VAL C 305 -2.56 -25.12 -25.41
CA VAL C 305 -1.68 -25.13 -24.24
C VAL C 305 -0.52 -26.07 -24.51
N GLU C 306 0.70 -25.55 -24.37
CA GLU C 306 1.90 -26.32 -24.62
C GLU C 306 2.07 -27.40 -23.54
N LYS C 307 3.06 -28.26 -23.74
CA LYS C 307 3.40 -29.26 -22.73
C LYS C 307 3.95 -28.57 -21.49
N GLY C 308 3.52 -29.02 -20.32
CA GLY C 308 4.01 -28.48 -19.08
C GLY C 308 3.00 -28.69 -17.96
N ILE C 309 3.27 -28.02 -16.85
CA ILE C 309 2.42 -28.06 -15.66
C ILE C 309 2.00 -26.63 -15.33
N TYR C 310 0.70 -26.42 -15.17
CA TYR C 310 0.16 -25.10 -14.88
C TYR C 310 -0.65 -25.11 -13.58
N GLN C 311 -0.35 -24.16 -12.71
CA GLN C 311 -1.11 -23.94 -11.49
C GLN C 311 -2.34 -23.09 -11.83
N THR C 312 -3.53 -23.68 -11.70
CA THR C 312 -4.75 -23.03 -12.16
C THR C 312 -5.48 -22.32 -11.02
N SER C 313 -5.86 -23.06 -9.99
CA SER C 313 -6.66 -22.50 -8.91
C SER C 313 -6.30 -23.23 -7.63
N ASN C 314 -7.10 -23.03 -6.59
CA ASN C 314 -6.89 -23.68 -5.30
C ASN C 314 -8.14 -24.45 -4.90
N PHE C 315 -7.98 -25.32 -3.90
CA PHE C 315 -9.04 -26.18 -3.43
C PHE C 315 -9.21 -26.00 -1.93
N ARG C 316 -10.44 -26.13 -1.45
CA ARG C 316 -10.76 -25.92 -0.05
C ARG C 316 -11.90 -26.85 0.36
N VAL C 317 -11.77 -27.47 1.53
CA VAL C 317 -12.84 -28.32 2.03
C VAL C 317 -13.86 -27.48 2.78
N GLN C 318 -15.11 -27.92 2.77
CA GLN C 318 -16.21 -27.19 3.38
C GLN C 318 -16.54 -27.76 4.75
N PRO C 319 -17.00 -26.91 5.67
CA PRO C 319 -17.36 -27.40 7.00
C PRO C 319 -18.75 -28.03 7.03
N THR C 320 -18.98 -28.98 7.93
CA THR C 320 -20.21 -29.75 7.94
C THR C 320 -21.19 -29.30 9.02
N GLU C 321 -20.75 -29.31 10.28
CA GLU C 321 -21.66 -29.07 11.39
C GLU C 321 -21.40 -27.75 12.10
N SER C 322 -22.12 -27.52 13.20
CA SER C 322 -21.96 -26.31 13.97
C SER C 322 -22.30 -26.56 15.44
N ILE C 323 -21.33 -26.35 16.32
CA ILE C 323 -21.56 -26.57 17.75
C ILE C 323 -21.53 -25.24 18.48
N VAL C 324 -22.46 -25.08 19.41
CA VAL C 324 -22.71 -23.80 20.06
C VAL C 324 -22.46 -24.00 21.55
N ARG C 325 -21.53 -24.89 21.89
CA ARG C 325 -21.30 -25.24 23.32
C ARG C 325 -21.09 -24.00 24.20
N PHE C 326 -21.71 -23.97 25.38
CA PHE C 326 -21.53 -22.84 26.33
C PHE C 326 -21.45 -23.41 27.76
N PRO C 327 -20.84 -22.71 28.74
CA PRO C 327 -20.82 -23.18 30.12
C PRO C 327 -22.25 -23.25 30.67
N ASN C 328 -22.93 -22.11 30.72
CA ASN C 328 -24.35 -22.07 31.15
C ASN C 328 -25.02 -20.96 30.34
N VAL C 329 -26.32 -21.04 30.09
CA VAL C 329 -26.93 -20.02 29.18
C VAL C 329 -28.40 -19.74 29.56
N THR C 330 -28.87 -20.18 30.73
CA THR C 330 -30.27 -19.87 30.98
C THR C 330 -30.40 -18.37 31.18
N ASN C 331 -29.56 -17.83 32.07
CA ASN C 331 -29.56 -16.42 32.41
C ASN C 331 -30.98 -15.90 32.54
N LEU C 332 -31.69 -16.37 33.56
CA LEU C 332 -33.13 -16.10 33.68
C LEU C 332 -33.41 -14.61 33.77
N CYS C 333 -34.39 -14.15 32.97
CA CYS C 333 -34.94 -12.79 33.00
C CYS C 333 -36.19 -12.75 33.87
N PRO C 334 -36.55 -11.59 34.42
CA PRO C 334 -37.77 -11.51 35.24
C PRO C 334 -39.04 -11.48 34.42
N PHE C 335 -38.95 -11.79 33.12
CA PHE C 335 -40.10 -11.79 32.22
C PHE C 335 -41.24 -12.63 32.80
N HIS C 336 -40.89 -13.79 33.36
CA HIS C 336 -41.88 -14.60 34.05
C HIS C 336 -42.47 -13.87 35.24
N GLU C 337 -41.61 -13.19 36.01
CA GLU C 337 -42.07 -12.47 37.20
C GLU C 337 -42.90 -11.23 36.87
N VAL C 338 -42.78 -10.69 35.65
CA VAL C 338 -43.63 -9.57 35.24
C VAL C 338 -44.89 -10.03 34.51
N PHE C 339 -44.88 -11.22 33.91
CA PHE C 339 -46.04 -11.74 33.21
C PHE C 339 -46.91 -12.68 34.03
N ASN C 340 -46.37 -13.26 35.11
CA ASN C 340 -47.13 -14.14 35.98
C ASN C 340 -47.66 -13.43 37.21
N ALA C 341 -47.55 -12.11 37.27
CA ALA C 341 -48.04 -11.36 38.41
C ALA C 341 -49.57 -11.43 38.48
N THR C 342 -50.09 -11.15 39.67
CA THR C 342 -51.53 -11.20 39.91
C THR C 342 -52.15 -9.85 40.21
N ARG C 343 -51.35 -8.80 40.41
CA ARG C 343 -51.84 -7.49 40.82
C ARG C 343 -51.20 -6.40 39.97
N PHE C 344 -51.26 -6.56 38.65
CA PHE C 344 -50.83 -5.52 37.73
C PHE C 344 -51.45 -4.18 38.11
N ALA C 345 -50.60 -3.21 38.40
CA ALA C 345 -51.05 -1.92 38.90
C ALA C 345 -51.84 -1.17 37.83
N SER C 346 -52.59 -0.17 38.27
CA SER C 346 -53.40 0.62 37.36
C SER C 346 -52.50 1.56 36.54
N VAL C 347 -53.09 2.13 35.49
CA VAL C 347 -52.32 2.99 34.59
C VAL C 347 -51.87 4.27 35.30
N TYR C 348 -52.66 4.78 36.25
CA TYR C 348 -52.31 6.02 36.92
C TYR C 348 -51.02 5.88 37.72
N ALA C 349 -50.78 4.69 38.29
CA ALA C 349 -49.54 4.36 38.98
C ALA C 349 -48.96 3.12 38.30
N TRP C 350 -48.23 3.33 37.22
CA TRP C 350 -47.70 2.23 36.42
C TRP C 350 -46.40 1.73 37.01
N ASN C 351 -46.38 0.47 37.44
CA ASN C 351 -45.16 -0.12 37.97
C ASN C 351 -44.13 -0.27 36.86
N ARG C 352 -42.91 0.20 37.12
CA ARG C 352 -41.80 0.11 36.17
C ARG C 352 -40.76 -0.84 36.75
N THR C 353 -40.54 -1.96 36.06
CA THR C 353 -39.57 -2.96 36.49
C THR C 353 -38.32 -2.85 35.62
N ARG C 354 -37.16 -2.86 36.27
CA ARG C 354 -35.87 -2.76 35.59
C ARG C 354 -35.35 -4.17 35.32
N ILE C 355 -35.06 -4.45 34.06
CA ILE C 355 -34.60 -5.77 33.62
C ILE C 355 -33.16 -5.64 33.15
N SER C 356 -32.25 -6.34 33.84
CA SER C 356 -30.85 -6.31 33.49
C SER C 356 -30.18 -7.59 33.97
N ASN C 357 -28.97 -7.83 33.46
CA ASN C 357 -28.14 -8.97 33.84
C ASN C 357 -28.88 -10.29 33.59
N CYS C 358 -29.54 -10.36 32.44
CA CYS C 358 -30.23 -11.57 32.05
C CYS C 358 -30.32 -11.63 30.53
N VAL C 359 -30.49 -12.84 30.02
CA VAL C 359 -30.61 -13.09 28.58
C VAL C 359 -32.09 -13.07 28.23
N ALA C 360 -32.47 -12.20 27.29
CA ALA C 360 -33.88 -11.97 26.95
C ALA C 360 -34.28 -12.96 25.85
N ASP C 361 -34.86 -14.08 26.28
CA ASP C 361 -35.51 -15.01 25.36
C ASP C 361 -37.00 -14.65 25.28
N TYR C 362 -37.47 -14.36 24.07
CA TYR C 362 -38.83 -13.89 23.88
C TYR C 362 -39.83 -15.02 23.67
N SER C 363 -39.39 -16.27 23.67
CA SER C 363 -40.32 -17.38 23.65
C SER C 363 -41.06 -17.52 24.98
N VAL C 364 -40.40 -17.15 26.09
CA VAL C 364 -41.07 -17.16 27.38
C VAL C 364 -42.17 -16.09 27.42
N LEU C 365 -41.98 -14.98 26.72
CA LEU C 365 -43.06 -14.03 26.53
C LEU C 365 -44.08 -14.51 25.51
N TYR C 366 -43.65 -15.38 24.59
CA TYR C 366 -44.55 -15.86 23.55
C TYR C 366 -45.56 -16.86 24.10
N ASN C 367 -45.12 -17.74 25.00
CA ASN C 367 -46.00 -18.79 25.50
C ASN C 367 -46.92 -18.31 26.63
N PHE C 368 -46.50 -17.29 27.38
CA PHE C 368 -47.26 -16.87 28.54
C PHE C 368 -48.52 -16.06 28.20
N ALA C 369 -48.57 -15.41 27.04
CA ALA C 369 -49.70 -14.54 26.76
C ALA C 369 -50.24 -14.74 25.34
N PRO C 370 -51.53 -15.08 25.20
CA PRO C 370 -52.16 -15.03 23.88
C PRO C 370 -52.44 -13.60 23.46
N PHE C 371 -51.46 -12.95 22.83
CA PHE C 371 -51.51 -11.53 22.53
C PHE C 371 -52.69 -11.12 21.66
N PHE C 372 -53.11 -9.87 21.79
CA PHE C 372 -54.01 -9.24 20.85
C PHE C 372 -53.42 -8.02 20.18
N ALA C 373 -52.31 -7.48 20.68
CA ALA C 373 -51.63 -6.35 20.05
C ALA C 373 -50.15 -6.44 20.42
N PHE C 374 -49.34 -6.94 19.48
CA PHE C 374 -47.90 -7.06 19.67
C PHE C 374 -47.16 -6.16 18.68
N LYS C 375 -47.65 -4.94 18.52
CA LYS C 375 -47.03 -3.99 17.61
C LYS C 375 -45.66 -3.56 18.14
N CYS C 376 -44.74 -3.30 17.21
CA CYS C 376 -43.39 -2.85 17.54
C CYS C 376 -43.02 -1.67 16.67
N TYR C 377 -42.24 -0.74 17.23
CA TYR C 377 -41.89 0.50 16.56
C TYR C 377 -40.41 0.60 16.23
N GLY C 378 -39.53 0.49 17.22
CA GLY C 378 -38.11 0.66 16.99
C GLY C 378 -37.39 -0.60 16.57
N VAL C 379 -37.97 -1.75 16.86
CA VAL C 379 -37.37 -3.04 16.53
C VAL C 379 -38.41 -3.91 15.84
N SER C 380 -37.93 -4.93 15.14
CA SER C 380 -38.82 -5.87 14.45
C SER C 380 -39.32 -6.92 15.44
N PRO C 381 -40.60 -7.27 15.41
CA PRO C 381 -41.08 -8.37 16.27
C PRO C 381 -40.40 -9.70 15.98
N THR C 382 -40.02 -9.94 14.72
CA THR C 382 -39.32 -11.16 14.38
C THR C 382 -37.86 -11.11 14.85
N LYS C 383 -37.27 -9.93 14.88
CA LYS C 383 -35.86 -9.76 15.25
C LYS C 383 -35.77 -9.17 16.66
N LEU C 384 -35.75 -10.07 17.64
CA LEU C 384 -35.53 -9.70 19.03
C LEU C 384 -34.47 -10.53 19.74
N ASN C 385 -34.23 -11.76 19.28
CA ASN C 385 -33.25 -12.64 19.91
C ASN C 385 -31.84 -12.43 19.38
N ASP C 386 -31.64 -11.51 18.42
CA ASP C 386 -30.33 -11.27 17.82
C ASP C 386 -29.77 -9.90 18.16
N LEU C 387 -30.32 -9.24 19.18
CA LEU C 387 -29.88 -7.91 19.57
C LEU C 387 -29.57 -7.90 21.06
N CYS C 388 -28.61 -7.05 21.43
CA CYS C 388 -28.20 -6.88 22.82
C CYS C 388 -28.59 -5.48 23.29
N PHE C 389 -29.29 -5.42 24.43
CA PHE C 389 -29.84 -4.17 24.93
C PHE C 389 -29.16 -3.80 26.25
N THR C 390 -28.83 -2.51 26.38
CA THR C 390 -28.18 -2.04 27.61
C THR C 390 -29.12 -2.16 28.81
N ASN C 391 -30.39 -1.82 28.62
CA ASN C 391 -31.37 -1.93 29.69
C ASN C 391 -32.76 -2.10 29.08
N VAL C 392 -33.63 -2.81 29.81
CA VAL C 392 -34.99 -3.07 29.37
C VAL C 392 -35.94 -2.67 30.49
N TYR C 393 -36.93 -1.84 30.17
CA TYR C 393 -37.94 -1.40 31.13
C TYR C 393 -39.28 -2.00 30.74
N ALA C 394 -39.95 -2.63 31.71
CA ALA C 394 -41.25 -3.26 31.49
C ALA C 394 -42.28 -2.55 32.37
N ASP C 395 -43.04 -1.63 31.77
CA ASP C 395 -44.13 -0.96 32.46
C ASP C 395 -45.42 -1.74 32.22
N SER C 396 -46.01 -2.23 33.30
CA SER C 396 -47.19 -3.09 33.22
C SER C 396 -48.39 -2.39 33.86
N PHE C 397 -49.50 -2.37 33.15
CA PHE C 397 -50.73 -1.79 33.68
C PHE C 397 -51.92 -2.33 32.89
N VAL C 398 -52.95 -2.77 33.60
CA VAL C 398 -54.17 -3.25 32.96
C VAL C 398 -55.03 -2.06 32.56
N ILE C 399 -55.56 -2.10 31.34
CA ILE C 399 -56.28 -0.97 30.77
C ILE C 399 -57.42 -1.50 29.90
N LYS C 400 -58.30 -0.60 29.48
CA LYS C 400 -59.48 -0.96 28.71
C LYS C 400 -59.09 -1.39 27.29
N GLY C 401 -60.11 -1.69 26.49
CA GLY C 401 -59.90 -2.16 25.13
C GLY C 401 -59.44 -1.10 24.16
N ASN C 402 -60.23 -0.03 24.00
CA ASN C 402 -59.84 1.06 23.10
C ASN C 402 -58.55 1.72 23.57
N GLU C 403 -58.30 1.73 24.87
CA GLU C 403 -57.06 2.31 25.39
C GLU C 403 -55.83 1.52 24.96
N VAL C 404 -56.00 0.24 24.57
CA VAL C 404 -54.89 -0.52 24.03
C VAL C 404 -54.41 0.11 22.73
N SER C 405 -55.35 0.47 21.85
CA SER C 405 -54.99 1.20 20.64
C SER C 405 -54.58 2.64 20.96
N GLN C 406 -55.11 3.20 22.05
CA GLN C 406 -54.71 4.54 22.46
C GLN C 406 -53.22 4.60 22.81
N ILE C 407 -52.72 3.58 23.50
CA ILE C 407 -51.32 3.56 23.93
C ILE C 407 -50.44 3.35 22.70
N ALA C 408 -49.78 4.41 22.25
CA ALA C 408 -48.86 4.40 21.12
C ALA C 408 -48.14 5.74 21.05
N PRO C 409 -46.93 5.80 20.50
CA PRO C 409 -46.24 7.08 20.39
C PRO C 409 -47.03 8.07 19.54
N GLY C 410 -47.00 9.34 19.94
CA GLY C 410 -47.68 10.38 19.21
C GLY C 410 -49.18 10.23 19.17
N GLN C 411 -49.79 9.93 20.32
CA GLN C 411 -51.23 9.73 20.43
C GLN C 411 -51.80 10.75 21.41
N THR C 412 -53.13 10.75 21.53
CA THR C 412 -53.83 11.67 22.41
C THR C 412 -54.98 10.93 23.09
N GLY C 413 -55.53 11.55 24.13
CA GLY C 413 -56.63 10.97 24.86
C GLY C 413 -56.51 11.16 26.36
N ASN C 414 -57.49 10.64 27.11
CA ASN C 414 -57.47 10.79 28.56
C ASN C 414 -56.35 9.97 29.21
N ILE C 415 -55.83 8.97 28.51
CA ILE C 415 -54.72 8.17 29.02
C ILE C 415 -53.38 8.64 28.45
N ALA C 416 -53.34 8.93 27.15
CA ALA C 416 -52.11 9.38 26.52
C ALA C 416 -51.66 10.76 26.98
N ASP C 417 -52.53 11.50 27.68
CA ASP C 417 -52.21 12.84 28.17
C ASP C 417 -52.12 12.94 29.68
N TYR C 418 -52.92 12.17 30.42
CA TYR C 418 -52.99 12.31 31.86
C TYR C 418 -52.50 11.09 32.63
N ASN C 419 -52.44 9.92 32.00
CA ASN C 419 -52.07 8.69 32.70
C ASN C 419 -50.73 8.14 32.25
N TYR C 420 -50.52 7.97 30.95
CA TYR C 420 -49.26 7.42 30.44
C TYR C 420 -49.06 7.92 29.02
N LYS C 421 -47.95 8.64 28.79
CA LYS C 421 -47.63 9.21 27.49
C LYS C 421 -46.42 8.49 26.92
N LEU C 422 -46.58 7.92 25.74
CA LEU C 422 -45.46 7.26 25.08
C LEU C 422 -44.67 8.28 24.25
N PRO C 423 -43.36 8.38 24.45
CA PRO C 423 -42.57 9.34 23.66
C PRO C 423 -42.59 8.97 22.18
N ASP C 424 -42.48 10.01 21.35
CA ASP C 424 -42.49 9.80 19.90
C ASP C 424 -41.32 8.93 19.46
N ASP C 425 -40.17 9.07 20.12
CA ASP C 425 -39.00 8.25 19.83
C ASP C 425 -38.94 7.10 20.83
N PHE C 426 -39.82 6.13 20.61
CA PHE C 426 -39.93 4.96 21.47
C PHE C 426 -39.32 3.76 20.78
N THR C 427 -38.32 3.15 21.42
CA THR C 427 -37.61 2.00 20.89
C THR C 427 -37.97 0.79 21.76
N GLY C 428 -39.00 0.07 21.33
CA GLY C 428 -39.45 -1.09 22.08
C GLY C 428 -40.73 -1.65 21.52
N CYS C 429 -41.35 -2.54 22.30
CA CYS C 429 -42.59 -3.20 21.91
C CYS C 429 -43.57 -3.16 23.07
N VAL C 430 -44.86 -3.20 22.72
CA VAL C 430 -45.94 -3.26 23.68
C VAL C 430 -46.66 -4.59 23.51
N ILE C 431 -47.24 -5.09 24.60
CA ILE C 431 -47.92 -6.38 24.61
C ILE C 431 -49.26 -6.22 25.31
N ALA C 432 -50.33 -6.66 24.66
CA ALA C 432 -51.67 -6.61 25.22
C ALA C 432 -52.34 -7.97 25.07
N TRP C 433 -52.84 -8.51 26.18
CA TRP C 433 -53.54 -9.78 26.18
C TRP C 433 -54.72 -9.70 27.13
N ASN C 434 -55.85 -10.27 26.72
CA ASN C 434 -57.11 -10.11 27.45
C ASN C 434 -57.09 -10.93 28.73
N SER C 435 -57.50 -10.31 29.83
CA SER C 435 -57.55 -10.96 31.14
C SER C 435 -58.92 -10.66 31.76
N ASN C 436 -59.90 -11.52 31.47
CA ASN C 436 -61.22 -11.42 32.06
C ASN C 436 -61.43 -12.39 33.21
N LYS C 437 -60.41 -13.16 33.57
CA LYS C 437 -60.53 -14.16 34.63
C LYS C 437 -59.92 -13.72 35.95
N LEU C 438 -58.88 -12.89 35.93
CA LEU C 438 -58.23 -12.43 37.14
C LEU C 438 -58.68 -11.06 37.60
N ASP C 439 -59.19 -10.23 36.70
CA ASP C 439 -59.62 -8.88 37.03
C ASP C 439 -61.15 -8.76 37.12
N SER C 440 -61.84 -9.90 37.14
CA SER C 440 -63.30 -9.90 37.17
C SER C 440 -63.79 -10.99 38.10
N LYS C 441 -64.99 -10.81 38.62
CA LYS C 441 -65.61 -11.75 39.54
C LYS C 441 -67.08 -11.40 39.67
N HIS C 442 -67.83 -12.31 40.28
CA HIS C 442 -69.24 -12.05 40.55
C HIS C 442 -69.37 -10.92 41.59
N SER C 443 -70.50 -10.22 41.53
CA SER C 443 -70.83 -9.04 42.32
C SER C 443 -69.97 -7.83 41.94
N GLY C 444 -69.10 -7.95 40.95
CA GLY C 444 -68.34 -6.81 40.46
C GLY C 444 -67.04 -6.57 41.22
N ASN C 445 -66.24 -5.66 40.67
CA ASN C 445 -64.97 -5.26 41.26
C ASN C 445 -64.62 -3.88 40.77
N TYR C 446 -64.21 -3.00 41.69
CA TYR C 446 -63.83 -1.63 41.39
C TYR C 446 -62.42 -1.35 41.90
N ASP C 447 -61.52 -2.33 41.75
CA ASP C 447 -60.19 -2.22 42.34
C ASP C 447 -59.31 -1.24 41.57
N TYR C 448 -59.35 -1.26 40.24
CA TYR C 448 -58.41 -0.47 39.46
C TYR C 448 -58.86 0.99 39.40
N TRP C 449 -57.96 1.83 38.88
CA TRP C 449 -58.09 3.28 39.00
C TRP C 449 -57.45 3.97 37.80
N TYR C 450 -57.89 5.22 37.55
CA TYR C 450 -57.28 6.06 36.53
C TYR C 450 -57.76 7.51 36.71
N ARG C 451 -56.97 8.43 36.15
CA ARG C 451 -57.17 9.87 36.25
C ARG C 451 -57.61 10.43 34.89
N LEU C 452 -58.66 11.26 34.89
CA LEU C 452 -59.11 11.99 33.70
C LEU C 452 -58.95 13.50 33.80
N PHE C 453 -58.68 14.03 34.98
CA PHE C 453 -58.58 15.47 35.19
C PHE C 453 -57.18 15.77 35.74
N ARG C 454 -56.31 16.28 34.87
CA ARG C 454 -54.97 16.67 35.26
C ARG C 454 -54.74 18.12 34.84
N LYS C 455 -53.92 18.83 35.62
CA LYS C 455 -53.67 20.23 35.35
C LYS C 455 -53.04 20.46 33.98
N SER C 456 -52.29 19.49 33.47
CA SER C 456 -51.67 19.61 32.16
C SER C 456 -51.44 18.21 31.60
N LYS C 457 -50.66 18.12 30.52
CA LYS C 457 -50.32 16.84 29.94
C LYS C 457 -49.19 16.17 30.73
N LEU C 458 -48.99 14.88 30.47
CA LEU C 458 -47.99 14.09 31.17
C LEU C 458 -46.74 13.94 30.31
N LYS C 459 -45.59 14.29 30.87
CA LYS C 459 -44.33 14.07 30.18
C LYS C 459 -44.06 12.57 30.05
N PRO C 460 -43.45 12.14 28.95
CA PRO C 460 -43.22 10.70 28.74
C PRO C 460 -42.43 10.09 29.90
N PHE C 461 -42.89 8.91 30.33
CA PHE C 461 -42.31 8.19 31.46
C PHE C 461 -42.30 9.05 32.72
N GLU C 462 -43.50 9.44 33.15
CA GLU C 462 -43.70 10.20 34.37
C GLU C 462 -44.84 9.58 35.17
N ARG C 463 -44.67 9.52 36.49
CA ARG C 463 -45.72 9.03 37.37
C ARG C 463 -46.28 10.19 38.19
N ASP C 464 -47.59 10.30 38.22
CA ASP C 464 -48.29 11.42 38.83
C ASP C 464 -49.30 10.93 39.87
N ILE C 465 -48.86 10.03 40.75
CA ILE C 465 -49.74 9.51 41.79
C ILE C 465 -50.03 10.63 42.79
N SER C 466 -51.25 11.18 42.73
CA SER C 466 -51.65 12.26 43.62
C SER C 466 -53.17 12.40 43.55
N THR C 467 -53.76 12.77 44.68
CA THR C 467 -55.19 12.99 44.79
C THR C 467 -55.43 14.47 45.07
N GLU C 468 -55.50 15.27 44.01
CA GLU C 468 -55.73 16.70 44.10
C GLU C 468 -56.98 17.06 43.31
N ILE C 469 -58.01 17.55 44.00
CA ILE C 469 -59.29 17.83 43.36
C ILE C 469 -59.10 18.90 42.30
N TYR C 470 -59.59 18.62 41.09
CA TYR C 470 -59.39 19.53 39.98
C TYR C 470 -60.18 20.82 40.18
N GLN C 471 -59.57 21.94 39.81
CA GLN C 471 -60.20 23.24 39.98
C GLN C 471 -61.12 23.57 38.81
N ALA C 472 -62.33 24.01 39.13
CA ALA C 472 -63.28 24.47 38.13
C ALA C 472 -63.66 25.91 38.42
N GLY C 473 -63.48 26.77 37.43
CA GLY C 473 -63.72 28.19 37.60
C GLY C 473 -62.60 28.90 38.33
N ASN C 474 -62.90 29.42 39.52
CA ASN C 474 -61.88 30.10 40.33
C ASN C 474 -62.00 29.75 41.81
N LYS C 475 -62.56 28.60 42.14
CA LYS C 475 -62.78 28.21 43.53
C LYS C 475 -61.64 27.33 44.03
N PRO C 476 -61.08 27.60 45.21
CA PRO C 476 -60.05 26.72 45.77
C PRO C 476 -60.66 25.49 46.45
N CYS C 477 -61.93 25.22 46.15
CA CYS C 477 -62.68 24.12 46.75
C CYS C 477 -61.90 22.82 46.75
N LYS C 478 -61.94 22.14 47.89
CA LYS C 478 -61.25 20.85 48.10
C LYS C 478 -62.30 19.85 48.56
N GLY C 479 -62.92 19.16 47.60
CA GLY C 479 -63.95 18.19 47.92
C GLY C 479 -64.57 17.62 46.67
N LYS C 480 -65.65 16.88 46.87
CA LYS C 480 -66.38 16.23 45.78
C LYS C 480 -67.75 16.87 45.61
N GLY C 481 -68.30 16.71 44.41
CA GLY C 481 -69.59 17.27 44.07
C GLY C 481 -69.53 18.13 42.82
N PRO C 482 -70.45 19.08 42.69
CA PRO C 482 -70.43 19.97 41.52
C PRO C 482 -69.27 20.95 41.61
N ASN C 483 -68.63 21.19 40.46
CA ASN C 483 -67.48 22.08 40.30
C ASN C 483 -66.29 21.65 41.15
N CYS C 484 -66.39 20.51 41.83
CA CYS C 484 -65.30 19.98 42.65
C CYS C 484 -65.24 18.48 42.39
N TYR C 485 -64.35 18.07 41.49
CA TYR C 485 -64.27 16.70 41.02
C TYR C 485 -63.03 16.03 41.57
N PHE C 486 -63.17 14.80 42.06
CA PHE C 486 -62.01 14.01 42.42
C PHE C 486 -61.19 13.72 41.16
N PRO C 487 -59.88 13.89 41.20
CA PRO C 487 -59.08 13.74 39.98
C PRO C 487 -59.08 12.32 39.43
N LEU C 488 -59.53 11.35 40.22
CA LEU C 488 -59.31 9.94 39.95
C LEU C 488 -60.62 9.16 39.97
N GLN C 489 -60.85 8.37 38.91
CA GLN C 489 -62.01 7.51 38.76
C GLN C 489 -61.54 6.07 38.51
N SER C 490 -62.50 5.17 38.33
CA SER C 490 -62.25 3.73 38.49
C SER C 490 -62.28 2.97 37.16
N TYR C 491 -61.75 1.74 37.22
CA TYR C 491 -61.94 0.75 36.16
C TYR C 491 -62.78 -0.39 36.72
N GLY C 492 -63.99 -0.09 37.17
CA GLY C 492 -64.91 -1.17 37.50
C GLY C 492 -64.97 -2.25 36.45
N PHE C 493 -64.53 -3.46 36.79
CA PHE C 493 -64.41 -4.57 35.86
C PHE C 493 -65.31 -5.70 36.32
N ARG C 494 -66.06 -6.26 35.38
CA ARG C 494 -66.97 -7.37 35.61
C ARG C 494 -66.78 -8.37 34.49
N PRO C 495 -67.10 -9.65 34.72
CA PRO C 495 -66.88 -10.66 33.67
C PRO C 495 -67.80 -10.52 32.46
N THR C 496 -68.70 -9.53 32.44
CA THR C 496 -69.70 -9.41 31.36
C THR C 496 -69.69 -7.98 30.82
N TYR C 497 -68.79 -7.73 29.86
CA TYR C 497 -68.81 -6.50 29.07
C TYR C 497 -68.69 -6.81 27.58
N GLY C 498 -68.54 -5.75 26.77
CA GLY C 498 -68.16 -5.91 25.38
C GLY C 498 -66.65 -6.00 25.23
N VAL C 499 -66.22 -6.21 23.99
CA VAL C 499 -64.79 -6.41 23.72
C VAL C 499 -63.99 -5.19 24.14
N GLY C 500 -64.47 -3.99 23.80
CA GLY C 500 -63.75 -2.77 24.12
C GLY C 500 -63.68 -2.43 25.59
N HIS C 501 -64.49 -3.09 26.43
CA HIS C 501 -64.52 -2.82 27.85
C HIS C 501 -63.87 -3.92 28.67
N GLN C 502 -63.31 -4.95 28.04
CA GLN C 502 -62.71 -6.04 28.78
C GLN C 502 -61.41 -5.59 29.45
N PRO C 503 -61.06 -6.19 30.60
CA PRO C 503 -59.81 -5.84 31.30
C PRO C 503 -58.56 -6.36 30.60
N TYR C 504 -58.13 -5.64 29.56
CA TYR C 504 -56.93 -5.99 28.83
C TYR C 504 -55.70 -5.81 29.71
N ARG C 505 -54.76 -6.75 29.62
CA ARG C 505 -53.50 -6.69 30.35
C ARG C 505 -52.43 -6.15 29.40
N VAL C 506 -51.90 -4.97 29.71
CA VAL C 506 -50.95 -4.27 28.85
C VAL C 506 -49.59 -4.24 29.54
N VAL C 507 -48.58 -4.76 28.85
CA VAL C 507 -47.19 -4.69 29.29
C VAL C 507 -46.37 -4.14 28.13
N VAL C 508 -45.65 -3.05 28.38
CA VAL C 508 -44.83 -2.41 27.37
C VAL C 508 -43.36 -2.64 27.71
N LEU C 509 -42.54 -2.82 26.68
CA LEU C 509 -41.11 -3.04 26.83
C LEU C 509 -40.37 -1.86 26.21
N SER C 510 -39.50 -1.22 26.99
CA SER C 510 -38.71 -0.09 26.53
C SER C 510 -37.24 -0.48 26.57
N PHE C 511 -36.57 -0.33 25.43
CA PHE C 511 -35.16 -0.67 25.31
C PHE C 511 -34.32 0.59 25.11
N GLU C 512 -33.03 0.47 25.37
CA GLU C 512 -32.05 1.54 25.15
C GLU C 512 -31.00 1.01 24.18
N LEU C 513 -31.27 1.13 22.89
CA LEU C 513 -30.35 0.66 21.86
C LEU C 513 -29.41 1.79 21.44
N LEU C 514 -28.52 2.12 22.35
CA LEU C 514 -27.52 3.16 22.16
C LEU C 514 -26.13 2.59 22.39
N HIS C 515 -25.12 3.44 22.23
CA HIS C 515 -23.73 3.03 22.40
C HIS C 515 -23.42 2.95 23.89
N ALA C 516 -23.55 1.74 24.45
CA ALA C 516 -23.29 1.49 25.86
C ALA C 516 -22.97 0.01 26.01
N PRO C 517 -22.22 -0.37 27.05
CA PRO C 517 -21.86 -1.79 27.23
C PRO C 517 -23.11 -2.67 27.32
N ALA C 518 -23.06 -3.81 26.65
CA ALA C 518 -24.22 -4.70 26.57
C ALA C 518 -24.48 -5.37 27.92
N THR C 519 -25.76 -5.48 28.27
CA THR C 519 -26.18 -6.12 29.51
C THR C 519 -27.21 -7.22 29.30
N VAL C 520 -28.15 -7.04 28.37
CA VAL C 520 -29.21 -7.99 28.11
C VAL C 520 -29.09 -8.45 26.66
N CYS C 521 -29.10 -9.77 26.45
CA CYS C 521 -28.87 -10.31 25.12
C CYS C 521 -29.81 -11.46 24.77
N GLY C 522 -29.53 -12.15 23.67
CA GLY C 522 -30.42 -13.17 23.14
C GLY C 522 -30.08 -14.57 23.59
N PRO C 523 -31.00 -15.50 23.40
CA PRO C 523 -30.83 -16.86 23.93
C PRO C 523 -30.06 -17.77 22.99
N LYS C 524 -29.45 -18.79 23.59
CA LYS C 524 -28.77 -19.85 22.85
C LYS C 524 -28.98 -21.15 23.59
N LYS C 525 -28.44 -22.23 23.02
CA LYS C 525 -28.55 -23.57 23.60
C LYS C 525 -27.27 -24.34 23.31
N SER C 526 -26.75 -25.02 24.33
CA SER C 526 -25.52 -25.80 24.18
C SER C 526 -25.78 -27.04 23.32
N THR C 527 -24.72 -27.59 22.76
CA THR C 527 -24.83 -28.75 21.86
C THR C 527 -23.70 -29.71 22.20
N ASN C 528 -23.46 -30.68 21.32
CA ASN C 528 -22.46 -31.71 21.57
C ASN C 528 -21.08 -31.21 21.14
N LEU C 529 -20.09 -32.10 21.20
CA LEU C 529 -18.70 -31.74 20.91
C LEU C 529 -18.29 -32.16 19.51
N VAL C 530 -18.44 -33.45 19.18
CA VAL C 530 -18.06 -34.06 17.90
C VAL C 530 -16.64 -33.68 17.51
N LYS C 531 -15.70 -34.58 17.82
CA LYS C 531 -14.28 -34.35 17.59
C LYS C 531 -13.82 -35.02 16.29
N ASN C 532 -12.60 -34.67 15.88
CA ASN C 532 -11.98 -35.20 14.67
C ASN C 532 -12.88 -35.02 13.45
N LYS C 533 -13.44 -33.82 13.31
CA LYS C 533 -14.29 -33.49 12.17
C LYS C 533 -14.35 -31.99 12.01
N CYS C 534 -14.40 -31.53 10.75
CA CYS C 534 -14.45 -30.11 10.46
C CYS C 534 -15.82 -29.55 10.83
N VAL C 535 -15.87 -28.75 11.89
CA VAL C 535 -17.13 -28.24 12.43
C VAL C 535 -16.98 -26.75 12.70
N ASN C 536 -18.11 -26.08 12.93
CA ASN C 536 -18.11 -24.70 13.38
C ASN C 536 -18.29 -24.67 14.90
N PHE C 537 -17.46 -23.92 15.60
CA PHE C 537 -17.51 -23.86 17.05
C PHE C 537 -17.80 -22.44 17.52
N ASN C 538 -18.52 -22.34 18.63
CA ASN C 538 -18.89 -21.07 19.26
C ASN C 538 -18.64 -21.13 20.76
N PHE C 539 -17.46 -21.63 21.14
CA PHE C 539 -17.10 -21.81 22.53
C PHE C 539 -17.13 -20.51 23.32
N ASN C 540 -18.11 -20.36 24.22
CA ASN C 540 -18.15 -19.19 25.14
C ASN C 540 -17.94 -17.85 24.42
N GLY C 541 -18.45 -17.71 23.20
CA GLY C 541 -18.39 -16.43 22.53
C GLY C 541 -17.31 -16.27 21.49
N LEU C 542 -16.32 -17.16 21.43
CA LEU C 542 -15.28 -17.10 20.41
C LEU C 542 -15.71 -18.01 19.26
N THR C 543 -15.68 -17.48 18.04
CA THR C 543 -16.20 -18.18 16.88
C THR C 543 -15.07 -18.49 15.90
N GLY C 544 -15.20 -19.63 15.23
CA GLY C 544 -14.21 -20.01 14.23
C GLY C 544 -14.56 -21.35 13.63
N THR C 545 -13.64 -21.86 12.82
CA THR C 545 -13.80 -23.14 12.14
C THR C 545 -12.56 -23.99 12.36
N GLY C 546 -12.74 -25.30 12.41
CA GLY C 546 -11.59 -26.19 12.51
C GLY C 546 -12.00 -27.56 13.03
N VAL C 547 -10.98 -28.29 13.47
CA VAL C 547 -11.13 -29.66 13.95
C VAL C 547 -10.67 -29.72 15.38
N LEU C 548 -11.49 -30.33 16.24
CA LEU C 548 -11.21 -30.42 17.66
C LEU C 548 -10.87 -31.86 18.05
N THR C 549 -10.06 -31.99 19.10
CA THR C 549 -9.65 -33.30 19.59
C THR C 549 -9.20 -33.15 21.04
N LYS C 550 -8.83 -34.27 21.66
CA LYS C 550 -8.29 -34.23 23.01
C LYS C 550 -6.86 -33.70 23.00
N SER C 551 -6.43 -33.21 24.16
CA SER C 551 -5.10 -32.63 24.30
C SER C 551 -4.50 -33.02 25.65
N ASN C 552 -3.18 -32.89 25.75
CA ASN C 552 -2.45 -33.15 26.97
C ASN C 552 -1.85 -31.85 27.53
N LYS C 553 -2.64 -30.78 27.47
CA LYS C 553 -2.19 -29.48 27.93
C LYS C 553 -2.03 -29.47 29.46
N LYS C 554 -1.39 -28.41 29.95
CA LYS C 554 -1.23 -28.22 31.39
C LYS C 554 -1.89 -26.93 31.83
N PHE C 555 -3.12 -26.71 31.38
CA PHE C 555 -3.85 -25.49 31.70
C PHE C 555 -3.93 -25.28 33.20
N LEU C 556 -3.65 -24.06 33.64
CA LEU C 556 -3.84 -23.71 35.03
C LEU C 556 -5.32 -23.47 35.31
N PRO C 557 -5.75 -23.59 36.57
CA PRO C 557 -7.20 -23.52 36.86
C PRO C 557 -7.87 -22.25 36.38
N PHE C 558 -7.17 -21.11 36.38
CA PHE C 558 -7.81 -19.86 35.96
C PHE C 558 -7.77 -19.66 34.46
N GLN C 559 -7.01 -20.48 33.74
CA GLN C 559 -6.87 -20.30 32.30
C GLN C 559 -8.15 -20.75 31.59
N GLN C 560 -8.52 -20.00 30.55
CA GLN C 560 -9.74 -20.28 29.80
C GLN C 560 -9.50 -20.43 28.31
N PHE C 561 -8.63 -19.62 27.73
CA PHE C 561 -8.36 -19.61 26.30
C PHE C 561 -6.98 -20.19 26.02
N GLY C 562 -6.59 -20.14 24.75
CA GLY C 562 -5.26 -20.53 24.33
C GLY C 562 -4.79 -19.70 23.17
N ARG C 563 -3.48 -19.48 23.06
CA ARG C 563 -2.93 -18.65 22.00
C ARG C 563 -1.56 -19.17 21.61
N ASP C 564 -0.92 -18.49 20.67
CA ASP C 564 0.36 -18.91 20.14
C ASP C 564 1.23 -17.68 19.92
N ILE C 565 2.31 -17.86 19.17
CA ILE C 565 3.28 -16.78 18.97
C ILE C 565 2.67 -15.64 18.17
N VAL C 566 1.84 -15.94 17.18
CA VAL C 566 1.27 -14.92 16.31
C VAL C 566 -0.12 -14.48 16.78
N ASP C 567 -0.48 -14.79 18.03
CA ASP C 567 -1.76 -14.39 18.61
C ASP C 567 -2.94 -14.94 17.83
N THR C 568 -2.97 -16.24 17.60
CA THR C 568 -4.12 -16.93 17.01
C THR C 568 -4.50 -18.08 17.93
N THR C 569 -5.80 -18.21 18.20
CA THR C 569 -6.27 -19.22 19.14
C THR C 569 -5.87 -20.62 18.70
N ASP C 570 -5.43 -21.43 19.65
CA ASP C 570 -4.97 -22.78 19.35
C ASP C 570 -5.56 -23.82 20.30
N ALA C 571 -6.10 -23.40 21.44
CA ALA C 571 -6.67 -24.35 22.39
C ALA C 571 -7.81 -23.67 23.13
N VAL C 572 -8.85 -24.44 23.42
CA VAL C 572 -10.00 -23.96 24.18
C VAL C 572 -10.35 -25.00 25.22
N ARG C 573 -10.61 -24.54 26.44
CA ARG C 573 -11.06 -25.40 27.52
C ARG C 573 -12.56 -25.61 27.39
N ASP C 574 -12.97 -26.86 27.38
CA ASP C 574 -14.39 -27.18 27.28
C ASP C 574 -15.11 -26.71 28.55
N PRO C 575 -16.10 -25.79 28.44
CA PRO C 575 -16.76 -25.25 29.62
C PRO C 575 -17.15 -26.40 30.55
N GLN C 576 -17.45 -27.57 29.97
CA GLN C 576 -17.87 -28.74 30.78
C GLN C 576 -16.75 -29.78 30.76
N THR C 577 -16.75 -30.72 31.72
CA THR C 577 -15.75 -31.78 31.76
C THR C 577 -14.32 -31.24 31.84
N LEU C 578 -14.18 -29.92 31.78
CA LEU C 578 -12.89 -29.23 31.93
C LEU C 578 -11.76 -29.91 31.16
N GLU C 579 -11.91 -30.04 29.84
CA GLU C 579 -10.89 -30.62 29.00
C GLU C 579 -10.42 -29.61 27.97
N ILE C 580 -9.19 -29.79 27.51
CA ILE C 580 -8.54 -28.87 26.60
C ILE C 580 -8.68 -29.44 25.19
N LEU C 581 -9.27 -28.68 24.28
CA LEU C 581 -9.49 -29.10 22.91
C LEU C 581 -8.67 -28.22 21.99
N ASP C 582 -7.82 -28.84 21.16
CA ASP C 582 -7.01 -28.10 20.21
C ASP C 582 -7.85 -27.73 18.98
N ILE C 583 -7.37 -26.74 18.24
CA ILE C 583 -8.10 -26.25 17.07
C ILE C 583 -7.19 -26.25 15.85
N THR C 584 -7.23 -27.35 15.09
CA THR C 584 -6.53 -27.40 13.82
C THR C 584 -7.32 -26.63 12.76
N PRO C 585 -6.65 -25.97 11.81
CA PRO C 585 -7.39 -25.36 10.70
C PRO C 585 -8.01 -26.41 9.79
N CYS C 586 -8.76 -25.96 8.79
CA CYS C 586 -9.31 -26.88 7.80
C CYS C 586 -8.22 -27.25 6.80
N SER C 587 -8.58 -28.00 5.76
CA SER C 587 -7.60 -28.42 4.77
C SER C 587 -7.74 -27.56 3.52
N PHE C 588 -6.62 -27.06 3.02
CA PHE C 588 -6.62 -26.27 1.79
C PHE C 588 -5.27 -26.44 1.11
N GLY C 589 -5.25 -26.10 -0.17
CA GLY C 589 -4.02 -26.18 -0.92
C GLY C 589 -4.23 -25.74 -2.34
N GLY C 590 -3.18 -25.90 -3.15
CA GLY C 590 -3.22 -25.54 -4.55
C GLY C 590 -3.44 -26.77 -5.41
N VAL C 591 -4.08 -26.57 -6.55
CA VAL C 591 -4.36 -27.62 -7.51
C VAL C 591 -3.59 -27.33 -8.79
N SER C 592 -2.79 -28.29 -9.23
CA SER C 592 -2.03 -28.18 -10.47
C SER C 592 -2.33 -29.39 -11.34
N VAL C 593 -2.76 -29.13 -12.57
CA VAL C 593 -3.06 -30.18 -13.53
C VAL C 593 -1.88 -30.31 -14.49
N ILE C 594 -1.37 -31.53 -14.63
CA ILE C 594 -0.17 -31.80 -15.41
C ILE C 594 -0.63 -32.41 -16.74
N THR C 595 -0.72 -31.58 -17.74
CA THR C 595 -1.17 -32.11 -19.00
C THR C 595 -0.02 -32.21 -20.00
N PRO C 596 -0.04 -33.20 -20.89
CA PRO C 596 0.88 -33.18 -22.04
C PRO C 596 0.40 -32.19 -23.09
N GLY C 597 1.04 -32.17 -24.26
CA GLY C 597 0.62 -31.25 -25.29
C GLY C 597 -0.84 -31.43 -25.66
N THR C 598 -1.52 -30.31 -25.87
CA THR C 598 -2.94 -30.34 -26.17
C THR C 598 -3.24 -30.84 -27.58
N ASN C 599 -2.27 -30.81 -28.49
CA ASN C 599 -2.50 -31.27 -29.86
C ASN C 599 -2.29 -32.78 -29.95
N THR C 600 -1.58 -33.35 -28.98
CA THR C 600 -1.25 -34.78 -29.02
C THR C 600 -2.05 -35.62 -28.05
N SER C 601 -2.84 -35.04 -27.17
CA SER C 601 -3.64 -35.81 -26.22
C SER C 601 -4.72 -34.91 -25.64
N ASN C 602 -5.67 -35.53 -24.95
CA ASN C 602 -6.67 -34.79 -24.19
C ASN C 602 -6.78 -35.29 -22.76
N GLN C 603 -5.91 -36.20 -22.33
CA GLN C 603 -5.91 -36.71 -20.96
C GLN C 603 -5.18 -35.73 -20.05
N VAL C 604 -5.52 -35.79 -18.76
CA VAL C 604 -4.92 -34.93 -17.75
C VAL C 604 -4.65 -35.72 -16.48
N ALA C 605 -3.93 -35.10 -15.55
CA ALA C 605 -3.71 -35.67 -14.23
C ALA C 605 -3.65 -34.51 -13.23
N VAL C 606 -4.25 -34.71 -12.07
CA VAL C 606 -4.44 -33.63 -11.09
C VAL C 606 -3.57 -33.90 -9.87
N LEU C 607 -2.94 -32.83 -9.38
CA LEU C 607 -2.08 -32.89 -8.20
C LEU C 607 -2.65 -31.97 -7.13
N TYR C 608 -3.12 -32.55 -6.03
CA TYR C 608 -3.59 -31.77 -4.88
C TYR C 608 -2.41 -31.53 -3.97
N GLN C 609 -1.96 -30.28 -3.87
CA GLN C 609 -0.72 -29.96 -3.18
C GLN C 609 -0.94 -29.88 -1.68
N GLY C 610 -0.04 -30.49 -0.92
CA GLY C 610 0.02 -30.33 0.51
C GLY C 610 -1.17 -30.86 1.30
N VAL C 611 -1.79 -31.95 0.85
CA VAL C 611 -2.95 -32.53 1.53
C VAL C 611 -2.74 -34.03 1.65
N ASN C 612 -3.17 -34.60 2.78
CA ASN C 612 -3.27 -36.05 2.92
C ASN C 612 -4.15 -36.61 1.80
N CYS C 613 -3.70 -37.69 1.17
CA CYS C 613 -4.35 -38.15 -0.03
C CYS C 613 -5.54 -39.06 0.24
N THR C 614 -5.69 -39.52 1.49
CA THR C 614 -6.94 -40.16 1.91
C THR C 614 -7.94 -39.14 2.40
N GLU C 615 -7.52 -37.88 2.59
CA GLU C 615 -8.41 -36.78 2.91
C GLU C 615 -9.09 -36.21 1.67
N VAL C 616 -8.33 -35.96 0.60
CA VAL C 616 -8.93 -35.50 -0.64
C VAL C 616 -9.78 -36.60 -1.25
N SER C 617 -9.38 -37.87 -1.10
CA SER C 617 -10.18 -38.97 -1.60
C SER C 617 -11.53 -39.03 -0.89
N VAL C 618 -11.52 -38.89 0.43
CA VAL C 618 -12.77 -38.93 1.19
C VAL C 618 -13.67 -37.75 0.84
N ALA C 619 -13.10 -36.55 0.77
CA ALA C 619 -13.91 -35.37 0.43
C ALA C 619 -14.48 -35.48 -0.98
N ILE C 620 -13.69 -36.00 -1.93
CA ILE C 620 -14.20 -36.24 -3.27
C ILE C 620 -15.34 -37.25 -3.22
N HIS C 621 -15.18 -38.31 -2.42
CA HIS C 621 -16.26 -39.26 -2.21
C HIS C 621 -17.47 -38.60 -1.56
N ALA C 622 -17.25 -37.64 -0.66
CA ALA C 622 -18.33 -36.90 -0.04
C ALA C 622 -18.74 -35.66 -0.83
N ASP C 623 -17.98 -35.30 -1.88
CA ASP C 623 -18.30 -34.18 -2.75
C ASP C 623 -18.44 -32.87 -1.97
N GLN C 624 -17.37 -32.49 -1.26
CA GLN C 624 -17.35 -31.25 -0.48
C GLN C 624 -16.14 -30.38 -0.80
N LEU C 625 -15.53 -30.58 -1.97
CA LEU C 625 -14.40 -29.75 -2.38
C LEU C 625 -14.89 -28.62 -3.28
N THR C 626 -14.20 -27.48 -3.21
CA THR C 626 -14.53 -26.35 -4.06
C THR C 626 -14.44 -26.68 -5.55
N PRO C 627 -13.43 -27.38 -6.05
CA PRO C 627 -13.41 -27.72 -7.48
C PRO C 627 -14.62 -28.55 -7.87
N THR C 628 -15.40 -28.03 -8.83
CA THR C 628 -16.55 -28.74 -9.37
C THR C 628 -16.17 -29.76 -10.43
N TRP C 629 -14.99 -29.64 -11.01
CA TRP C 629 -14.50 -30.59 -11.99
C TRP C 629 -14.06 -31.87 -11.27
N ARG C 630 -14.13 -33.00 -11.96
CA ARG C 630 -13.84 -34.29 -11.36
C ARG C 630 -12.95 -35.11 -12.28
N VAL C 631 -11.77 -35.48 -11.80
CA VAL C 631 -10.87 -36.37 -12.52
C VAL C 631 -11.13 -37.80 -12.07
N TYR C 632 -11.13 -38.72 -13.04
CA TYR C 632 -11.45 -40.10 -12.74
C TYR C 632 -10.36 -40.74 -11.87
N SER C 633 -10.80 -41.50 -10.88
CA SER C 633 -9.92 -42.20 -9.94
C SER C 633 -10.11 -43.69 -10.14
N THR C 634 -9.24 -44.30 -10.94
CA THR C 634 -9.35 -45.70 -11.30
C THR C 634 -8.60 -46.62 -10.36
N GLY C 635 -8.02 -46.10 -9.27
CA GLY C 635 -7.21 -46.87 -8.36
C GLY C 635 -5.76 -46.97 -8.77
N SER C 636 -5.49 -47.28 -10.05
CA SER C 636 -4.13 -47.26 -10.55
C SER C 636 -3.57 -45.84 -10.65
N ASN C 637 -4.45 -44.83 -10.68
CA ASN C 637 -4.03 -43.44 -10.74
C ASN C 637 -4.12 -42.86 -9.33
N VAL C 638 -3.11 -43.18 -8.52
CA VAL C 638 -2.95 -42.64 -7.17
C VAL C 638 -1.45 -42.69 -6.83
N PHE C 639 -0.91 -41.58 -6.35
CA PHE C 639 0.52 -41.50 -6.05
C PHE C 639 0.70 -40.47 -4.95
N GLN C 640 0.93 -40.92 -3.73
CA GLN C 640 1.23 -40.02 -2.62
C GLN C 640 2.69 -39.57 -2.71
N THR C 641 2.89 -38.35 -3.19
CA THR C 641 4.22 -37.76 -3.29
C THR C 641 4.49 -36.91 -2.05
N ARG C 642 5.66 -36.27 -2.05
CA ARG C 642 5.99 -35.36 -0.94
C ARG C 642 5.41 -33.97 -1.15
N ALA C 643 4.96 -33.66 -2.36
CA ALA C 643 4.35 -32.37 -2.67
C ALA C 643 2.84 -32.46 -2.83
N GLY C 644 2.20 -33.39 -2.14
CA GLY C 644 0.80 -33.69 -2.30
C GLY C 644 0.65 -35.07 -2.87
N CYS C 645 -0.47 -35.34 -3.54
CA CYS C 645 -0.60 -36.57 -4.30
C CYS C 645 -1.19 -36.25 -5.67
N LEU C 646 -0.67 -36.90 -6.70
CA LEU C 646 -1.15 -36.74 -8.06
C LEU C 646 -2.14 -37.86 -8.37
N ILE C 647 -3.26 -37.48 -8.97
CA ILE C 647 -4.30 -38.43 -9.37
C ILE C 647 -4.53 -38.29 -10.86
N GLY C 648 -4.59 -39.42 -11.55
CA GLY C 648 -4.74 -39.43 -12.99
C GLY C 648 -3.58 -40.05 -13.74
N ALA C 649 -2.47 -40.35 -13.07
CA ALA C 649 -1.31 -40.94 -13.72
C ALA C 649 -0.84 -42.15 -12.93
N GLU C 650 -0.42 -43.19 -13.64
CA GLU C 650 0.01 -44.44 -13.04
C GLU C 650 1.47 -44.38 -12.62
N TYR C 651 1.84 -45.32 -11.76
CA TYR C 651 3.19 -45.38 -11.21
C TYR C 651 4.02 -46.40 -11.97
N VAL C 652 5.30 -46.07 -12.20
CA VAL C 652 6.26 -46.95 -12.86
C VAL C 652 7.49 -47.01 -11.97
N ASN C 653 8.30 -48.06 -12.11
CA ASN C 653 9.51 -48.15 -11.31
C ASN C 653 10.75 -48.13 -12.20
N ASN C 654 10.75 -47.28 -13.21
CA ASN C 654 11.86 -47.12 -14.14
C ASN C 654 12.42 -45.70 -13.99
N SER C 655 13.37 -45.27 -14.81
CA SER C 655 13.94 -43.94 -14.66
C SER C 655 14.31 -43.35 -16.02
N TYR C 656 13.78 -42.16 -16.33
CA TYR C 656 14.04 -41.52 -17.60
C TYR C 656 14.51 -40.09 -17.33
N GLU C 657 14.86 -39.40 -18.41
CA GLU C 657 15.13 -37.98 -18.32
C GLU C 657 13.86 -37.22 -17.98
N CYS C 658 13.96 -36.27 -17.06
CA CYS C 658 12.80 -35.50 -16.66
C CYS C 658 12.23 -34.71 -17.83
N ASP C 659 10.91 -34.69 -17.95
CA ASP C 659 10.22 -33.96 -19.01
C ASP C 659 9.47 -32.75 -18.47
N ILE C 660 8.58 -32.94 -17.50
CA ILE C 660 7.92 -31.85 -16.81
C ILE C 660 8.20 -31.98 -15.32
N PRO C 661 8.82 -30.98 -14.68
CA PRO C 661 9.10 -31.06 -13.25
C PRO C 661 7.81 -31.17 -12.43
N ILE C 662 7.75 -32.17 -11.56
CA ILE C 662 6.63 -32.33 -10.64
C ILE C 662 6.99 -31.82 -9.24
N GLY C 663 8.14 -32.22 -8.72
CA GLY C 663 8.54 -31.81 -7.39
C GLY C 663 8.90 -32.99 -6.51
N ALA C 664 9.84 -32.78 -5.59
CA ALA C 664 10.28 -33.81 -4.65
C ALA C 664 10.81 -35.05 -5.37
N GLY C 665 11.58 -34.82 -6.43
CA GLY C 665 12.23 -35.91 -7.14
C GLY C 665 11.32 -36.76 -7.99
N ILE C 666 10.26 -36.18 -8.52
CA ILE C 666 9.31 -36.90 -9.38
C ILE C 666 9.15 -36.12 -10.68
N CYS C 667 9.04 -36.85 -11.79
CA CYS C 667 8.74 -36.27 -13.08
C CYS C 667 7.74 -37.13 -13.82
N ALA C 668 7.01 -36.51 -14.75
CA ALA C 668 6.01 -37.20 -15.56
C ALA C 668 6.27 -36.90 -17.03
N SER C 669 5.75 -37.78 -17.89
CA SER C 669 5.90 -37.60 -19.32
C SER C 669 4.81 -38.40 -20.05
N TYR C 670 4.57 -38.01 -21.30
CA TYR C 670 3.62 -38.70 -22.16
C TYR C 670 4.38 -39.74 -22.99
N GLN C 671 4.11 -41.00 -22.72
CA GLN C 671 4.90 -42.08 -23.30
C GLN C 671 4.00 -43.14 -23.89
N THR C 672 4.50 -43.83 -24.91
CA THR C 672 3.79 -44.93 -25.53
C THR C 672 3.72 -46.11 -24.57
N GLN C 673 2.57 -46.78 -24.58
CA GLN C 673 2.36 -47.92 -23.68
C GLN C 673 3.31 -49.05 -24.05
N SER C 685 -3.07 -46.72 -26.01
CA SER C 685 -1.65 -47.02 -26.06
C SER C 685 -0.83 -45.84 -25.56
N GLN C 686 -1.53 -44.75 -25.24
CA GLN C 686 -0.91 -43.51 -24.78
C GLN C 686 -1.44 -43.18 -23.39
N SER C 687 -0.57 -42.67 -22.53
CA SER C 687 -0.97 -42.35 -21.17
C SER C 687 0.08 -41.45 -20.51
N ILE C 688 -0.19 -41.11 -19.26
CA ILE C 688 0.70 -40.29 -18.44
C ILE C 688 1.24 -41.14 -17.30
N ILE C 689 2.56 -41.16 -17.15
CA ILE C 689 3.24 -41.98 -16.15
C ILE C 689 4.01 -41.07 -15.20
N ALA C 690 4.27 -41.57 -14.00
CA ALA C 690 5.06 -40.87 -13.00
C ALA C 690 6.26 -41.71 -12.60
N TYR C 691 7.44 -41.13 -12.69
CA TYR C 691 8.68 -41.85 -12.40
C TYR C 691 9.59 -40.96 -11.58
N THR C 692 10.54 -41.58 -10.89
CA THR C 692 11.59 -40.81 -10.21
C THR C 692 12.73 -40.50 -11.17
N MET C 693 13.35 -39.34 -10.98
CA MET C 693 14.36 -38.88 -11.92
C MET C 693 15.59 -39.77 -11.90
N SER C 694 16.25 -39.88 -13.04
CA SER C 694 17.56 -40.54 -13.13
C SER C 694 18.64 -39.47 -13.22
N LEU C 695 19.56 -39.48 -12.25
CA LEU C 695 20.61 -38.46 -12.21
C LEU C 695 21.56 -38.56 -13.39
N GLY C 696 21.69 -39.74 -13.99
CA GLY C 696 22.56 -39.92 -15.14
C GLY C 696 22.86 -41.39 -15.34
N ALA C 697 23.56 -41.66 -16.43
CA ALA C 697 23.93 -43.03 -16.77
C ALA C 697 24.92 -43.58 -15.75
N GLU C 698 24.72 -44.84 -15.37
CA GLU C 698 25.57 -45.47 -14.37
C GLU C 698 26.93 -45.78 -15.00
N ASN C 699 27.99 -45.22 -14.41
CA ASN C 699 29.35 -45.42 -14.91
C ASN C 699 30.30 -45.59 -13.74
N SER C 700 31.39 -46.32 -13.99
CA SER C 700 32.44 -46.57 -13.01
C SER C 700 33.79 -46.42 -13.68
N VAL C 701 34.81 -46.08 -12.89
CA VAL C 701 36.16 -45.88 -13.41
C VAL C 701 37.04 -47.04 -12.95
N ALA C 702 38.26 -47.11 -13.47
CA ALA C 702 39.12 -48.29 -13.32
C ALA C 702 40.47 -47.89 -12.75
N TYR C 703 40.45 -47.10 -11.67
CA TYR C 703 41.67 -46.61 -11.06
C TYR C 703 42.59 -47.76 -10.66
N SER C 704 43.89 -47.55 -10.84
CA SER C 704 44.91 -48.51 -10.46
C SER C 704 46.22 -47.78 -10.26
N ASN C 705 47.16 -48.43 -9.58
CA ASN C 705 48.44 -47.80 -9.26
C ASN C 705 49.24 -47.41 -10.49
N ASN C 706 49.09 -48.12 -11.62
CA ASN C 706 49.87 -47.81 -12.81
C ASN C 706 49.01 -48.08 -14.03
N SER C 707 48.28 -47.07 -14.48
CA SER C 707 47.47 -47.18 -15.69
C SER C 707 47.10 -45.80 -16.19
N ILE C 708 47.35 -45.53 -17.47
CA ILE C 708 47.00 -44.27 -18.08
C ILE C 708 46.08 -44.53 -19.27
N ALA C 709 45.31 -43.52 -19.65
CA ALA C 709 44.44 -43.59 -20.83
C ALA C 709 44.70 -42.34 -21.66
N ILE C 710 45.33 -42.52 -22.81
CA ILE C 710 45.77 -41.41 -23.66
C ILE C 710 44.94 -41.45 -24.94
N PRO C 711 44.17 -40.41 -25.24
CA PRO C 711 43.40 -40.39 -26.49
C PRO C 711 44.32 -40.41 -27.70
N THR C 712 43.85 -41.02 -28.78
CA THR C 712 44.57 -41.07 -30.04
C THR C 712 43.78 -40.45 -31.18
N ASN C 713 42.71 -39.74 -30.86
CA ASN C 713 41.89 -39.06 -31.86
C ASN C 713 41.06 -37.98 -31.19
N PHE C 714 40.53 -37.04 -31.97
CA PHE C 714 39.83 -35.90 -31.40
C PHE C 714 38.57 -35.63 -32.21
N THR C 715 37.89 -34.54 -31.88
CA THR C 715 36.72 -34.09 -32.62
C THR C 715 36.56 -32.60 -32.40
N ILE C 716 35.86 -31.96 -33.34
CA ILE C 716 35.58 -30.52 -33.26
C ILE C 716 34.08 -30.34 -33.16
N SER C 717 33.64 -29.67 -32.10
CA SER C 717 32.23 -29.47 -31.82
C SER C 717 31.96 -27.97 -31.70
N VAL C 718 30.91 -27.50 -32.37
CA VAL C 718 30.54 -26.09 -32.35
C VAL C 718 29.21 -26.00 -31.61
N THR C 719 29.24 -25.46 -30.40
CA THR C 719 28.03 -25.25 -29.62
C THR C 719 27.52 -23.82 -29.83
N THR C 720 26.43 -23.48 -29.15
CA THR C 720 25.83 -22.16 -29.26
C THR C 720 25.46 -21.65 -27.87
N GLU C 721 25.43 -20.33 -27.72
CA GLU C 721 25.08 -19.69 -26.45
C GLU C 721 24.38 -18.38 -26.73
N ILE C 722 23.26 -18.14 -26.05
CA ILE C 722 22.40 -17.00 -26.31
C ILE C 722 22.26 -16.18 -25.04
N LEU C 723 22.46 -14.86 -25.14
CA LEU C 723 22.39 -13.96 -24.00
C LEU C 723 21.62 -12.69 -24.37
N PRO C 724 20.63 -12.28 -23.59
CA PRO C 724 19.99 -10.98 -23.81
C PRO C 724 20.96 -9.86 -23.51
N VAL C 725 20.79 -8.74 -24.23
CA VAL C 725 21.67 -7.60 -24.05
C VAL C 725 20.88 -6.36 -23.64
N SER C 726 19.63 -6.26 -24.08
CA SER C 726 18.83 -5.07 -23.80
C SER C 726 17.36 -5.40 -23.98
N MET C 727 16.52 -4.51 -23.48
CA MET C 727 15.07 -4.65 -23.58
C MET C 727 14.46 -3.38 -24.16
N THR C 728 13.15 -3.45 -24.40
CA THR C 728 12.44 -2.36 -25.06
C THR C 728 12.42 -1.11 -24.18
N LYS C 729 12.77 0.03 -24.78
CA LYS C 729 12.76 1.30 -24.08
C LYS C 729 11.37 1.91 -24.15
N THR C 730 10.78 2.17 -22.99
CA THR C 730 9.45 2.76 -22.90
C THR C 730 9.51 4.05 -22.10
N SER C 731 8.59 4.97 -22.39
CA SER C 731 8.53 6.27 -21.73
C SER C 731 7.07 6.60 -21.45
N VAL C 732 6.59 6.23 -20.26
CA VAL C 732 5.21 6.49 -19.86
C VAL C 732 5.07 7.97 -19.55
N ASP C 733 3.83 8.45 -19.51
CA ASP C 733 3.56 9.85 -19.20
C ASP C 733 2.47 9.91 -18.13
N CYS C 734 2.64 10.83 -17.19
CA CYS C 734 1.65 11.04 -16.14
C CYS C 734 0.56 11.96 -16.66
N THR C 735 -0.30 12.46 -15.76
CA THR C 735 -1.39 13.37 -16.12
C THR C 735 -2.32 12.75 -17.15
N MET C 736 -1.85 12.59 -18.39
CA MET C 736 -2.69 12.01 -19.43
C MET C 736 -3.15 10.61 -19.06
N TYR C 737 -2.25 9.80 -18.50
CA TYR C 737 -2.64 8.46 -18.07
C TYR C 737 -3.66 8.51 -16.94
N ILE C 738 -3.46 9.40 -15.97
CA ILE C 738 -4.31 9.44 -14.79
C ILE C 738 -5.52 10.36 -14.95
N CYS C 739 -5.39 11.46 -15.68
CA CYS C 739 -6.49 12.44 -15.84
C CYS C 739 -6.58 12.79 -17.32
N GLY C 740 -7.44 12.08 -18.05
CA GLY C 740 -7.62 12.37 -19.46
C GLY C 740 -8.21 13.74 -19.69
N ASP C 741 -7.38 14.66 -20.19
CA ASP C 741 -7.71 16.03 -20.60
C ASP C 741 -8.80 16.67 -19.75
N SER C 742 -8.66 16.57 -18.43
CA SER C 742 -9.61 17.16 -17.48
C SER C 742 -8.85 18.18 -16.63
N THR C 743 -9.37 19.40 -16.56
CA THR C 743 -8.72 20.44 -15.77
C THR C 743 -8.89 20.19 -14.28
N GLU C 744 -10.09 19.78 -13.86
CA GLU C 744 -10.34 19.52 -12.45
C GLU C 744 -9.49 18.37 -11.94
N CYS C 745 -9.35 17.30 -12.72
CA CYS C 745 -8.51 16.19 -12.31
C CYS C 745 -7.04 16.61 -12.22
N SER C 746 -6.60 17.47 -13.14
CA SER C 746 -5.22 17.98 -13.06
C SER C 746 -5.02 18.82 -11.79
N ASN C 747 -6.01 19.66 -11.46
CA ASN C 747 -5.91 20.46 -10.24
C ASN C 747 -5.87 19.56 -9.01
N LEU C 748 -6.67 18.50 -8.99
CA LEU C 748 -6.64 17.58 -7.87
C LEU C 748 -5.31 16.85 -7.78
N LEU C 749 -4.75 16.46 -8.93
CA LEU C 749 -3.45 15.79 -8.94
C LEU C 749 -2.34 16.71 -8.47
N LEU C 750 -2.44 18.01 -8.75
CA LEU C 750 -1.42 18.95 -8.30
C LEU C 750 -1.26 18.97 -6.79
N GLN C 751 -2.28 18.53 -6.04
CA GLN C 751 -2.22 18.52 -4.59
C GLN C 751 -1.43 17.36 -4.02
N TYR C 752 -0.98 16.42 -4.86
CA TYR C 752 -0.26 15.24 -4.40
C TYR C 752 1.26 15.42 -4.39
N GLY C 753 1.76 16.60 -4.73
CA GLY C 753 3.19 16.83 -4.69
C GLY C 753 3.89 16.33 -5.94
N SER C 754 5.20 16.08 -5.79
CA SER C 754 6.06 15.68 -6.90
C SER C 754 6.05 14.17 -7.03
N PHE C 755 4.88 13.63 -7.39
CA PHE C 755 4.74 12.21 -7.70
C PHE C 755 4.71 11.96 -9.20
N CYS C 756 4.93 13.00 -10.00
CA CYS C 756 4.98 12.83 -11.45
C CYS C 756 6.33 13.23 -12.03
N THR C 757 7.27 13.67 -11.19
CA THR C 757 8.62 13.95 -11.63
C THR C 757 9.60 12.85 -11.30
N GLN C 758 9.36 12.09 -10.24
CA GLN C 758 10.20 10.94 -9.92
C GLN C 758 9.87 9.72 -10.78
N LEU C 759 8.71 9.72 -11.43
CA LEU C 759 8.33 8.65 -12.35
C LEU C 759 8.66 9.00 -13.79
N LYS C 760 9.32 10.13 -14.02
CA LYS C 760 9.78 10.55 -15.33
C LYS C 760 11.30 10.58 -15.37
N ARG C 761 11.92 10.00 -14.34
CA ARG C 761 13.38 9.91 -14.28
C ARG C 761 13.82 8.46 -14.32
N ALA C 762 13.04 7.57 -13.70
CA ALA C 762 13.38 6.15 -13.71
C ALA C 762 13.37 5.60 -15.13
N LEU C 763 12.35 5.95 -15.91
CA LEU C 763 12.26 5.44 -17.28
C LEU C 763 13.40 5.96 -18.15
N THR C 764 13.76 7.23 -17.97
CA THR C 764 14.87 7.79 -18.74
C THR C 764 16.18 7.10 -18.39
N GLY C 765 16.44 6.87 -17.10
CA GLY C 765 17.62 6.13 -16.70
C GLY C 765 17.63 4.73 -17.26
N ILE C 766 16.46 4.08 -17.29
CA ILE C 766 16.38 2.73 -17.86
C ILE C 766 16.76 2.75 -19.33
N ALA C 767 16.24 3.71 -20.09
CA ALA C 767 16.54 3.78 -21.52
C ALA C 767 18.03 4.03 -21.75
N VAL C 768 18.61 4.98 -21.01
CA VAL C 768 20.03 5.28 -21.19
C VAL C 768 20.88 4.06 -20.82
N GLU C 769 20.48 3.33 -19.77
CA GLU C 769 21.20 2.13 -19.39
C GLU C 769 21.13 1.07 -20.48
N GLN C 770 19.97 0.92 -21.12
CA GLN C 770 19.85 -0.04 -22.22
C GLN C 770 20.79 0.32 -23.36
N ASP C 771 20.85 1.61 -23.70
CA ASP C 771 21.74 2.03 -24.78
C ASP C 771 23.19 1.78 -24.42
N LYS C 772 23.57 2.05 -23.16
CA LYS C 772 24.92 1.77 -22.71
C LYS C 772 25.23 0.28 -22.76
N ASN C 773 24.26 -0.57 -22.42
CA ASN C 773 24.46 -2.01 -22.51
C ASN C 773 24.79 -2.43 -23.93
N THR C 774 24.00 -1.94 -24.89
CA THR C 774 24.27 -2.27 -26.29
C THR C 774 25.66 -1.78 -26.72
N GLN C 775 26.01 -0.55 -26.34
CA GLN C 775 27.31 0.00 -26.71
C GLN C 775 28.46 -0.82 -26.13
N GLU C 776 28.36 -1.22 -24.87
CA GLU C 776 29.40 -2.03 -24.26
C GLU C 776 29.51 -3.38 -24.96
N VAL C 777 28.38 -4.02 -25.24
CA VAL C 777 28.41 -5.38 -25.76
C VAL C 777 29.00 -5.41 -27.15
N PHE C 778 28.54 -4.52 -28.04
CA PHE C 778 28.89 -4.63 -29.45
C PHE C 778 30.07 -3.74 -29.86
N ALA C 779 30.08 -2.48 -29.44
CA ALA C 779 31.11 -1.55 -29.89
C ALA C 779 32.42 -1.76 -29.15
N GLN C 780 33.02 -2.93 -29.30
CA GLN C 780 34.25 -3.27 -28.60
C GLN C 780 35.50 -2.92 -29.40
N VAL C 781 35.40 -2.72 -30.70
CA VAL C 781 36.54 -2.39 -31.55
C VAL C 781 36.33 -0.98 -32.08
N LYS C 782 37.44 -0.28 -32.35
CA LYS C 782 37.35 1.12 -32.76
C LYS C 782 37.35 1.26 -34.28
N GLN C 783 38.07 0.39 -34.98
CA GLN C 783 38.16 0.44 -36.43
C GLN C 783 37.34 -0.69 -37.02
N ILE C 784 36.61 -0.41 -38.09
CA ILE C 784 35.85 -1.45 -38.78
C ILE C 784 36.74 -2.04 -39.87
N TYR C 785 36.95 -3.35 -39.80
CA TYR C 785 37.71 -4.08 -40.81
C TYR C 785 36.74 -4.72 -41.81
N LYS C 786 37.30 -5.20 -42.91
CA LYS C 786 36.51 -5.82 -43.96
C LYS C 786 37.17 -7.11 -44.42
N THR C 787 36.34 -8.11 -44.68
CA THR C 787 36.83 -9.39 -45.17
C THR C 787 37.50 -9.20 -46.54
N PRO C 788 38.57 -9.94 -46.82
CA PRO C 788 39.24 -9.77 -48.11
C PRO C 788 38.35 -10.27 -49.24
N PRO C 789 38.54 -9.75 -50.45
CA PRO C 789 37.62 -10.11 -51.55
C PRO C 789 37.58 -11.60 -51.84
N ILE C 790 38.70 -12.31 -51.73
CA ILE C 790 38.72 -13.75 -51.89
C ILE C 790 38.45 -14.40 -50.54
N LYS C 791 37.89 -15.60 -50.57
CA LYS C 791 37.58 -16.35 -49.36
C LYS C 791 38.13 -17.77 -49.49
N TYR C 792 39.43 -17.93 -49.20
CA TYR C 792 40.07 -19.24 -49.10
C TYR C 792 40.97 -19.19 -47.88
N PHE C 793 40.42 -19.60 -46.73
CA PHE C 793 41.17 -19.60 -45.47
C PHE C 793 41.66 -21.02 -45.14
N GLY C 794 42.43 -21.58 -46.07
CA GLY C 794 42.99 -22.90 -45.87
C GLY C 794 41.98 -24.01 -45.80
N GLY C 795 40.88 -23.92 -46.54
CA GLY C 795 39.88 -24.96 -46.59
C GLY C 795 38.71 -24.76 -45.65
N PHE C 796 38.82 -23.82 -44.71
CA PHE C 796 37.72 -23.55 -43.78
C PHE C 796 36.63 -22.79 -44.50
N ASN C 797 35.38 -23.22 -44.32
CA ASN C 797 34.23 -22.59 -44.97
C ASN C 797 33.58 -21.62 -44.00
N PHE C 798 33.53 -20.34 -44.38
CA PHE C 798 33.02 -19.29 -43.52
C PHE C 798 31.82 -18.56 -44.12
N SER C 799 31.21 -19.12 -45.17
CA SER C 799 30.12 -18.43 -45.84
C SER C 799 28.88 -18.33 -44.96
N GLN C 800 28.67 -19.31 -44.08
CA GLN C 800 27.47 -19.29 -43.26
C GLN C 800 27.44 -18.11 -42.30
N ILE C 801 28.61 -17.74 -41.76
CA ILE C 801 28.67 -16.64 -40.78
C ILE C 801 29.07 -15.31 -41.40
N LEU C 802 29.67 -15.30 -42.58
CA LEU C 802 30.09 -14.07 -43.22
C LEU C 802 28.87 -13.34 -43.81
N PRO C 803 28.96 -12.02 -44.00
CA PRO C 803 27.84 -11.29 -44.59
C PRO C 803 27.56 -11.75 -46.01
N ASP C 804 26.27 -11.74 -46.37
CA ASP C 804 25.85 -12.12 -47.72
C ASP C 804 25.54 -10.87 -48.52
N PRO C 805 26.33 -10.54 -49.54
CA PRO C 805 26.07 -9.30 -50.30
C PRO C 805 24.71 -9.27 -50.98
N SER C 806 24.20 -10.43 -51.41
CA SER C 806 22.94 -10.45 -52.16
C SER C 806 21.78 -9.92 -51.34
N LYS C 807 21.70 -10.30 -50.07
CA LYS C 807 20.65 -9.80 -49.20
C LYS C 807 20.80 -8.30 -49.02
N PRO C 808 19.71 -7.54 -48.97
CA PRO C 808 19.81 -6.08 -48.81
C PRO C 808 20.09 -5.61 -47.39
N SER C 809 20.02 -6.49 -46.40
CA SER C 809 20.34 -6.14 -45.02
C SER C 809 21.80 -6.39 -44.67
N LYS C 810 22.56 -7.03 -45.56
CA LYS C 810 23.97 -7.37 -45.33
C LYS C 810 24.12 -8.17 -44.04
N ARG C 811 23.46 -9.32 -44.00
CA ARG C 811 23.46 -10.19 -42.84
C ARG C 811 23.75 -11.62 -43.25
N SER C 812 24.36 -12.37 -42.35
CA SER C 812 24.66 -13.76 -42.59
C SER C 812 23.39 -14.61 -42.59
N PRO C 813 23.40 -15.75 -43.26
CA PRO C 813 22.23 -16.64 -43.19
C PRO C 813 21.88 -17.06 -41.77
N ILE C 814 22.88 -17.29 -40.92
CA ILE C 814 22.59 -17.62 -39.53
C ILE C 814 21.89 -16.47 -38.84
N GLU C 815 22.31 -15.23 -39.12
CA GLU C 815 21.60 -14.08 -38.58
C GLU C 815 20.18 -14.01 -39.13
N ASP C 816 19.99 -14.41 -40.39
CA ASP C 816 18.64 -14.40 -40.97
C ASP C 816 17.73 -15.38 -40.25
N LEU C 817 18.24 -16.57 -39.93
CA LEU C 817 17.43 -17.52 -39.17
C LEU C 817 17.08 -16.99 -37.79
N LEU C 818 18.04 -16.34 -37.12
CA LEU C 818 17.75 -15.72 -35.82
C LEU C 818 16.69 -14.65 -35.94
N PHE C 819 16.75 -13.83 -37.01
CA PHE C 819 15.74 -12.80 -37.23
C PHE C 819 14.35 -13.38 -37.50
N ASN C 820 14.25 -14.39 -38.36
CA ASN C 820 12.92 -14.86 -38.75
C ASN C 820 12.24 -15.67 -37.67
N LYS C 821 12.97 -16.15 -36.68
CA LYS C 821 12.41 -16.96 -35.60
C LYS C 821 12.01 -16.15 -34.39
N VAL C 822 12.22 -14.83 -34.40
CA VAL C 822 11.86 -13.96 -33.29
C VAL C 822 10.85 -12.95 -33.79
N THR C 823 9.69 -12.89 -33.14
CA THR C 823 8.62 -11.98 -33.51
C THR C 823 8.49 -10.90 -32.45
N LEU C 824 8.50 -9.64 -32.90
CA LEU C 824 8.41 -8.48 -32.02
C LEU C 824 7.00 -7.95 -32.03
N ALA C 825 6.38 -7.85 -30.85
CA ALA C 825 5.05 -7.27 -30.75
C ALA C 825 5.06 -5.80 -31.15
N ASP C 826 6.09 -5.07 -30.71
CA ASP C 826 6.26 -3.66 -31.07
C ASP C 826 7.71 -3.45 -31.51
N ALA C 827 7.90 -3.07 -32.77
CA ALA C 827 9.23 -2.72 -33.23
C ALA C 827 9.64 -1.35 -32.70
N GLY C 828 8.69 -0.45 -32.51
CA GLY C 828 8.98 0.91 -32.06
C GLY C 828 9.33 1.86 -33.18
N PHE C 829 10.26 1.47 -34.04
CA PHE C 829 10.68 2.29 -35.19
C PHE C 829 9.73 2.10 -36.38
N ILE C 830 8.43 2.22 -36.11
CA ILE C 830 7.42 1.98 -37.12
C ILE C 830 6.66 3.24 -37.50
N LYS C 831 6.53 4.20 -36.59
CA LYS C 831 5.68 5.38 -36.80
C LYS C 831 4.28 4.96 -37.23
N GLN C 832 3.71 4.03 -36.46
CA GLN C 832 2.47 3.36 -36.85
C GLN C 832 1.28 4.30 -36.77
N TYR C 833 1.50 5.51 -36.27
CA TYR C 833 0.46 6.53 -36.34
C TYR C 833 0.11 6.80 -37.81
N GLY C 834 -1.18 6.91 -38.09
CA GLY C 834 -1.68 7.10 -39.43
C GLY C 834 -2.31 5.87 -40.04
N ASP C 835 -2.19 4.70 -39.41
CA ASP C 835 -2.86 3.49 -39.86
C ASP C 835 -3.79 2.89 -38.82
N CYS C 836 -3.94 3.51 -37.64
CA CYS C 836 -5.01 3.10 -36.74
C CYS C 836 -6.36 3.29 -37.41
N LEU C 837 -6.51 4.36 -38.20
CA LEU C 837 -7.68 4.52 -39.05
C LEU C 837 -7.66 3.57 -40.23
N GLY C 838 -6.46 3.21 -40.72
CA GLY C 838 -6.28 2.18 -41.73
C GLY C 838 -6.21 0.76 -41.20
N ASP C 839 -6.28 0.58 -39.88
CA ASP C 839 -6.34 -0.76 -39.32
C ASP C 839 -7.56 -1.53 -39.80
N ILE C 840 -8.60 -0.82 -40.24
CA ILE C 840 -9.82 -1.40 -40.79
C ILE C 840 -10.51 -2.27 -39.76
N ALA C 841 -9.86 -3.36 -39.36
CA ALA C 841 -10.41 -4.24 -38.34
C ALA C 841 -10.16 -3.64 -36.95
N ALA C 842 -10.36 -4.43 -35.90
CA ALA C 842 -10.10 -3.96 -34.55
C ALA C 842 -8.63 -3.66 -34.36
N ARG C 843 -8.33 -2.55 -33.69
CA ARG C 843 -6.97 -2.10 -33.51
C ARG C 843 -6.19 -3.09 -32.65
N ASP C 844 -4.90 -3.21 -32.96
CA ASP C 844 -4.02 -4.15 -32.27
C ASP C 844 -3.56 -3.57 -30.94
N LEU C 845 -2.56 -4.22 -30.35
CA LEU C 845 -2.04 -3.77 -29.06
C LEU C 845 -1.40 -2.40 -29.15
N ILE C 846 -0.70 -2.13 -30.26
CA ILE C 846 0.09 -0.92 -30.37
C ILE C 846 -0.81 0.32 -30.46
N CYS C 847 -1.84 0.25 -31.31
CA CYS C 847 -2.76 1.38 -31.43
C CYS C 847 -3.46 1.65 -30.10
N ALA C 848 -3.81 0.59 -29.37
CA ALA C 848 -4.45 0.76 -28.07
C ALA C 848 -3.52 1.40 -27.06
N GLN C 849 -2.26 0.95 -27.03
CA GLN C 849 -1.28 1.56 -26.12
C GLN C 849 -1.09 3.03 -26.45
N LYS C 850 -1.09 3.38 -27.74
CA LYS C 850 -1.07 4.79 -28.12
C LYS C 850 -2.33 5.50 -27.63
N PHE C 851 -3.49 4.87 -27.74
CA PHE C 851 -4.71 5.43 -27.18
C PHE C 851 -4.59 5.72 -25.69
N ASN C 852 -3.84 4.91 -24.95
CA ASN C 852 -3.71 5.11 -23.51
C ASN C 852 -2.46 5.92 -23.15
N GLY C 853 -1.71 6.39 -24.14
CA GLY C 853 -0.56 7.22 -23.86
C GLY C 853 0.69 6.49 -23.42
N LEU C 854 0.85 5.23 -23.83
CA LEU C 854 2.02 4.42 -23.48
C LEU C 854 2.83 4.21 -24.75
N THR C 855 4.00 4.84 -24.83
CA THR C 855 4.82 4.82 -26.02
C THR C 855 6.09 4.01 -25.81
N VAL C 856 6.77 3.70 -26.91
CA VAL C 856 8.04 3.00 -26.90
C VAL C 856 9.00 3.79 -27.79
N LEU C 857 10.25 3.91 -27.35
CA LEU C 857 11.25 4.65 -28.10
C LEU C 857 12.15 3.70 -28.88
N PRO C 858 12.68 4.14 -30.02
CA PRO C 858 13.52 3.27 -30.83
C PRO C 858 14.95 3.29 -30.35
N PRO C 859 15.67 2.16 -30.46
CA PRO C 859 17.06 2.14 -30.03
C PRO C 859 17.93 3.03 -30.91
N LEU C 860 19.01 3.54 -30.32
CA LEU C 860 19.93 4.38 -31.06
C LEU C 860 20.63 3.61 -32.17
N LEU C 861 21.20 2.46 -31.83
CA LEU C 861 21.89 1.63 -32.80
C LEU C 861 20.88 0.75 -33.52
N THR C 862 20.63 1.03 -34.79
CA THR C 862 19.72 0.23 -35.57
C THR C 862 20.32 -1.17 -35.76
N ASP C 863 19.45 -2.12 -36.11
CA ASP C 863 19.93 -3.50 -36.23
C ASP C 863 20.84 -3.71 -37.43
N GLU C 864 20.96 -2.73 -38.32
CA GLU C 864 21.84 -2.90 -39.48
C GLU C 864 23.29 -2.58 -39.11
N MET C 865 23.53 -1.47 -38.43
CA MET C 865 24.88 -1.13 -38.00
C MET C 865 25.39 -2.02 -36.87
N ILE C 866 24.49 -2.62 -36.08
CA ILE C 866 24.92 -3.65 -35.14
C ILE C 866 25.47 -4.85 -35.90
N ALA C 867 24.77 -5.25 -36.97
CA ALA C 867 25.26 -6.35 -37.80
C ALA C 867 26.59 -5.99 -38.45
N GLN C 868 26.75 -4.73 -38.85
CA GLN C 868 28.03 -4.28 -39.40
C GLN C 868 29.15 -4.35 -38.36
N TYR C 869 28.85 -3.96 -37.11
CA TYR C 869 29.81 -4.13 -36.03
C TYR C 869 30.23 -5.59 -35.89
N THR C 870 29.26 -6.50 -35.87
CA THR C 870 29.58 -7.92 -35.72
C THR C 870 30.41 -8.41 -36.90
N SER C 871 30.10 -7.94 -38.10
CA SER C 871 30.88 -8.33 -39.27
C SER C 871 32.32 -7.87 -39.17
N ALA C 872 32.53 -6.63 -38.73
CA ALA C 872 33.90 -6.14 -38.56
C ALA C 872 34.65 -6.96 -37.52
N LEU C 873 33.99 -7.26 -36.40
CA LEU C 873 34.63 -8.07 -35.37
C LEU C 873 34.99 -9.45 -35.89
N LEU C 874 34.08 -10.06 -36.66
CA LEU C 874 34.32 -11.40 -37.18
C LEU C 874 35.47 -11.39 -38.18
N ALA C 875 35.51 -10.41 -39.08
CA ALA C 875 36.63 -10.31 -40.00
C ALA C 875 37.96 -10.12 -39.27
N GLY C 876 37.97 -9.28 -38.24
CA GLY C 876 39.19 -9.11 -37.46
C GLY C 876 39.65 -10.39 -36.79
N THR C 877 38.72 -11.14 -36.21
CA THR C 877 39.10 -12.34 -35.48
C THR C 877 39.41 -13.52 -36.38
N ILE C 878 38.96 -13.52 -37.63
CA ILE C 878 39.27 -14.60 -38.55
C ILE C 878 40.38 -14.25 -39.54
N THR C 879 40.89 -13.03 -39.54
CA THR C 879 42.04 -12.71 -40.37
C THR C 879 43.29 -12.33 -39.59
N SER C 880 43.19 -11.48 -38.57
CA SER C 880 44.37 -10.99 -37.88
C SER C 880 44.66 -11.74 -36.58
N GLY C 881 43.93 -12.79 -36.26
CA GLY C 881 44.18 -13.48 -35.02
C GLY C 881 43.58 -12.74 -33.83
N TRP C 882 44.30 -12.78 -32.71
CA TRP C 882 43.88 -12.07 -31.51
C TRP C 882 44.63 -10.77 -31.30
N THR C 883 45.46 -10.34 -32.25
CA THR C 883 46.26 -9.14 -32.05
C THR C 883 45.39 -7.88 -32.13
N PHE C 884 44.38 -7.89 -32.99
CA PHE C 884 43.56 -6.70 -33.16
C PHE C 884 42.79 -6.33 -31.90
N GLY C 885 42.59 -7.28 -30.98
CA GLY C 885 41.92 -6.97 -29.73
C GLY C 885 42.81 -6.29 -28.72
N ALA C 886 44.12 -6.37 -28.89
CA ALA C 886 45.08 -5.75 -27.97
C ALA C 886 45.72 -4.50 -28.52
N GLY C 887 46.32 -4.57 -29.70
CA GLY C 887 46.91 -3.41 -30.33
C GLY C 887 46.55 -3.31 -31.79
N PRO C 888 47.50 -2.89 -32.62
CA PRO C 888 47.25 -2.87 -34.07
C PRO C 888 47.03 -4.27 -34.62
N ALA C 889 46.26 -4.36 -35.69
CA ALA C 889 45.91 -5.64 -36.29
C ALA C 889 47.06 -6.13 -37.16
N LEU C 890 47.55 -7.33 -36.90
CA LEU C 890 48.60 -7.96 -37.69
C LEU C 890 48.01 -9.18 -38.38
N GLN C 891 48.20 -9.29 -39.70
CA GLN C 891 47.62 -10.39 -40.44
C GLN C 891 48.40 -11.67 -40.20
N ILE C 892 47.68 -12.79 -40.19
CA ILE C 892 48.23 -14.12 -39.93
C ILE C 892 47.43 -15.12 -40.76
N PRO C 893 48.07 -16.00 -41.52
CA PRO C 893 47.32 -17.03 -42.24
C PRO C 893 46.51 -17.90 -41.29
N PHE C 894 45.29 -18.24 -41.70
CA PHE C 894 44.39 -18.98 -40.81
C PHE C 894 44.95 -20.31 -40.32
N PRO C 895 45.60 -21.14 -41.15
CA PRO C 895 46.17 -22.38 -40.61
C PRO C 895 47.13 -22.12 -39.46
N MET C 896 47.89 -21.03 -39.52
CA MET C 896 48.83 -20.71 -38.45
C MET C 896 48.10 -20.28 -37.18
N GLN C 897 47.03 -19.50 -37.33
CA GLN C 897 46.22 -19.15 -36.17
C GLN C 897 45.63 -20.40 -35.53
N MET C 898 45.13 -21.32 -36.34
CA MET C 898 44.60 -22.57 -35.80
C MET C 898 45.68 -23.35 -35.09
N ALA C 899 46.88 -23.40 -35.66
CA ALA C 899 47.97 -24.12 -35.02
C ALA C 899 48.35 -23.49 -33.69
N TYR C 900 48.36 -22.16 -33.58
CA TYR C 900 48.73 -21.56 -32.30
C TYR C 900 47.62 -21.69 -31.27
N ARG C 901 46.35 -21.73 -31.70
CA ARG C 901 45.31 -22.07 -30.75
C ARG C 901 45.46 -23.50 -30.24
N PHE C 902 45.78 -24.42 -31.15
CA PHE C 902 46.07 -25.80 -30.74
C PHE C 902 47.21 -25.82 -29.73
N ASN C 903 48.27 -25.07 -29.99
CA ASN C 903 49.38 -24.99 -29.05
C ASN C 903 48.95 -24.40 -27.71
N GLY C 904 48.04 -23.42 -27.73
CA GLY C 904 47.51 -22.87 -26.50
C GLY C 904 46.72 -23.85 -25.67
N ILE C 905 46.00 -24.79 -26.29
CA ILE C 905 45.28 -25.80 -25.52
C ILE C 905 46.19 -26.94 -25.06
N GLY C 906 47.47 -26.90 -25.42
CA GLY C 906 48.43 -27.88 -24.94
C GLY C 906 48.78 -28.99 -25.91
N VAL C 907 48.40 -28.88 -27.18
CA VAL C 907 48.72 -29.87 -28.20
C VAL C 907 49.61 -29.22 -29.24
N THR C 908 50.69 -29.89 -29.61
CA THR C 908 51.67 -29.30 -30.51
C THR C 908 51.07 -29.03 -31.89
N GLN C 909 51.70 -28.10 -32.61
CA GLN C 909 51.18 -27.67 -33.90
C GLN C 909 51.32 -28.75 -34.96
N ASN C 910 52.20 -29.73 -34.73
CA ASN C 910 52.38 -30.83 -35.67
C ASN C 910 51.07 -31.57 -35.90
N VAL C 911 50.26 -31.73 -34.86
CA VAL C 911 48.99 -32.45 -34.99
C VAL C 911 48.10 -31.75 -36.01
N LEU C 912 47.99 -30.42 -35.93
CA LEU C 912 47.19 -29.70 -36.91
C LEU C 912 47.81 -29.78 -38.29
N TYR C 913 49.13 -29.58 -38.39
CA TYR C 913 49.77 -29.55 -39.70
C TYR C 913 49.76 -30.91 -40.40
N GLU C 914 49.48 -31.99 -39.66
CA GLU C 914 49.41 -33.31 -40.29
C GLU C 914 48.00 -33.69 -40.76
N ASN C 915 46.95 -33.21 -40.10
CA ASN C 915 45.58 -33.55 -40.46
C ASN C 915 44.73 -32.30 -40.66
N GLN C 916 45.23 -31.36 -41.47
CA GLN C 916 44.51 -30.12 -41.72
C GLN C 916 43.16 -30.39 -42.40
N LYS C 917 43.14 -31.32 -43.36
CA LYS C 917 41.90 -31.58 -44.10
C LYS C 917 40.81 -32.16 -43.19
N LEU C 918 41.20 -33.05 -42.27
CA LEU C 918 40.21 -33.64 -41.38
C LEU C 918 39.55 -32.60 -40.50
N ILE C 919 40.35 -31.74 -39.87
CA ILE C 919 39.77 -30.70 -39.02
C ILE C 919 38.97 -29.71 -39.84
N ALA C 920 39.41 -29.40 -41.06
CA ALA C 920 38.62 -28.52 -41.91
C ALA C 920 37.25 -29.12 -42.21
N ASN C 921 37.21 -30.41 -42.55
CA ASN C 921 35.93 -31.06 -42.84
C ASN C 921 35.05 -31.12 -41.61
N GLN C 922 35.62 -31.40 -40.44
CA GLN C 922 34.82 -31.43 -39.21
C GLN C 922 34.26 -30.04 -38.90
N PHE C 923 35.06 -29.00 -39.09
CA PHE C 923 34.57 -27.63 -38.88
C PHE C 923 33.42 -27.33 -39.83
N ASN C 924 33.56 -27.68 -41.11
CA ASN C 924 32.50 -27.42 -42.07
C ASN C 924 31.23 -28.17 -41.71
N SER C 925 31.37 -29.44 -41.30
CA SER C 925 30.20 -30.22 -40.93
C SER C 925 29.47 -29.63 -39.73
N ALA C 926 30.22 -29.23 -38.70
CA ALA C 926 29.60 -28.63 -37.52
C ALA C 926 28.89 -27.34 -37.87
N ILE C 927 29.54 -26.47 -38.65
CA ILE C 927 28.92 -25.20 -39.05
C ILE C 927 27.65 -25.46 -39.84
N GLY C 928 27.68 -26.45 -40.74
CA GLY C 928 26.49 -26.77 -41.51
C GLY C 928 25.36 -27.30 -40.65
N LYS C 929 25.68 -28.13 -39.66
CA LYS C 929 24.62 -28.77 -38.88
C LYS C 929 24.01 -27.87 -37.83
N ILE C 930 24.74 -26.85 -37.35
CA ILE C 930 24.10 -25.95 -36.38
C ILE C 930 22.94 -25.20 -37.01
N GLN C 931 23.01 -24.89 -38.31
CA GLN C 931 21.91 -24.21 -38.97
C GLN C 931 20.65 -25.07 -38.96
N ASP C 932 20.80 -26.36 -39.26
CA ASP C 932 19.65 -27.27 -39.19
C ASP C 932 19.18 -27.45 -37.75
N SER C 933 20.09 -27.46 -36.79
CA SER C 933 19.68 -27.57 -35.39
C SER C 933 18.81 -26.40 -34.97
N LEU C 934 19.17 -25.19 -35.38
CA LEU C 934 18.33 -24.03 -35.09
C LEU C 934 17.05 -24.00 -35.91
N PHE C 935 17.09 -24.52 -37.14
CA PHE C 935 15.91 -24.52 -38.00
C PHE C 935 14.84 -25.48 -37.48
N SER C 936 15.24 -26.69 -37.08
CA SER C 936 14.28 -27.73 -36.73
C SER C 936 13.75 -27.61 -35.31
N THR C 937 14.51 -27.03 -34.38
CA THR C 937 14.07 -26.94 -33.01
C THR C 937 12.86 -26.01 -32.89
N PRO C 938 11.93 -26.31 -31.98
CA PRO C 938 10.77 -25.43 -31.77
C PRO C 938 11.18 -24.01 -31.40
N SER C 939 11.99 -23.87 -30.35
CA SER C 939 12.41 -22.55 -29.89
C SER C 939 13.66 -22.72 -29.02
N ALA C 940 14.83 -22.47 -29.61
CA ALA C 940 16.08 -22.43 -28.87
C ALA C 940 16.44 -21.04 -28.39
N LEU C 941 15.65 -20.03 -28.76
CA LEU C 941 15.88 -18.63 -28.43
C LEU C 941 14.92 -18.14 -27.36
N GLY C 942 14.61 -18.99 -26.38
CA GLY C 942 13.51 -18.68 -25.46
C GLY C 942 13.75 -17.45 -24.62
N LYS C 943 15.02 -17.09 -24.40
CA LYS C 943 15.31 -15.98 -23.50
C LYS C 943 14.85 -14.64 -24.09
N LEU C 944 15.20 -14.38 -25.36
CA LEU C 944 14.80 -13.13 -25.99
C LEU C 944 13.28 -13.02 -26.09
N GLN C 945 12.63 -14.12 -26.49
CA GLN C 945 11.18 -14.13 -26.57
C GLN C 945 10.56 -13.91 -25.20
N ASP C 946 11.16 -14.48 -24.16
CA ASP C 946 10.65 -14.27 -22.81
C ASP C 946 10.74 -12.79 -22.42
N VAL C 947 11.85 -12.14 -22.77
CA VAL C 947 12.02 -10.72 -22.48
C VAL C 947 10.91 -9.92 -23.16
N VAL C 948 10.70 -10.19 -24.45
CA VAL C 948 9.69 -9.45 -25.21
C VAL C 948 8.30 -9.69 -24.62
N ASN C 949 8.00 -10.94 -24.30
CA ASN C 949 6.68 -11.28 -23.76
C ASN C 949 6.45 -10.61 -22.41
N HIS C 950 7.48 -10.59 -21.55
CA HIS C 950 7.33 -9.95 -20.26
C HIS C 950 7.04 -8.46 -20.41
N ASN C 951 7.78 -7.79 -21.29
CA ASN C 951 7.54 -6.36 -21.48
C ASN C 951 6.13 -6.10 -22.02
N ALA C 952 5.71 -6.87 -23.02
CA ALA C 952 4.39 -6.68 -23.61
C ALA C 952 3.29 -6.96 -22.59
N GLN C 953 3.45 -8.00 -21.78
CA GLN C 953 2.45 -8.33 -20.77
C GLN C 953 2.36 -7.25 -19.71
N ALA C 954 3.50 -6.71 -19.28
CA ALA C 954 3.46 -5.62 -18.30
C ALA C 954 2.72 -4.41 -18.85
N LEU C 955 3.02 -4.05 -20.11
CA LEU C 955 2.30 -2.93 -20.72
C LEU C 955 0.81 -3.21 -20.84
N ASN C 956 0.44 -4.44 -21.20
CA ASN C 956 -0.97 -4.77 -21.36
C ASN C 956 -1.72 -4.69 -20.04
N THR C 957 -1.10 -5.18 -18.96
CA THR C 957 -1.74 -5.05 -17.65
C THR C 957 -1.86 -3.60 -17.22
N LEU C 958 -0.83 -2.78 -17.48
CA LEU C 958 -0.93 -1.36 -17.13
C LEU C 958 -2.08 -0.70 -17.89
N VAL C 959 -2.25 -1.05 -19.17
CA VAL C 959 -3.36 -0.49 -19.95
C VAL C 959 -4.69 -0.99 -19.40
N LYS C 960 -4.78 -2.27 -19.07
CA LYS C 960 -6.05 -2.85 -18.61
C LYS C 960 -6.46 -2.27 -17.26
N GLN C 961 -5.50 -1.82 -16.45
CA GLN C 961 -5.85 -1.24 -15.16
C GLN C 961 -6.60 0.08 -15.29
N LEU C 962 -6.65 0.66 -16.49
CA LEU C 962 -7.35 1.93 -16.68
C LEU C 962 -8.86 1.80 -16.60
N SER C 963 -9.41 0.60 -16.58
CA SER C 963 -10.86 0.43 -16.63
C SER C 963 -11.38 -0.31 -15.41
N SER C 964 -10.89 0.07 -14.23
CA SER C 964 -11.38 -0.50 -12.98
C SER C 964 -11.85 0.64 -12.08
N LYS C 965 -12.90 0.39 -11.32
CA LYS C 965 -13.56 1.44 -10.55
C LYS C 965 -12.86 1.77 -9.24
N PHE C 966 -12.12 0.82 -8.67
CA PHE C 966 -11.40 0.99 -7.41
C PHE C 966 -12.32 1.37 -6.25
N GLY C 967 -13.61 1.11 -6.36
CA GLY C 967 -14.56 1.46 -5.33
C GLY C 967 -15.32 2.76 -5.54
N ALA C 968 -15.29 3.34 -6.73
CA ALA C 968 -16.01 4.56 -7.04
C ALA C 968 -17.35 4.24 -7.69
N ILE C 969 -18.11 5.29 -8.02
CA ILE C 969 -19.40 5.11 -8.66
C ILE C 969 -19.23 4.51 -10.05
N SER C 970 -18.26 5.02 -10.82
CA SER C 970 -18.01 4.52 -12.17
C SER C 970 -16.54 4.73 -12.49
N SER C 971 -16.09 4.05 -13.53
CA SER C 971 -14.69 4.08 -13.94
C SER C 971 -14.40 5.12 -15.02
N VAL C 972 -15.40 5.90 -15.42
CA VAL C 972 -15.24 6.91 -16.46
C VAL C 972 -15.30 8.27 -15.79
N LEU C 973 -14.26 9.08 -15.99
CA LEU C 973 -14.21 10.40 -15.38
C LEU C 973 -15.29 11.32 -15.94
N ASN C 974 -15.53 11.24 -17.25
CA ASN C 974 -16.48 12.14 -17.89
C ASN C 974 -17.91 11.88 -17.44
N ASP C 975 -18.17 10.70 -16.86
CA ASP C 975 -19.53 10.36 -16.47
C ASP C 975 -19.83 10.78 -15.04
N ILE C 976 -18.84 10.69 -14.14
CA ILE C 976 -19.08 10.96 -12.74
C ILE C 976 -18.91 12.45 -12.44
N LEU C 977 -18.72 13.25 -13.49
CA LEU C 977 -18.72 14.70 -13.34
C LEU C 977 -20.02 15.36 -13.75
N SER C 978 -20.88 14.66 -14.50
CA SER C 978 -22.18 15.17 -14.91
C SER C 978 -23.32 14.37 -14.27
N ARG C 979 -23.04 13.72 -13.15
CA ARG C 979 -24.03 12.90 -12.46
C ARG C 979 -23.90 13.14 -10.96
N LEU C 980 -22.94 13.97 -10.58
CA LEU C 980 -22.60 14.16 -9.18
C LEU C 980 -22.28 15.63 -8.97
N ASP C 981 -22.51 16.10 -7.75
CA ASP C 981 -22.23 17.50 -7.43
C ASP C 981 -20.74 17.72 -7.25
N PRO C 982 -20.21 18.88 -7.66
CA PRO C 982 -18.77 19.12 -7.56
C PRO C 982 -18.23 18.97 -6.14
N PRO C 983 -18.94 19.46 -5.09
CA PRO C 983 -18.37 19.36 -3.74
C PRO C 983 -18.19 17.93 -3.25
N GLU C 984 -18.90 16.97 -3.86
CA GLU C 984 -18.86 15.58 -3.44
C GLU C 984 -18.12 14.72 -4.46
N ALA C 985 -18.13 15.11 -5.73
CA ALA C 985 -17.50 14.33 -6.80
C ALA C 985 -16.00 14.18 -6.56
N GLU C 986 -15.42 15.05 -5.73
CA GLU C 986 -14.00 14.99 -5.42
C GLU C 986 -13.64 13.69 -4.71
N VAL C 987 -14.51 13.20 -3.82
CA VAL C 987 -14.20 11.98 -3.08
C VAL C 987 -14.18 10.78 -4.01
N GLN C 988 -15.04 10.76 -5.03
CA GLN C 988 -15.02 9.65 -5.99
C GLN C 988 -13.86 9.80 -6.97
N ILE C 989 -13.51 11.03 -7.33
CA ILE C 989 -12.35 11.25 -8.21
C ILE C 989 -11.07 10.83 -7.50
N ASP C 990 -11.00 11.07 -6.19
CA ASP C 990 -9.80 10.70 -5.44
C ASP C 990 -9.86 9.24 -5.00
N ARG C 991 -10.14 8.36 -5.96
CA ARG C 991 -9.91 6.93 -5.81
C ARG C 991 -9.21 6.44 -7.07
N LEU C 992 -9.65 6.96 -8.21
CA LEU C 992 -8.99 6.65 -9.47
C LEU C 992 -7.55 7.15 -9.46
N ILE C 993 -7.33 8.32 -8.85
CA ILE C 993 -5.98 8.87 -8.75
C ILE C 993 -5.05 7.86 -8.07
N THR C 994 -5.43 7.41 -6.87
CA THR C 994 -4.57 6.51 -6.13
C THR C 994 -4.45 5.14 -6.80
N GLY C 995 -5.52 4.61 -7.39
CA GLY C 995 -5.42 3.34 -8.07
C GLY C 995 -4.47 3.39 -9.25
N ARG C 996 -4.65 4.41 -10.11
CA ARG C 996 -3.80 4.54 -11.29
C ARG C 996 -2.35 4.76 -10.89
N LEU C 997 -2.10 5.60 -9.88
CA LEU C 997 -0.72 5.89 -9.51
C LEU C 997 -0.06 4.69 -8.85
N GLN C 998 -0.81 3.92 -8.06
CA GLN C 998 -0.22 2.70 -7.48
C GLN C 998 0.10 1.68 -8.56
N SER C 999 -0.79 1.54 -9.54
CA SER C 999 -0.50 0.64 -10.66
C SER C 999 0.78 1.08 -11.38
N LEU C 1000 0.92 2.38 -11.60
CA LEU C 1000 2.11 2.89 -12.26
C LEU C 1000 3.36 2.64 -11.43
N GLN C 1001 3.28 2.76 -10.11
CA GLN C 1001 4.44 2.50 -9.26
C GLN C 1001 4.86 1.03 -9.33
N THR C 1002 3.90 0.11 -9.27
CA THR C 1002 4.28 -1.30 -9.41
C THR C 1002 4.91 -1.56 -10.77
N TYR C 1003 4.37 -0.94 -11.82
CA TYR C 1003 4.96 -1.10 -13.15
C TYR C 1003 6.41 -0.62 -13.18
N VAL C 1004 6.68 0.55 -12.60
CA VAL C 1004 8.03 1.10 -12.67
C VAL C 1004 9.00 0.28 -11.83
N THR C 1005 8.53 -0.24 -10.68
CA THR C 1005 9.41 -1.05 -9.84
C THR C 1005 9.76 -2.37 -10.53
N GLN C 1006 8.76 -3.02 -11.13
CA GLN C 1006 9.04 -4.24 -11.88
C GLN C 1006 9.99 -3.97 -13.03
N GLN C 1007 9.82 -2.82 -13.71
CA GLN C 1007 10.72 -2.47 -14.79
C GLN C 1007 12.15 -2.27 -14.28
N LEU C 1008 12.31 -1.68 -13.10
CA LEU C 1008 13.66 -1.50 -12.55
C LEU C 1008 14.30 -2.85 -12.23
N ILE C 1009 13.54 -3.79 -11.67
CA ILE C 1009 14.09 -5.12 -11.39
C ILE C 1009 14.52 -5.80 -12.69
N ARG C 1010 13.66 -5.72 -13.71
CA ARG C 1010 13.98 -6.32 -15.00
C ARG C 1010 15.23 -5.68 -15.59
N ALA C 1011 15.37 -4.37 -15.45
CA ALA C 1011 16.54 -3.68 -15.97
C ALA C 1011 17.81 -4.13 -15.24
N ALA C 1012 17.73 -4.36 -13.93
CA ALA C 1012 18.89 -4.85 -13.21
C ALA C 1012 19.32 -6.23 -13.72
N GLU C 1013 18.36 -7.14 -13.90
CA GLU C 1013 18.74 -8.47 -14.39
C GLU C 1013 19.30 -8.40 -15.82
N ILE C 1014 18.72 -7.54 -16.66
CA ILE C 1014 19.21 -7.40 -18.02
C ILE C 1014 20.62 -6.80 -18.02
N ARG C 1015 20.90 -5.87 -17.12
CA ARG C 1015 22.24 -5.29 -17.05
C ARG C 1015 23.26 -6.33 -16.60
N ALA C 1016 22.90 -7.19 -15.65
CA ALA C 1016 23.81 -8.26 -15.27
C ALA C 1016 24.11 -9.18 -16.46
N SER C 1017 23.08 -9.55 -17.21
CA SER C 1017 23.28 -10.38 -18.39
C SER C 1017 24.16 -9.68 -19.42
N ALA C 1018 23.95 -8.37 -19.61
CA ALA C 1018 24.74 -7.63 -20.59
C ALA C 1018 26.20 -7.56 -20.19
N ASN C 1019 26.49 -7.36 -18.91
CA ASN C 1019 27.87 -7.36 -18.45
C ASN C 1019 28.52 -8.72 -18.66
N LEU C 1020 27.79 -9.79 -18.38
CA LEU C 1020 28.33 -11.12 -18.64
C LEU C 1020 28.62 -11.32 -20.12
N ALA C 1021 27.72 -10.85 -20.98
CA ALA C 1021 27.93 -11.00 -22.42
C ALA C 1021 29.13 -10.20 -22.90
N ALA C 1022 29.30 -8.99 -22.39
CA ALA C 1022 30.47 -8.19 -22.78
C ALA C 1022 31.76 -8.86 -22.35
N THR C 1023 31.80 -9.39 -21.12
CA THR C 1023 33.00 -10.10 -20.68
C THR C 1023 33.26 -11.33 -21.54
N LYS C 1024 32.21 -12.10 -21.84
CA LYS C 1024 32.38 -13.29 -22.66
C LYS C 1024 32.91 -12.94 -24.05
N MET C 1025 32.39 -11.87 -24.64
CA MET C 1025 32.88 -11.45 -25.95
C MET C 1025 34.36 -11.05 -25.87
N SER C 1026 34.70 -10.18 -24.92
CA SER C 1026 36.08 -9.73 -24.81
C SER C 1026 37.05 -10.86 -24.49
N GLU C 1027 36.59 -11.93 -23.87
CA GLU C 1027 37.49 -13.04 -23.52
C GLU C 1027 37.58 -14.06 -24.66
N CYS C 1028 36.45 -14.63 -25.07
CA CYS C 1028 36.48 -15.72 -26.05
C CYS C 1028 36.75 -15.21 -27.47
N VAL C 1029 36.23 -14.03 -27.82
CA VAL C 1029 36.36 -13.59 -29.21
C VAL C 1029 37.72 -12.96 -29.46
N LEU C 1030 38.15 -12.04 -28.59
CA LEU C 1030 39.42 -11.36 -28.77
C LEU C 1030 40.56 -12.07 -28.04
N GLY C 1031 40.69 -13.37 -28.26
CA GLY C 1031 41.71 -14.16 -27.62
C GLY C 1031 41.18 -15.54 -27.30
N GLN C 1032 41.96 -16.28 -26.51
CA GLN C 1032 41.60 -17.64 -26.11
C GLN C 1032 41.64 -17.72 -24.59
N SER C 1033 40.58 -18.27 -23.99
CA SER C 1033 40.40 -18.26 -22.55
C SER C 1033 40.70 -19.63 -21.96
N LYS C 1034 41.41 -19.65 -20.84
CA LYS C 1034 41.76 -20.89 -20.15
C LYS C 1034 40.71 -21.32 -19.14
N ARG C 1035 39.69 -20.50 -18.87
CA ARG C 1035 38.69 -20.85 -17.88
C ARG C 1035 37.84 -22.01 -18.38
N VAL C 1036 37.53 -22.95 -17.48
CA VAL C 1036 36.84 -24.17 -17.85
C VAL C 1036 35.34 -23.92 -17.94
N ASP C 1037 34.72 -24.53 -18.95
CA ASP C 1037 33.27 -24.43 -19.19
C ASP C 1037 32.80 -22.99 -19.32
N PHE C 1038 33.69 -22.07 -19.67
CA PHE C 1038 33.33 -20.67 -19.87
C PHE C 1038 32.94 -20.38 -21.31
N CYS C 1039 33.85 -20.62 -22.25
CA CYS C 1039 33.55 -20.46 -23.67
C CYS C 1039 33.22 -21.83 -24.28
N GLY C 1040 32.13 -22.40 -23.78
CA GLY C 1040 31.64 -23.67 -24.29
C GLY C 1040 32.27 -24.87 -23.61
N LYS C 1041 31.59 -26.01 -23.77
CA LYS C 1041 32.06 -27.26 -23.17
C LYS C 1041 33.29 -27.79 -23.89
N GLY C 1042 34.30 -28.14 -23.12
CA GLY C 1042 35.54 -28.65 -23.69
C GLY C 1042 36.63 -27.59 -23.76
N TYR C 1043 37.75 -27.98 -24.37
CA TYR C 1043 38.86 -27.06 -24.57
C TYR C 1043 38.49 -25.99 -25.58
N HIS C 1044 38.71 -24.73 -25.23
CA HIS C 1044 38.25 -23.63 -26.08
C HIS C 1044 39.24 -23.33 -27.18
N LEU C 1045 38.73 -23.03 -28.38
CA LEU C 1045 39.57 -22.58 -29.48
C LEU C 1045 39.23 -21.16 -29.92
N MET C 1046 37.99 -20.88 -30.34
CA MET C 1046 37.60 -19.55 -30.80
C MET C 1046 36.12 -19.33 -30.46
N SER C 1047 35.58 -18.23 -30.99
CA SER C 1047 34.16 -17.92 -30.90
C SER C 1047 33.78 -16.86 -31.92
N PHE C 1048 32.58 -16.97 -32.50
CA PHE C 1048 32.10 -16.02 -33.49
C PHE C 1048 30.81 -15.36 -33.01
N PRO C 1049 30.74 -14.04 -32.98
CA PRO C 1049 29.51 -13.37 -32.57
C PRO C 1049 28.51 -13.23 -33.70
N GLN C 1050 27.23 -13.30 -33.33
CA GLN C 1050 26.13 -13.06 -34.26
C GLN C 1050 25.11 -12.16 -33.59
N SER C 1051 24.48 -11.30 -34.40
CA SER C 1051 23.51 -10.36 -33.87
C SER C 1051 22.11 -10.99 -33.85
N ALA C 1052 21.41 -10.76 -32.76
CA ALA C 1052 20.04 -11.23 -32.58
C ALA C 1052 19.20 -10.07 -32.07
N PRO C 1053 17.90 -10.09 -32.30
CA PRO C 1053 17.04 -9.01 -31.77
C PRO C 1053 17.09 -8.96 -30.26
N HIS C 1054 17.57 -7.83 -29.73
CA HIS C 1054 17.68 -7.60 -28.29
C HIS C 1054 18.59 -8.63 -27.61
N GLY C 1055 19.68 -8.98 -28.29
CA GLY C 1055 20.60 -9.94 -27.71
C GLY C 1055 21.74 -10.26 -28.65
N VAL C 1056 22.58 -11.19 -28.22
CA VAL C 1056 23.72 -11.65 -29.01
C VAL C 1056 23.77 -13.17 -28.94
N VAL C 1057 24.41 -13.77 -29.94
CA VAL C 1057 24.53 -15.22 -30.05
C VAL C 1057 25.98 -15.56 -30.36
N PHE C 1058 26.57 -16.47 -29.57
CA PHE C 1058 27.95 -16.89 -29.74
C PHE C 1058 28.01 -18.28 -30.35
N LEU C 1059 29.13 -18.56 -31.01
CA LEU C 1059 29.38 -19.85 -31.67
C LEU C 1059 30.74 -20.35 -31.17
N HIS C 1060 30.73 -21.06 -30.05
CA HIS C 1060 31.98 -21.50 -29.45
C HIS C 1060 32.52 -22.73 -30.17
N VAL C 1061 33.76 -22.65 -30.65
CA VAL C 1061 34.44 -23.77 -31.29
C VAL C 1061 35.37 -24.40 -30.28
N THR C 1062 35.22 -25.71 -30.06
CA THR C 1062 35.91 -26.39 -28.98
C THR C 1062 36.62 -27.64 -29.49
N TYR C 1063 37.52 -28.16 -28.67
CA TYR C 1063 38.30 -29.36 -28.97
C TYR C 1063 38.00 -30.42 -27.93
N VAL C 1064 37.70 -31.64 -28.39
CA VAL C 1064 37.31 -32.72 -27.50
C VAL C 1064 38.09 -33.99 -27.82
N PRO C 1065 38.79 -34.58 -26.85
CA PRO C 1065 39.50 -35.83 -27.10
C PRO C 1065 38.52 -37.00 -27.25
N ALA C 1066 39.03 -38.08 -27.84
CA ALA C 1066 38.23 -39.28 -28.03
C ALA C 1066 39.16 -40.47 -28.24
N GLN C 1067 38.56 -41.67 -28.21
CA GLN C 1067 39.26 -42.91 -28.51
C GLN C 1067 40.43 -43.17 -27.57
N GLU C 1068 40.15 -43.37 -26.29
CA GLU C 1068 41.17 -43.62 -25.28
C GLU C 1068 41.72 -45.04 -25.39
N LYS C 1069 42.88 -45.25 -24.76
CA LYS C 1069 43.55 -46.55 -24.78
C LYS C 1069 44.31 -46.73 -23.47
N ASN C 1070 44.11 -47.87 -22.81
CA ASN C 1070 44.81 -48.16 -21.57
C ASN C 1070 46.29 -48.39 -21.82
N PHE C 1071 47.13 -48.00 -20.85
CA PHE C 1071 48.57 -48.19 -20.94
C PHE C 1071 49.13 -48.45 -19.55
N THR C 1072 50.46 -48.50 -19.46
CA THR C 1072 51.17 -48.69 -18.20
C THR C 1072 52.16 -47.53 -18.02
N THR C 1073 52.23 -47.00 -16.80
CA THR C 1073 53.04 -45.82 -16.52
C THR C 1073 54.10 -46.13 -15.47
N ALA C 1074 54.93 -45.12 -15.22
CA ALA C 1074 56.01 -45.17 -14.25
C ALA C 1074 56.46 -43.74 -13.98
N PRO C 1075 56.60 -43.34 -12.72
CA PRO C 1075 57.00 -41.95 -12.43
C PRO C 1075 58.34 -41.55 -13.01
N ALA C 1076 59.31 -42.45 -13.06
CA ALA C 1076 60.65 -42.10 -13.53
C ALA C 1076 61.23 -43.31 -14.26
N ILE C 1077 62.41 -43.13 -14.85
CA ILE C 1077 63.12 -44.20 -15.54
C ILE C 1077 64.58 -44.18 -15.07
N CYS C 1078 64.95 -45.20 -14.31
CA CYS C 1078 66.24 -45.18 -13.61
C CYS C 1078 67.34 -45.73 -14.51
N HIS C 1079 68.26 -44.86 -14.91
CA HIS C 1079 69.51 -45.25 -15.53
C HIS C 1079 70.58 -45.39 -14.43
N ASP C 1080 71.84 -45.45 -14.82
CA ASP C 1080 72.93 -45.66 -13.87
C ASP C 1080 72.90 -44.61 -12.76
N GLY C 1081 72.49 -45.04 -11.58
CA GLY C 1081 72.46 -44.22 -10.39
C GLY C 1081 71.87 -42.83 -10.55
N LYS C 1082 70.70 -42.72 -11.17
CA LYS C 1082 70.07 -41.42 -11.39
C LYS C 1082 68.56 -41.65 -11.53
N ALA C 1083 67.83 -40.58 -11.83
CA ALA C 1083 66.37 -40.66 -11.82
C ALA C 1083 65.74 -40.46 -13.19
N HIS C 1084 66.12 -39.41 -13.91
CA HIS C 1084 65.64 -39.15 -15.27
C HIS C 1084 64.12 -39.02 -15.33
N PHE C 1085 63.63 -37.95 -14.69
CA PHE C 1085 62.25 -37.55 -14.85
C PHE C 1085 62.02 -36.99 -16.26
N PRO C 1086 60.80 -37.11 -16.78
CA PRO C 1086 60.53 -36.56 -18.11
C PRO C 1086 60.44 -35.04 -18.10
N ARG C 1087 60.61 -34.40 -19.25
CA ARG C 1087 60.50 -32.95 -19.35
C ARG C 1087 59.06 -32.50 -19.57
N GLU C 1088 58.38 -33.07 -20.57
CA GLU C 1088 56.95 -32.85 -20.78
C GLU C 1088 56.37 -34.15 -21.31
N GLY C 1089 55.35 -34.66 -20.64
CA GLY C 1089 54.69 -35.87 -21.06
C GLY C 1089 54.92 -37.02 -20.11
N VAL C 1090 54.06 -38.03 -20.22
CA VAL C 1090 54.12 -39.23 -19.39
C VAL C 1090 55.18 -40.19 -19.89
N PHE C 1091 55.49 -41.20 -19.08
CA PHE C 1091 56.33 -42.33 -19.45
C PHE C 1091 55.41 -43.54 -19.60
N VAL C 1092 55.07 -43.88 -20.84
CA VAL C 1092 54.15 -44.98 -21.13
C VAL C 1092 54.91 -46.13 -21.76
N SER C 1093 54.34 -47.33 -21.68
CA SER C 1093 54.92 -48.54 -22.24
C SER C 1093 53.85 -49.32 -23.00
N ASN C 1094 54.26 -49.90 -24.13
CA ASN C 1094 53.36 -50.68 -24.97
C ASN C 1094 52.97 -51.96 -24.24
N GLY C 1095 53.91 -52.90 -24.16
CA GLY C 1095 53.99 -53.86 -23.08
C GLY C 1095 55.43 -54.27 -22.85
N THR C 1096 56.34 -53.78 -23.72
CA THR C 1096 57.73 -54.22 -23.69
C THR C 1096 58.70 -53.08 -23.43
N HIS C 1097 58.60 -52.01 -24.22
CA HIS C 1097 59.59 -50.93 -24.19
C HIS C 1097 58.94 -49.62 -23.79
N TRP C 1098 59.74 -48.74 -23.21
CA TRP C 1098 59.24 -47.49 -22.66
C TRP C 1098 59.38 -46.35 -23.65
N PHE C 1099 58.42 -45.44 -23.61
CA PHE C 1099 58.35 -44.30 -24.52
C PHE C 1099 57.89 -43.09 -23.73
N VAL C 1100 58.17 -41.91 -24.27
CA VAL C 1100 57.71 -40.64 -23.72
C VAL C 1100 56.82 -39.98 -24.75
N THR C 1101 55.60 -39.63 -24.36
CA THR C 1101 54.61 -39.09 -25.26
C THR C 1101 53.88 -37.93 -24.61
N GLN C 1102 53.16 -37.16 -25.43
CA GLN C 1102 52.42 -36.01 -24.93
C GLN C 1102 51.28 -36.46 -24.02
N ARG C 1103 50.57 -35.49 -23.47
CA ARG C 1103 49.51 -35.75 -22.50
C ARG C 1103 48.14 -35.90 -23.13
N ASN C 1104 47.87 -35.24 -24.25
CA ASN C 1104 46.56 -35.25 -24.87
C ASN C 1104 46.52 -35.93 -26.23
N PHE C 1105 47.65 -36.38 -26.74
CA PHE C 1105 47.71 -37.14 -27.99
C PHE C 1105 48.69 -38.30 -27.79
N TYR C 1106 48.72 -39.21 -28.75
CA TYR C 1106 49.60 -40.37 -28.67
C TYR C 1106 50.65 -40.25 -29.77
N GLU C 1107 51.82 -39.73 -29.40
CA GLU C 1107 52.97 -39.63 -30.30
C GLU C 1107 54.18 -40.20 -29.56
N PRO C 1108 54.34 -41.52 -29.54
CA PRO C 1108 55.45 -42.12 -28.78
C PRO C 1108 56.80 -41.73 -29.37
N GLN C 1109 57.79 -41.64 -28.49
CA GLN C 1109 59.14 -41.28 -28.88
C GLN C 1109 60.14 -42.06 -28.02
N ILE C 1110 61.35 -42.23 -28.55
CA ILE C 1110 62.41 -42.92 -27.84
C ILE C 1110 62.86 -42.07 -26.66
N ILE C 1111 63.35 -42.73 -25.61
CA ILE C 1111 63.78 -42.03 -24.41
C ILE C 1111 65.20 -41.53 -24.59
N THR C 1112 65.34 -40.36 -25.20
CA THR C 1112 66.64 -39.75 -25.45
C THR C 1112 66.90 -38.70 -24.35
N THR C 1113 68.16 -38.34 -24.14
CA THR C 1113 68.57 -37.49 -23.03
C THR C 1113 68.12 -36.04 -23.19
N ASP C 1114 67.49 -35.67 -24.31
CA ASP C 1114 66.95 -34.34 -24.46
C ASP C 1114 65.47 -34.24 -24.11
N ASN C 1115 64.76 -35.36 -24.07
CA ASN C 1115 63.36 -35.38 -23.63
C ASN C 1115 63.24 -35.51 -22.12
N THR C 1116 64.32 -35.82 -21.42
CA THR C 1116 64.28 -36.05 -19.98
C THR C 1116 65.34 -35.21 -19.30
N PHE C 1117 65.01 -34.66 -18.13
CA PHE C 1117 65.97 -34.00 -17.27
C PHE C 1117 66.19 -34.86 -16.03
N VAL C 1118 67.44 -34.91 -15.58
CA VAL C 1118 67.88 -35.90 -14.60
C VAL C 1118 68.27 -35.20 -13.31
N SER C 1119 67.71 -35.67 -12.20
CA SER C 1119 68.11 -35.20 -10.87
C SER C 1119 67.55 -36.17 -9.84
N GLY C 1120 68.42 -36.91 -9.16
CA GLY C 1120 67.97 -37.86 -8.17
C GLY C 1120 69.07 -38.84 -7.82
N ASN C 1121 68.65 -39.94 -7.17
CA ASN C 1121 69.56 -40.97 -6.71
C ASN C 1121 69.02 -42.38 -6.91
N CYS C 1122 67.87 -42.53 -7.56
CA CYS C 1122 67.24 -43.84 -7.81
C CYS C 1122 66.96 -44.58 -6.50
N ASP C 1123 66.67 -43.84 -5.43
CA ASP C 1123 66.36 -44.46 -4.15
C ASP C 1123 65.08 -43.91 -3.54
N VAL C 1124 64.74 -42.64 -3.75
CA VAL C 1124 63.62 -42.01 -3.06
C VAL C 1124 62.35 -42.03 -3.89
N VAL C 1125 62.41 -42.32 -5.18
CA VAL C 1125 61.22 -42.31 -6.03
C VAL C 1125 60.51 -43.65 -5.90
N ILE C 1126 59.26 -43.62 -5.46
CA ILE C 1126 58.49 -44.84 -5.28
C ILE C 1126 57.82 -45.21 -6.60
N GLY C 1127 57.98 -46.45 -7.03
CA GLY C 1127 57.42 -46.91 -8.28
C GLY C 1127 58.31 -46.73 -9.48
N ILE C 1128 59.61 -46.49 -9.29
CA ILE C 1128 60.51 -46.29 -10.41
C ILE C 1128 60.69 -47.61 -11.16
N VAL C 1129 61.04 -47.51 -12.45
CA VAL C 1129 61.16 -48.66 -13.32
C VAL C 1129 62.48 -48.60 -14.06
N ASN C 1130 63.12 -49.77 -14.18
CA ASN C 1130 64.45 -49.91 -14.76
C ASN C 1130 64.36 -49.91 -16.28
N ASN C 1131 65.09 -49.00 -16.92
CA ASN C 1131 65.19 -48.94 -18.37
C ASN C 1131 66.41 -48.12 -18.71
N THR C 1132 66.83 -48.20 -19.97
CA THR C 1132 68.02 -47.50 -20.43
C THR C 1132 67.64 -46.30 -21.29
N VAL C 1133 68.22 -45.14 -20.97
CA VAL C 1133 68.01 -43.92 -21.72
C VAL C 1133 69.15 -43.79 -22.73
N TYR C 1134 68.87 -43.06 -23.80
CA TYR C 1134 69.81 -42.90 -24.90
C TYR C 1134 70.30 -41.45 -24.97
N ASP C 1135 71.46 -41.27 -25.58
CA ASP C 1135 72.02 -39.93 -25.74
C ASP C 1135 72.68 -39.81 -27.11
N PRO C 1136 72.51 -38.68 -27.79
CA PRO C 1136 73.12 -38.49 -29.11
C PRO C 1136 74.58 -38.03 -29.06
N LEU C 1137 75.21 -38.00 -27.88
CA LEU C 1137 76.59 -37.54 -27.78
C LEU C 1137 77.58 -38.69 -27.71
N GLN C 1138 77.20 -39.84 -27.15
CA GLN C 1138 78.11 -40.98 -27.09
C GLN C 1138 78.37 -41.55 -28.48
N LEU C 1139 77.34 -41.57 -29.33
CA LEU C 1139 77.50 -42.09 -30.68
C LEU C 1139 78.47 -41.26 -31.50
N GLU C 1140 78.39 -39.94 -31.36
CA GLU C 1140 79.28 -39.03 -32.10
C GLU C 1140 80.25 -38.33 -31.16
N GLN D 1 6.11 14.88 63.86
CA GLN D 1 5.04 15.74 63.36
C GLN D 1 5.34 16.24 61.95
N VAL D 2 4.29 16.51 61.19
CA VAL D 2 4.46 17.04 59.83
C VAL D 2 4.97 18.47 59.91
N GLN D 3 5.78 18.85 58.93
CA GLN D 3 6.33 20.21 58.89
C GLN D 3 6.63 20.57 57.44
N LEU D 4 5.95 21.58 56.93
CA LEU D 4 6.19 22.11 55.59
C LEU D 4 6.87 23.47 55.73
N VAL D 5 8.15 23.53 55.33
CA VAL D 5 8.96 24.73 55.48
C VAL D 5 9.31 25.24 54.10
N GLU D 6 9.05 26.52 53.85
CA GLU D 6 9.26 27.12 52.55
C GLU D 6 10.49 28.02 52.56
N SER D 7 11.10 28.17 51.38
CA SER D 7 12.29 29.00 51.23
C SER D 7 12.37 29.47 49.78
N GLY D 8 13.22 30.46 49.55
CA GLY D 8 13.50 30.94 48.21
C GLY D 8 12.83 32.24 47.81
N GLY D 9 11.96 32.80 48.64
CA GLY D 9 11.34 34.07 48.33
C GLY D 9 12.28 35.23 48.53
N GLY D 10 11.85 36.40 48.09
CA GLY D 10 12.67 37.59 48.24
C GLY D 10 12.20 38.69 47.29
N VAL D 11 13.13 39.57 46.97
CA VAL D 11 12.88 40.73 46.13
C VAL D 11 13.39 40.45 44.72
N VAL D 12 12.55 40.73 43.73
CA VAL D 12 12.86 40.46 42.33
C VAL D 12 12.38 41.63 41.49
N GLN D 13 13.01 41.82 40.34
CA GLN D 13 12.67 42.83 39.37
C GLN D 13 11.67 42.29 38.35
N PRO D 14 10.84 43.14 37.75
CA PRO D 14 9.87 42.66 36.76
C PRO D 14 10.57 42.01 35.57
N GLY D 15 9.96 40.96 35.06
CA GLY D 15 10.50 40.23 33.92
C GLY D 15 11.56 39.20 34.25
N ARG D 16 11.79 38.92 35.53
CA ARG D 16 12.82 37.99 35.95
C ARG D 16 12.19 36.69 36.46
N SER D 17 13.04 35.79 36.96
CA SER D 17 12.63 34.45 37.36
C SER D 17 13.06 34.16 38.78
N LEU D 18 12.30 33.30 39.46
CA LEU D 18 12.60 32.91 40.82
C LEU D 18 12.16 31.46 41.03
N ARG D 19 12.82 30.78 41.97
CA ARG D 19 12.52 29.39 42.27
C ARG D 19 12.25 29.24 43.77
N LEU D 20 11.17 28.54 44.11
CA LEU D 20 10.77 28.32 45.48
C LEU D 20 10.86 26.83 45.82
N SER D 21 11.07 26.54 47.09
CA SER D 21 11.15 25.16 47.57
C SER D 21 10.35 25.02 48.86
N CYS D 22 9.80 23.82 49.07
CA CYS D 22 9.01 23.50 50.26
C CYS D 22 9.37 22.10 50.71
N ALA D 23 10.22 22.01 51.74
CA ALA D 23 10.68 20.72 52.26
C ALA D 23 9.64 20.13 53.19
N ALA D 24 9.42 18.82 53.06
CA ALA D 24 8.40 18.12 53.82
C ALA D 24 9.03 16.99 54.63
N SER D 25 8.46 16.71 55.80
CA SER D 25 8.94 15.65 56.67
C SER D 25 7.81 15.23 57.60
N GLY D 26 8.01 14.07 58.23
CA GLY D 26 7.07 13.57 59.21
C GLY D 26 5.89 12.80 58.67
N PHE D 27 5.88 12.47 57.38
CA PHE D 27 4.77 11.74 56.79
C PHE D 27 5.25 11.09 55.50
N PRO D 28 4.54 10.07 55.00
CA PRO D 28 4.97 9.42 53.75
C PRO D 28 4.75 10.31 52.54
N PHE D 29 5.74 11.16 52.27
CA PHE D 29 5.63 12.19 51.23
C PHE D 29 5.40 11.60 49.85
N ILE D 30 5.84 10.37 49.58
CA ILE D 30 5.85 9.86 48.22
C ILE D 30 4.47 9.44 47.73
N ILE D 31 3.47 9.39 48.61
CA ILE D 31 2.16 8.89 48.24
C ILE D 31 1.09 9.98 48.29
N TYR D 32 1.48 11.24 48.42
CA TYR D 32 0.53 12.34 48.52
C TYR D 32 0.88 13.43 47.52
N GLY D 33 -0.16 14.01 46.92
CA GLY D 33 0.04 15.18 46.09
C GLY D 33 0.13 16.46 46.90
N MET D 34 0.77 17.46 46.31
CA MET D 34 0.96 18.75 46.96
C MET D 34 0.53 19.87 46.03
N HIS D 35 0.06 20.97 46.63
CA HIS D 35 -0.38 22.15 45.89
C HIS D 35 0.47 23.35 46.28
N TRP D 36 0.36 24.40 45.46
CA TRP D 36 0.87 25.72 45.79
C TRP D 36 -0.30 26.69 45.77
N VAL D 37 -0.47 27.43 46.86
CA VAL D 37 -1.55 28.40 47.00
C VAL D 37 -0.96 29.74 47.38
N ARG D 38 -1.37 30.79 46.69
CA ARG D 38 -0.88 32.14 46.94
C ARG D 38 -2.03 33.03 47.40
N GLN D 39 -1.67 34.07 48.15
CA GLN D 39 -2.63 35.01 48.71
C GLN D 39 -2.09 36.42 48.57
N ALA D 40 -2.66 37.20 47.66
CA ALA D 40 -2.25 38.58 47.52
C ALA D 40 -2.69 39.39 48.75
N PRO D 41 -1.87 40.33 49.21
CA PRO D 41 -2.26 41.16 50.36
C PRO D 41 -3.56 41.89 50.08
N GLY D 42 -4.50 41.77 51.02
CA GLY D 42 -5.82 42.35 50.85
C GLY D 42 -6.78 41.52 50.02
N LYS D 43 -6.37 40.34 49.57
CA LYS D 43 -7.19 39.48 48.74
C LYS D 43 -7.31 38.10 49.39
N GLY D 44 -8.18 37.28 48.82
CA GLY D 44 -8.39 35.93 49.31
C GLY D 44 -7.39 34.95 48.74
N LEU D 45 -7.57 33.68 49.11
CA LEU D 45 -6.69 32.63 48.65
C LEU D 45 -6.94 32.34 47.16
N GLU D 46 -5.86 32.07 46.44
CA GLU D 46 -5.92 31.78 45.01
C GLU D 46 -5.14 30.51 44.72
N TRP D 47 -5.81 29.56 44.08
CA TRP D 47 -5.15 28.29 43.68
C TRP D 47 -4.12 28.60 42.58
N VAL D 48 -3.05 27.84 42.53
CA VAL D 48 -1.99 28.06 41.54
C VAL D 48 -1.72 26.80 40.73
N ALA D 49 -1.30 25.73 41.41
CA ALA D 49 -0.87 24.53 40.70
C ALA D 49 -1.00 23.32 41.61
N VAL D 50 -0.77 22.14 41.02
CA VAL D 50 -0.91 20.87 41.72
C VAL D 50 -0.09 19.83 40.96
N ILE D 51 0.57 18.94 41.70
CA ILE D 51 1.30 17.82 41.11
C ILE D 51 0.85 16.55 41.81
N SER D 52 0.72 15.47 41.04
CA SER D 52 0.22 14.21 41.57
C SER D 52 1.30 13.52 42.40
N PHE D 53 1.03 12.28 42.82
CA PHE D 53 1.93 11.59 43.73
C PHE D 53 3.22 11.14 43.06
N ASP D 54 3.24 11.03 41.72
CA ASP D 54 4.45 10.65 41.00
C ASP D 54 5.00 11.76 40.11
N GLY D 55 4.14 12.51 39.43
CA GLY D 55 4.60 13.65 38.66
C GLY D 55 4.11 13.74 37.23
N ARG D 56 3.42 12.70 36.75
CA ARG D 56 2.96 12.72 35.37
C ARG D 56 1.80 13.68 35.17
N ASN D 57 0.98 13.88 36.19
CA ASN D 57 -0.21 14.73 36.09
C ASN D 57 0.02 16.03 36.84
N THR D 58 -0.04 17.15 36.12
CA THR D 58 0.07 18.47 36.71
C THR D 58 -1.00 19.37 36.12
N TYR D 59 -1.46 20.31 36.96
CA TYR D 59 -2.51 21.26 36.52
C TYR D 59 -2.08 22.68 36.91
N TYR D 60 -2.52 23.68 36.15
CA TYR D 60 -2.14 25.07 36.39
C TYR D 60 -3.36 25.96 36.32
N ALA D 61 -3.30 27.08 37.04
CA ALA D 61 -4.33 28.09 36.96
C ALA D 61 -4.19 28.90 35.67
N ASP D 62 -5.31 29.40 35.17
CA ASP D 62 -5.30 30.12 33.91
C ASP D 62 -4.50 31.41 33.98
N SER D 63 -4.35 31.97 35.18
CA SER D 63 -3.61 33.22 35.34
C SER D 63 -2.10 33.04 35.29
N VAL D 64 -1.60 31.83 35.48
CA VAL D 64 -0.16 31.60 35.50
C VAL D 64 0.19 30.44 34.56
N LYS D 65 -0.74 30.08 33.68
CA LYS D 65 -0.48 29.00 32.74
C LYS D 65 0.63 29.38 31.78
N GLY D 66 1.59 28.47 31.59
CA GLY D 66 2.70 28.70 30.71
C GLY D 66 3.92 29.32 31.36
N ARG D 67 3.73 30.19 32.35
CA ARG D 67 4.84 30.86 33.02
C ARG D 67 5.34 30.13 34.25
N PHE D 68 4.50 29.31 34.89
CA PHE D 68 4.86 28.63 36.12
C PHE D 68 5.04 27.14 35.88
N THR D 69 6.07 26.58 36.52
CA THR D 69 6.38 25.15 36.39
C THR D 69 6.50 24.55 37.79
N ILE D 70 5.83 23.42 38.00
CA ILE D 70 5.82 22.72 39.28
C ILE D 70 6.48 21.37 39.11
N SER D 71 7.29 20.98 40.11
CA SER D 71 8.02 19.72 40.06
C SER D 71 8.30 19.26 41.47
N ARG D 72 8.71 18.01 41.59
CA ARG D 72 9.01 17.41 42.90
C ARG D 72 10.16 16.43 42.75
N ASP D 73 10.81 16.13 43.87
CA ASP D 73 11.89 15.17 43.93
C ASP D 73 11.61 14.24 45.11
N ASN D 74 11.15 13.02 44.82
CA ASN D 74 10.78 12.09 45.88
C ASN D 74 11.98 11.65 46.70
N SER D 75 13.16 11.60 46.10
CA SER D 75 14.36 11.16 46.81
C SER D 75 14.83 12.18 47.83
N LYS D 76 14.28 13.39 47.84
CA LYS D 76 14.65 14.42 48.79
C LYS D 76 13.49 14.94 49.62
N ASN D 77 12.26 14.51 49.35
CA ASN D 77 11.07 15.02 50.02
C ASN D 77 10.97 16.53 49.88
N THR D 78 11.18 17.01 48.65
CA THR D 78 11.16 18.44 48.36
C THR D 78 10.19 18.72 47.22
N LEU D 79 9.62 19.91 47.25
CA LEU D 79 8.71 20.39 46.21
C LEU D 79 9.19 21.74 45.71
N TYR D 80 9.16 21.92 44.39
CA TYR D 80 9.67 23.12 43.76
C TYR D 80 8.58 23.84 42.97
N LEU D 81 8.87 25.10 42.64
CA LEU D 81 8.01 25.88 41.76
C LEU D 81 8.89 26.87 41.02
N GLN D 82 9.07 26.67 39.71
CA GLN D 82 9.88 27.55 38.90
C GLN D 82 9.01 28.62 38.28
N MET D 83 9.31 29.88 38.58
CA MET D 83 8.54 31.02 38.13
C MET D 83 9.33 31.77 37.07
N ASN D 84 8.67 32.13 35.97
CA ASN D 84 9.31 32.85 34.87
C ASN D 84 8.41 33.98 34.40
N SER D 85 9.04 35.04 33.90
CA SER D 85 8.34 36.23 33.41
C SER D 85 7.42 36.80 34.49
N LEU D 86 8.04 37.18 35.60
CA LEU D 86 7.29 37.68 36.75
C LEU D 86 6.76 39.08 36.45
N ARG D 87 5.46 39.27 36.67
CA ARG D 87 4.80 40.55 36.46
C ARG D 87 4.43 41.17 37.81
N ALA D 88 3.82 42.35 37.75
CA ALA D 88 3.55 43.12 38.96
C ALA D 88 2.53 42.40 39.86
N GLU D 89 1.49 41.82 39.26
CA GLU D 89 0.41 41.24 40.06
C GLU D 89 0.83 39.97 40.77
N ASP D 90 2.00 39.41 40.49
CA ASP D 90 2.46 38.20 41.14
C ASP D 90 3.02 38.45 42.54
N THR D 91 2.79 39.62 43.12
CA THR D 91 3.24 39.91 44.47
C THR D 91 2.24 39.37 45.47
N ALA D 92 2.65 38.38 46.25
CA ALA D 92 1.77 37.71 47.20
C ALA D 92 2.63 36.87 48.14
N VAL D 93 1.96 36.09 48.98
CA VAL D 93 2.60 35.08 49.82
C VAL D 93 2.11 33.72 49.38
N TYR D 94 3.04 32.81 49.13
CA TYR D 94 2.73 31.50 48.57
C TYR D 94 2.74 30.45 49.67
N TYR D 95 1.82 29.49 49.58
CA TYR D 95 1.69 28.42 50.56
C TYR D 95 1.80 27.07 49.85
N CYS D 96 2.53 26.15 50.47
CA CYS D 96 2.56 24.75 50.03
C CYS D 96 1.73 23.93 50.99
N ALA D 97 0.74 23.21 50.46
CA ALA D 97 -0.24 22.50 51.27
C ALA D 97 -0.35 21.06 50.82
N LYS D 98 -0.28 20.14 51.77
CA LYS D 98 -0.49 18.73 51.47
C LYS D 98 -1.96 18.47 51.13
N ALA D 99 -2.17 17.50 50.25
CA ALA D 99 -3.51 17.14 49.79
C ALA D 99 -3.94 15.82 50.40
N GLU D 100 -5.21 15.74 50.81
CA GLU D 100 -5.74 14.49 51.40
C GLU D 100 -6.85 13.96 50.49
N PRO D 101 -6.64 12.82 49.78
CA PRO D 101 -7.64 12.31 48.84
C PRO D 101 -9.04 12.21 49.45
N TYR D 102 -10.03 12.84 48.80
CA TYR D 102 -11.44 12.77 49.26
C TYR D 102 -12.32 12.90 48.02
N ILE D 103 -13.46 12.22 47.97
CA ILE D 103 -14.35 12.22 46.76
C ILE D 103 -13.48 12.10 45.50
N SER D 104 -12.91 13.22 45.01
CA SER D 104 -12.03 13.18 43.81
C SER D 104 -10.60 12.81 44.21
N SER D 105 -9.63 13.07 43.33
CA SER D 105 -8.21 12.72 43.61
C SER D 105 -7.70 13.51 44.82
N PHE D 106 -7.88 14.83 44.81
CA PHE D 106 -7.40 15.68 45.90
C PHE D 106 -8.20 16.97 45.97
N ASP D 107 -8.87 17.22 47.10
CA ASP D 107 -9.74 18.41 47.21
C ASP D 107 -9.53 19.12 48.55
N LEU D 108 -8.87 18.46 49.51
CA LEU D 108 -8.74 19.06 50.88
C LEU D 108 -7.29 19.44 51.15
N PHE D 109 -7.05 20.66 51.65
CA PHE D 109 -5.70 21.07 52.02
C PHE D 109 -5.58 20.98 53.53
N ASP D 110 -5.19 19.80 54.03
CA ASP D 110 -5.25 19.51 55.45
C ASP D 110 -4.10 20.07 56.28
N TYR D 111 -2.88 20.09 55.74
CA TYR D 111 -1.77 20.75 56.41
C TYR D 111 -1.16 21.82 55.52
N TRP D 112 -0.85 22.97 56.11
CA TRP D 112 -0.33 24.13 55.41
C TRP D 112 1.03 24.53 55.97
N GLY D 113 1.91 25.01 55.11
CA GLY D 113 3.15 25.59 55.57
C GLY D 113 2.97 27.03 56.03
N GLN D 114 4.03 27.58 56.61
CA GLN D 114 3.98 28.95 57.10
C GLN D 114 3.87 29.97 55.97
N GLY D 115 4.46 29.69 54.82
CA GLY D 115 4.38 30.57 53.68
C GLY D 115 5.61 31.48 53.56
N THR D 116 5.88 31.88 52.32
CA THR D 116 6.99 32.76 52.00
C THR D 116 6.48 33.94 51.20
N LEU D 117 7.22 35.04 51.24
CA LEU D 117 6.84 36.27 50.56
C LEU D 117 7.56 36.40 49.22
N VAL D 118 6.80 36.75 48.19
CA VAL D 118 7.34 37.08 46.88
C VAL D 118 6.78 38.44 46.48
N THR D 119 7.67 39.41 46.28
CA THR D 119 7.29 40.76 45.88
C THR D 119 8.18 41.21 44.72
N VAL D 120 7.59 41.93 43.77
CA VAL D 120 8.29 42.40 42.57
C VAL D 120 8.14 43.91 42.49
N SER D 121 9.25 44.60 42.22
CA SER D 121 9.25 46.05 42.14
C SER D 121 10.53 46.53 41.46
N SER D 122 10.47 47.75 40.92
CA SER D 122 11.61 48.35 40.25
C SER D 122 12.57 48.99 41.24
N GLU E 1 -16.57 28.92 35.24
CA GLU E 1 -16.03 28.98 36.60
C GLU E 1 -17.15 29.27 37.60
N ILE E 2 -17.19 28.48 38.67
CA ILE E 2 -18.18 28.65 39.73
C ILE E 2 -17.62 29.60 40.77
N VAL E 3 -18.37 30.65 41.09
CA VAL E 3 -17.91 31.72 41.99
C VAL E 3 -18.60 31.58 43.33
N MET E 4 -17.82 31.55 44.40
CA MET E 4 -18.36 31.60 45.75
C MET E 4 -18.69 33.03 46.11
N THR E 5 -19.73 33.19 46.94
CA THR E 5 -20.10 34.49 47.49
C THR E 5 -20.39 34.33 48.97
N GLN E 6 -19.77 35.18 49.79
CA GLN E 6 -20.05 35.15 51.26
C GLN E 6 -20.84 36.41 51.63
N SER E 7 -22.13 36.26 51.91
CA SER E 7 -23.00 37.44 52.19
C SER E 7 -22.52 38.23 53.40
N PRO E 8 -22.30 37.64 54.61
CA PRO E 8 -21.93 38.43 55.79
C PRO E 8 -20.43 38.77 55.83
N ALA E 9 -19.95 39.60 54.90
CA ALA E 9 -18.52 39.93 54.82
C ALA E 9 -18.03 40.49 56.16
N THR E 10 -18.81 41.36 56.79
CA THR E 10 -18.42 41.96 58.09
C THR E 10 -19.27 41.32 59.21
N LEU E 11 -18.62 40.85 60.28
CA LEU E 11 -19.34 40.19 61.40
C LEU E 11 -18.71 40.58 62.74
N SER E 12 -19.36 41.44 63.51
CA SER E 12 -18.87 41.77 64.85
C SER E 12 -19.85 41.24 65.89
N VAL E 13 -19.36 40.40 66.78
CA VAL E 13 -20.19 39.78 67.81
C VAL E 13 -19.34 39.53 69.05
N SER E 14 -19.89 39.85 70.21
CA SER E 14 -19.19 39.67 71.47
C SER E 14 -19.01 38.18 71.78
N PRO E 15 -17.97 37.81 72.52
CA PRO E 15 -17.80 36.40 72.91
C PRO E 15 -18.98 35.91 73.74
N GLY E 16 -19.35 34.65 73.51
CA GLY E 16 -20.36 33.97 74.30
C GLY E 16 -21.55 33.47 73.49
N GLU E 17 -22.00 34.24 72.51
CA GLU E 17 -23.21 33.92 71.77
C GLU E 17 -22.88 33.25 70.45
N ARG E 18 -23.90 33.05 69.62
CA ARG E 18 -23.79 32.30 68.39
C ARG E 18 -23.54 33.22 67.20
N ALA E 19 -22.75 32.74 66.24
CA ALA E 19 -22.50 33.44 64.99
C ALA E 19 -22.86 32.55 63.82
N THR E 20 -23.44 33.15 62.78
CA THR E 20 -23.88 32.42 61.60
C THR E 20 -23.29 33.06 60.35
N LEU E 21 -22.75 32.23 59.47
CA LEU E 21 -22.15 32.67 58.22
C LEU E 21 -22.73 31.86 57.06
N SER E 22 -22.67 32.42 55.86
CA SER E 22 -23.22 31.78 54.68
C SER E 22 -22.29 31.95 53.49
N CYS E 23 -22.29 30.95 52.62
CA CYS E 23 -21.55 30.98 51.36
C CYS E 23 -22.45 30.46 50.26
N ARG E 24 -22.44 31.14 49.11
CA ARG E 24 -23.32 30.81 48.00
C ARG E 24 -22.50 30.45 46.77
N ALA E 25 -22.94 29.42 46.05
CA ALA E 25 -22.29 28.97 44.83
C ALA E 25 -23.19 29.24 43.63
N SER E 26 -22.58 29.62 42.51
CA SER E 26 -23.35 29.97 41.32
C SER E 26 -24.07 28.76 40.75
N GLN E 27 -23.50 27.58 40.87
CA GLN E 27 -24.10 26.34 40.39
C GLN E 27 -24.20 25.35 41.53
N SER E 28 -24.96 24.27 41.30
CA SER E 28 -25.12 23.23 42.31
C SER E 28 -23.81 22.50 42.53
N ILE E 29 -23.35 22.45 43.77
CA ILE E 29 -22.11 21.78 44.13
C ILE E 29 -22.36 20.67 45.15
N SER E 30 -23.61 20.23 45.28
CA SER E 30 -24.01 19.15 46.21
C SER E 30 -23.55 19.56 47.61
N SER E 31 -22.93 18.67 48.37
CA SER E 31 -22.36 19.01 49.67
C SER E 31 -20.84 19.17 49.62
N ASN E 32 -20.29 19.38 48.42
CA ASN E 32 -18.85 19.45 48.22
C ASN E 32 -18.38 20.87 48.50
N LEU E 33 -18.04 21.12 49.76
CA LEU E 33 -17.54 22.43 50.15
C LEU E 33 -16.81 22.28 51.48
N ALA E 34 -15.84 23.16 51.73
CA ALA E 34 -15.05 23.12 52.94
C ALA E 34 -14.91 24.52 53.52
N TRP E 35 -14.71 24.58 54.83
CA TRP E 35 -14.49 25.82 55.56
C TRP E 35 -13.09 25.83 56.16
N TYR E 36 -12.45 27.00 56.13
CA TYR E 36 -11.11 27.17 56.67
C TYR E 36 -11.08 28.35 57.64
N HIS E 37 -10.25 28.22 58.67
CA HIS E 37 -10.12 29.23 59.72
C HIS E 37 -8.72 29.83 59.64
N GLN E 38 -8.63 31.15 59.56
CA GLN E 38 -7.36 31.83 59.38
C GLN E 38 -7.32 33.09 60.23
N LYS E 39 -6.47 33.10 61.23
CA LYS E 39 -6.14 34.30 61.97
C LYS E 39 -5.14 35.12 61.16
N PRO E 40 -4.99 36.41 61.46
CA PRO E 40 -4.02 37.23 60.71
C PRO E 40 -2.59 36.77 60.96
N GLY E 41 -1.86 36.52 59.89
CA GLY E 41 -0.46 36.14 59.96
C GLY E 41 -0.18 34.66 60.03
N GLN E 42 -1.20 33.81 60.09
CA GLN E 42 -1.01 32.37 60.20
C GLN E 42 -1.59 31.65 58.99
N ALA E 43 -1.20 30.39 58.84
CA ALA E 43 -1.69 29.53 57.78
C ALA E 43 -3.11 29.07 58.08
N PRO E 44 -3.97 28.95 57.07
CA PRO E 44 -5.34 28.51 57.31
C PRO E 44 -5.40 27.08 57.84
N ARG E 45 -6.45 26.78 58.60
CA ARG E 45 -6.66 25.47 59.19
C ARG E 45 -8.01 24.92 58.76
N LEU E 46 -8.08 23.60 58.57
CA LEU E 46 -9.31 22.96 58.14
C LEU E 46 -10.28 22.85 59.30
N LEU E 47 -11.53 23.24 59.07
CA LEU E 47 -12.58 23.16 60.08
C LEU E 47 -13.65 22.14 59.72
N ILE E 48 -14.31 22.32 58.58
CA ILE E 48 -15.43 21.48 58.17
C ILE E 48 -15.21 21.03 56.73
N TYR E 49 -15.43 19.74 56.50
CA TYR E 49 -15.36 19.19 55.12
C TYR E 49 -16.70 18.50 54.87
N GLY E 50 -17.07 18.36 53.61
CA GLY E 50 -18.35 17.76 53.26
C GLY E 50 -19.55 18.58 53.63
N ALA E 51 -19.34 19.81 54.12
CA ALA E 51 -20.36 20.79 54.47
C ALA E 51 -21.13 20.40 55.74
N SER E 52 -20.93 19.17 56.22
CA SER E 52 -21.60 18.74 57.44
C SER E 52 -20.72 17.96 58.40
N THR E 53 -19.46 17.69 58.05
CA THR E 53 -18.60 16.82 58.84
C THR E 53 -17.42 17.61 59.38
N ARG E 54 -17.22 17.54 60.69
CA ARG E 54 -16.11 18.22 61.35
C ARG E 54 -14.81 17.47 61.12
N ALA E 55 -13.71 18.21 61.18
CA ALA E 55 -12.38 17.63 61.04
C ALA E 55 -11.87 17.13 62.40
N THR E 56 -10.74 16.43 62.36
CA THR E 56 -10.15 15.92 63.58
C THR E 56 -9.61 17.05 64.44
N GLY E 57 -9.79 16.94 65.75
CA GLY E 57 -9.34 17.97 66.66
C GLY E 57 -10.21 19.21 66.70
N ILE E 58 -11.38 19.19 66.06
CA ILE E 58 -12.26 20.34 65.99
C ILE E 58 -13.28 20.23 67.13
N PRO E 59 -13.39 21.23 68.00
CA PRO E 59 -14.41 21.19 69.05
C PRO E 59 -15.81 21.16 68.47
N ALA E 60 -16.73 20.58 69.24
CA ALA E 60 -18.09 20.34 68.77
C ALA E 60 -18.88 21.62 68.51
N ARG E 61 -18.40 22.77 68.99
CA ARG E 61 -19.13 24.02 68.79
C ARG E 61 -19.20 24.42 67.31
N PHE E 62 -18.28 23.93 66.48
CA PHE E 62 -18.27 24.24 65.06
C PHE E 62 -19.21 23.30 64.33
N SER E 63 -20.11 23.87 63.53
CA SER E 63 -21.07 23.07 62.79
C SER E 63 -21.45 23.78 61.50
N GLY E 64 -21.96 23.02 60.54
CA GLY E 64 -22.38 23.56 59.27
C GLY E 64 -23.58 22.80 58.72
N SER E 65 -24.21 23.41 57.73
CA SER E 65 -25.37 22.81 57.08
C SER E 65 -25.55 23.41 55.70
N GLY E 66 -26.41 22.77 54.91
CA GLY E 66 -26.73 23.28 53.59
C GLY E 66 -26.31 22.34 52.48
N SER E 67 -27.04 22.36 51.37
CA SER E 67 -26.71 21.53 50.22
C SER E 67 -27.16 22.24 48.95
N GLY E 68 -26.52 21.92 47.85
CA GLY E 68 -26.81 22.56 46.56
C GLY E 68 -25.98 23.81 46.36
N THR E 69 -26.63 24.97 46.44
CA THR E 69 -25.96 26.26 46.27
C THR E 69 -25.97 27.11 47.54
N GLU E 70 -26.68 26.70 48.58
CA GLU E 70 -26.78 27.46 49.82
C GLU E 70 -26.16 26.65 50.95
N PHE E 71 -25.30 27.31 51.73
CA PHE E 71 -24.62 26.65 52.83
C PHE E 71 -24.49 27.64 53.99
N THR E 72 -24.38 27.10 55.20
CA THR E 72 -24.18 27.92 56.39
C THR E 72 -23.14 27.29 57.31
N LEU E 73 -22.40 28.14 58.00
CA LEU E 73 -21.42 27.73 59.00
C LEU E 73 -21.81 28.37 60.33
N THR E 74 -22.01 27.55 61.35
CA THR E 74 -22.55 28.00 62.62
C THR E 74 -21.57 27.69 63.76
N ILE E 75 -21.26 28.70 64.55
CA ILE E 75 -20.49 28.54 65.78
C ILE E 75 -21.41 28.84 66.94
N SER E 76 -21.65 27.84 67.80
CA SER E 76 -22.61 28.01 68.89
C SER E 76 -22.09 28.97 69.95
N SER E 77 -20.84 28.79 70.37
CA SER E 77 -20.23 29.61 71.42
C SER E 77 -18.86 30.06 70.95
N LEU E 78 -18.68 31.36 70.76
CA LEU E 78 -17.40 31.89 70.32
C LEU E 78 -16.45 32.05 71.50
N GLN E 79 -15.20 31.69 71.28
CA GLN E 79 -14.13 31.78 72.28
C GLN E 79 -13.07 32.76 71.81
N SER E 80 -12.01 32.90 72.62
CA SER E 80 -10.99 33.90 72.34
C SER E 80 -10.19 33.60 71.09
N GLU E 81 -10.25 32.37 70.58
CA GLU E 81 -9.50 31.98 69.39
C GLU E 81 -10.38 31.87 68.15
N ASP E 82 -11.59 32.41 68.18
CA ASP E 82 -12.53 32.26 67.08
C ASP E 82 -12.72 33.52 66.26
N PHE E 83 -12.22 34.67 66.71
CA PHE E 83 -12.37 35.91 65.96
C PHE E 83 -11.31 35.94 64.87
N ALA E 84 -11.68 35.52 63.67
CA ALA E 84 -10.74 35.44 62.55
C ALA E 84 -11.54 35.48 61.25
N VAL E 85 -10.86 35.14 60.15
CA VAL E 85 -11.46 35.19 58.82
C VAL E 85 -11.73 33.76 58.35
N TYR E 86 -12.92 33.52 57.83
CA TYR E 86 -13.35 32.20 57.38
C TYR E 86 -13.55 32.23 55.88
N TYR E 87 -13.05 31.20 55.19
CA TYR E 87 -13.14 31.09 53.75
C TYR E 87 -13.90 29.83 53.36
N CYS E 88 -14.73 29.94 52.34
CA CYS E 88 -15.45 28.80 51.79
C CYS E 88 -14.84 28.42 50.44
N GLN E 89 -14.52 27.14 50.28
CA GLN E 89 -13.91 26.64 49.06
C GLN E 89 -14.71 25.47 48.53
N GLN E 90 -15.07 25.53 47.25
CA GLN E 90 -15.77 24.44 46.60
C GLN E 90 -14.77 23.44 46.02
N TYR E 91 -15.25 22.20 45.84
CA TYR E 91 -14.38 21.18 45.20
C TYR E 91 -15.24 20.18 44.41
N ASN E 92 -16.47 20.56 44.05
CA ASN E 92 -17.27 19.68 43.21
C ASN E 92 -16.72 19.64 41.79
N ASN E 93 -16.63 20.82 41.16
CA ASN E 93 -15.95 20.87 39.84
C ASN E 93 -14.45 20.87 40.17
N TRP E 94 -13.82 19.70 40.12
CA TRP E 94 -12.40 19.57 40.56
C TRP E 94 -11.43 20.48 39.79
N PRO E 95 -11.42 20.52 38.43
CA PRO E 95 -10.40 21.32 37.71
C PRO E 95 -10.30 22.81 38.06
N PRO E 96 -11.38 23.62 38.10
CA PRO E 96 -11.26 25.07 38.33
C PRO E 96 -10.62 25.48 39.67
N LEU E 97 -11.18 25.02 40.80
CA LEU E 97 -10.69 25.40 42.16
C LEU E 97 -10.99 26.88 42.44
N THR E 98 -11.89 27.16 43.39
CA THR E 98 -12.31 28.51 43.70
C THR E 98 -12.47 28.70 45.21
N PHE E 99 -12.27 29.94 45.65
CA PHE E 99 -12.39 30.32 47.05
C PHE E 99 -13.34 31.50 47.17
N GLY E 100 -13.95 31.62 48.35
CA GLY E 100 -14.80 32.75 48.63
C GLY E 100 -14.01 33.99 49.00
N GLY E 101 -14.72 35.13 49.05
CA GLY E 101 -14.08 36.37 49.43
C GLY E 101 -13.65 36.40 50.88
N GLY E 102 -14.30 35.61 51.73
CA GLY E 102 -13.95 35.55 53.13
C GLY E 102 -14.76 36.51 53.99
N THR E 103 -14.95 36.16 55.27
CA THR E 103 -15.68 37.06 56.22
C THR E 103 -14.78 37.39 57.41
N LYS E 104 -14.77 38.65 57.91
CA LYS E 104 -13.92 38.91 59.10
C LYS E 104 -14.79 38.95 60.35
N VAL E 105 -14.62 37.99 61.28
CA VAL E 105 -15.36 37.99 62.53
C VAL E 105 -14.53 38.68 63.59
N GLU E 106 -15.10 39.68 64.25
CA GLU E 106 -14.37 40.50 65.20
C GLU E 106 -15.21 40.68 66.46
N ILE E 107 -14.57 41.24 67.49
CA ILE E 107 -15.25 41.51 68.75
C ILE E 107 -16.13 42.74 68.59
N LYS E 108 -17.34 42.67 69.14
CA LYS E 108 -18.27 43.79 69.08
C LYS E 108 -17.78 44.94 69.95
N GLN F 1 -46.74 -43.12 -13.49
CA GLN F 1 -47.24 -42.30 -12.40
C GLN F 1 -46.08 -41.85 -11.49
N VAL F 2 -46.26 -40.69 -10.85
CA VAL F 2 -45.24 -40.17 -9.96
C VAL F 2 -45.27 -40.93 -8.64
N GLN F 3 -44.10 -41.40 -8.22
CA GLN F 3 -43.97 -42.14 -6.97
C GLN F 3 -42.87 -41.52 -6.13
N LEU F 4 -43.18 -41.21 -4.87
CA LEU F 4 -42.22 -40.72 -3.91
C LEU F 4 -42.17 -41.69 -2.73
N VAL F 5 -41.07 -42.42 -2.59
CA VAL F 5 -40.92 -43.43 -1.56
C VAL F 5 -39.78 -43.01 -0.64
N GLU F 6 -40.07 -42.93 0.65
CA GLU F 6 -39.07 -42.59 1.66
C GLU F 6 -38.52 -43.85 2.30
N SER F 7 -37.29 -43.75 2.79
CA SER F 7 -36.62 -44.89 3.43
C SER F 7 -35.49 -44.37 4.31
N GLY F 8 -35.00 -45.25 5.17
CA GLY F 8 -33.89 -44.95 6.04
C GLY F 8 -34.25 -44.61 7.47
N GLY F 9 -35.53 -44.53 7.80
CA GLY F 9 -35.94 -44.24 9.16
C GLY F 9 -35.81 -45.44 10.08
N GLY F 10 -36.05 -45.19 11.36
CA GLY F 10 -35.98 -46.24 12.36
C GLY F 10 -35.86 -45.65 13.75
N VAL F 11 -35.30 -46.46 14.65
CA VAL F 11 -35.08 -46.07 16.03
C VAL F 11 -33.64 -45.59 16.18
N VAL F 12 -33.43 -44.62 17.07
CA VAL F 12 -32.11 -44.04 17.30
C VAL F 12 -32.05 -43.51 18.73
N GLN F 13 -30.82 -43.41 19.25
CA GLN F 13 -30.59 -42.85 20.56
C GLN F 13 -30.39 -41.34 20.48
N PRO F 14 -30.62 -40.62 21.57
CA PRO F 14 -30.36 -39.17 21.56
C PRO F 14 -28.90 -38.86 21.28
N GLY F 15 -28.67 -37.79 20.53
CA GLY F 15 -27.33 -37.34 20.22
C GLY F 15 -26.66 -38.03 19.05
N ARG F 16 -27.36 -38.92 18.34
CA ARG F 16 -26.79 -39.62 17.21
C ARG F 16 -27.28 -38.99 15.90
N SER F 17 -26.95 -39.65 14.79
CA SER F 17 -27.24 -39.13 13.46
C SER F 17 -27.99 -40.18 12.65
N LEU F 18 -28.79 -39.71 11.69
CA LEU F 18 -29.53 -40.58 10.79
C LEU F 18 -29.66 -39.89 9.44
N ARG F 19 -29.79 -40.69 8.38
CA ARG F 19 -29.90 -40.19 7.02
C ARG F 19 -31.15 -40.79 6.37
N LEU F 20 -31.95 -39.93 5.76
CA LEU F 20 -33.17 -40.35 5.06
C LEU F 20 -33.00 -40.13 3.56
N SER F 21 -33.76 -40.92 2.79
CA SER F 21 -33.75 -40.82 1.33
C SER F 21 -35.17 -40.85 0.81
N CYS F 22 -35.38 -40.19 -0.32
CA CYS F 22 -36.69 -40.16 -0.97
C CYS F 22 -36.47 -40.32 -2.48
N ALA F 23 -36.70 -41.52 -2.99
CA ALA F 23 -36.54 -41.80 -4.41
C ALA F 23 -37.72 -41.24 -5.20
N ALA F 24 -37.42 -40.71 -6.38
CA ALA F 24 -38.44 -40.10 -7.23
C ALA F 24 -38.43 -40.72 -8.62
N SER F 25 -39.62 -40.87 -9.19
CA SER F 25 -39.76 -41.44 -10.52
C SER F 25 -41.09 -41.00 -11.11
N GLY F 26 -41.20 -41.10 -12.44
CA GLY F 26 -42.43 -40.81 -13.14
C GLY F 26 -42.65 -39.35 -13.50
N PHE F 27 -41.64 -38.51 -13.38
CA PHE F 27 -41.79 -37.09 -13.68
C PHE F 27 -40.40 -36.50 -13.93
N PRO F 28 -40.32 -35.33 -14.57
CA PRO F 28 -39.00 -34.70 -14.79
C PRO F 28 -38.41 -34.15 -13.50
N PHE F 29 -37.73 -35.02 -12.76
CA PHE F 29 -37.24 -34.69 -11.42
C PHE F 29 -36.24 -33.53 -11.41
N ILE F 30 -35.50 -33.32 -12.50
CA ILE F 30 -34.39 -32.37 -12.43
C ILE F 30 -34.83 -30.92 -12.50
N ILE F 31 -36.11 -30.65 -12.81
CA ILE F 31 -36.57 -29.29 -13.04
C ILE F 31 -37.52 -28.82 -11.94
N TYR F 32 -37.61 -29.54 -10.83
CA TYR F 32 -38.48 -29.16 -9.73
C TYR F 32 -37.71 -29.17 -8.42
N GLY F 33 -38.09 -28.28 -7.52
CA GLY F 33 -37.61 -28.34 -6.16
C GLY F 33 -38.40 -29.32 -5.32
N MET F 34 -37.83 -29.71 -4.19
CA MET F 34 -38.49 -30.65 -3.28
C MET F 34 -38.44 -30.13 -1.86
N HIS F 35 -39.31 -30.69 -1.03
CA HIS F 35 -39.50 -30.28 0.35
C HIS F 35 -39.48 -31.47 1.28
N TRP F 36 -39.02 -31.24 2.51
CA TRP F 36 -39.15 -32.19 3.60
C TRP F 36 -40.08 -31.59 4.64
N VAL F 37 -41.14 -32.32 4.99
CA VAL F 37 -42.13 -31.87 5.95
C VAL F 37 -42.35 -32.98 6.97
N ARG F 38 -42.35 -32.61 8.25
CA ARG F 38 -42.50 -33.55 9.34
C ARG F 38 -43.75 -33.23 10.14
N GLN F 39 -44.34 -34.27 10.72
CA GLN F 39 -45.55 -34.15 11.52
C GLN F 39 -45.38 -34.96 12.79
N ALA F 40 -45.20 -34.26 13.92
CA ALA F 40 -45.14 -34.94 15.20
C ALA F 40 -46.51 -35.51 15.55
N PRO F 41 -46.56 -36.66 16.21
CA PRO F 41 -47.87 -37.24 16.58
C PRO F 41 -48.66 -36.28 17.46
N GLY F 42 -49.95 -36.14 17.17
CA GLY F 42 -50.79 -35.22 17.88
C GLY F 42 -50.59 -33.76 17.53
N LYS F 43 -49.81 -33.46 16.50
CA LYS F 43 -49.53 -32.10 16.07
C LYS F 43 -49.79 -31.95 14.57
N GLY F 44 -49.74 -30.71 14.11
CA GLY F 44 -49.93 -30.41 12.71
C GLY F 44 -48.66 -30.55 11.89
N LEU F 45 -48.79 -30.23 10.61
CA LEU F 45 -47.65 -30.31 9.70
C LEU F 45 -46.65 -29.20 10.00
N GLU F 46 -45.36 -29.52 9.87
CA GLU F 46 -44.29 -28.55 10.09
C GLU F 46 -43.31 -28.60 8.92
N TRP F 47 -42.96 -27.44 8.40
CA TRP F 47 -42.00 -27.33 7.31
C TRP F 47 -40.58 -27.42 7.85
N VAL F 48 -39.71 -28.11 7.11
CA VAL F 48 -38.37 -28.40 7.60
C VAL F 48 -37.29 -27.77 6.73
N ALA F 49 -37.23 -28.18 5.45
CA ALA F 49 -36.14 -27.74 4.59
C ALA F 49 -36.63 -27.67 3.15
N VAL F 50 -35.75 -27.17 2.28
CA VAL F 50 -36.06 -26.99 0.86
C VAL F 50 -34.73 -26.86 0.12
N ILE F 51 -34.71 -27.38 -1.11
CA ILE F 51 -33.55 -27.26 -2.00
C ILE F 51 -34.06 -26.97 -3.41
N SER F 52 -33.36 -26.08 -4.11
CA SER F 52 -33.80 -25.61 -5.43
C SER F 52 -33.59 -26.70 -6.48
N PHE F 53 -33.82 -26.36 -7.74
CA PHE F 53 -33.78 -27.36 -8.81
C PHE F 53 -32.36 -27.81 -9.13
N ASP F 54 -31.35 -26.99 -8.83
CA ASP F 54 -29.96 -27.37 -9.04
C ASP F 54 -29.20 -27.65 -7.76
N GLY F 55 -29.41 -26.83 -6.73
CA GLY F 55 -28.80 -27.12 -5.43
C GLY F 55 -28.13 -25.94 -4.75
N ARG F 56 -28.05 -24.80 -5.44
CA ARG F 56 -27.33 -23.67 -4.86
C ARG F 56 -28.13 -22.97 -3.78
N ASN F 57 -29.46 -23.02 -3.85
CA ASN F 57 -30.33 -22.32 -2.91
C ASN F 57 -30.99 -23.33 -1.98
N THR F 58 -30.74 -23.20 -0.69
CA THR F 58 -31.38 -24.02 0.33
C THR F 58 -31.75 -23.14 1.52
N TYR F 59 -32.90 -23.48 2.12
CA TYR F 59 -33.39 -22.73 3.30
C TYR F 59 -33.74 -23.76 4.39
N TYR F 60 -33.69 -23.35 5.65
CA TYR F 60 -33.92 -24.24 6.78
C TYR F 60 -34.85 -23.59 7.78
N ALA F 61 -35.65 -24.42 8.45
CA ALA F 61 -36.48 -23.95 9.54
C ALA F 61 -35.62 -23.60 10.74
N ASP F 62 -36.10 -22.63 11.54
CA ASP F 62 -35.30 -22.14 12.65
C ASP F 62 -35.08 -23.22 13.71
N SER F 63 -35.98 -24.20 13.80
CA SER F 63 -35.84 -25.26 14.79
C SER F 63 -34.78 -26.30 14.44
N VAL F 64 -34.40 -26.40 13.17
CA VAL F 64 -33.46 -27.43 12.73
C VAL F 64 -32.25 -26.80 12.05
N LYS F 65 -32.18 -25.47 12.06
CA LYS F 65 -31.07 -24.78 11.43
C LYS F 65 -29.76 -25.11 12.13
N GLY F 66 -28.75 -25.46 11.35
CA GLY F 66 -27.45 -25.80 11.87
C GLY F 66 -27.25 -27.26 12.22
N ARG F 67 -28.31 -28.06 12.19
CA ARG F 67 -28.23 -29.49 12.48
C ARG F 67 -28.66 -30.38 11.33
N PHE F 68 -29.59 -29.93 10.49
CA PHE F 68 -30.11 -30.72 9.39
C PHE F 68 -29.50 -30.25 8.08
N THR F 69 -29.13 -31.21 7.24
CA THR F 69 -28.52 -30.93 5.94
C THR F 69 -29.35 -31.59 4.84
N ILE F 70 -29.66 -30.83 3.80
CA ILE F 70 -30.48 -31.32 2.69
C ILE F 70 -29.64 -31.27 1.42
N SER F 71 -29.79 -32.31 0.60
CA SER F 71 -29.05 -32.38 -0.66
C SER F 71 -29.81 -33.31 -1.60
N ARG F 72 -29.44 -33.24 -2.88
CA ARG F 72 -30.08 -34.06 -3.90
C ARG F 72 -29.00 -34.58 -4.85
N ASP F 73 -29.39 -35.57 -5.65
CA ASP F 73 -28.51 -36.15 -6.66
C ASP F 73 -29.34 -36.30 -7.92
N ASN F 74 -29.13 -35.42 -8.90
CA ASN F 74 -29.92 -35.44 -10.11
C ASN F 74 -29.65 -36.69 -10.95
N SER F 75 -28.43 -37.23 -10.86
CA SER F 75 -28.07 -38.39 -11.68
C SER F 75 -28.76 -39.67 -11.24
N LYS F 76 -29.36 -39.70 -10.05
CA LYS F 76 -30.03 -40.89 -9.55
C LYS F 76 -31.48 -40.65 -9.15
N ASN F 77 -31.98 -39.40 -9.26
CA ASN F 77 -33.35 -39.06 -8.89
C ASN F 77 -33.67 -39.41 -7.44
N THR F 78 -32.76 -39.06 -6.54
CA THR F 78 -32.98 -39.26 -5.12
C THR F 78 -32.76 -37.95 -4.37
N LEU F 79 -33.43 -37.84 -3.22
CA LEU F 79 -33.31 -36.69 -2.34
C LEU F 79 -32.86 -37.19 -0.96
N TYR F 80 -31.97 -36.43 -0.32
CA TYR F 80 -31.40 -36.83 0.97
C TYR F 80 -31.70 -35.79 2.03
N LEU F 81 -31.61 -36.23 3.29
CA LEU F 81 -31.72 -35.32 4.44
C LEU F 81 -30.86 -35.87 5.55
N GLN F 82 -29.70 -35.25 5.77
CA GLN F 82 -28.77 -35.66 6.81
C GLN F 82 -29.13 -34.97 8.12
N MET F 83 -29.30 -35.76 9.17
CA MET F 83 -29.68 -35.26 10.48
C MET F 83 -28.55 -35.50 11.47
N ASN F 84 -28.26 -34.49 12.30
CA ASN F 84 -27.22 -34.59 13.31
C ASN F 84 -27.72 -34.01 14.63
N SER F 85 -27.23 -34.59 15.73
CA SER F 85 -27.57 -34.18 17.09
C SER F 85 -29.08 -34.19 17.30
N LEU F 86 -29.65 -35.39 17.21
CA LEU F 86 -31.09 -35.57 17.34
C LEU F 86 -31.51 -35.43 18.81
N ARG F 87 -32.54 -34.63 19.05
CA ARG F 87 -33.11 -34.44 20.37
C ARG F 87 -34.48 -35.10 20.45
N ALA F 88 -35.10 -35.01 21.63
CA ALA F 88 -36.34 -35.72 21.88
C ALA F 88 -37.46 -35.25 20.96
N GLU F 89 -37.57 -33.93 20.74
CA GLU F 89 -38.68 -33.40 19.97
C GLU F 89 -38.60 -33.74 18.49
N ASP F 90 -37.49 -34.30 18.02
CA ASP F 90 -37.32 -34.65 16.62
C ASP F 90 -38.00 -35.96 16.24
N THR F 91 -38.83 -36.53 17.11
CA THR F 91 -39.55 -37.76 16.80
C THR F 91 -40.83 -37.40 16.04
N ALA F 92 -40.93 -37.87 14.80
CA ALA F 92 -42.08 -37.57 13.95
C ALA F 92 -42.02 -38.48 12.72
N VAL F 93 -42.89 -38.20 11.76
CA VAL F 93 -42.88 -38.86 10.46
C VAL F 93 -42.58 -37.82 9.40
N TYR F 94 -41.64 -38.13 8.52
CA TYR F 94 -41.11 -37.17 7.56
C TYR F 94 -41.60 -37.48 6.15
N TYR F 95 -42.10 -36.45 5.47
CA TYR F 95 -42.67 -36.56 4.14
C TYR F 95 -41.81 -35.77 3.15
N CYS F 96 -41.59 -36.33 1.97
CA CYS F 96 -40.94 -35.62 0.88
C CYS F 96 -42.01 -35.22 -0.13
N ALA F 97 -42.07 -33.92 -0.44
CA ALA F 97 -43.17 -33.36 -1.22
C ALA F 97 -42.63 -32.64 -2.44
N LYS F 98 -43.20 -32.93 -3.60
CA LYS F 98 -42.85 -32.22 -4.82
C LYS F 98 -43.38 -30.79 -4.76
N ALA F 99 -42.68 -29.88 -5.45
CA ALA F 99 -43.02 -28.47 -5.45
C ALA F 99 -43.47 -28.04 -6.83
N GLU F 100 -44.45 -27.14 -6.87
CA GLU F 100 -44.93 -26.59 -8.18
C GLU F 100 -44.89 -25.07 -8.11
N PRO F 101 -44.12 -24.38 -8.97
CA PRO F 101 -43.99 -22.91 -8.89
C PRO F 101 -45.35 -22.20 -8.93
N TYR F 102 -45.61 -21.34 -7.94
CA TYR F 102 -46.88 -20.58 -7.88
C TYR F 102 -46.64 -19.30 -7.09
N ILE F 103 -46.85 -18.13 -7.73
CA ILE F 103 -46.60 -16.81 -7.06
C ILE F 103 -45.09 -16.65 -6.81
N SER F 104 -44.50 -17.55 -6.00
CA SER F 104 -43.04 -17.50 -5.73
C SER F 104 -42.36 -18.73 -6.32
N SER F 105 -41.09 -18.97 -5.95
CA SER F 105 -40.33 -20.11 -6.53
C SER F 105 -41.06 -21.43 -6.30
N PHE F 106 -41.56 -21.66 -5.08
CA PHE F 106 -42.24 -22.94 -4.75
C PHE F 106 -43.19 -22.74 -3.56
N ASP F 107 -44.49 -22.92 -3.77
CA ASP F 107 -45.46 -22.61 -2.68
C ASP F 107 -46.50 -23.72 -2.53
N LEU F 108 -46.55 -24.66 -3.48
CA LEU F 108 -47.62 -25.70 -3.44
C LEU F 108 -46.99 -27.09 -3.35
N PHE F 109 -47.42 -27.90 -2.38
CA PHE F 109 -46.93 -29.28 -2.28
C PHE F 109 -47.92 -30.15 -3.02
N ASP F 110 -47.59 -30.53 -4.26
CA ASP F 110 -48.56 -31.20 -5.11
C ASP F 110 -48.65 -32.71 -4.87
N TYR F 111 -47.52 -33.40 -4.81
CA TYR F 111 -47.49 -34.83 -4.53
C TYR F 111 -46.71 -35.08 -3.24
N TRP F 112 -47.23 -35.98 -2.41
CA TRP F 112 -46.62 -36.31 -1.12
C TRP F 112 -46.25 -37.77 -1.10
N GLY F 113 -45.13 -38.08 -0.43
CA GLY F 113 -44.74 -39.46 -0.25
C GLY F 113 -45.46 -40.12 0.92
N GLN F 114 -45.31 -41.45 1.01
CA GLN F 114 -45.91 -42.20 2.10
C GLN F 114 -45.28 -41.88 3.44
N GLY F 115 -44.01 -41.49 3.47
CA GLY F 115 -43.35 -41.08 4.69
C GLY F 115 -42.76 -42.24 5.47
N THR F 116 -41.80 -41.90 6.33
CA THR F 116 -41.17 -42.85 7.23
C THR F 116 -41.15 -42.28 8.63
N LEU F 117 -41.30 -43.16 9.62
CA LEU F 117 -41.28 -42.77 11.02
C LEU F 117 -39.83 -42.73 11.51
N VAL F 118 -39.52 -41.71 12.29
CA VAL F 118 -38.30 -41.66 13.09
C VAL F 118 -38.72 -41.42 14.53
N THR F 119 -38.11 -42.17 15.44
CA THR F 119 -38.34 -42.01 16.87
C THR F 119 -36.99 -42.02 17.58
N VAL F 120 -36.86 -41.22 18.62
CA VAL F 120 -35.63 -41.16 19.42
C VAL F 120 -35.99 -41.45 20.86
N SER F 121 -35.26 -42.38 21.47
CA SER F 121 -35.54 -42.82 22.84
C SER F 121 -34.31 -43.51 23.41
N SER F 122 -34.28 -43.64 24.73
CA SER F 122 -33.18 -44.28 25.42
C SER F 122 -33.44 -45.77 25.61
N GLU G 1 -43.42 -13.89 12.13
CA GLU G 1 -44.04 -15.12 11.65
C GLU G 1 -45.56 -15.00 11.68
N ILE G 2 -46.19 -15.30 10.56
CA ILE G 2 -47.64 -15.24 10.45
C ILE G 2 -48.24 -16.52 11.01
N VAL G 3 -49.05 -16.40 12.06
CA VAL G 3 -49.63 -17.53 12.75
C VAL G 3 -51.02 -17.77 12.18
N MET G 4 -51.41 -19.04 12.05
CA MET G 4 -52.58 -19.40 11.29
C MET G 4 -53.58 -20.15 12.17
N THR G 5 -54.69 -19.46 12.51
CA THR G 5 -55.64 -19.99 13.51
C THR G 5 -56.86 -20.66 12.89
N GLN G 6 -57.19 -21.88 13.34
CA GLN G 6 -58.35 -22.62 12.79
C GLN G 6 -59.58 -22.34 13.66
N SER G 7 -60.56 -21.59 13.13
CA SER G 7 -61.76 -21.23 13.93
C SER G 7 -62.43 -22.49 14.47
N PRO G 8 -62.75 -23.53 13.65
CA PRO G 8 -63.31 -24.77 14.18
C PRO G 8 -62.21 -25.79 14.51
N ALA G 9 -62.02 -26.10 15.79
CA ALA G 9 -61.02 -27.13 16.18
C ALA G 9 -61.49 -28.49 15.69
N THR G 10 -62.78 -28.80 15.88
CA THR G 10 -63.35 -30.10 15.41
C THR G 10 -64.80 -29.88 14.97
N LEU G 11 -65.21 -30.49 13.86
CA LEU G 11 -66.58 -30.30 13.33
C LEU G 11 -67.27 -31.66 13.22
N SER G 12 -68.57 -31.72 13.54
CA SER G 12 -69.32 -32.97 13.44
C SER G 12 -70.60 -32.74 12.65
N VAL G 13 -70.71 -33.40 11.49
CA VAL G 13 -71.91 -33.34 10.68
C VAL G 13 -72.18 -34.72 10.10
N SER G 14 -73.46 -35.03 9.92
CA SER G 14 -73.87 -36.22 9.21
C SER G 14 -73.65 -36.03 7.70
N PRO G 15 -73.51 -37.11 6.94
CA PRO G 15 -73.39 -36.97 5.48
C PRO G 15 -74.62 -36.33 4.87
N GLY G 16 -74.40 -35.53 3.82
CA GLY G 16 -75.47 -34.97 3.00
C GLY G 16 -75.53 -33.46 3.02
N GLU G 17 -75.32 -32.85 4.18
CA GLU G 17 -75.49 -31.41 4.32
C GLU G 17 -74.20 -30.68 3.97
N ARG G 18 -74.15 -29.39 4.31
CA ARG G 18 -73.02 -28.52 4.01
C ARG G 18 -72.18 -28.28 5.26
N ALA G 19 -70.86 -28.25 5.08
CA ALA G 19 -69.93 -27.92 6.14
C ALA G 19 -69.14 -26.69 5.75
N THR G 20 -68.94 -25.79 6.72
CA THR G 20 -68.20 -24.55 6.50
C THR G 20 -67.03 -24.50 7.47
N LEU G 21 -65.83 -24.27 6.94
CA LEU G 21 -64.61 -24.20 7.78
C LEU G 21 -64.01 -22.80 7.66
N SER G 22 -63.38 -22.31 8.72
CA SER G 22 -62.83 -20.93 8.70
C SER G 22 -61.37 -20.93 9.16
N CYS G 23 -60.50 -20.19 8.45
CA CYS G 23 -59.10 -20.11 8.83
C CYS G 23 -58.65 -18.65 8.76
N ARG G 24 -57.96 -18.23 9.81
CA ARG G 24 -57.60 -16.80 9.88
C ARG G 24 -56.09 -16.60 9.91
N ALA G 25 -55.63 -15.48 9.37
CA ALA G 25 -54.22 -15.10 9.33
C ALA G 25 -53.97 -13.89 10.24
N SER G 26 -52.75 -13.80 10.76
CA SER G 26 -52.42 -12.69 11.64
C SER G 26 -52.19 -11.39 10.87
N GLN G 27 -51.65 -11.48 9.66
CA GLN G 27 -51.45 -10.32 8.81
C GLN G 27 -52.06 -10.57 7.44
N SER G 28 -52.09 -9.53 6.61
CA SER G 28 -52.68 -9.63 5.29
C SER G 28 -51.84 -10.53 4.40
N ILE G 29 -52.49 -11.47 3.72
CA ILE G 29 -51.83 -12.41 2.81
C ILE G 29 -52.44 -12.36 1.42
N SER G 30 -53.28 -11.36 1.14
CA SER G 30 -54.04 -11.26 -0.11
C SER G 30 -54.85 -12.56 -0.26
N SER G 31 -54.83 -13.21 -1.42
CA SER G 31 -55.54 -14.46 -1.62
C SER G 31 -54.60 -15.66 -1.66
N ASN G 32 -53.47 -15.58 -0.96
CA ASN G 32 -52.45 -16.62 -0.99
C ASN G 32 -52.66 -17.57 0.18
N LEU G 33 -53.34 -18.69 -0.09
CA LEU G 33 -53.63 -19.69 0.93
C LEU G 33 -54.03 -20.98 0.23
N ALA G 34 -53.77 -22.11 0.89
CA ALA G 34 -54.07 -23.42 0.34
C ALA G 34 -54.75 -24.31 1.37
N TRP G 35 -55.53 -25.27 0.89
CA TRP G 35 -56.21 -26.24 1.73
C TRP G 35 -55.75 -27.64 1.39
N TYR G 36 -55.65 -28.50 2.40
CA TYR G 36 -55.18 -29.87 2.23
C TYR G 36 -56.11 -30.86 2.93
N HIS G 37 -56.27 -32.03 2.33
CA HIS G 37 -57.12 -33.11 2.84
C HIS G 37 -56.22 -34.23 3.34
N GLN G 38 -56.55 -34.82 4.48
CA GLN G 38 -55.63 -35.67 5.23
C GLN G 38 -56.41 -36.68 6.06
N LYS G 39 -56.54 -37.90 5.56
CA LYS G 39 -57.23 -38.97 6.28
C LYS G 39 -56.28 -39.71 7.21
N PRO G 40 -56.80 -40.22 8.35
CA PRO G 40 -55.91 -40.80 9.36
C PRO G 40 -55.08 -41.95 8.79
N GLY G 41 -53.78 -41.69 8.64
CA GLY G 41 -52.83 -42.64 8.13
C GLY G 41 -52.33 -42.44 6.71
N GLN G 42 -52.74 -41.38 6.01
CA GLN G 42 -52.34 -41.20 4.62
C GLN G 42 -51.60 -39.88 4.42
N ALA G 43 -51.23 -39.63 3.17
CA ALA G 43 -50.45 -38.47 2.76
C ALA G 43 -51.38 -37.32 2.35
N PRO G 44 -51.01 -36.09 2.67
CA PRO G 44 -51.89 -34.94 2.37
C PRO G 44 -52.17 -34.79 0.88
N ARG G 45 -53.39 -34.31 0.58
CA ARG G 45 -53.82 -34.02 -0.78
C ARG G 45 -54.23 -32.56 -0.89
N LEU G 46 -53.72 -31.90 -1.92
CA LEU G 46 -54.07 -30.51 -2.19
C LEU G 46 -55.51 -30.41 -2.66
N LEU G 47 -56.22 -29.39 -2.17
CA LEU G 47 -57.60 -29.16 -2.57
C LEU G 47 -57.78 -27.85 -3.33
N ILE G 48 -57.39 -26.72 -2.73
CA ILE G 48 -57.62 -25.40 -3.32
C ILE G 48 -56.35 -24.57 -3.17
N TYR G 49 -55.91 -24.03 -4.30
CA TYR G 49 -54.75 -23.10 -4.30
C TYR G 49 -55.29 -21.73 -4.69
N GLY G 50 -54.67 -20.66 -4.20
CA GLY G 50 -55.14 -19.32 -4.47
C GLY G 50 -56.42 -18.94 -3.76
N ALA G 51 -56.91 -19.81 -2.87
CA ALA G 51 -58.09 -19.60 -2.02
C ALA G 51 -59.39 -19.63 -2.80
N SER G 52 -59.32 -19.60 -4.14
CA SER G 52 -60.53 -19.61 -4.94
C SER G 52 -60.47 -20.56 -6.12
N THR G 53 -59.35 -21.24 -6.35
CA THR G 53 -59.16 -22.09 -7.51
C THR G 53 -59.12 -23.55 -7.08
N ARG G 54 -59.94 -24.37 -7.72
CA ARG G 54 -59.99 -25.80 -7.46
C ARG G 54 -58.83 -26.52 -8.17
N ALA G 55 -58.29 -27.52 -7.48
CA ALA G 55 -57.20 -28.32 -8.03
C ALA G 55 -57.73 -29.30 -9.07
N THR G 56 -56.81 -29.89 -9.83
CA THR G 56 -57.19 -30.81 -10.89
C THR G 56 -57.74 -32.11 -10.32
N GLY G 57 -58.74 -32.67 -11.00
CA GLY G 57 -59.29 -33.95 -10.63
C GLY G 57 -60.08 -33.96 -9.34
N ILE G 58 -60.63 -32.82 -8.91
CA ILE G 58 -61.33 -32.70 -7.65
C ILE G 58 -62.78 -32.34 -7.94
N PRO G 59 -63.75 -32.98 -7.30
CA PRO G 59 -65.16 -32.67 -7.59
C PRO G 59 -65.51 -31.25 -7.20
N ALA G 60 -66.54 -30.72 -7.87
CA ALA G 60 -66.95 -29.33 -7.71
C ALA G 60 -67.55 -29.04 -6.34
N ARG G 61 -67.82 -30.07 -5.53
CA ARG G 61 -68.43 -29.85 -4.23
C ARG G 61 -67.53 -29.05 -3.29
N PHE G 62 -66.24 -28.95 -3.58
CA PHE G 62 -65.32 -28.15 -2.78
C PHE G 62 -65.27 -26.73 -3.34
N SER G 63 -65.32 -25.75 -2.45
CA SER G 63 -65.21 -24.35 -2.86
C SER G 63 -64.74 -23.52 -1.66
N GLY G 64 -64.05 -22.42 -1.97
CA GLY G 64 -63.56 -21.53 -0.94
C GLY G 64 -63.70 -20.09 -1.38
N SER G 65 -63.58 -19.19 -0.40
CA SER G 65 -63.70 -17.76 -0.66
C SER G 65 -63.03 -17.00 0.48
N GLY G 66 -62.81 -15.71 0.24
CA GLY G 66 -62.20 -14.86 1.24
C GLY G 66 -60.87 -14.28 0.79
N SER G 67 -60.51 -13.12 1.33
CA SER G 67 -59.26 -12.46 1.01
C SER G 67 -58.80 -11.64 2.20
N GLY G 68 -57.51 -11.34 2.23
CA GLY G 68 -56.93 -10.58 3.34
C GLY G 68 -56.51 -11.50 4.48
N THR G 69 -57.30 -11.52 5.55
CA THR G 69 -57.02 -12.34 6.72
C THR G 69 -58.13 -13.31 7.07
N GLU G 70 -59.32 -13.16 6.50
CA GLU G 70 -60.46 -14.02 6.79
C GLU G 70 -60.75 -14.90 5.58
N PHE G 71 -60.64 -16.22 5.77
CA PHE G 71 -60.80 -17.17 4.68
C PHE G 71 -61.81 -18.23 5.09
N THR G 72 -62.58 -18.72 4.12
CA THR G 72 -63.59 -19.74 4.34
C THR G 72 -63.43 -20.86 3.33
N LEU G 73 -63.73 -22.07 3.77
CA LEU G 73 -63.77 -23.25 2.91
C LEU G 73 -65.14 -23.90 3.05
N THR G 74 -65.79 -24.19 1.93
CA THR G 74 -67.17 -24.66 1.91
C THR G 74 -67.27 -25.94 1.09
N ILE G 75 -67.92 -26.96 1.66
CA ILE G 75 -68.27 -28.18 0.94
C ILE G 75 -69.78 -28.28 0.90
N SER G 76 -70.35 -28.30 -0.31
CA SER G 76 -71.80 -28.29 -0.44
C SER G 76 -72.42 -29.58 0.04
N SER G 77 -71.88 -30.73 -0.39
CA SER G 77 -72.42 -32.03 -0.05
C SER G 77 -71.31 -32.91 0.48
N LEU G 78 -71.38 -33.24 1.78
CA LEU G 78 -70.40 -34.12 2.39
C LEU G 78 -70.68 -35.56 2.00
N GLN G 79 -69.61 -36.33 1.81
CA GLN G 79 -69.71 -37.71 1.37
C GLN G 79 -68.86 -38.60 2.29
N SER G 80 -68.83 -39.89 1.95
CA SER G 80 -68.17 -40.89 2.80
C SER G 80 -66.66 -40.68 2.90
N GLU G 81 -66.04 -40.07 1.88
CA GLU G 81 -64.60 -39.87 1.86
C GLU G 81 -64.19 -38.46 2.25
N ASP G 82 -65.11 -37.68 2.83
CA ASP G 82 -64.84 -36.29 3.18
C ASP G 82 -64.49 -36.08 4.66
N PHE G 83 -64.78 -37.05 5.51
CA PHE G 83 -64.49 -36.93 6.95
C PHE G 83 -62.99 -37.11 7.16
N ALA G 84 -62.28 -36.01 7.30
CA ALA G 84 -60.84 -36.03 7.51
C ALA G 84 -60.42 -34.72 8.18
N VAL G 85 -59.12 -34.47 8.25
CA VAL G 85 -58.56 -33.27 8.86
C VAL G 85 -58.10 -32.33 7.76
N TYR G 86 -58.52 -31.07 7.86
CA TYR G 86 -58.24 -30.07 6.83
C TYR G 86 -57.24 -29.06 7.38
N TYR G 87 -56.23 -28.74 6.59
CA TYR G 87 -55.20 -27.79 6.99
C TYR G 87 -55.17 -26.61 6.03
N CYS G 88 -55.00 -25.41 6.60
CA CYS G 88 -54.87 -24.17 5.85
C CYS G 88 -53.44 -23.67 5.95
N GLN G 89 -52.82 -23.41 4.80
CA GLN G 89 -51.41 -23.07 4.74
C GLN G 89 -51.23 -21.78 3.96
N GLN G 90 -50.40 -20.88 4.50
CA GLN G 90 -50.10 -19.61 3.83
C GLN G 90 -48.81 -19.75 3.04
N TYR G 91 -48.68 -18.91 1.99
CA TYR G 91 -47.44 -18.90 1.19
C TYR G 91 -47.17 -17.47 0.68
N ASN G 92 -47.86 -16.48 1.23
CA ASN G 92 -47.58 -15.06 0.85
C ASN G 92 -46.18 -14.72 1.36
N ASN G 93 -45.92 -14.95 2.65
CA ASN G 93 -44.55 -14.74 3.17
C ASN G 93 -43.72 -15.96 2.78
N TRP G 94 -43.04 -15.90 1.63
CA TRP G 94 -42.30 -17.09 1.11
C TRP G 94 -41.18 -17.56 2.04
N PRO G 95 -40.28 -16.70 2.57
CA PRO G 95 -39.14 -17.19 3.38
C PRO G 95 -39.54 -18.30 4.37
N PRO G 96 -40.50 -18.11 5.31
CA PRO G 96 -40.94 -19.20 6.19
C PRO G 96 -42.19 -19.88 5.65
N LEU G 97 -42.59 -21.02 6.24
CA LEU G 97 -43.83 -21.70 5.82
C LEU G 97 -44.64 -22.09 7.06
N THR G 98 -45.88 -21.62 7.16
CA THR G 98 -46.69 -21.90 8.34
C THR G 98 -47.94 -22.69 7.95
N PHE G 99 -48.44 -23.46 8.91
CA PHE G 99 -49.64 -24.26 8.74
C PHE G 99 -50.62 -23.98 9.86
N GLY G 100 -51.89 -24.23 9.60
CA GLY G 100 -52.91 -24.08 10.62
C GLY G 100 -52.96 -25.25 11.57
N GLY G 101 -53.76 -25.09 12.63
CA GLY G 101 -53.91 -26.15 13.60
C GLY G 101 -54.60 -27.39 13.04
N GLY G 102 -55.55 -27.17 12.13
CA GLY G 102 -56.28 -28.29 11.51
C GLY G 102 -57.69 -28.44 12.07
N THR G 103 -58.67 -28.80 11.23
CA THR G 103 -60.06 -29.02 11.69
C THR G 103 -60.43 -30.49 11.47
N LYS G 104 -60.98 -31.16 12.49
CA LYS G 104 -61.39 -32.58 12.33
C LYS G 104 -62.88 -32.66 11.97
N VAL G 105 -63.20 -33.24 10.82
CA VAL G 105 -64.60 -33.42 10.42
C VAL G 105 -64.98 -34.87 10.66
N GLU G 106 -66.04 -35.08 11.44
CA GLU G 106 -66.42 -36.42 11.87
C GLU G 106 -67.93 -36.61 11.72
N ILE G 107 -68.33 -37.88 11.62
CA ILE G 107 -69.74 -38.21 11.50
C ILE G 107 -70.45 -37.91 12.80
N LYS G 108 -71.62 -37.27 12.70
CA LYS G 108 -72.41 -36.93 13.88
C LYS G 108 -73.03 -38.18 14.50
#